data_3JAX
#
_entry.id   3JAX
#
_cell.length_a   1
_cell.length_b   1
_cell.length_c   1
_cell.angle_alpha   90
_cell.angle_beta   90
_cell.angle_gamma   90
#
_symmetry.space_group_name_H-M   'P 1'
#
loop_
_entity.id
_entity.type
_entity.pdbx_description
1 polymer 'myosin 2 heavy chain'
2 polymer 'smooth muscle myosin essential light chain'
3 polymer 'myosin regulatory light chain'
#
loop_
_entity_poly.entity_id
_entity_poly.type
_entity_poly.pdbx_seq_one_letter_code
_entity_poly.pdbx_strand_id
1 'polypeptide(L)'
;MAQKPLSDDEKFLFVDKNFVNNPLAQADWSAKKLVWVPSEKHGFEAASIKEEKGDEVTVELQENGKKVTLSKDDIQKMNP
PKFSKVEDMAELTCLNEASVLHNLRERYFSGLIYTYSGLFCVVINPYKQLPIYSEKIIDMYKGKKRHEMPPHIYAIADTA
YRSMLQDREDQSILCTGESGAGKTENTKKVIQYLAVVASSHKGKKDTSITQGPSFSYGELEKQLLQANPILEAFGNAKTV
KNDNSSRFGKFIRINFDVTGYIVGANIETYLLEKSRAIRQAKDERTFHIFYYLIAGASEQMRNDLLLEGFNNYTFLSNGH
VPIPAQQDDEMFQETLEAMTIMGFTEEEQTSILRVVSSVLQLGNIVFKKERNTDQASMPDNTAAQKVCHLMGINVTDFTR
SILTPRIKVGRDVVQKAQTKEQADFAIEALAKAKFERLFRWILTRVNKALDKTKRQGASFLGILDIAGFEIFEINSFEQL
CINYTNEKLQQLFNHTMFILEQEEYQREGIEWNFIDFGLDLQPCIELIERPTNPPGVLALLDEECWFPKATDTSFVEKLI
QEQGNHAKFQKSKQLKDKTEFCILHYAGKVTYNASAWLTKNMDPLNDNVTSLLNQSSDKFVADLWKDVDRIVGLDQMAKM
TESSLPSASKTKKGMFRTVGQLYKEQLTKLMTTLRNTNPNFVRCIIPNHEKRAGKLDAHLVLEQLRCNGVLEGIRICRQG
FPNRIVFQEFRQRYEILAANAIPKGFMDGKQACILMIKALELDPNLYRIGQSKIFFRTGVLAHLEEERDLKITDVIIAFQ
AQCRGYLARKAFAKRQQQLTAMKVIQRNCAAYLKLRNWQWWRLFTKVKPLLQSAEREKEMASMKEEFTRLKEALEKSEAR
RKELEEKMVSLLQEKNDLQLQVQAEQDNLADAEERCDQLIKNKIQLEAKVKEMNERLEDEEEMNAELTAKKRKLEDECSE
LKRDIDDLELTLAK
;
A,B
2 'polypeptide(L)'
;MCDFSEEQTAEFKEAFQLFDRTGDGKILYSQCGDVMRALGQNPTNAEVMKVLGNPKSDEMNLKTLKFEQFLPMMQTIAKN
KDQGCFEDYVEGLRVFDKEGNGTVMGAEIRHVLVTLGEKMTEEEVEQLVAGHEDSNGCINYEELVRMVLSG
;
C,D
3 'polypeptide(L)'
;MGDDEKKEKKKKSKKKAEEEGGDAPAAPPAPKPPSQKRRAQRSGSNVFAMFTQHQVQEFKEAFQLIDQDKDGFISKNDIR
ATFDSLGRLCTEQELDSMVAEAPGPINFTMFLTIFGDRIAGTDEEDVIVNAFNLFDEGDGKCKEETLKRSLTTWGEKFSQ
DEVDQALSEAPIDGNGLIDIKKFAQILTKGAKEEGA
;
E,F
#
# COMPACT_ATOMS: atom_id res chain seq x y z
N ALA A 2 -33.83 -17.36 45.99
CA ALA A 2 -33.63 -15.96 46.34
C ALA A 2 -33.60 -14.98 45.16
N GLN A 3 -33.68 -15.54 43.95
CA GLN A 3 -33.70 -14.74 42.74
C GLN A 3 -35.12 -14.27 42.45
N LYS A 4 -35.27 -13.48 41.38
CA LYS A 4 -36.55 -13.14 40.81
C LYS A 4 -37.50 -14.32 40.62
N PRO A 5 -38.82 -14.11 40.58
CA PRO A 5 -39.78 -15.09 40.06
C PRO A 5 -39.56 -15.36 38.58
N LEU A 6 -39.61 -16.64 38.26
CA LEU A 6 -39.32 -17.09 36.91
C LEU A 6 -40.64 -17.24 36.18
N SER A 7 -40.71 -16.82 34.91
CA SER A 7 -41.95 -16.95 34.17
C SER A 7 -42.32 -18.42 34.02
N ASP A 8 -43.62 -18.59 34.22
CA ASP A 8 -44.40 -19.76 33.87
C ASP A 8 -43.98 -20.46 32.57
N ASP A 9 -43.87 -19.67 31.49
CA ASP A 9 -43.25 -20.10 30.23
C ASP A 9 -41.78 -20.41 30.39
N GLU A 10 -41.05 -19.45 30.95
CA GLU A 10 -39.58 -19.50 30.96
C GLU A 10 -39.00 -20.55 31.89
N LYS A 11 -39.83 -21.17 32.73
CA LYS A 11 -39.55 -22.42 33.44
C LYS A 11 -39.16 -23.58 32.53
N PHE A 12 -39.61 -23.44 31.27
CA PHE A 12 -39.29 -24.37 30.21
C PHE A 12 -37.96 -24.00 29.55
N LEU A 13 -37.35 -22.88 29.97
CA LEU A 13 -35.98 -22.54 29.57
C LEU A 13 -34.97 -22.61 30.71
N PHE A 14 -35.34 -22.08 31.88
CA PHE A 14 -34.47 -21.97 33.03
C PHE A 14 -34.96 -22.88 34.13
N VAL A 15 -34.04 -23.52 34.85
CA VAL A 15 -34.39 -24.42 35.95
C VAL A 15 -35.12 -23.73 37.09
N ASP A 16 -36.13 -24.39 37.67
CA ASP A 16 -36.72 -23.83 38.86
C ASP A 16 -35.78 -23.99 40.04
N LYS A 17 -35.06 -22.88 40.18
CA LYS A 17 -34.04 -22.69 41.20
C LYS A 17 -34.57 -22.23 42.54
N ASN A 18 -35.77 -21.69 42.60
CA ASN A 18 -36.20 -20.98 43.80
C ASN A 18 -36.90 -21.93 44.77
N PHE A 19 -36.08 -22.80 45.37
CA PHE A 19 -36.53 -23.74 46.39
C PHE A 19 -36.00 -23.51 47.80
N VAL A 20 -36.05 -24.52 48.68
CA VAL A 20 -35.86 -24.31 50.10
C VAL A 20 -34.58 -24.88 50.68
N ASN A 21 -33.89 -23.97 51.38
CA ASN A 21 -32.75 -24.29 52.24
C ASN A 21 -32.98 -25.31 53.36
N ASN A 22 -33.14 -26.60 53.01
CA ASN A 22 -33.40 -27.65 53.98
C ASN A 22 -32.15 -28.24 54.63
N PRO A 23 -32.11 -28.43 55.96
CA PRO A 23 -31.01 -29.11 56.66
C PRO A 23 -30.93 -30.63 56.48
N LEU A 24 -32.05 -31.26 56.09
CA LEU A 24 -32.16 -32.71 55.96
C LEU A 24 -31.14 -33.26 54.98
N ALA A 25 -31.06 -32.65 53.79
CA ALA A 25 -30.02 -32.94 52.81
C ALA A 25 -28.56 -32.88 53.29
N GLN A 26 -28.32 -32.34 54.50
CA GLN A 26 -26.99 -32.27 55.07
C GLN A 26 -26.95 -33.13 56.32
N ALA A 27 -28.06 -33.42 57.01
CA ALA A 27 -28.03 -34.30 58.17
C ALA A 27 -27.99 -35.79 57.83
N ASP A 28 -28.67 -36.10 56.72
CA ASP A 28 -28.89 -37.47 56.27
C ASP A 28 -27.61 -38.23 55.93
N TRP A 29 -26.51 -37.52 55.61
CA TRP A 29 -25.22 -38.13 55.25
C TRP A 29 -24.66 -39.12 56.27
N SER A 30 -25.12 -39.02 57.53
CA SER A 30 -24.78 -39.94 58.60
C SER A 30 -25.04 -41.40 58.21
N ALA A 31 -26.04 -41.65 57.37
CA ALA A 31 -26.27 -42.97 56.79
C ALA A 31 -25.27 -43.33 55.68
N LYS A 32 -23.97 -43.31 56.03
CA LYS A 32 -22.83 -43.39 55.11
C LYS A 32 -22.66 -44.58 54.18
N LYS A 33 -23.68 -45.44 54.06
CA LYS A 33 -23.64 -46.54 53.13
C LYS A 33 -24.76 -46.42 52.10
N LEU A 34 -25.30 -45.20 51.98
CA LEU A 34 -26.29 -44.87 50.96
C LEU A 34 -25.78 -45.11 49.55
N VAL A 35 -26.55 -45.85 48.77
CA VAL A 35 -26.13 -46.32 47.46
C VAL A 35 -27.32 -46.42 46.50
N TRP A 36 -27.00 -46.33 45.20
CA TRP A 36 -27.96 -46.59 44.15
C TRP A 36 -27.98 -48.05 43.77
N VAL A 37 -29.18 -48.62 43.70
CA VAL A 37 -29.41 -50.05 43.46
C VAL A 37 -30.37 -50.32 42.30
N PRO A 38 -30.14 -51.37 41.48
CA PRO A 38 -30.96 -51.73 40.32
C PRO A 38 -32.46 -51.96 40.50
N SER A 39 -33.26 -51.45 39.54
CA SER A 39 -34.71 -51.45 39.62
C SER A 39 -35.29 -51.50 38.21
N GLU A 40 -36.15 -52.47 37.90
CA GLU A 40 -36.81 -52.51 36.60
C GLU A 40 -37.69 -51.30 36.33
N LYS A 41 -38.38 -50.80 37.36
CA LYS A 41 -39.33 -49.71 37.17
C LYS A 41 -38.70 -48.33 37.30
N HIS A 42 -37.79 -48.09 38.25
CA HIS A 42 -37.19 -46.78 38.39
C HIS A 42 -35.85 -46.71 37.65
N GLY A 43 -35.35 -47.83 37.11
CA GLY A 43 -34.03 -47.86 36.51
C GLY A 43 -33.08 -48.16 37.65
N PHE A 44 -32.79 -47.17 38.47
CA PHE A 44 -32.17 -47.45 39.76
C PHE A 44 -32.95 -46.88 40.95
N GLU A 45 -32.49 -47.06 42.20
CA GLU A 45 -33.08 -46.37 43.35
C GLU A 45 -32.12 -46.28 44.53
N ALA A 46 -32.62 -46.07 45.76
CA ALA A 46 -31.78 -45.75 46.91
C ALA A 46 -31.85 -46.76 48.05
N ALA A 47 -30.67 -47.11 48.54
CA ALA A 47 -30.51 -48.12 49.56
C ALA A 47 -29.32 -47.79 50.44
N SER A 48 -28.95 -48.71 51.32
CA SER A 48 -27.78 -48.60 52.16
C SER A 48 -27.17 -49.98 52.43
N ILE A 49 -25.84 -50.04 52.36
CA ILE A 49 -25.06 -51.18 52.83
C ILE A 49 -25.30 -51.36 54.33
N LYS A 50 -25.54 -52.61 54.76
CA LYS A 50 -25.51 -52.91 56.19
C LYS A 50 -24.35 -53.83 56.58
N GLU A 51 -24.02 -54.84 55.76
CA GLU A 51 -23.02 -55.83 56.17
C GLU A 51 -22.24 -56.48 55.03
N GLU A 52 -20.92 -56.24 55.11
CA GLU A 52 -19.93 -56.59 54.10
C GLU A 52 -19.56 -58.07 53.92
N LYS A 53 -20.20 -58.80 53.00
CA LYS A 53 -19.95 -60.22 52.82
C LYS A 53 -18.96 -60.45 51.69
N GLY A 54 -17.68 -60.12 51.88
CA GLY A 54 -16.70 -60.22 50.81
C GLY A 54 -17.12 -59.31 49.65
N ASP A 55 -17.54 -59.93 48.55
CA ASP A 55 -18.07 -59.18 47.44
C ASP A 55 -19.59 -59.04 47.48
N GLU A 56 -20.29 -59.79 48.32
CA GLU A 56 -21.65 -59.41 48.67
C GLU A 56 -21.59 -58.37 49.78
N VAL A 57 -22.74 -57.73 49.99
CA VAL A 57 -23.01 -56.85 51.11
C VAL A 57 -24.52 -56.98 51.33
N THR A 58 -25.03 -57.25 52.55
CA THR A 58 -26.47 -57.16 52.81
C THR A 58 -26.78 -55.67 52.72
N VAL A 59 -27.19 -55.26 51.53
CA VAL A 59 -27.66 -53.92 51.24
C VAL A 59 -29.13 -53.91 51.62
N GLU A 60 -29.72 -52.77 51.97
CA GLU A 60 -31.09 -52.71 52.45
C GLU A 60 -31.70 -51.49 51.78
N LEU A 61 -32.91 -51.61 51.26
CA LEU A 61 -33.55 -50.51 50.56
C LEU A 61 -33.95 -49.41 51.53
N GLN A 62 -33.85 -48.12 51.19
CA GLN A 62 -34.44 -47.09 52.05
C GLN A 62 -35.75 -46.53 51.49
N GLU A 63 -36.12 -47.00 50.31
CA GLU A 63 -37.50 -47.01 49.86
C GLU A 63 -38.14 -48.22 50.53
N ASN A 64 -38.15 -49.47 50.02
CA ASN A 64 -38.99 -50.53 50.59
C ASN A 64 -38.54 -51.12 51.92
N GLY A 65 -37.35 -50.81 52.44
CA GLY A 65 -36.90 -51.33 53.74
C GLY A 65 -36.45 -52.79 53.71
N LYS A 66 -36.59 -53.46 52.56
CA LYS A 66 -36.30 -54.88 52.42
C LYS A 66 -34.80 -55.12 52.33
N LYS A 67 -34.23 -55.95 53.22
CA LYS A 67 -32.84 -56.36 53.06
C LYS A 67 -32.64 -57.17 51.78
N VAL A 68 -31.71 -56.75 50.93
CA VAL A 68 -31.36 -57.48 49.72
C VAL A 68 -29.84 -57.59 49.69
N THR A 69 -29.32 -58.80 49.95
CA THR A 69 -27.89 -59.06 49.85
C THR A 69 -27.49 -58.90 48.38
N LEU A 70 -26.60 -57.93 48.17
CA LEU A 70 -26.16 -57.50 46.84
C LEU A 70 -24.67 -57.22 46.80
N SER A 71 -24.11 -57.21 45.58
CA SER A 71 -22.67 -57.25 45.44
C SER A 71 -21.93 -55.92 45.30
N LYS A 72 -20.63 -55.84 45.62
CA LYS A 72 -19.82 -54.61 45.62
C LYS A 72 -19.81 -53.77 44.35
N ASP A 73 -20.10 -54.55 43.31
CA ASP A 73 -20.17 -54.13 41.94
C ASP A 73 -21.57 -53.71 41.51
N ASP A 74 -22.64 -54.22 42.14
CA ASP A 74 -24.02 -53.79 41.87
C ASP A 74 -24.31 -52.39 42.39
N ILE A 75 -23.81 -52.15 43.60
CA ILE A 75 -23.99 -50.88 44.29
C ILE A 75 -23.22 -49.71 43.69
N GLN A 76 -23.98 -48.71 43.26
CA GLN A 76 -23.43 -47.55 42.56
C GLN A 76 -23.54 -46.22 43.32
N LYS A 77 -22.40 -45.57 43.60
CA LYS A 77 -22.22 -44.27 44.28
C LYS A 77 -23.33 -43.22 44.27
N MET A 78 -23.82 -42.78 45.44
CA MET A 78 -24.91 -41.82 45.57
C MET A 78 -24.49 -40.37 45.31
N ASN A 79 -25.16 -39.69 44.38
CA ASN A 79 -24.92 -38.26 44.10
C ASN A 79 -25.51 -37.30 45.15
N PRO A 80 -24.85 -36.17 45.43
CA PRO A 80 -25.41 -35.09 46.23
C PRO A 80 -26.66 -34.36 45.70
N PRO A 81 -27.67 -34.14 46.55
CA PRO A 81 -28.96 -33.51 46.22
C PRO A 81 -28.94 -32.25 45.37
N LYS A 82 -27.89 -31.43 45.52
CA LYS A 82 -27.67 -30.25 44.69
C LYS A 82 -27.75 -30.48 43.18
N PHE A 83 -27.52 -31.68 42.65
CA PHE A 83 -27.46 -31.88 41.19
C PHE A 83 -28.78 -32.06 40.44
N SER A 84 -29.88 -31.88 41.15
CA SER A 84 -31.22 -32.09 40.61
C SER A 84 -31.51 -31.31 39.32
N LYS A 85 -31.72 -31.99 38.18
CA LYS A 85 -32.32 -31.40 36.97
C LYS A 85 -31.39 -30.47 36.18
N VAL A 86 -30.09 -30.61 36.44
CA VAL A 86 -29.03 -29.77 35.91
C VAL A 86 -28.98 -29.40 34.41
N GLU A 87 -28.25 -28.30 34.20
CA GLU A 87 -27.99 -27.76 32.88
C GLU A 87 -27.00 -28.55 32.02
N ASP A 88 -25.88 -29.04 32.57
CA ASP A 88 -25.04 -29.99 31.87
C ASP A 88 -24.97 -31.25 32.73
N MET A 89 -25.09 -32.38 32.04
CA MET A 89 -25.08 -33.72 32.63
C MET A 89 -23.69 -34.14 33.10
N ALA A 90 -22.68 -33.54 32.46
CA ALA A 90 -21.28 -33.81 32.75
C ALA A 90 -20.87 -33.29 34.12
N GLU A 91 -21.67 -32.38 34.72
CA GLU A 91 -21.37 -31.82 36.02
C GLU A 91 -21.56 -32.80 37.17
N LEU A 92 -22.35 -33.87 36.96
CA LEU A 92 -22.67 -34.84 37.99
C LEU A 92 -21.41 -35.57 38.47
N THR A 93 -20.76 -35.04 39.52
CA THR A 93 -19.62 -35.67 40.18
C THR A 93 -19.50 -37.19 40.09
N CYS A 94 -20.60 -37.84 40.46
CA CYS A 94 -20.78 -39.27 40.26
C CYS A 94 -21.36 -39.55 38.89
N LEU A 95 -20.48 -39.95 37.97
CA LEU A 95 -21.02 -40.58 36.78
C LEU A 95 -21.02 -42.06 37.05
N ASN A 96 -22.21 -42.62 36.82
CA ASN A 96 -22.46 -44.06 36.83
C ASN A 96 -23.93 -44.22 36.48
N GLU A 97 -24.18 -45.18 35.57
CA GLU A 97 -25.45 -45.37 34.87
C GLU A 97 -26.72 -45.04 35.62
N ALA A 98 -26.82 -45.63 36.81
CA ALA A 98 -27.84 -45.31 37.82
C ALA A 98 -28.42 -43.90 37.88
N SER A 99 -27.42 -43.00 37.93
CA SER A 99 -27.66 -41.60 38.07
C SER A 99 -27.49 -40.77 36.80
N VAL A 100 -26.69 -41.18 35.81
CA VAL A 100 -26.69 -40.57 34.47
C VAL A 100 -28.06 -40.70 33.78
N LEU A 101 -28.74 -41.83 34.07
CA LEU A 101 -30.15 -41.96 33.77
C LEU A 101 -31.00 -40.94 34.51
N HIS A 102 -30.71 -40.74 35.80
CA HIS A 102 -31.63 -40.05 36.71
C HIS A 102 -31.91 -38.61 36.32
N ASN A 103 -30.92 -37.88 35.79
CA ASN A 103 -31.09 -36.46 35.45
C ASN A 103 -32.27 -36.09 34.57
N LEU A 104 -32.92 -37.02 33.85
CA LEU A 104 -33.87 -36.59 32.81
C LEU A 104 -35.32 -36.53 33.22
N ARG A 105 -35.61 -37.46 34.14
CA ARG A 105 -36.95 -37.87 34.55
C ARG A 105 -37.70 -36.74 35.25
N GLU A 106 -37.09 -36.26 36.35
CA GLU A 106 -37.54 -35.06 37.03
C GLU A 106 -37.31 -33.75 36.21
N ARG A 107 -36.65 -33.80 35.05
CA ARG A 107 -36.34 -32.59 34.29
C ARG A 107 -37.40 -32.25 33.25
N TYR A 108 -37.69 -33.19 32.33
CA TYR A 108 -38.71 -33.06 31.29
C TYR A 108 -40.10 -32.67 31.80
N PHE A 109 -40.47 -33.25 32.94
CA PHE A 109 -41.72 -32.91 33.63
C PHE A 109 -41.79 -31.52 34.25
N SER A 110 -40.67 -30.78 34.26
CA SER A 110 -40.66 -29.40 34.69
C SER A 110 -40.80 -28.45 33.49
N GLY A 111 -40.72 -29.03 32.30
CA GLY A 111 -40.61 -28.30 31.06
C GLY A 111 -39.26 -28.40 30.38
N LEU A 112 -38.18 -28.73 31.10
CA LEU A 112 -36.83 -28.55 30.59
C LEU A 112 -36.37 -29.61 29.59
N ILE A 113 -36.74 -29.42 28.32
CA ILE A 113 -36.44 -30.41 27.29
C ILE A 113 -34.97 -30.62 26.91
N TYR A 114 -34.33 -29.68 26.20
CA TYR A 114 -32.94 -29.82 25.76
C TYR A 114 -32.07 -29.63 26.98
N THR A 115 -30.97 -30.40 27.05
CA THR A 115 -29.99 -30.40 28.15
C THR A 115 -28.58 -30.68 27.61
N TYR A 116 -27.55 -29.93 28.01
CA TYR A 116 -26.19 -30.17 27.52
C TYR A 116 -25.60 -31.43 28.13
N SER A 117 -24.91 -32.29 27.37
CA SER A 117 -24.36 -33.52 27.92
C SER A 117 -22.87 -33.70 27.63
N GLY A 118 -22.08 -32.70 27.99
CA GLY A 118 -20.70 -32.63 27.52
C GLY A 118 -20.75 -32.18 26.08
N LEU A 119 -20.31 -33.04 25.16
CA LEU A 119 -20.18 -32.62 23.78
C LEU A 119 -21.51 -32.53 23.05
N PHE A 120 -22.37 -33.54 23.20
CA PHE A 120 -23.63 -33.55 22.48
C PHE A 120 -24.74 -33.02 23.38
N CYS A 121 -25.92 -32.73 22.85
CA CYS A 121 -27.00 -32.23 23.69
C CYS A 121 -28.25 -33.08 23.49
N VAL A 122 -28.89 -33.43 24.63
CA VAL A 122 -30.06 -34.30 24.66
C VAL A 122 -31.33 -33.47 24.49
N VAL A 123 -32.21 -33.90 23.57
CA VAL A 123 -33.39 -33.14 23.17
C VAL A 123 -34.59 -34.09 23.18
N ILE A 124 -35.30 -34.19 24.33
CA ILE A 124 -36.43 -35.11 24.49
C ILE A 124 -37.69 -34.61 23.77
N ASN A 125 -38.71 -35.42 23.44
CA ASN A 125 -39.94 -34.86 22.91
C ASN A 125 -40.89 -34.47 24.04
N PRO A 126 -41.45 -33.25 24.03
CA PRO A 126 -42.54 -32.85 24.91
C PRO A 126 -43.94 -33.24 24.45
N TYR A 127 -44.19 -33.21 23.14
CA TYR A 127 -45.52 -33.25 22.54
C TYR A 127 -46.43 -32.15 23.12
N LYS A 128 -45.91 -30.92 23.06
CA LYS A 128 -46.63 -29.75 23.57
C LYS A 128 -46.00 -28.56 22.88
N GLN A 129 -46.82 -27.57 22.54
CA GLN A 129 -46.37 -26.41 21.77
C GLN A 129 -45.60 -25.50 22.72
N LEU A 130 -44.33 -25.77 23.05
CA LEU A 130 -43.57 -24.90 23.94
C LEU A 130 -43.15 -23.61 23.21
N PRO A 131 -43.48 -22.39 23.65
CA PRO A 131 -43.40 -21.14 22.88
C PRO A 131 -42.03 -20.58 22.46
N ILE A 132 -41.01 -21.43 22.40
CA ILE A 132 -39.62 -20.99 22.35
C ILE A 132 -39.07 -20.55 20.99
N TYR A 133 -39.85 -19.81 20.20
CA TYR A 133 -39.46 -19.27 18.88
C TYR A 133 -40.17 -17.96 18.59
N SER A 134 -39.43 -17.05 17.93
CA SER A 134 -39.89 -15.87 17.18
C SER A 134 -38.64 -14.97 17.09
N GLU A 135 -38.64 -13.75 16.50
CA GLU A 135 -37.45 -12.92 16.63
C GLU A 135 -37.05 -12.55 18.07
N LYS A 136 -37.93 -12.72 19.08
CA LYS A 136 -37.55 -12.59 20.50
C LYS A 136 -36.37 -13.52 20.75
N ILE A 137 -36.51 -14.76 20.28
CA ILE A 137 -35.59 -15.84 20.60
C ILE A 137 -34.42 -15.87 19.61
N ILE A 138 -34.48 -15.11 18.51
CA ILE A 138 -33.35 -14.93 17.61
C ILE A 138 -32.46 -13.95 18.34
N ASP A 139 -32.96 -12.72 18.47
CA ASP A 139 -32.21 -11.61 19.01
C ASP A 139 -31.82 -11.73 20.49
N MET A 140 -32.58 -12.47 21.32
CA MET A 140 -32.09 -12.89 22.64
C MET A 140 -30.79 -13.69 22.56
N TYR A 141 -30.82 -14.75 21.73
CA TYR A 141 -29.71 -15.65 21.43
C TYR A 141 -28.83 -15.17 20.28
N LYS A 142 -28.88 -13.94 19.78
CA LYS A 142 -28.29 -13.63 18.49
C LYS A 142 -26.80 -13.36 18.63
N GLY A 143 -25.99 -14.14 17.92
CA GLY A 143 -24.55 -13.89 17.88
C GLY A 143 -23.88 -14.30 19.18
N LYS A 144 -24.46 -15.31 19.83
CA LYS A 144 -24.30 -15.43 21.27
C LYS A 144 -23.34 -16.51 21.70
N LYS A 145 -22.45 -15.99 22.55
CA LYS A 145 -21.50 -16.79 23.29
C LYS A 145 -22.33 -17.69 24.20
N ARG A 146 -22.07 -18.99 24.16
CA ARG A 146 -23.04 -19.96 24.66
C ARG A 146 -23.53 -19.78 26.10
N HIS A 147 -22.66 -19.34 27.00
CA HIS A 147 -22.96 -19.25 28.43
C HIS A 147 -24.08 -18.27 28.80
N GLU A 148 -24.34 -17.31 27.92
CA GLU A 148 -25.37 -16.32 28.17
C GLU A 148 -26.75 -16.75 27.68
N MET A 149 -26.88 -17.92 27.04
CA MET A 149 -28.17 -18.40 26.60
C MET A 149 -28.36 -19.88 26.89
N PRO A 150 -29.34 -20.24 27.76
CA PRO A 150 -29.59 -21.60 28.26
C PRO A 150 -29.77 -22.71 27.23
N PRO A 151 -29.57 -24.01 27.52
CA PRO A 151 -29.67 -25.10 26.54
C PRO A 151 -30.94 -25.13 25.70
N HIS A 152 -30.87 -24.52 24.51
CA HIS A 152 -31.93 -24.53 23.49
C HIS A 152 -31.33 -24.25 22.10
N ILE A 153 -31.96 -24.85 21.08
CA ILE A 153 -31.54 -24.85 19.67
C ILE A 153 -30.85 -23.66 19.01
N TYR A 154 -31.29 -22.41 19.21
CA TYR A 154 -30.65 -21.30 18.54
C TYR A 154 -29.19 -21.07 18.91
N ALA A 155 -28.77 -21.73 20.00
CA ALA A 155 -27.36 -21.81 20.35
C ALA A 155 -26.55 -22.69 19.40
N ILE A 156 -27.09 -23.82 18.89
CA ILE A 156 -26.37 -24.67 17.95
C ILE A 156 -26.25 -23.97 16.61
N ALA A 157 -27.33 -23.23 16.30
CA ALA A 157 -27.49 -22.51 15.05
C ALA A 157 -26.55 -21.32 14.92
N ASP A 158 -26.42 -20.48 15.97
CA ASP A 158 -25.38 -19.48 15.92
C ASP A 158 -24.02 -20.19 15.90
N THR A 159 -23.76 -21.12 16.80
CA THR A 159 -22.45 -21.78 16.88
C THR A 159 -21.93 -22.40 15.59
N ALA A 160 -22.86 -22.82 14.73
CA ALA A 160 -22.50 -23.14 13.35
C ALA A 160 -22.01 -21.88 12.63
N TYR A 161 -22.82 -20.84 12.51
CA TYR A 161 -22.46 -19.65 11.76
C TYR A 161 -21.23 -18.93 12.33
N ARG A 162 -21.13 -18.82 13.66
CA ARG A 162 -19.99 -18.24 14.32
C ARG A 162 -18.70 -19.01 14.11
N SER A 163 -18.61 -20.28 14.53
CA SER A 163 -17.41 -21.08 14.43
C SER A 163 -16.76 -21.11 13.05
N MET A 164 -17.60 -21.31 12.02
CA MET A 164 -17.20 -21.28 10.61
C MET A 164 -16.37 -20.06 10.19
N LEU A 165 -16.66 -18.92 10.82
CA LEU A 165 -15.89 -17.70 10.61
C LEU A 165 -14.77 -17.50 11.63
N GLN A 166 -14.47 -18.53 12.43
CA GLN A 166 -13.61 -18.38 13.59
C GLN A 166 -12.52 -19.45 13.57
N ASP A 167 -12.88 -20.66 14.01
CA ASP A 167 -12.02 -21.84 13.92
C ASP A 167 -11.91 -22.31 12.47
N ARG A 168 -13.02 -22.00 11.78
CA ARG A 168 -13.17 -22.13 10.35
C ARG A 168 -13.15 -23.61 10.00
N GLU A 169 -13.70 -24.45 10.87
CA GLU A 169 -13.98 -25.82 10.50
C GLU A 169 -15.23 -25.69 9.62
N ASP A 170 -15.41 -26.43 8.52
CA ASP A 170 -16.73 -26.42 7.90
C ASP A 170 -17.75 -27.24 8.67
N GLN A 171 -18.79 -26.51 9.06
CA GLN A 171 -19.70 -26.96 10.10
C GLN A 171 -20.92 -27.67 9.52
N SER A 172 -21.45 -28.61 10.29
CA SER A 172 -22.62 -29.37 9.89
C SER A 172 -23.58 -29.59 11.06
N ILE A 173 -24.80 -30.04 10.79
CA ILE A 173 -25.83 -30.26 11.80
C ILE A 173 -26.58 -31.55 11.41
N LEU A 174 -26.66 -32.51 12.33
CA LEU A 174 -27.21 -33.82 12.07
C LEU A 174 -28.10 -34.14 13.25
N CYS A 175 -29.39 -34.36 13.02
CA CYS A 175 -30.36 -34.69 14.07
C CYS A 175 -30.73 -36.17 14.08
N THR A 176 -30.68 -36.80 15.26
CA THR A 176 -30.69 -38.27 15.45
C THR A 176 -31.89 -38.73 16.30
N GLY A 177 -32.17 -40.03 16.50
CA GLY A 177 -33.25 -40.48 17.39
C GLY A 177 -34.48 -40.95 16.64
N GLU A 178 -35.38 -41.73 17.24
CA GLU A 178 -36.31 -42.60 16.52
C GLU A 178 -37.52 -41.90 15.92
N SER A 179 -38.69 -42.49 15.69
CA SER A 179 -39.70 -41.77 14.92
C SER A 179 -40.59 -40.97 15.84
N GLY A 180 -40.87 -39.75 15.38
CA GLY A 180 -41.64 -38.81 16.16
C GLY A 180 -40.71 -37.87 16.91
N ALA A 181 -39.68 -38.43 17.58
CA ALA A 181 -38.60 -37.72 18.27
C ALA A 181 -38.43 -36.20 18.10
N GLY A 182 -38.35 -35.69 16.87
CA GLY A 182 -38.52 -34.27 16.58
C GLY A 182 -37.55 -33.70 15.56
N LYS A 183 -37.06 -34.43 14.55
CA LYS A 183 -35.90 -33.99 13.76
C LYS A 183 -36.14 -33.01 12.62
N THR A 184 -37.26 -33.25 11.94
CA THR A 184 -37.70 -32.52 10.76
C THR A 184 -37.81 -31.03 11.01
N GLU A 185 -38.44 -30.83 12.16
CA GLU A 185 -38.77 -29.52 12.64
C GLU A 185 -37.50 -28.87 13.18
N ASN A 186 -36.63 -29.52 13.97
CA ASN A 186 -35.31 -28.96 14.26
C ASN A 186 -34.34 -29.09 13.07
N THR A 187 -34.76 -28.54 11.94
CA THR A 187 -34.00 -28.44 10.70
C THR A 187 -34.62 -27.19 10.11
N LYS A 188 -35.93 -27.21 9.84
CA LYS A 188 -36.68 -26.08 9.32
C LYS A 188 -36.44 -24.82 10.14
N LYS A 189 -36.43 -24.93 11.47
CA LYS A 189 -36.16 -23.75 12.30
C LYS A 189 -34.83 -23.07 12.03
N VAL A 190 -33.85 -23.85 11.56
CA VAL A 190 -32.53 -23.31 11.23
C VAL A 190 -32.59 -22.49 9.95
N ILE A 191 -33.51 -22.80 9.01
CA ILE A 191 -33.63 -22.06 7.75
C ILE A 191 -34.25 -20.69 8.01
N GLN A 192 -35.20 -20.68 8.98
CA GLN A 192 -35.73 -19.45 9.56
C GLN A 192 -34.62 -18.59 10.15
N TYR A 193 -33.70 -19.22 10.89
CA TYR A 193 -32.59 -18.49 11.52
C TYR A 193 -31.70 -17.78 10.51
N LEU A 194 -31.11 -18.53 9.58
CA LEU A 194 -30.20 -17.92 8.61
C LEU A 194 -30.78 -16.88 7.67
N ALA A 195 -32.04 -17.07 7.24
CA ALA A 195 -32.74 -16.13 6.36
C ALA A 195 -32.77 -14.69 6.83
N VAL A 196 -32.77 -14.53 8.15
CA VAL A 196 -32.62 -13.23 8.77
C VAL A 196 -31.17 -12.98 9.13
N VAL A 197 -30.52 -13.84 9.92
CA VAL A 197 -29.20 -13.58 10.49
C VAL A 197 -28.06 -13.55 9.48
N ALA A 198 -27.87 -14.60 8.67
CA ALA A 198 -26.65 -14.70 7.87
C ALA A 198 -26.74 -14.06 6.49
N SER A 199 -27.94 -13.64 6.11
CA SER A 199 -28.17 -13.04 4.81
C SER A 199 -27.68 -11.60 4.72
N SER A 200 -28.09 -10.93 3.64
CA SER A 200 -27.77 -9.53 3.46
C SER A 200 -29.02 -8.80 3.01
N HIS A 201 -28.92 -7.46 3.00
CA HIS A 201 -30.11 -6.67 3.15
C HIS A 201 -30.10 -5.35 2.40
N LYS A 202 -31.19 -5.02 1.70
CA LYS A 202 -31.30 -3.77 0.93
C LYS A 202 -31.54 -2.57 1.84
N GLY A 203 -30.48 -2.26 2.59
CA GLY A 203 -30.59 -1.46 3.80
C GLY A 203 -30.98 -2.37 4.95
N LYS A 204 -31.28 -1.74 6.10
CA LYS A 204 -31.64 -2.38 7.39
C LYS A 204 -30.42 -2.81 8.21
N GLN A 211 -39.42 -9.44 14.39
CA GLN A 211 -40.27 -9.02 15.48
C GLN A 211 -41.50 -9.87 15.35
N GLY A 212 -41.62 -10.82 16.28
CA GLY A 212 -42.65 -11.84 16.18
C GLY A 212 -42.29 -12.72 14.99
N PRO A 213 -43.04 -12.71 13.88
CA PRO A 213 -42.60 -13.26 12.60
C PRO A 213 -41.94 -12.23 11.67
N SER A 214 -42.14 -10.94 11.90
CA SER A 214 -41.85 -9.90 10.93
C SER A 214 -40.43 -9.34 10.90
N PHE A 215 -39.89 -9.35 9.68
CA PHE A 215 -38.71 -8.60 9.26
C PHE A 215 -38.67 -8.69 7.72
N SER A 216 -37.97 -7.81 7.02
CA SER A 216 -37.85 -7.93 5.58
C SER A 216 -36.58 -8.70 5.25
N TYR A 217 -36.71 -9.97 4.88
CA TYR A 217 -35.57 -10.75 4.40
C TYR A 217 -35.31 -10.41 2.93
N GLY A 218 -34.14 -10.73 2.35
CA GLY A 218 -33.87 -10.44 0.93
C GLY A 218 -34.64 -11.32 -0.07
N GLU A 219 -34.31 -11.19 -1.36
CA GLU A 219 -35.03 -11.89 -2.42
C GLU A 219 -34.84 -13.41 -2.48
N LEU A 220 -33.57 -13.85 -2.59
CA LEU A 220 -33.17 -15.25 -2.58
C LEU A 220 -33.70 -15.98 -1.34
N GLU A 221 -33.69 -15.21 -0.26
CA GLU A 221 -34.10 -15.63 1.07
C GLU A 221 -35.62 -15.76 1.23
N LYS A 222 -36.38 -15.23 0.26
CA LYS A 222 -37.85 -15.26 0.30
C LYS A 222 -38.37 -16.49 -0.46
N GLN A 223 -37.73 -16.72 -1.62
CA GLN A 223 -37.98 -17.89 -2.45
C GLN A 223 -37.75 -19.17 -1.66
N LEU A 224 -36.63 -19.16 -0.92
CA LEU A 224 -36.13 -20.17 0.00
C LEU A 224 -37.05 -21.20 0.65
N LEU A 225 -38.35 -20.93 0.81
CA LEU A 225 -39.23 -21.72 1.64
C LEU A 225 -40.26 -22.63 0.96
N GLN A 226 -40.93 -22.27 -0.15
CA GLN A 226 -42.27 -22.80 -0.40
C GLN A 226 -42.51 -24.17 -1.06
N ALA A 227 -41.94 -25.24 -0.46
CA ALA A 227 -41.89 -26.56 -1.08
C ALA A 227 -42.93 -27.69 -0.88
N ASN A 228 -43.30 -28.13 0.34
CA ASN A 228 -43.87 -29.46 0.64
C ASN A 228 -45.12 -30.13 0.08
N PRO A 229 -46.30 -29.50 -0.07
CA PRO A 229 -47.61 -30.17 -0.19
C PRO A 229 -48.04 -31.10 -1.34
N ILE A 230 -47.20 -31.42 -2.34
CA ILE A 230 -47.64 -32.08 -3.57
C ILE A 230 -47.46 -33.61 -3.50
N LEU A 231 -46.23 -33.90 -3.07
CA LEU A 231 -45.66 -35.24 -3.00
C LEU A 231 -46.42 -36.16 -2.09
N GLU A 232 -47.13 -35.54 -1.14
CA GLU A 232 -48.09 -36.24 -0.28
C GLU A 232 -49.21 -36.97 -1.02
N ALA A 233 -49.67 -36.55 -2.21
CA ALA A 233 -50.61 -37.33 -2.99
C ALA A 233 -49.89 -38.32 -3.92
N PHE A 234 -49.05 -37.77 -4.78
CA PHE A 234 -48.30 -38.58 -5.72
C PHE A 234 -47.10 -39.21 -5.00
N GLY A 235 -47.32 -40.08 -4.01
CA GLY A 235 -46.21 -40.68 -3.28
C GLY A 235 -46.68 -41.43 -2.05
N ASN A 236 -47.70 -40.86 -1.38
CA ASN A 236 -48.36 -41.59 -0.31
C ASN A 236 -49.47 -42.49 -0.82
N ALA A 237 -49.69 -43.56 -0.07
CA ALA A 237 -50.52 -44.66 -0.50
C ALA A 237 -51.02 -45.45 0.70
N LYS A 238 -52.16 -46.13 0.51
CA LYS A 238 -52.84 -46.79 1.63
C LYS A 238 -52.24 -48.14 2.02
N THR A 239 -51.79 -48.13 3.27
CA THR A 239 -51.17 -49.29 3.92
C THR A 239 -52.13 -50.03 4.85
N VAL A 240 -51.63 -51.05 5.54
CA VAL A 240 -52.33 -51.68 6.66
C VAL A 240 -52.18 -50.95 7.99
N LYS A 241 -51.16 -50.11 8.12
CA LYS A 241 -50.90 -49.47 9.40
C LYS A 241 -51.55 -48.09 9.37
N ASN A 242 -51.42 -47.45 8.20
CA ASN A 242 -51.92 -46.10 8.02
C ASN A 242 -52.35 -45.84 6.58
N ASP A 243 -53.62 -45.46 6.49
CA ASP A 243 -54.29 -45.21 5.23
C ASP A 243 -53.69 -44.02 4.50
N ASN A 244 -53.08 -43.12 5.26
CA ASN A 244 -52.26 -42.06 4.70
C ASN A 244 -50.97 -41.85 5.51
N SER A 245 -49.90 -42.61 5.23
CA SER A 245 -48.58 -42.29 5.76
C SER A 245 -47.61 -41.85 4.67
N SER A 246 -46.73 -40.88 5.00
CA SER A 246 -45.67 -40.41 4.12
C SER A 246 -44.56 -41.41 4.04
N ARG A 247 -43.68 -41.33 3.04
CA ARG A 247 -42.48 -42.15 3.04
C ARG A 247 -41.21 -41.51 2.47
N PHE A 248 -40.73 -40.30 2.88
CA PHE A 248 -39.53 -39.62 2.34
C PHE A 248 -38.71 -38.69 3.29
N GLY A 249 -37.43 -38.28 3.10
CA GLY A 249 -36.63 -37.69 4.19
C GLY A 249 -35.32 -37.04 3.70
N LYS A 250 -34.82 -35.95 4.33
CA LYS A 250 -34.10 -34.85 3.65
C LYS A 250 -32.76 -34.27 4.21
N PHE A 251 -32.19 -33.16 3.68
CA PHE A 251 -30.83 -32.65 3.94
C PHE A 251 -30.64 -31.20 3.39
N ILE A 252 -29.68 -30.35 3.84
CA ILE A 252 -29.38 -29.04 3.25
C ILE A 252 -27.86 -28.75 3.32
N ARG A 253 -27.28 -28.10 2.30
CA ARG A 253 -25.97 -27.45 2.37
C ARG A 253 -26.13 -25.94 2.20
N ILE A 254 -25.30 -25.09 2.83
CA ILE A 254 -25.44 -23.64 2.75
C ILE A 254 -24.09 -22.94 2.55
N ASN A 255 -23.77 -22.75 1.27
CA ASN A 255 -22.57 -22.05 0.81
C ASN A 255 -22.60 -20.55 1.07
N PHE A 256 -21.44 -20.06 1.50
CA PHE A 256 -21.22 -18.69 1.92
C PHE A 256 -20.10 -18.02 1.12
N ASP A 257 -20.19 -16.70 0.93
CA ASP A 257 -19.29 -15.95 0.05
C ASP A 257 -17.91 -15.67 0.67
N VAL A 258 -17.38 -14.44 0.57
CA VAL A 258 -16.15 -14.05 1.25
C VAL A 258 -16.53 -13.50 2.62
N THR A 259 -17.59 -12.68 2.65
CA THR A 259 -18.07 -12.12 3.90
C THR A 259 -18.97 -13.01 4.77
N GLY A 260 -19.50 -14.11 4.23
CA GLY A 260 -20.14 -15.12 5.07
C GLY A 260 -21.64 -15.23 4.88
N TYR A 261 -22.18 -14.39 4.01
CA TYR A 261 -23.60 -14.34 3.73
C TYR A 261 -24.09 -15.59 3.03
N ILE A 262 -25.38 -15.87 3.19
CA ILE A 262 -26.06 -16.89 2.41
C ILE A 262 -25.95 -16.52 0.94
N VAL A 263 -25.27 -17.44 0.26
CA VAL A 263 -25.28 -17.46 -1.20
C VAL A 263 -25.79 -18.79 -1.77
N GLY A 264 -25.35 -19.98 -1.34
CA GLY A 264 -25.81 -21.22 -1.96
C GLY A 264 -26.50 -22.13 -0.96
N ALA A 265 -27.48 -22.93 -1.38
CA ALA A 265 -28.28 -23.71 -0.47
C ALA A 265 -28.82 -24.95 -1.17
N ASN A 266 -28.49 -26.12 -0.64
CA ASN A 266 -28.62 -27.37 -1.39
C ASN A 266 -29.25 -28.53 -0.62
N ILE A 267 -30.52 -28.72 -0.98
CA ILE A 267 -31.41 -29.64 -0.31
C ILE A 267 -31.39 -31.01 -0.98
N GLU A 268 -31.30 -32.08 -0.20
CA GLU A 268 -31.36 -33.42 -0.78
C GLU A 268 -32.30 -34.32 0.00
N THR A 269 -33.10 -35.14 -0.68
CA THR A 269 -33.93 -36.16 -0.03
C THR A 269 -33.38 -37.54 -0.39
N TYR A 270 -33.69 -38.55 0.42
CA TYR A 270 -33.05 -39.85 0.40
C TYR A 270 -33.78 -41.03 -0.26
N LEU A 271 -34.86 -41.65 0.24
CA LEU A 271 -35.47 -42.80 -0.45
C LEU A 271 -36.98 -42.93 -0.28
N LEU A 272 -37.68 -43.69 -1.15
CA LEU A 272 -39.14 -43.75 -1.07
C LEU A 272 -39.74 -45.16 -0.99
N GLU A 273 -40.93 -45.30 -0.35
CA GLU A 273 -41.76 -46.50 -0.59
C GLU A 273 -42.27 -46.40 -2.00
N LYS A 274 -41.42 -47.02 -2.80
CA LYS A 274 -41.47 -46.86 -4.24
C LYS A 274 -41.98 -48.11 -4.94
N SER A 275 -42.53 -49.09 -4.21
CA SER A 275 -42.64 -50.43 -4.73
C SER A 275 -44.04 -50.95 -5.06
N ARG A 276 -45.04 -50.62 -4.23
CA ARG A 276 -46.36 -51.26 -4.25
C ARG A 276 -47.21 -51.26 -5.52
N ALA A 277 -46.94 -50.35 -6.44
CA ALA A 277 -47.81 -50.08 -7.58
C ALA A 277 -48.15 -51.30 -8.41
N ILE A 278 -47.20 -52.23 -8.44
CA ILE A 278 -47.31 -53.44 -9.22
C ILE A 278 -47.32 -54.66 -8.30
N ARG A 279 -47.83 -54.52 -7.06
CA ARG A 279 -48.05 -55.57 -6.06
C ARG A 279 -48.84 -54.96 -4.88
N GLN A 280 -50.16 -54.71 -4.84
CA GLN A 280 -50.73 -54.24 -3.57
C GLN A 280 -51.28 -55.42 -2.80
N ALA A 281 -50.92 -55.51 -1.51
CA ALA A 281 -51.49 -56.51 -0.62
C ALA A 281 -53.02 -56.39 -0.48
N LYS A 282 -53.62 -57.51 -0.07
CA LYS A 282 -55.05 -57.62 0.10
C LYS A 282 -55.49 -56.63 1.17
N ASP A 283 -56.55 -55.92 0.79
CA ASP A 283 -57.01 -54.70 1.46
C ASP A 283 -55.99 -53.57 1.59
N GLU A 284 -55.01 -53.43 0.69
CA GLU A 284 -54.19 -52.23 0.64
C GLU A 284 -54.55 -51.46 -0.63
N ARG A 285 -54.04 -50.23 -0.73
CA ARG A 285 -54.24 -49.41 -1.92
C ARG A 285 -52.93 -48.82 -2.42
N THR A 286 -53.07 -48.28 -3.60
CA THR A 286 -51.98 -47.64 -4.30
C THR A 286 -51.90 -46.12 -4.14
N PHE A 287 -50.94 -45.56 -4.87
CA PHE A 287 -50.62 -44.14 -4.83
C PHE A 287 -51.83 -43.30 -5.14
N HIS A 288 -52.09 -42.40 -4.20
CA HIS A 288 -53.33 -41.62 -4.09
C HIS A 288 -54.20 -41.35 -5.32
N ILE A 289 -53.54 -40.99 -6.43
CA ILE A 289 -54.16 -40.16 -7.44
C ILE A 289 -54.97 -40.96 -8.46
N PHE A 290 -54.58 -42.23 -8.64
CA PHE A 290 -55.17 -43.11 -9.63
C PHE A 290 -56.68 -43.15 -9.42
N TYR A 291 -57.02 -43.59 -8.20
CA TYR A 291 -58.40 -43.73 -7.76
C TYR A 291 -59.20 -42.45 -7.95
N TYR A 292 -58.48 -41.33 -7.82
CA TYR A 292 -59.06 -40.00 -7.96
C TYR A 292 -59.38 -39.71 -9.42
N LEU A 293 -58.53 -40.07 -10.39
CA LEU A 293 -58.78 -39.76 -11.80
C LEU A 293 -59.95 -40.55 -12.40
N ILE A 294 -60.13 -41.77 -11.88
CA ILE A 294 -61.27 -42.58 -12.27
C ILE A 294 -62.53 -41.98 -11.66
N ALA A 295 -62.46 -41.46 -10.42
CA ALA A 295 -63.63 -40.94 -9.74
C ALA A 295 -64.09 -39.57 -10.23
N GLY A 296 -63.24 -38.54 -10.24
CA GLY A 296 -63.61 -37.22 -10.74
C GLY A 296 -63.57 -37.16 -12.26
N ALA A 297 -64.07 -38.22 -12.91
CA ALA A 297 -63.90 -38.39 -14.34
C ALA A 297 -65.13 -37.91 -15.10
N SER A 298 -65.03 -36.68 -15.59
CA SER A 298 -66.03 -36.16 -16.49
C SER A 298 -65.84 -36.90 -17.80
N GLU A 299 -66.93 -37.49 -18.30
CA GLU A 299 -67.03 -38.16 -19.59
C GLU A 299 -66.09 -37.68 -20.70
N GLN A 300 -66.05 -36.37 -21.01
CA GLN A 300 -65.15 -35.81 -22.02
C GLN A 300 -63.70 -36.23 -21.78
N MET A 301 -63.00 -35.74 -20.75
CA MET A 301 -61.67 -36.22 -20.39
C MET A 301 -61.55 -37.69 -19.96
N ARG A 302 -62.66 -38.38 -19.66
CA ARG A 302 -62.62 -39.83 -19.53
C ARG A 302 -62.20 -40.42 -20.87
N ASN A 303 -62.59 -39.80 -21.99
CA ASN A 303 -62.10 -40.18 -23.31
C ASN A 303 -60.74 -39.56 -23.58
N ASP A 304 -60.61 -38.24 -23.41
CA ASP A 304 -59.35 -37.55 -23.67
C ASP A 304 -58.14 -38.02 -22.86
N LEU A 305 -58.26 -38.09 -21.54
CA LEU A 305 -57.14 -38.49 -20.71
C LEU A 305 -56.91 -40.00 -20.63
N LEU A 306 -57.56 -40.81 -21.49
CA LEU A 306 -57.35 -42.25 -21.57
C LEU A 306 -57.54 -43.01 -20.26
N LEU A 307 -58.83 -43.01 -19.91
CA LEU A 307 -59.35 -43.75 -18.78
C LEU A 307 -60.15 -45.00 -19.09
N GLU A 308 -59.42 -46.09 -18.83
CA GLU A 308 -60.02 -47.39 -18.55
C GLU A 308 -60.80 -47.32 -17.22
N GLY A 309 -61.78 -48.20 -16.98
CA GLY A 309 -62.73 -47.96 -15.91
C GLY A 309 -62.36 -48.68 -14.63
N PHE A 310 -63.24 -48.52 -13.63
CA PHE A 310 -63.09 -49.16 -12.33
C PHE A 310 -62.92 -50.66 -12.50
N ASN A 311 -61.86 -51.13 -11.84
CA ASN A 311 -61.34 -52.50 -11.93
C ASN A 311 -60.63 -52.88 -13.23
N ASN A 312 -60.88 -52.24 -14.39
CA ASN A 312 -60.35 -52.68 -15.68
C ASN A 312 -58.94 -52.11 -15.81
N TYR A 313 -58.09 -52.72 -15.00
CA TYR A 313 -56.74 -52.28 -14.74
C TYR A 313 -55.95 -53.50 -14.36
N THR A 314 -54.71 -53.43 -14.85
CA THR A 314 -53.67 -54.42 -14.64
C THR A 314 -53.50 -54.68 -13.15
N PHE A 315 -53.29 -53.57 -12.43
CA PHE A 315 -52.87 -53.64 -11.03
C PHE A 315 -53.50 -52.66 -10.05
N LEU A 316 -54.77 -52.30 -10.28
CA LEU A 316 -55.57 -51.72 -9.21
C LEU A 316 -56.28 -52.91 -8.58
N SER A 317 -55.49 -53.53 -7.73
CA SER A 317 -55.87 -54.77 -7.11
C SER A 317 -56.98 -54.54 -6.11
N ASN A 318 -57.66 -55.63 -5.78
CA ASN A 318 -58.73 -55.64 -4.77
C ASN A 318 -59.86 -54.72 -5.26
N GLY A 319 -60.01 -54.65 -6.58
CA GLY A 319 -60.86 -53.67 -7.25
C GLY A 319 -60.66 -52.25 -6.74
N HIS A 320 -61.79 -51.58 -6.53
CA HIS A 320 -61.82 -50.36 -5.75
C HIS A 320 -61.96 -50.74 -4.28
N VAL A 321 -60.88 -50.74 -3.51
CA VAL A 321 -60.99 -50.60 -2.07
C VAL A 321 -61.27 -49.12 -1.77
N PRO A 322 -62.35 -48.76 -1.05
CA PRO A 322 -62.59 -47.40 -0.60
C PRO A 322 -61.61 -46.97 0.48
N ILE A 323 -61.86 -45.89 1.22
CA ILE A 323 -61.00 -45.46 2.29
C ILE A 323 -61.90 -44.90 3.38
N PRO A 324 -61.64 -45.09 4.69
CA PRO A 324 -62.37 -44.42 5.76
C PRO A 324 -62.19 -42.91 5.72
N ALA A 325 -63.31 -42.20 5.91
CA ALA A 325 -63.35 -40.74 6.07
C ALA A 325 -62.66 -39.85 5.02
N GLN A 326 -62.52 -40.35 3.80
CA GLN A 326 -61.94 -39.60 2.69
C GLN A 326 -62.71 -40.12 1.48
N GLN A 327 -62.91 -39.29 0.46
CA GLN A 327 -63.70 -39.67 -0.71
C GLN A 327 -62.95 -39.21 -1.95
N ASP A 328 -62.26 -40.21 -2.51
CA ASP A 328 -61.41 -40.09 -3.69
C ASP A 328 -61.84 -39.15 -4.82
N ASP A 329 -63.16 -39.09 -4.96
CA ASP A 329 -63.92 -38.17 -5.80
C ASP A 329 -63.42 -36.73 -5.78
N GLU A 330 -63.45 -36.14 -4.58
CA GLU A 330 -63.30 -34.70 -4.36
C GLU A 330 -61.84 -34.32 -4.18
N MET A 331 -61.17 -35.31 -3.57
CA MET A 331 -59.74 -35.31 -3.34
C MET A 331 -58.95 -35.16 -4.62
N PHE A 332 -59.56 -35.55 -5.77
CA PHE A 332 -59.03 -35.23 -7.08
C PHE A 332 -58.71 -33.75 -7.23
N GLN A 333 -59.58 -32.84 -6.77
CA GLN A 333 -59.42 -31.42 -7.04
C GLN A 333 -58.36 -30.77 -6.17
N GLU A 334 -58.44 -31.10 -4.87
CA GLU A 334 -57.47 -30.62 -3.88
C GLU A 334 -56.04 -30.93 -4.28
N THR A 335 -55.81 -32.20 -4.67
CA THR A 335 -54.46 -32.57 -5.04
C THR A 335 -54.11 -32.10 -6.46
N LEU A 336 -55.08 -31.78 -7.32
CA LEU A 336 -54.78 -31.02 -8.51
C LEU A 336 -54.32 -29.60 -8.20
N GLU A 337 -54.86 -28.99 -7.14
CA GLU A 337 -54.49 -27.61 -6.81
C GLU A 337 -53.06 -27.37 -6.36
N ALA A 338 -52.48 -28.18 -5.47
CA ALA A 338 -51.16 -27.91 -4.87
C ALA A 338 -49.92 -27.60 -5.73
N MET A 339 -49.83 -28.21 -6.91
CA MET A 339 -48.67 -28.11 -7.80
C MET A 339 -48.30 -26.72 -8.29
N THR A 340 -49.30 -25.85 -8.35
CA THR A 340 -49.15 -24.47 -8.75
C THR A 340 -48.23 -23.58 -7.92
N ILE A 341 -48.09 -23.80 -6.60
CA ILE A 341 -47.50 -22.82 -5.70
C ILE A 341 -46.02 -22.53 -5.98
N MET A 342 -45.13 -23.50 -5.73
CA MET A 342 -43.73 -23.32 -6.11
C MET A 342 -43.48 -23.32 -7.62
N GLY A 343 -44.46 -23.79 -8.39
CA GLY A 343 -44.60 -23.36 -9.77
C GLY A 343 -44.52 -24.43 -10.85
N PHE A 344 -45.62 -25.12 -11.16
CA PHE A 344 -45.66 -25.96 -12.36
C PHE A 344 -46.67 -25.43 -13.37
N THR A 345 -46.33 -25.23 -14.65
CA THR A 345 -47.24 -24.67 -15.64
C THR A 345 -48.37 -25.62 -16.06
N GLU A 346 -49.29 -25.23 -16.94
CA GLU A 346 -50.33 -26.13 -17.44
C GLU A 346 -49.88 -27.11 -18.52
N GLU A 347 -48.76 -26.86 -19.21
CA GLU A 347 -48.16 -27.88 -20.06
C GLU A 347 -47.68 -29.02 -19.17
N GLU A 348 -46.95 -28.60 -18.13
CA GLU A 348 -46.50 -29.44 -17.04
C GLU A 348 -47.67 -30.11 -16.35
N GLN A 349 -48.81 -29.45 -16.18
CA GLN A 349 -49.97 -30.10 -15.58
C GLN A 349 -50.89 -30.90 -16.49
N THR A 350 -51.00 -30.69 -17.81
CA THR A 350 -51.61 -31.69 -18.68
C THR A 350 -50.70 -32.92 -18.76
N SER A 351 -49.41 -32.62 -18.59
CA SER A 351 -48.42 -33.62 -18.30
C SER A 351 -48.58 -34.23 -16.92
N ILE A 352 -48.92 -33.55 -15.82
CA ILE A 352 -49.18 -34.19 -14.53
C ILE A 352 -50.55 -34.88 -14.43
N LEU A 353 -51.46 -34.48 -15.32
CA LEU A 353 -52.62 -35.31 -15.66
C LEU A 353 -52.15 -36.59 -16.35
N ARG A 354 -51.26 -36.54 -17.35
CA ARG A 354 -50.63 -37.77 -17.83
C ARG A 354 -49.43 -38.24 -17.00
N VAL A 355 -49.23 -37.62 -15.84
CA VAL A 355 -48.52 -38.23 -14.72
C VAL A 355 -49.50 -38.98 -13.83
N VAL A 356 -50.83 -38.92 -14.02
CA VAL A 356 -51.68 -39.96 -13.47
C VAL A 356 -51.52 -41.18 -14.38
N SER A 357 -51.71 -41.00 -15.69
CA SER A 357 -51.28 -41.94 -16.71
C SER A 357 -49.79 -42.30 -16.57
N SER A 358 -48.90 -41.46 -16.05
CA SER A 358 -47.53 -41.88 -15.71
C SER A 358 -47.34 -42.43 -14.30
N VAL A 359 -48.32 -42.55 -13.41
CA VAL A 359 -48.08 -43.30 -12.18
C VAL A 359 -48.94 -44.55 -12.19
N LEU A 360 -50.11 -44.50 -12.85
CA LEU A 360 -50.69 -45.67 -13.49
C LEU A 360 -49.72 -46.32 -14.47
N GLN A 361 -49.07 -45.60 -15.40
CA GLN A 361 -48.01 -46.23 -16.18
C GLN A 361 -46.59 -46.14 -15.61
N LEU A 362 -46.41 -45.77 -14.35
CA LEU A 362 -45.25 -46.27 -13.59
C LEU A 362 -45.69 -47.38 -12.63
N GLY A 363 -46.98 -47.71 -12.66
CA GLY A 363 -47.40 -49.07 -12.43
C GLY A 363 -47.24 -49.89 -13.71
N ASN A 364 -47.01 -49.27 -14.87
CA ASN A 364 -46.78 -49.99 -16.11
C ASN A 364 -45.40 -49.84 -16.75
N ILE A 365 -44.53 -48.86 -16.47
CA ILE A 365 -43.14 -48.95 -16.88
C ILE A 365 -42.53 -49.84 -15.82
N VAL A 366 -42.71 -51.15 -16.03
CA VAL A 366 -42.06 -52.18 -15.27
C VAL A 366 -41.91 -53.31 -16.27
N PHE A 367 -40.67 -53.79 -16.44
CA PHE A 367 -40.41 -54.89 -17.34
C PHE A 367 -40.88 -56.18 -16.67
N LYS A 368 -42.20 -56.35 -16.89
CA LYS A 368 -42.96 -57.48 -16.41
C LYS A 368 -42.15 -58.71 -16.77
N LYS A 369 -41.81 -59.44 -15.70
CA LYS A 369 -40.91 -60.58 -15.77
C LYS A 369 -41.28 -61.44 -16.97
N GLU A 370 -40.31 -61.46 -17.88
CA GLU A 370 -40.50 -62.14 -19.15
C GLU A 370 -40.23 -63.63 -18.98
N ARG A 371 -41.34 -64.31 -18.71
CA ARG A 371 -41.39 -65.76 -18.50
C ARG A 371 -40.58 -66.71 -19.40
N ASN A 372 -40.07 -66.28 -20.56
CA ASN A 372 -39.65 -67.23 -21.59
C ASN A 372 -38.18 -67.09 -21.89
N THR A 373 -37.78 -65.82 -21.99
CA THR A 373 -36.39 -65.45 -22.20
C THR A 373 -35.70 -65.08 -20.89
N ASP A 374 -36.45 -64.49 -19.94
CA ASP A 374 -36.05 -64.08 -18.58
C ASP A 374 -35.56 -62.64 -18.40
N GLN A 375 -34.84 -62.18 -19.44
CA GLN A 375 -34.43 -60.79 -19.55
C GLN A 375 -35.64 -59.98 -20.00
N ALA A 376 -36.24 -59.15 -19.15
CA ALA A 376 -37.57 -58.63 -19.50
C ALA A 376 -37.58 -57.32 -20.26
N SER A 377 -38.71 -56.90 -20.85
CA SER A 377 -38.78 -55.70 -21.67
C SER A 377 -40.02 -54.80 -21.50
N MET A 378 -39.85 -53.59 -22.06
CA MET A 378 -40.75 -52.44 -22.01
C MET A 378 -42.16 -52.60 -22.61
N PRO A 379 -43.21 -52.69 -21.80
CA PRO A 379 -44.59 -52.84 -22.25
C PRO A 379 -45.14 -51.70 -23.11
N ASP A 380 -44.86 -50.46 -22.71
CA ASP A 380 -45.46 -49.31 -23.37
C ASP A 380 -44.53 -48.13 -23.68
N ASN A 381 -44.54 -47.87 -24.99
CA ASN A 381 -43.87 -46.73 -25.59
C ASN A 381 -44.38 -45.39 -25.11
N THR A 382 -45.72 -45.21 -25.09
CA THR A 382 -46.35 -43.96 -24.67
C THR A 382 -45.93 -43.61 -23.26
N ALA A 383 -45.79 -44.64 -22.42
CA ALA A 383 -45.35 -44.47 -21.05
C ALA A 383 -43.93 -43.97 -20.93
N ALA A 384 -42.99 -44.55 -21.69
CA ALA A 384 -41.62 -44.06 -21.77
C ALA A 384 -41.57 -42.64 -22.34
N GLN A 385 -42.44 -42.43 -23.34
CA GLN A 385 -42.66 -41.14 -24.02
C GLN A 385 -43.11 -40.04 -23.06
N LYS A 386 -44.06 -40.37 -22.17
CA LYS A 386 -44.48 -39.49 -21.08
C LYS A 386 -43.26 -39.17 -20.21
N VAL A 387 -42.58 -40.25 -19.81
CA VAL A 387 -41.50 -40.22 -18.84
C VAL A 387 -40.23 -39.46 -19.21
N CYS A 388 -39.48 -39.79 -20.26
CA CYS A 388 -38.17 -39.19 -20.53
C CYS A 388 -38.23 -37.75 -21.00
N HIS A 389 -39.33 -37.35 -21.66
CA HIS A 389 -39.58 -35.95 -22.00
C HIS A 389 -39.76 -35.17 -20.71
N LEU A 390 -40.52 -35.74 -19.77
CA LEU A 390 -40.60 -35.21 -18.42
C LEU A 390 -39.46 -35.68 -17.51
N MET A 391 -38.31 -35.96 -18.11
CA MET A 391 -37.05 -36.01 -17.39
C MET A 391 -35.94 -35.39 -18.25
N GLY A 392 -36.33 -34.71 -19.34
CA GLY A 392 -35.44 -33.75 -19.97
C GLY A 392 -34.32 -34.36 -20.81
N ILE A 393 -34.52 -35.65 -21.13
CA ILE A 393 -33.55 -36.43 -21.89
C ILE A 393 -34.25 -36.89 -23.17
N ASN A 394 -33.98 -38.07 -23.73
CA ASN A 394 -34.71 -38.56 -24.89
C ASN A 394 -35.30 -39.96 -24.68
N VAL A 395 -36.44 -40.21 -25.33
CA VAL A 395 -37.28 -41.37 -25.05
C VAL A 395 -36.75 -42.68 -25.65
N THR A 396 -36.17 -42.59 -26.83
CA THR A 396 -35.54 -43.72 -27.50
C THR A 396 -34.20 -44.08 -26.89
N ASP A 397 -33.40 -43.02 -26.68
CA ASP A 397 -32.10 -43.16 -26.07
C ASP A 397 -32.14 -43.76 -24.67
N PHE A 398 -33.14 -43.36 -23.90
CA PHE A 398 -33.53 -44.05 -22.68
C PHE A 398 -33.72 -45.56 -22.86
N THR A 399 -34.78 -45.99 -23.56
CA THR A 399 -35.26 -47.39 -23.56
C THR A 399 -34.28 -48.39 -24.13
N ARG A 400 -33.60 -47.94 -25.19
CA ARG A 400 -32.38 -48.58 -25.70
C ARG A 400 -31.45 -48.99 -24.57
N SER A 401 -31.04 -48.01 -23.77
CA SER A 401 -30.07 -48.25 -22.71
C SER A 401 -30.68 -49.10 -21.61
N ILE A 402 -31.95 -48.80 -21.31
CA ILE A 402 -32.76 -49.48 -20.33
C ILE A 402 -33.09 -50.95 -20.66
N LEU A 403 -32.76 -51.39 -21.87
CA LEU A 403 -32.71 -52.79 -22.24
C LEU A 403 -31.28 -53.29 -22.48
N THR A 404 -30.65 -52.60 -23.42
CA THR A 404 -29.26 -52.84 -23.73
C THR A 404 -28.36 -51.73 -23.21
N PRO A 405 -27.62 -51.97 -22.12
CA PRO A 405 -26.48 -51.14 -21.73
C PRO A 405 -25.45 -51.29 -22.84
N ARG A 406 -25.13 -50.14 -23.42
CA ARG A 406 -24.19 -50.14 -24.51
C ARG A 406 -22.93 -49.65 -23.82
N ILE A 407 -22.38 -50.49 -22.93
CA ILE A 407 -21.15 -50.14 -22.25
C ILE A 407 -19.95 -50.71 -22.98
N LYS A 408 -18.74 -50.70 -22.42
CA LYS A 408 -17.52 -50.77 -23.20
C LYS A 408 -16.34 -51.01 -22.25
N VAL A 409 -15.93 -52.27 -22.16
CA VAL A 409 -14.75 -52.62 -21.38
C VAL A 409 -13.79 -53.15 -22.43
N GLY A 410 -12.53 -52.69 -22.47
CA GLY A 410 -11.54 -53.16 -23.43
C GLY A 410 -11.91 -52.87 -24.88
N ARG A 411 -11.89 -53.93 -25.70
CA ARG A 411 -12.47 -53.92 -27.05
C ARG A 411 -13.98 -53.99 -26.90
N ASP A 412 -14.36 -54.91 -26.02
CA ASP A 412 -15.70 -55.42 -25.93
C ASP A 412 -16.66 -54.36 -25.44
N VAL A 413 -17.29 -53.79 -26.46
CA VAL A 413 -18.47 -52.97 -26.26
C VAL A 413 -19.47 -53.91 -25.61
N VAL A 414 -19.52 -53.81 -24.28
CA VAL A 414 -20.38 -54.65 -23.47
C VAL A 414 -21.80 -54.16 -23.70
N GLN A 415 -22.25 -54.72 -24.81
CA GLN A 415 -23.57 -54.58 -25.36
C GLN A 415 -24.15 -55.92 -24.96
N LYS A 416 -25.29 -55.88 -24.27
CA LYS A 416 -25.99 -57.08 -23.85
C LYS A 416 -27.37 -56.66 -23.36
N ALA A 417 -28.21 -57.67 -23.13
CA ALA A 417 -29.46 -57.43 -22.43
C ALA A 417 -29.21 -57.38 -20.94
N GLN A 418 -30.01 -56.56 -20.26
CA GLN A 418 -30.14 -56.69 -18.82
C GLN A 418 -31.28 -57.66 -18.51
N THR A 419 -31.24 -58.39 -17.37
CA THR A 419 -32.33 -59.29 -16.94
C THR A 419 -33.60 -58.56 -16.58
N LYS A 420 -34.75 -59.12 -16.12
CA LYS A 420 -35.78 -58.28 -15.51
C LYS A 420 -35.24 -57.53 -14.30
N GLU A 421 -34.55 -58.30 -13.47
CA GLU A 421 -33.98 -57.81 -12.22
C GLU A 421 -32.99 -56.70 -12.54
N GLN A 422 -32.13 -56.88 -13.55
CA GLN A 422 -31.20 -55.84 -13.93
C GLN A 422 -31.94 -54.73 -14.65
N ALA A 423 -32.73 -55.01 -15.68
CA ALA A 423 -33.32 -53.98 -16.53
C ALA A 423 -34.56 -53.37 -15.90
N ASP A 424 -35.55 -54.16 -15.47
CA ASP A 424 -36.59 -53.63 -14.61
C ASP A 424 -35.99 -53.40 -13.24
N PHE A 425 -34.73 -53.65 -12.85
CA PHE A 425 -34.22 -52.71 -11.86
C PHE A 425 -33.73 -51.42 -12.44
N ALA A 426 -32.68 -51.16 -13.22
CA ALA A 426 -32.43 -49.82 -13.77
C ALA A 426 -33.60 -49.07 -14.45
N ILE A 427 -34.74 -49.77 -14.64
CA ILE A 427 -36.04 -49.18 -14.95
C ILE A 427 -37.13 -49.46 -13.90
N GLU A 428 -36.97 -50.27 -12.84
CA GLU A 428 -37.60 -49.79 -11.62
C GLU A 428 -36.72 -48.78 -10.92
N ALA A 429 -35.46 -48.96 -10.55
CA ALA A 429 -34.48 -47.88 -10.35
C ALA A 429 -34.48 -46.69 -11.31
N LEU A 430 -35.26 -46.72 -12.39
CA LEU A 430 -35.75 -45.51 -13.05
C LEU A 430 -37.23 -45.49 -13.41
N ALA A 431 -38.12 -46.36 -12.92
CA ALA A 431 -39.56 -46.06 -12.82
C ALA A 431 -39.82 -45.33 -11.52
N LYS A 432 -38.93 -45.60 -10.58
CA LYS A 432 -38.99 -45.12 -9.22
C LYS A 432 -37.66 -44.52 -8.79
N ALA A 433 -36.63 -44.41 -9.63
CA ALA A 433 -35.96 -43.13 -9.73
C ALA A 433 -36.57 -42.20 -10.77
N LYS A 434 -37.64 -42.62 -11.47
CA LYS A 434 -38.58 -41.62 -11.93
C LYS A 434 -39.29 -41.17 -10.66
N PHE A 435 -40.06 -42.01 -9.99
CA PHE A 435 -40.57 -41.66 -8.66
C PHE A 435 -39.55 -41.16 -7.65
N GLU A 436 -38.24 -41.51 -7.65
CA GLU A 436 -37.24 -40.81 -6.85
C GLU A 436 -36.52 -39.66 -7.50
N ARG A 437 -35.77 -39.70 -8.61
CA ARG A 437 -35.10 -38.52 -9.11
C ARG A 437 -36.11 -37.58 -9.75
N LEU A 438 -37.36 -38.00 -9.98
CA LEU A 438 -38.46 -37.05 -10.17
C LEU A 438 -39.10 -36.59 -8.86
N PHE A 439 -39.10 -37.28 -7.71
CA PHE A 439 -39.29 -36.57 -6.43
C PHE A 439 -38.18 -35.53 -6.25
N ARG A 440 -36.95 -35.99 -6.46
CA ARG A 440 -35.79 -35.14 -6.61
C ARG A 440 -35.85 -34.17 -7.80
N TRP A 441 -36.76 -34.27 -8.78
CA TRP A 441 -37.09 -33.16 -9.67
C TRP A 441 -37.89 -32.07 -8.95
N ILE A 442 -38.72 -32.38 -7.95
CA ILE A 442 -39.29 -31.32 -7.12
C ILE A 442 -38.13 -30.65 -6.37
N LEU A 443 -37.25 -31.49 -5.82
CA LEU A 443 -35.99 -31.04 -5.23
C LEU A 443 -35.08 -30.22 -6.17
N THR A 444 -35.09 -30.55 -7.47
CA THR A 444 -34.40 -29.72 -8.46
C THR A 444 -35.10 -28.37 -8.62
N ARG A 445 -36.43 -28.36 -8.68
CA ARG A 445 -37.18 -27.14 -8.91
C ARG A 445 -37.09 -26.15 -7.75
N VAL A 446 -36.60 -26.61 -6.59
CA VAL A 446 -36.18 -25.76 -5.48
C VAL A 446 -34.73 -25.29 -5.63
N ASN A 447 -33.74 -26.20 -5.47
CA ASN A 447 -32.31 -25.94 -5.58
C ASN A 447 -31.82 -25.02 -6.67
N LYS A 448 -32.51 -25.08 -7.81
CA LYS A 448 -32.34 -24.15 -8.94
C LYS A 448 -32.32 -22.68 -8.56
N ALA A 449 -33.16 -22.25 -7.61
CA ALA A 449 -33.17 -20.87 -7.13
C ALA A 449 -32.42 -20.69 -5.80
N LEU A 450 -31.71 -21.76 -5.43
CA LEU A 450 -31.14 -21.92 -4.10
C LEU A 450 -29.62 -21.99 -4.05
N ASP A 451 -28.98 -22.71 -4.97
CA ASP A 451 -27.62 -22.38 -5.38
C ASP A 451 -27.58 -21.52 -6.63
N ALA A 458 -16.69 -19.01 0.62
CA ALA A 458 -15.75 -20.06 0.92
C ALA A 458 -16.19 -21.21 1.81
N SER A 459 -17.31 -21.03 2.52
CA SER A 459 -17.66 -21.83 3.67
C SER A 459 -19.06 -22.40 3.44
N PHE A 460 -19.48 -23.45 4.16
CA PHE A 460 -20.75 -24.10 3.87
C PHE A 460 -21.37 -24.71 5.10
N LEU A 461 -22.71 -24.83 5.20
CA LEU A 461 -23.32 -25.48 6.35
C LEU A 461 -24.20 -26.63 5.89
N GLY A 462 -23.95 -27.85 6.40
CA GLY A 462 -24.68 -29.04 5.99
C GLY A 462 -25.65 -29.49 7.07
N ILE A 463 -26.91 -29.88 6.78
CA ILE A 463 -27.92 -30.13 7.82
C ILE A 463 -28.70 -31.38 7.43
N LEU A 464 -29.17 -32.29 8.28
CA LEU A 464 -29.76 -33.54 7.76
C LEU A 464 -31.04 -34.10 8.39
N ASP A 465 -32.25 -34.02 7.77
CA ASP A 465 -33.45 -34.54 8.41
C ASP A 465 -33.65 -36.02 8.09
N ILE A 466 -33.20 -36.78 9.08
CA ILE A 466 -33.36 -38.23 8.96
C ILE A 466 -34.83 -38.62 9.00
N ALA A 467 -35.12 -39.54 8.07
CA ALA A 467 -36.29 -40.38 8.16
C ALA A 467 -36.06 -41.23 9.40
N GLY A 468 -37.05 -41.24 10.28
CA GLY A 468 -36.78 -41.56 11.68
C GLY A 468 -37.13 -43.00 11.99
N PHE A 469 -36.16 -43.71 12.60
CA PHE A 469 -36.26 -45.14 12.98
C PHE A 469 -37.66 -45.72 13.23
N GLU A 470 -38.20 -46.63 12.42
CA GLU A 470 -39.55 -47.16 12.63
C GLU A 470 -39.80 -48.67 12.55
N ILE A 471 -40.95 -48.92 13.18
CA ILE A 471 -41.52 -50.24 13.19
C ILE A 471 -42.97 -50.12 12.74
N PHE A 472 -43.15 -50.52 11.48
CA PHE A 472 -44.44 -50.93 10.97
C PHE A 472 -44.64 -52.40 11.34
N GLU A 473 -45.77 -53.02 11.04
CA GLU A 473 -45.79 -54.48 11.04
C GLU A 473 -45.08 -54.98 9.79
N ILE A 474 -45.59 -54.64 8.59
CA ILE A 474 -44.88 -54.93 7.35
C ILE A 474 -43.76 -53.91 7.08
N ASN A 475 -42.63 -54.10 7.73
CA ASN A 475 -41.44 -53.34 7.39
C ASN A 475 -40.81 -53.92 6.13
N SER A 476 -40.07 -53.19 5.30
CA SER A 476 -39.60 -53.70 4.01
C SER A 476 -38.39 -52.88 3.61
N PHE A 477 -37.81 -52.85 2.40
CA PHE A 477 -36.53 -52.16 2.18
C PHE A 477 -36.53 -50.66 2.51
N GLU A 478 -37.72 -50.11 2.33
CA GLU A 478 -38.04 -48.74 2.68
C GLU A 478 -37.74 -48.49 4.16
N GLN A 479 -38.11 -49.49 4.99
CA GLN A 479 -37.76 -49.42 6.39
C GLN A 479 -36.38 -50.03 6.63
N LEU A 480 -35.85 -50.96 5.83
CA LEU A 480 -34.48 -51.47 5.96
C LEU A 480 -33.48 -50.34 5.94
N CYS A 481 -33.72 -49.40 5.03
CA CYS A 481 -32.97 -48.17 4.96
C CYS A 481 -33.29 -47.23 6.11
N ILE A 482 -34.57 -47.00 6.46
CA ILE A 482 -34.92 -46.13 7.59
C ILE A 482 -34.15 -46.49 8.88
N ASN A 483 -34.15 -47.77 9.25
CA ASN A 483 -33.36 -48.18 10.40
C ASN A 483 -31.94 -48.65 10.02
N TYR A 484 -31.53 -48.37 8.78
CA TYR A 484 -30.12 -48.29 8.42
C TYR A 484 -29.57 -46.88 8.56
N THR A 485 -30.09 -45.76 8.01
CA THR A 485 -29.48 -44.43 8.17
C THR A 485 -29.17 -44.11 9.61
N ASN A 486 -30.15 -44.44 10.45
CA ASN A 486 -30.00 -44.32 11.88
C ASN A 486 -28.73 -44.97 12.40
N GLU A 487 -28.60 -46.24 12.00
CA GLU A 487 -27.53 -47.10 12.44
C GLU A 487 -26.21 -46.63 11.85
N LYS A 488 -26.18 -46.31 10.56
CA LYS A 488 -25.00 -45.80 9.90
C LYS A 488 -24.51 -44.51 10.52
N LEU A 489 -25.39 -43.55 10.81
CA LEU A 489 -24.99 -42.31 11.49
C LEU A 489 -24.42 -42.59 12.88
N GLN A 490 -25.02 -43.59 13.52
CA GLN A 490 -24.59 -44.02 14.84
C GLN A 490 -23.14 -44.53 14.88
N GLN A 491 -22.61 -45.33 13.94
CA GLN A 491 -21.17 -45.65 14.01
C GLN A 491 -20.26 -44.49 13.62
N LEU A 492 -20.76 -43.49 12.87
CA LEU A 492 -20.04 -42.23 12.71
C LEU A 492 -19.78 -41.63 14.07
N PHE A 493 -20.85 -41.32 14.82
CA PHE A 493 -20.79 -40.82 16.19
C PHE A 493 -19.73 -41.50 17.05
N ASN A 494 -19.67 -42.84 17.00
CA ASN A 494 -18.77 -43.61 17.84
C ASN A 494 -17.32 -43.39 17.47
N HIS A 495 -17.05 -43.51 16.17
CA HIS A 495 -15.69 -43.42 15.70
C HIS A 495 -15.14 -42.03 15.94
N THR A 496 -15.97 -41.00 15.73
CA THR A 496 -15.60 -39.63 16.02
C THR A 496 -15.28 -39.40 17.50
N MET A 497 -16.14 -39.97 18.35
CA MET A 497 -16.18 -39.57 19.75
C MET A 497 -15.63 -40.58 20.75
N PHE A 498 -15.20 -41.79 20.38
CA PHE A 498 -14.51 -42.64 21.34
C PHE A 498 -13.07 -42.90 20.91
N ILE A 499 -13.02 -43.72 19.85
CA ILE A 499 -11.78 -44.33 19.39
C ILE A 499 -10.74 -43.29 19.02
N LEU A 500 -11.02 -42.48 17.98
CA LEU A 500 -10.03 -41.57 17.42
C LEU A 500 -9.51 -40.52 18.40
N GLU A 501 -10.45 -40.09 19.24
CA GLU A 501 -10.17 -39.20 20.34
C GLU A 501 -8.98 -39.69 21.18
N GLN A 502 -9.17 -40.83 21.84
CA GLN A 502 -8.16 -41.33 22.76
C GLN A 502 -6.87 -41.77 22.11
N GLU A 503 -6.93 -42.10 20.81
CA GLU A 503 -5.72 -42.31 20.02
C GLU A 503 -4.81 -41.08 20.14
N GLU A 504 -5.38 -39.90 19.86
CA GLU A 504 -4.67 -38.62 19.97
C GLU A 504 -4.21 -38.28 21.38
N TYR A 505 -4.96 -38.81 22.35
CA TYR A 505 -4.62 -38.73 23.76
C TYR A 505 -3.36 -39.48 24.14
N GLN A 506 -3.16 -40.65 23.54
CA GLN A 506 -1.86 -41.30 23.63
C GLN A 506 -0.74 -40.43 23.05
N ARG A 507 -0.96 -40.02 21.81
CA ARG A 507 -0.05 -39.18 21.03
C ARG A 507 0.63 -37.97 21.67
N GLU A 508 -0.10 -36.89 21.94
CA GLU A 508 0.41 -35.64 22.50
C GLU A 508 1.33 -35.63 23.71
N GLY A 509 1.67 -36.75 24.37
CA GLY A 509 2.43 -36.72 25.62
C GLY A 509 1.59 -36.37 26.85
N ILE A 510 0.33 -35.99 26.62
CA ILE A 510 -0.55 -35.57 27.68
C ILE A 510 -1.03 -36.76 28.49
N GLU A 511 -0.98 -36.52 29.80
CA GLU A 511 -1.60 -37.39 30.77
C GLU A 511 -3.09 -37.59 30.46
N TRP A 512 -3.37 -38.75 29.88
CA TRP A 512 -4.64 -39.47 30.01
C TRP A 512 -4.49 -40.96 29.65
N ASN A 513 -4.86 -41.82 30.62
CA ASN A 513 -4.91 -43.26 30.41
C ASN A 513 -6.09 -43.76 29.59
N PHE A 514 -5.88 -44.81 28.81
CA PHE A 514 -6.87 -45.30 27.86
C PHE A 514 -7.99 -46.09 28.54
N ILE A 515 -9.21 -45.75 28.14
CA ILE A 515 -10.39 -46.53 28.49
C ILE A 515 -11.06 -46.99 27.19
N ASP A 516 -11.45 -48.27 27.15
CA ASP A 516 -12.39 -48.71 26.13
C ASP A 516 -13.80 -48.73 26.72
N PHE A 517 -14.76 -48.47 25.82
CA PHE A 517 -16.17 -48.32 26.17
C PHE A 517 -17.05 -49.46 25.66
N GLY A 518 -16.53 -50.30 24.75
CA GLY A 518 -17.35 -51.30 24.08
C GLY A 518 -18.40 -50.71 23.14
N LEU A 519 -18.02 -49.60 22.50
CA LEU A 519 -18.91 -48.86 21.62
C LEU A 519 -18.39 -48.73 20.21
N ASP A 520 -18.34 -49.95 19.71
CA ASP A 520 -18.26 -50.20 18.29
C ASP A 520 -19.64 -50.86 18.15
N LEU A 521 -20.55 -50.15 17.49
CA LEU A 521 -21.87 -50.70 17.18
C LEU A 521 -21.93 -51.27 15.78
N GLN A 522 -20.80 -51.06 15.08
CA GLN A 522 -20.42 -51.75 13.87
C GLN A 522 -20.94 -53.20 13.86
N PRO A 523 -20.89 -54.14 14.82
CA PRO A 523 -21.63 -55.43 14.78
C PRO A 523 -23.09 -55.51 14.34
N CYS A 524 -23.95 -54.52 14.66
CA CYS A 524 -25.28 -54.47 14.05
C CYS A 524 -25.21 -53.90 12.64
N ILE A 525 -24.25 -53.00 12.44
CA ILE A 525 -24.09 -52.32 11.18
C ILE A 525 -23.41 -53.27 10.22
N GLU A 526 -22.31 -53.97 10.52
CA GLU A 526 -21.90 -55.22 9.88
C GLU A 526 -23.03 -56.15 9.51
N LEU A 527 -23.89 -56.46 10.49
CA LEU A 527 -25.04 -57.37 10.34
C LEU A 527 -25.98 -56.94 9.22
N ILE A 528 -26.05 -55.63 8.96
CA ILE A 528 -26.59 -55.17 7.70
C ILE A 528 -25.57 -54.96 6.58
N GLU A 529 -24.44 -54.28 6.79
CA GLU A 529 -23.73 -53.52 5.78
C GLU A 529 -22.37 -54.08 5.38
N ARG A 530 -21.89 -55.13 6.04
CA ARG A 530 -20.49 -55.52 5.88
C ARG A 530 -20.36 -56.38 4.64
N PRO A 531 -19.64 -55.90 3.62
CA PRO A 531 -19.49 -56.57 2.32
C PRO A 531 -18.70 -57.85 2.36
N THR A 532 -17.48 -57.84 2.93
CA THR A 532 -16.65 -59.02 2.92
C THR A 532 -16.84 -59.79 4.23
N ASN A 533 -15.99 -60.78 4.53
CA ASN A 533 -16.06 -61.57 5.77
C ASN A 533 -17.36 -62.39 5.77
N PRO A 534 -18.09 -62.75 6.84
CA PRO A 534 -19.50 -63.13 6.75
C PRO A 534 -20.40 -61.91 6.56
N PRO A 535 -21.03 -61.74 5.39
CA PRO A 535 -21.80 -60.55 5.03
C PRO A 535 -23.15 -60.40 5.71
N GLY A 536 -23.58 -59.15 5.82
CA GLY A 536 -24.86 -58.88 6.44
C GLY A 536 -25.92 -58.63 5.38
N VAL A 537 -27.12 -58.30 5.86
CA VAL A 537 -28.34 -58.10 5.08
C VAL A 537 -28.17 -57.45 3.71
N LEU A 538 -27.62 -56.22 3.65
CA LEU A 538 -27.37 -55.51 2.41
C LEU A 538 -26.41 -56.26 1.53
N ALA A 539 -25.29 -56.75 2.10
CA ALA A 539 -24.25 -57.35 1.26
C ALA A 539 -24.69 -58.66 0.62
N LEU A 540 -25.37 -59.49 1.42
CA LEU A 540 -25.97 -60.72 0.95
C LEU A 540 -27.03 -60.39 -0.07
N LEU A 541 -27.78 -59.30 0.13
CA LEU A 541 -28.75 -58.84 -0.84
C LEU A 541 -28.18 -58.13 -2.07
N ASP A 542 -27.00 -57.51 -2.07
CA ASP A 542 -26.37 -57.00 -3.29
C ASP A 542 -26.06 -58.19 -4.19
N GLU A 543 -25.35 -59.17 -3.59
CA GLU A 543 -25.01 -60.43 -4.22
C GLU A 543 -26.27 -61.15 -4.72
N GLU A 544 -27.19 -61.53 -3.83
CA GLU A 544 -28.55 -61.91 -4.17
C GLU A 544 -29.32 -61.02 -5.13
N CYS A 545 -29.05 -59.71 -5.24
CA CYS A 545 -29.77 -58.91 -6.20
C CYS A 545 -29.21 -59.32 -7.55
N TRP A 546 -27.88 -59.42 -7.73
CA TRP A 546 -27.30 -59.91 -8.97
C TRP A 546 -27.50 -61.41 -9.21
N PHE A 547 -28.56 -62.05 -8.72
CA PHE A 547 -28.58 -63.49 -8.71
C PHE A 547 -29.86 -64.11 -9.27
N PRO A 548 -29.75 -65.07 -10.19
CA PRO A 548 -30.87 -65.89 -10.67
C PRO A 548 -31.31 -67.00 -9.73
N LYS A 549 -30.45 -67.63 -8.92
CA LYS A 549 -30.86 -68.79 -8.11
C LYS A 549 -31.54 -68.40 -6.79
N ALA A 550 -31.89 -67.11 -6.79
CA ALA A 550 -32.03 -66.35 -5.58
C ALA A 550 -33.42 -65.78 -5.64
N THR A 551 -34.05 -66.10 -4.52
CA THR A 551 -35.46 -65.88 -4.28
C THR A 551 -35.48 -65.10 -2.97
N ASP A 552 -36.45 -64.19 -2.74
CA ASP A 552 -36.53 -63.46 -1.47
C ASP A 552 -36.50 -64.39 -0.24
N THR A 553 -37.06 -65.56 -0.50
CA THR A 553 -36.83 -66.80 0.21
C THR A 553 -35.35 -67.08 0.47
N SER A 554 -34.51 -67.39 -0.54
CA SER A 554 -33.10 -67.72 -0.35
C SER A 554 -32.27 -66.56 0.16
N PHE A 555 -32.77 -65.32 0.01
CA PHE A 555 -32.20 -64.20 0.74
C PHE A 555 -32.30 -64.47 2.24
N VAL A 556 -33.49 -64.77 2.77
CA VAL A 556 -33.59 -65.06 4.20
C VAL A 556 -32.89 -66.37 4.52
N GLU A 557 -32.90 -67.36 3.62
CA GLU A 557 -32.12 -68.56 3.85
C GLU A 557 -30.63 -68.26 3.88
N LYS A 558 -30.13 -67.34 3.06
CA LYS A 558 -28.73 -66.96 3.13
C LYS A 558 -28.46 -66.15 4.38
N LEU A 559 -29.43 -65.41 4.90
CA LEU A 559 -29.24 -64.66 6.13
C LEU A 559 -29.15 -65.57 7.36
N ILE A 560 -29.98 -66.61 7.43
CA ILE A 560 -29.88 -67.63 8.48
C ILE A 560 -28.55 -68.36 8.34
N GLN A 561 -28.23 -68.77 7.11
CA GLN A 561 -26.96 -69.38 6.76
C GLN A 561 -25.73 -68.59 7.22
N GLU A 562 -25.61 -67.32 6.85
CA GLU A 562 -24.44 -66.55 7.24
C GLU A 562 -24.47 -66.04 8.69
N GLN A 563 -25.55 -65.38 9.13
CA GLN A 563 -25.59 -64.79 10.47
C GLN A 563 -25.93 -65.74 11.63
N GLY A 564 -27.19 -66.22 11.66
CA GLY A 564 -27.72 -67.13 12.67
C GLY A 564 -27.46 -66.76 14.14
N ASN A 565 -26.37 -67.33 14.66
CA ASN A 565 -25.91 -67.19 16.03
C ASN A 565 -25.39 -65.83 16.54
N HIS A 566 -25.64 -64.72 15.84
CA HIS A 566 -25.00 -63.45 16.15
C HIS A 566 -25.75 -62.76 17.28
N ALA A 567 -25.07 -62.22 18.30
CA ALA A 567 -25.71 -61.56 19.42
C ALA A 567 -26.29 -60.16 19.17
N LYS A 568 -26.96 -60.02 18.02
CA LYS A 568 -27.69 -58.83 17.58
C LYS A 568 -28.69 -59.24 16.49
N PHE A 569 -28.86 -60.53 16.20
CA PHE A 569 -29.66 -61.01 15.07
C PHE A 569 -30.71 -61.95 15.64
N GLN A 570 -31.82 -62.21 14.96
CA GLN A 570 -32.84 -63.14 15.43
C GLN A 570 -33.67 -63.55 14.21
N LYS A 571 -34.05 -64.81 14.21
CA LYS A 571 -34.99 -65.31 13.22
C LYS A 571 -36.43 -64.83 13.43
N SER A 572 -37.23 -64.99 12.37
CA SER A 572 -38.68 -64.90 12.46
C SER A 572 -39.31 -65.70 13.59
N LYS A 573 -40.56 -65.36 13.92
CA LYS A 573 -41.35 -66.11 14.88
C LYS A 573 -41.87 -67.31 14.10
N GLN A 574 -41.02 -68.28 13.75
CA GLN A 574 -41.33 -69.40 12.85
C GLN A 574 -41.82 -69.13 11.43
N LEU A 575 -42.25 -67.92 11.07
CA LEU A 575 -42.68 -67.59 9.72
C LEU A 575 -41.63 -67.55 8.61
N LYS A 576 -40.96 -68.69 8.37
CA LYS A 576 -40.10 -68.89 7.21
C LYS A 576 -40.88 -68.78 5.90
N ASP A 577 -42.08 -69.35 5.97
CA ASP A 577 -43.16 -69.20 5.01
C ASP A 577 -43.41 -67.76 4.56
N LYS A 578 -43.50 -66.79 5.48
CA LYS A 578 -43.53 -65.39 5.07
C LYS A 578 -42.15 -64.79 4.79
N THR A 579 -41.10 -65.42 5.33
CA THR A 579 -39.70 -65.05 5.15
C THR A 579 -39.31 -63.65 5.60
N GLU A 580 -38.96 -63.55 6.90
CA GLU A 580 -38.84 -62.32 7.65
C GLU A 580 -37.76 -62.54 8.71
N PHE A 581 -37.18 -61.47 9.28
CA PHE A 581 -36.09 -61.64 10.23
C PHE A 581 -36.09 -60.55 11.29
N CYS A 582 -35.96 -60.92 12.55
CA CYS A 582 -36.08 -59.94 13.61
C CYS A 582 -34.68 -59.54 14.01
N ILE A 583 -34.30 -58.28 14.11
CA ILE A 583 -32.90 -57.95 14.37
C ILE A 583 -32.71 -56.98 15.51
N LEU A 584 -31.67 -57.13 16.32
CA LEU A 584 -31.26 -56.08 17.23
C LEU A 584 -30.32 -55.04 16.60
N HIS A 585 -30.99 -53.94 16.27
CA HIS A 585 -30.34 -52.67 15.95
C HIS A 585 -30.03 -51.90 17.22
N TYR A 586 -29.24 -50.81 17.27
CA TYR A 586 -28.85 -50.14 18.50
C TYR A 586 -30.02 -49.83 19.41
N ALA A 587 -31.13 -49.39 18.81
CA ALA A 587 -32.40 -49.15 19.48
C ALA A 587 -33.36 -50.34 19.43
N GLY A 588 -32.79 -51.50 19.75
CA GLY A 588 -33.56 -52.72 19.83
C GLY A 588 -34.00 -53.30 18.48
N LYS A 589 -35.22 -53.83 18.53
CA LYS A 589 -35.61 -54.91 17.64
C LYS A 589 -36.62 -54.49 16.58
N VAL A 590 -36.60 -55.13 15.42
CA VAL A 590 -37.60 -54.94 14.37
C VAL A 590 -37.78 -56.26 13.64
N THR A 591 -38.90 -56.39 12.93
CA THR A 591 -39.09 -57.45 11.95
C THR A 591 -39.09 -56.74 10.60
N TYR A 592 -38.31 -57.23 9.64
CA TYR A 592 -38.49 -56.81 8.26
C TYR A 592 -39.19 -57.92 7.52
N ASN A 593 -39.97 -57.69 6.46
CA ASN A 593 -40.40 -58.81 5.63
C ASN A 593 -39.72 -58.77 4.27
N ALA A 594 -39.25 -59.93 3.81
CA ALA A 594 -38.46 -60.01 2.59
C ALA A 594 -39.14 -60.16 1.24
N SER A 595 -40.45 -60.44 1.12
CA SER A 595 -41.08 -60.53 -0.20
C SER A 595 -40.88 -59.31 -1.10
N ALA A 596 -40.24 -59.52 -2.27
CA ALA A 596 -39.90 -58.49 -3.25
C ALA A 596 -38.87 -57.47 -2.73
N TRP A 597 -37.89 -57.97 -1.98
CA TRP A 597 -36.76 -57.20 -1.48
C TRP A 597 -35.55 -57.17 -2.39
N LEU A 598 -35.37 -58.31 -3.08
CA LEU A 598 -34.24 -58.53 -3.98
C LEU A 598 -34.08 -57.37 -4.93
N THR A 599 -35.12 -57.11 -5.72
CA THR A 599 -35.16 -55.94 -6.58
C THR A 599 -34.94 -54.66 -5.80
N LYS A 600 -35.63 -54.43 -4.69
CA LYS A 600 -35.40 -53.25 -3.88
C LYS A 600 -33.99 -53.03 -3.32
N ASN A 601 -33.06 -53.97 -3.47
CA ASN A 601 -31.67 -53.61 -3.21
C ASN A 601 -30.86 -53.29 -4.45
N MET A 602 -31.35 -53.56 -5.67
CA MET A 602 -30.58 -53.52 -6.91
C MET A 602 -30.12 -52.21 -7.58
N ASP A 603 -30.86 -51.08 -7.68
CA ASP A 603 -30.54 -49.83 -8.42
C ASP A 603 -29.21 -49.75 -9.19
N PRO A 604 -28.94 -50.54 -10.25
CA PRO A 604 -27.59 -50.70 -10.79
C PRO A 604 -27.05 -49.52 -11.61
N LEU A 605 -27.04 -48.33 -11.01
CA LEU A 605 -27.13 -47.06 -11.73
C LEU A 605 -26.44 -47.01 -13.07
N ASN A 606 -27.28 -47.32 -14.05
CA ASN A 606 -26.86 -47.39 -15.44
C ASN A 606 -26.35 -46.01 -15.83
N ASP A 607 -25.08 -46.02 -16.25
CA ASP A 607 -24.36 -44.82 -16.67
C ASP A 607 -24.82 -44.35 -18.04
N ASN A 608 -25.18 -45.27 -18.94
CA ASN A 608 -25.81 -44.95 -20.22
C ASN A 608 -26.97 -43.96 -20.03
N VAL A 609 -27.91 -44.25 -19.14
CA VAL A 609 -28.94 -43.27 -18.82
C VAL A 609 -28.35 -42.12 -18.01
N THR A 610 -27.67 -42.39 -16.87
CA THR A 610 -27.06 -41.36 -16.01
C THR A 610 -26.25 -40.30 -16.77
N SER A 611 -25.61 -40.69 -17.88
CA SER A 611 -24.81 -39.82 -18.71
C SER A 611 -25.73 -39.03 -19.64
N LEU A 612 -26.82 -39.56 -20.18
CA LEU A 612 -27.80 -38.80 -21.00
C LEU A 612 -28.54 -37.75 -20.16
N LEU A 613 -28.78 -38.18 -18.92
CA LEU A 613 -29.21 -37.34 -17.82
C LEU A 613 -28.10 -36.38 -17.41
N ASN A 614 -26.82 -36.76 -17.52
CA ASN A 614 -25.75 -35.85 -17.12
C ASN A 614 -25.64 -34.70 -18.11
N GLN A 615 -25.75 -35.08 -19.39
CA GLN A 615 -25.78 -34.15 -20.51
C GLN A 615 -27.23 -33.86 -20.99
N SER A 616 -28.20 -33.74 -20.09
CA SER A 616 -29.59 -33.47 -20.48
C SER A 616 -29.83 -32.02 -20.87
N SER A 617 -30.82 -31.80 -21.74
CA SER A 617 -31.02 -30.50 -22.34
C SER A 617 -31.88 -29.54 -21.50
N ASP A 618 -33.04 -30.05 -21.04
CA ASP A 618 -34.16 -29.27 -20.55
C ASP A 618 -34.09 -28.74 -19.11
N LYS A 619 -35.00 -27.81 -18.76
CA LYS A 619 -35.12 -27.18 -17.44
C LYS A 619 -35.19 -28.10 -16.22
N PHE A 620 -35.39 -29.38 -16.50
CA PHE A 620 -35.52 -30.40 -15.48
C PHE A 620 -34.17 -30.88 -14.96
N VAL A 621 -33.39 -31.56 -15.79
CA VAL A 621 -32.39 -32.46 -15.23
C VAL A 621 -30.95 -32.03 -15.06
N ALA A 622 -30.27 -31.33 -15.99
CA ALA A 622 -28.80 -31.15 -15.98
C ALA A 622 -28.06 -30.89 -14.66
N ASP A 623 -28.83 -30.28 -13.76
CA ASP A 623 -28.45 -29.97 -12.40
C ASP A 623 -28.39 -31.28 -11.61
N LEU A 624 -29.50 -31.98 -11.35
CA LEU A 624 -29.48 -33.07 -10.39
C LEU A 624 -28.75 -34.36 -10.79
N TRP A 625 -28.20 -34.51 -11.99
CA TRP A 625 -27.40 -35.70 -12.27
C TRP A 625 -25.92 -35.46 -12.51
N LYS A 626 -25.45 -34.23 -12.27
CA LYS A 626 -24.02 -33.98 -12.40
C LYS A 626 -23.12 -34.70 -11.40
N ASP A 627 -23.73 -35.43 -10.44
CA ASP A 627 -23.08 -36.38 -9.55
C ASP A 627 -22.68 -37.68 -10.26
N VAL A 628 -21.81 -37.49 -11.25
CA VAL A 628 -21.43 -38.55 -12.17
C VAL A 628 -20.48 -39.59 -11.58
N ASP A 629 -19.77 -39.26 -10.50
CA ASP A 629 -18.79 -40.13 -9.84
C ASP A 629 -19.13 -41.59 -9.60
N ARG A 630 -20.08 -41.92 -8.72
CA ARG A 630 -20.45 -43.30 -8.38
C ARG A 630 -20.77 -44.29 -9.50
N ILE A 631 -20.97 -43.81 -10.72
CA ILE A 631 -21.79 -44.51 -11.69
C ILE A 631 -21.03 -45.58 -12.47
N VAL A 632 -21.79 -46.60 -12.90
CA VAL A 632 -21.26 -47.89 -13.30
C VAL A 632 -20.34 -47.87 -14.51
N GLY A 633 -19.09 -47.45 -14.35
CA GLY A 633 -18.11 -47.38 -15.44
C GLY A 633 -17.41 -48.70 -15.75
N LEU A 634 -17.87 -49.81 -15.16
CA LEU A 634 -17.20 -51.10 -15.29
C LEU A 634 -18.28 -52.17 -15.37
N PHE A 656 -21.31 -51.92 -11.15
CA PHE A 656 -20.53 -51.33 -10.07
C PHE A 656 -21.34 -51.07 -8.80
N ARG A 657 -22.47 -50.35 -8.81
CA ARG A 657 -23.27 -50.10 -7.59
C ARG A 657 -24.71 -50.59 -7.65
N THR A 658 -25.35 -50.83 -6.49
CA THR A 658 -26.77 -51.18 -6.42
C THR A 658 -27.61 -50.06 -5.79
N VAL A 659 -28.83 -50.28 -5.23
CA VAL A 659 -29.53 -49.33 -4.35
C VAL A 659 -28.83 -49.45 -3.03
N GLY A 660 -28.72 -50.68 -2.47
CA GLY A 660 -28.16 -50.89 -1.14
C GLY A 660 -26.83 -50.19 -1.00
N GLN A 661 -25.87 -50.68 -1.77
CA GLN A 661 -24.67 -49.91 -2.10
C GLN A 661 -24.90 -48.41 -2.41
N LEU A 662 -25.71 -47.99 -3.40
CA LEU A 662 -25.93 -46.56 -3.74
C LEU A 662 -26.28 -45.69 -2.56
N TYR A 663 -27.05 -46.29 -1.66
CA TYR A 663 -27.59 -45.63 -0.51
C TYR A 663 -26.63 -45.74 0.68
N LYS A 664 -25.74 -46.75 0.71
CA LYS A 664 -24.54 -46.69 1.55
C LYS A 664 -23.68 -45.54 1.03
N GLU A 665 -23.26 -45.56 -0.25
CA GLU A 665 -22.62 -44.43 -0.92
C GLU A 665 -23.25 -43.06 -0.91
N GLN A 666 -24.57 -42.86 -1.03
CA GLN A 666 -25.22 -41.54 -0.95
C GLN A 666 -25.07 -41.03 0.47
N LEU A 667 -25.32 -41.95 1.39
CA LEU A 667 -24.99 -41.77 2.77
C LEU A 667 -23.49 -41.76 3.00
N THR A 668 -22.58 -42.09 2.07
CA THR A 668 -21.14 -41.86 2.21
C THR A 668 -20.75 -40.52 1.62
N LYS A 669 -21.45 -40.02 0.60
CA LYS A 669 -21.23 -38.68 0.07
C LYS A 669 -21.51 -37.70 1.19
N LEU A 670 -22.58 -38.07 1.90
CA LEU A 670 -22.88 -37.56 3.22
C LEU A 670 -21.80 -38.03 4.20
N MET A 671 -21.89 -39.21 4.84
CA MET A 671 -21.01 -39.67 5.92
C MET A 671 -19.52 -39.44 5.85
N THR A 672 -18.84 -39.49 4.70
CA THR A 672 -17.41 -39.24 4.69
C THR A 672 -17.09 -37.77 4.37
N THR A 673 -17.99 -36.90 3.87
CA THR A 673 -17.73 -35.46 3.92
C THR A 673 -18.21 -34.87 5.25
N LEU A 674 -19.23 -35.51 5.85
CA LEU A 674 -19.58 -35.30 7.24
C LEU A 674 -18.42 -35.61 8.18
N ARG A 675 -17.76 -36.76 8.00
CA ARG A 675 -16.47 -37.05 8.64
C ARG A 675 -15.48 -35.92 8.58
N ASN A 676 -15.46 -35.22 7.45
CA ASN A 676 -14.60 -34.08 7.28
C ASN A 676 -15.45 -32.82 7.38
N THR A 677 -16.39 -32.76 8.33
CA THR A 677 -17.01 -31.52 8.77
C THR A 677 -17.26 -31.60 10.28
N ASN A 678 -17.84 -30.59 10.94
CA ASN A 678 -18.14 -30.71 12.37
C ASN A 678 -19.53 -31.29 12.66
N PRO A 679 -19.69 -32.51 13.18
CA PRO A 679 -20.98 -33.09 13.54
C PRO A 679 -21.64 -32.54 14.81
N ASN A 680 -22.27 -31.38 14.60
CA ASN A 680 -23.19 -30.83 15.59
C ASN A 680 -24.41 -31.74 15.46
N PHE A 681 -24.61 -32.58 16.48
CA PHE A 681 -25.70 -33.53 16.56
C PHE A 681 -26.88 -33.06 17.41
N VAL A 682 -28.12 -33.14 16.91
CA VAL A 682 -29.31 -32.71 17.63
C VAL A 682 -30.13 -33.97 17.92
N ARG A 683 -29.73 -34.50 19.08
CA ARG A 683 -30.08 -35.86 19.45
C ARG A 683 -31.45 -35.98 20.09
N CYS A 684 -32.42 -36.30 19.26
CA CYS A 684 -33.80 -36.33 19.70
C CYS A 684 -34.22 -37.61 20.45
N ILE A 685 -34.97 -37.48 21.56
CA ILE A 685 -35.22 -38.63 22.45
C ILE A 685 -36.71 -38.86 22.66
N ILE A 686 -37.23 -40.06 22.41
CA ILE A 686 -38.65 -40.33 22.60
C ILE A 686 -38.97 -40.69 24.05
N PRO A 687 -39.98 -40.02 24.62
CA PRO A 687 -40.55 -40.36 25.91
C PRO A 687 -41.53 -41.53 25.88
N ASN A 688 -42.44 -41.59 24.91
CA ASN A 688 -43.41 -42.67 24.83
C ASN A 688 -43.60 -43.10 23.39
N HIS A 689 -44.07 -44.35 23.22
CA HIS A 689 -44.62 -44.76 21.94
C HIS A 689 -46.13 -44.52 21.84
N GLU A 690 -46.78 -43.78 22.74
CA GLU A 690 -48.24 -43.65 22.75
C GLU A 690 -48.71 -42.28 22.25
N LYS A 691 -47.80 -41.58 21.55
CA LYS A 691 -48.07 -40.31 20.88
C LYS A 691 -48.49 -39.20 21.86
N ARG A 692 -48.29 -39.41 23.16
CA ARG A 692 -49.00 -38.68 24.19
C ARG A 692 -48.31 -37.42 24.66
N ALA A 693 -49.13 -36.51 25.16
CA ALA A 693 -48.62 -35.42 25.97
C ALA A 693 -48.28 -36.01 27.34
N GLY A 694 -47.22 -35.50 27.97
CA GLY A 694 -46.90 -35.85 29.34
C GLY A 694 -46.07 -37.11 29.44
N LYS A 695 -46.55 -38.22 28.88
CA LYS A 695 -45.99 -39.55 29.09
C LYS A 695 -44.52 -39.81 28.74
N LEU A 696 -43.75 -39.86 29.81
CA LEU A 696 -42.41 -40.41 29.76
C LEU A 696 -42.41 -41.89 30.14
N ASP A 697 -41.49 -42.65 29.56
CA ASP A 697 -41.06 -43.92 30.14
C ASP A 697 -39.55 -43.91 30.22
N ALA A 698 -39.11 -44.03 31.47
CA ALA A 698 -37.70 -43.98 31.82
C ALA A 698 -36.92 -45.20 31.35
N HIS A 699 -37.59 -46.35 31.15
CA HIS A 699 -36.90 -47.51 30.63
C HIS A 699 -36.86 -47.49 29.11
N LEU A 700 -37.89 -46.97 28.44
CA LEU A 700 -37.82 -46.71 27.02
C LEU A 700 -36.69 -45.72 26.75
N VAL A 701 -36.59 -44.64 27.52
CA VAL A 701 -35.50 -43.68 27.42
C VAL A 701 -34.16 -44.34 27.71
N LEU A 702 -34.03 -45.09 28.84
CA LEU A 702 -32.82 -45.84 29.13
C LEU A 702 -32.44 -46.85 28.05
N GLU A 703 -33.41 -47.39 27.31
CA GLU A 703 -33.11 -48.22 26.15
C GLU A 703 -32.47 -47.31 25.10
N GLN A 704 -33.15 -46.23 24.70
CA GLN A 704 -32.61 -45.23 23.78
C GLN A 704 -31.35 -44.48 24.21
N LEU A 705 -31.00 -44.56 25.49
CA LEU A 705 -29.70 -44.07 25.96
C LEU A 705 -28.60 -45.05 25.62
N ARG A 706 -28.82 -46.33 25.89
CA ARG A 706 -27.88 -47.38 25.47
C ARG A 706 -27.74 -47.45 23.95
N CYS A 707 -28.88 -47.32 23.27
CA CYS A 707 -28.94 -47.16 21.84
C CYS A 707 -28.19 -45.94 21.35
N ASN A 708 -28.60 -44.70 21.65
CA ASN A 708 -27.79 -43.53 21.30
C ASN A 708 -26.35 -43.51 21.85
N GLY A 709 -25.96 -44.39 22.79
CA GLY A 709 -24.59 -44.46 23.30
C GLY A 709 -24.23 -43.28 24.19
N VAL A 710 -25.27 -42.86 24.92
CA VAL A 710 -25.29 -41.64 25.70
C VAL A 710 -24.32 -41.67 26.88
N LEU A 711 -24.40 -42.68 27.75
CA LEU A 711 -23.75 -42.67 29.05
C LEU A 711 -22.23 -42.62 28.93
N GLU A 712 -21.78 -43.12 27.78
CA GLU A 712 -20.40 -43.29 27.39
C GLU A 712 -19.99 -42.11 26.52
N GLY A 713 -20.90 -41.56 25.70
CA GLY A 713 -20.66 -40.25 25.08
C GLY A 713 -20.46 -39.16 26.12
N ILE A 714 -21.17 -39.28 27.24
CA ILE A 714 -20.95 -38.41 28.38
C ILE A 714 -19.68 -38.86 29.09
N ARG A 715 -19.44 -40.16 29.32
CA ARG A 715 -18.21 -40.59 29.98
C ARG A 715 -16.89 -40.22 29.33
N ILE A 716 -16.79 -40.12 28.00
CA ILE A 716 -15.60 -39.53 27.40
C ILE A 716 -15.55 -38.02 27.65
N CYS A 717 -16.42 -37.20 27.06
CA CYS A 717 -16.55 -35.77 27.30
C CYS A 717 -16.66 -35.26 28.74
N ARG A 718 -16.78 -36.10 29.77
CA ARG A 718 -16.51 -35.62 31.13
C ARG A 718 -15.01 -35.59 31.35
N GLN A 719 -14.36 -36.66 30.88
CA GLN A 719 -12.95 -36.86 31.10
C GLN A 719 -12.11 -35.86 30.38
N GLY A 720 -12.01 -35.94 29.06
CA GLY A 720 -10.94 -35.26 28.37
C GLY A 720 -11.14 -33.77 28.15
N PHE A 721 -11.00 -33.40 26.87
CA PHE A 721 -10.86 -32.01 26.45
C PHE A 721 -11.31 -31.96 24.99
N PRO A 722 -12.57 -31.62 24.72
CA PRO A 722 -13.16 -31.59 23.38
C PRO A 722 -12.37 -30.83 22.32
N ASN A 723 -12.02 -29.57 22.61
CA ASN A 723 -11.37 -28.71 21.63
C ASN A 723 -9.91 -29.12 21.44
N ARG A 724 -9.12 -28.47 20.58
CA ARG A 724 -7.68 -28.73 20.46
C ARG A 724 -7.00 -27.78 19.49
N ILE A 725 -6.12 -26.95 20.04
CA ILE A 725 -5.46 -25.93 19.27
C ILE A 725 -4.11 -25.63 19.95
N VAL A 726 -3.23 -24.73 19.50
CA VAL A 726 -1.84 -24.63 19.97
C VAL A 726 -1.69 -23.47 20.98
N PHE A 727 -0.55 -22.92 21.39
CA PHE A 727 -0.56 -21.87 22.42
C PHE A 727 -0.54 -20.42 21.90
N GLN A 728 -0.76 -20.18 20.60
CA GLN A 728 -0.60 -18.83 20.07
C GLN A 728 -1.89 -18.00 20.12
N GLU A 729 -2.96 -18.77 20.04
CA GLU A 729 -4.32 -18.37 20.39
C GLU A 729 -4.35 -17.82 21.79
N PHE A 730 -3.43 -18.24 22.67
CA PHE A 730 -3.21 -17.50 23.88
C PHE A 730 -2.45 -16.20 23.62
N ARG A 731 -1.15 -16.23 23.30
CA ARG A 731 -0.36 -15.00 23.31
C ARG A 731 -0.92 -13.77 22.57
N GLN A 732 -1.56 -13.90 21.40
CA GLN A 732 -1.94 -12.71 20.66
C GLN A 732 -3.19 -11.99 21.13
N ARG A 733 -4.34 -12.66 20.92
CA ARG A 733 -5.69 -12.13 21.11
C ARG A 733 -5.91 -11.48 22.47
N TYR A 734 -5.03 -11.71 23.46
CA TYR A 734 -5.20 -11.13 24.79
C TYR A 734 -4.02 -10.30 25.30
N GLU A 735 -2.93 -9.97 24.56
CA GLU A 735 -1.84 -9.17 25.14
C GLU A 735 -2.39 -7.83 25.59
N ILE A 736 -3.28 -7.27 24.74
CA ILE A 736 -4.19 -6.19 25.06
C ILE A 736 -4.91 -6.32 26.41
N LEU A 737 -5.43 -7.52 26.75
CA LEU A 737 -6.08 -7.74 28.03
C LEU A 737 -5.21 -7.47 29.23
N ALA A 738 -3.89 -7.68 29.16
CA ALA A 738 -3.02 -7.51 30.31
C ALA A 738 -1.66 -6.97 29.88
N ALA A 739 -1.64 -5.66 29.61
CA ALA A 739 -0.46 -4.98 29.07
C ALA A 739 0.91 -5.21 29.73
N ASN A 740 0.92 -5.62 31.00
CA ASN A 740 2.15 -5.73 31.77
C ASN A 740 2.74 -7.14 31.68
N ALA A 741 1.94 -8.10 31.20
CA ALA A 741 2.17 -9.52 31.45
C ALA A 741 3.53 -10.06 31.07
N ILE A 742 3.89 -10.06 29.78
CA ILE A 742 5.28 -10.33 29.43
C ILE A 742 6.05 -9.01 29.53
N PRO A 743 7.02 -8.86 30.44
CA PRO A 743 7.84 -7.66 30.60
C PRO A 743 9.08 -7.75 29.72
N LYS A 744 10.13 -7.00 30.06
CA LYS A 744 11.39 -7.02 29.32
C LYS A 744 12.02 -8.42 29.24
N GLY A 745 11.89 -9.05 28.07
CA GLY A 745 12.56 -10.31 27.82
C GLY A 745 11.57 -11.45 27.54
N PHE A 746 12.01 -12.43 26.75
CA PHE A 746 11.13 -13.52 26.32
C PHE A 746 11.86 -14.84 26.19
N MET A 747 11.04 -15.89 26.33
CA MET A 747 11.51 -17.26 26.53
C MET A 747 10.69 -18.22 25.65
N ASP A 748 10.29 -19.41 26.14
CA ASP A 748 9.46 -20.38 25.44
C ASP A 748 8.02 -19.92 25.32
N GLY A 749 7.30 -20.35 24.29
CA GLY A 749 5.96 -19.85 24.01
C GLY A 749 4.92 -20.25 25.05
N LYS A 750 5.09 -21.51 25.49
CA LYS A 750 4.32 -22.11 26.58
C LYS A 750 4.51 -21.29 27.84
N GLN A 751 5.71 -21.29 28.44
CA GLN A 751 5.97 -20.48 29.61
C GLN A 751 5.64 -18.98 29.44
N ALA A 752 6.03 -18.29 28.37
CA ALA A 752 5.61 -16.90 28.12
C ALA A 752 4.11 -16.71 28.10
N CYS A 753 3.33 -17.59 27.44
CA CYS A 753 1.87 -17.44 27.49
C CYS A 753 1.37 -17.72 28.90
N ILE A 754 1.98 -18.71 29.57
CA ILE A 754 1.76 -18.99 30.99
C ILE A 754 1.89 -17.76 31.90
N LEU A 755 2.77 -16.81 31.54
CA LEU A 755 2.77 -15.50 32.20
C LEU A 755 1.42 -14.78 32.13
N MET A 756 0.95 -14.36 30.95
CA MET A 756 -0.40 -13.81 30.80
C MET A 756 -1.53 -14.76 31.19
N ILE A 757 -1.26 -16.06 31.17
CA ILE A 757 -2.19 -17.10 31.62
C ILE A 757 -2.45 -16.96 33.11
N LYS A 758 -1.41 -16.91 33.93
CA LYS A 758 -1.59 -16.77 35.36
C LYS A 758 -1.98 -15.36 35.73
N ALA A 759 -1.54 -14.36 34.95
CA ALA A 759 -2.02 -12.99 35.09
C ALA A 759 -3.45 -12.78 34.60
N LEU A 760 -4.10 -13.85 34.11
CA LEU A 760 -5.53 -13.89 33.86
C LEU A 760 -6.07 -15.17 34.50
N GLU A 761 -5.38 -15.68 35.53
CA GLU A 761 -5.78 -16.85 36.31
C GLU A 761 -6.14 -18.17 35.65
N LEU A 762 -5.85 -18.34 34.35
CA LEU A 762 -6.11 -19.58 33.63
C LEU A 762 -5.57 -20.85 34.26
N ASP A 763 -6.54 -21.74 34.46
CA ASP A 763 -6.43 -22.90 35.32
C ASP A 763 -5.65 -24.09 34.74
N PRO A 764 -4.72 -24.66 35.52
CA PRO A 764 -3.87 -25.78 35.15
C PRO A 764 -4.52 -27.09 34.70
N ASN A 765 -5.85 -27.19 34.78
CA ASN A 765 -6.56 -28.30 34.16
C ASN A 765 -7.71 -27.82 33.29
N LEU A 766 -7.98 -26.50 33.16
CA LEU A 766 -8.93 -26.02 32.17
C LEU A 766 -8.32 -26.17 30.80
N TYR A 767 -7.10 -25.67 30.66
CA TYR A 767 -6.31 -25.98 29.48
C TYR A 767 -5.61 -27.33 29.67
N ARG A 768 -5.05 -27.86 28.59
CA ARG A 768 -4.00 -28.84 28.71
C ARG A 768 -2.95 -28.35 27.74
N ILE A 769 -1.96 -27.58 28.20
CA ILE A 769 -0.87 -27.12 27.35
C ILE A 769 0.00 -28.35 27.03
N GLY A 770 -0.29 -29.00 25.90
CA GLY A 770 0.38 -30.24 25.54
C GLY A 770 1.68 -30.00 24.80
N GLN A 771 1.93 -30.90 23.84
CA GLN A 771 3.11 -30.79 23.03
C GLN A 771 2.87 -29.77 21.96
N SER A 772 1.94 -30.06 21.05
CA SER A 772 1.49 -29.05 20.12
C SER A 772 0.33 -28.36 20.81
N LYS A 773 -0.70 -29.14 21.08
CA LYS A 773 -1.96 -28.54 21.38
C LYS A 773 -2.20 -28.27 22.84
N ILE A 774 -2.70 -27.05 23.04
CA ILE A 774 -3.63 -26.80 24.13
C ILE A 774 -4.86 -27.61 23.76
N PHE A 775 -5.07 -28.68 24.50
CA PHE A 775 -6.39 -29.29 24.54
C PHE A 775 -7.27 -28.37 25.38
N PHE A 776 -8.38 -27.90 24.84
CA PHE A 776 -9.31 -27.09 25.63
C PHE A 776 -10.56 -27.86 26.01
N ARG A 777 -10.91 -27.83 27.31
CA ARG A 777 -12.18 -28.40 27.79
C ARG A 777 -13.38 -27.62 27.24
N THR A 778 -14.61 -28.05 27.53
CA THR A 778 -15.83 -27.28 27.40
C THR A 778 -15.69 -25.87 27.99
N GLY A 779 -16.25 -24.90 27.27
CA GLY A 779 -16.23 -23.50 27.68
C GLY A 779 -14.95 -22.73 27.38
N VAL A 780 -13.84 -23.19 27.97
CA VAL A 780 -12.59 -22.43 28.17
C VAL A 780 -12.23 -21.30 27.22
N LEU A 781 -11.94 -21.54 25.94
CA LEU A 781 -11.51 -20.47 25.02
C LEU A 781 -12.49 -19.31 24.90
N ALA A 782 -13.78 -19.64 24.98
CA ALA A 782 -14.83 -18.65 24.87
C ALA A 782 -14.82 -17.57 25.95
N HIS A 783 -14.36 -17.86 27.17
CA HIS A 783 -14.29 -16.83 28.22
C HIS A 783 -13.22 -15.80 27.88
N LEU A 784 -12.10 -16.27 27.31
CA LEU A 784 -11.00 -15.38 26.98
C LEU A 784 -11.39 -14.36 25.91
N GLU A 785 -12.12 -14.83 24.91
CA GLU A 785 -12.83 -14.01 23.95
C GLU A 785 -13.84 -13.01 24.56
N GLU A 786 -14.66 -13.51 25.49
CA GLU A 786 -15.58 -12.68 26.29
C GLU A 786 -14.85 -11.51 26.91
N GLU A 787 -13.82 -11.81 27.73
CA GLU A 787 -12.96 -10.83 28.39
C GLU A 787 -12.42 -9.79 27.43
N ARG A 788 -11.80 -10.28 26.35
CA ARG A 788 -11.27 -9.45 25.31
C ARG A 788 -12.31 -8.57 24.62
N ASP A 789 -13.58 -8.98 24.52
CA ASP A 789 -14.62 -8.05 24.09
C ASP A 789 -15.01 -7.12 25.22
N LEU A 790 -15.13 -7.63 26.44
CA LEU A 790 -15.56 -6.84 27.59
C LEU A 790 -14.62 -5.68 27.87
N LYS A 791 -13.30 -5.92 27.82
CA LYS A 791 -12.35 -4.84 27.93
C LYS A 791 -12.33 -3.86 26.78
N ILE A 792 -13.03 -4.15 25.67
CA ILE A 792 -13.15 -3.21 24.57
C ILE A 792 -14.58 -2.76 24.32
N THR A 793 -15.60 -3.20 25.06
CA THR A 793 -16.98 -2.80 24.77
C THR A 793 -17.39 -1.37 25.11
N ASP A 794 -16.58 -0.70 25.93
CA ASP A 794 -16.83 0.68 26.31
C ASP A 794 -16.30 1.66 25.26
N VAL A 795 -15.01 1.49 24.93
CA VAL A 795 -14.23 2.20 23.93
C VAL A 795 -14.60 3.55 23.27
N ILE A 796 -14.29 4.74 23.80
CA ILE A 796 -13.58 4.96 25.05
C ILE A 796 -13.98 6.34 25.58
N ILE A 797 -14.63 6.33 26.74
CA ILE A 797 -14.94 7.50 27.57
C ILE A 797 -13.82 8.57 27.68
N ALA A 798 -12.62 8.11 28.02
CA ALA A 798 -11.43 8.96 28.09
C ALA A 798 -11.07 9.62 26.76
N PHE A 799 -11.34 8.94 25.64
CA PHE A 799 -11.17 9.53 24.33
C PHE A 799 -12.32 10.48 24.06
N GLN A 800 -13.59 10.03 24.14
CA GLN A 800 -14.73 10.94 24.03
C GLN A 800 -14.64 12.18 24.92
N ALA A 801 -14.18 12.08 26.16
CA ALA A 801 -13.98 13.22 27.04
C ALA A 801 -12.94 14.23 26.54
N GLN A 802 -11.94 13.75 25.81
CA GLN A 802 -10.94 14.62 25.19
C GLN A 802 -11.56 15.32 23.98
N CYS A 803 -12.23 14.52 23.15
CA CYS A 803 -13.06 15.03 22.06
C CYS A 803 -14.01 16.14 22.54
N ARG A 804 -14.83 15.83 23.53
CA ARG A 804 -15.71 16.80 24.20
C ARG A 804 -14.95 18.04 24.65
N GLY A 805 -13.94 17.82 25.50
CA GLY A 805 -13.08 18.87 26.04
C GLY A 805 -12.68 19.90 25.01
N TYR A 806 -12.05 19.38 23.95
CA TYR A 806 -11.72 20.14 22.76
C TYR A 806 -12.90 20.94 22.18
N LEU A 807 -14.08 20.31 22.05
CA LEU A 807 -15.19 20.90 21.33
C LEU A 807 -15.85 22.07 22.05
N ALA A 808 -16.00 21.98 23.37
CA ALA A 808 -16.61 23.03 24.17
C ALA A 808 -15.80 24.32 24.14
N ARG A 809 -14.50 24.21 24.39
CA ARG A 809 -13.65 25.39 24.44
C ARG A 809 -13.37 26.03 23.08
N LYS A 810 -13.75 25.37 22.00
CA LYS A 810 -13.79 26.03 20.69
C LYS A 810 -15.18 26.61 20.43
N ALA A 811 -16.21 25.76 20.41
CA ALA A 811 -17.58 26.16 20.07
C ALA A 811 -18.19 27.30 20.88
N PHE A 812 -17.87 27.37 22.18
CA PHE A 812 -18.26 28.47 23.06
C PHE A 812 -18.09 29.88 22.48
N ALA A 813 -17.06 30.05 21.64
CA ALA A 813 -16.76 31.30 20.94
C ALA A 813 -17.94 32.04 20.33
N LYS A 814 -18.95 31.30 19.86
CA LYS A 814 -20.17 31.87 19.36
C LYS A 814 -20.98 32.54 20.47
N ARG A 815 -21.23 31.85 21.58
CA ARG A 815 -22.13 32.41 22.58
C ARG A 815 -21.44 33.53 23.34
N GLN A 816 -20.12 33.35 23.51
CA GLN A 816 -19.17 34.44 23.73
C GLN A 816 -19.32 35.63 22.78
N GLN A 817 -19.29 35.43 21.44
CA GLN A 817 -19.38 36.52 20.47
C GLN A 817 -20.68 37.31 20.52
N GLN A 818 -21.83 36.66 20.39
CA GLN A 818 -23.10 37.35 20.22
C GLN A 818 -23.56 38.32 21.30
N LEU A 819 -23.08 38.14 22.53
CA LEU A 819 -23.58 38.82 23.72
C LEU A 819 -23.42 40.35 23.73
N THR A 820 -22.19 40.87 23.73
CA THR A 820 -21.95 42.31 23.75
C THR A 820 -22.43 42.98 22.47
N ALA A 821 -22.50 42.19 21.41
CA ALA A 821 -23.22 42.57 20.21
C ALA A 821 -24.68 42.91 20.50
N MET A 822 -25.43 42.06 21.23
CA MET A 822 -26.79 42.38 21.67
C MET A 822 -26.96 43.71 22.41
N LYS A 823 -25.88 44.06 23.12
CA LYS A 823 -25.82 45.33 23.83
C LYS A 823 -25.65 46.51 22.89
N VAL A 824 -24.88 46.34 21.81
CA VAL A 824 -24.75 47.38 20.80
C VAL A 824 -26.11 47.70 20.18
N ILE A 825 -26.84 46.61 19.89
CA ILE A 825 -28.19 46.66 19.34
C ILE A 825 -29.12 47.47 20.23
N GLN A 826 -29.08 47.21 21.54
CA GLN A 826 -29.81 48.01 22.51
C GLN A 826 -29.52 49.50 22.40
N ARG A 827 -28.25 49.90 22.29
CA ARG A 827 -27.89 51.30 22.24
C ARG A 827 -28.42 51.98 20.98
N ASN A 828 -28.02 51.46 19.82
CA ASN A 828 -28.31 52.15 18.58
C ASN A 828 -29.78 52.14 18.22
N CYS A 829 -30.46 51.00 18.40
CA CYS A 829 -31.89 50.97 18.11
C CYS A 829 -32.69 51.93 18.99
N ALA A 830 -32.49 51.96 20.30
CA ALA A 830 -33.08 52.96 21.18
C ALA A 830 -32.52 54.37 20.96
N ALA A 831 -31.32 54.47 20.37
CA ALA A 831 -30.74 55.74 20.00
C ALA A 831 -31.43 56.33 18.79
N TYR A 832 -31.95 55.53 17.85
CA TYR A 832 -32.81 56.05 16.80
C TYR A 832 -34.14 56.54 17.39
N LEU A 833 -34.58 55.83 18.42
CA LEU A 833 -35.82 56.16 19.10
C LEU A 833 -35.65 57.37 20.02
N LYS A 834 -34.44 57.56 20.55
CA LYS A 834 -34.13 58.63 21.49
C LYS A 834 -32.88 59.42 21.12
N LEU A 835 -31.67 58.85 21.19
CA LEU A 835 -30.43 59.62 21.00
C LEU A 835 -30.10 60.30 19.65
N ARG A 836 -31.03 60.33 18.68
CA ARG A 836 -30.92 61.13 17.44
C ARG A 836 -31.19 62.61 17.76
N ASN A 837 -30.62 63.12 18.86
CA ASN A 837 -31.14 64.28 19.59
C ASN A 837 -30.17 64.90 20.60
N TRP A 838 -29.22 65.70 20.15
CA TRP A 838 -28.44 66.54 21.05
C TRP A 838 -28.30 67.88 20.34
N GLN A 839 -27.20 68.61 20.55
CA GLN A 839 -26.77 69.62 19.61
C GLN A 839 -25.37 69.46 19.05
N TRP A 840 -24.65 68.38 19.38
CA TRP A 840 -23.22 68.32 19.08
C TRP A 840 -22.77 66.93 18.64
N TRP A 841 -23.58 66.36 17.76
CA TRP A 841 -23.35 65.03 17.22
C TRP A 841 -23.84 64.99 15.78
N ARG A 842 -25.09 65.24 15.40
CA ARG A 842 -25.56 64.92 14.06
C ARG A 842 -25.24 66.00 13.02
N LEU A 843 -23.96 66.18 12.71
CA LEU A 843 -23.54 67.16 11.72
C LEU A 843 -22.51 66.46 10.86
N PHE A 844 -22.98 65.87 9.77
CA PHE A 844 -22.11 65.03 8.98
C PHE A 844 -22.20 65.33 7.50
N THR A 845 -23.39 65.45 6.90
CA THR A 845 -23.53 65.76 5.48
C THR A 845 -23.92 67.19 5.11
N LYS A 846 -25.10 67.42 4.53
CA LYS A 846 -25.41 68.57 3.67
C LYS A 846 -24.19 69.23 3.02
N VAL A 847 -23.83 70.48 3.35
CA VAL A 847 -22.54 71.03 2.96
C VAL A 847 -21.52 70.58 4.00
N LYS A 848 -21.13 69.33 3.83
CA LYS A 848 -19.89 68.78 4.36
C LYS A 848 -19.24 67.78 3.41
N PRO A 849 -19.85 67.12 2.41
CA PRO A 849 -19.13 66.53 1.28
C PRO A 849 -18.56 67.50 0.24
N LEU A 850 -18.88 68.80 0.38
CA LEU A 850 -18.23 69.86 -0.36
C LEU A 850 -16.79 70.06 0.09
N LEU A 851 -16.41 69.71 1.33
CA LEU A 851 -15.00 69.59 1.70
C LEU A 851 -14.56 68.26 1.12
N GLN A 852 -13.56 68.42 0.25
CA GLN A 852 -13.12 67.39 -0.67
C GLN A 852 -12.28 66.27 -0.08
N SER A 853 -11.16 65.74 -0.58
CA SER A 853 -10.49 64.60 0.04
C SER A 853 -11.37 63.36 0.16
N ALA A 854 -11.91 63.08 -1.05
CA ALA A 854 -12.61 61.85 -1.37
C ALA A 854 -12.87 61.56 -2.85
N GLU A 855 -12.41 62.34 -3.83
CA GLU A 855 -12.87 62.24 -5.22
C GLU A 855 -12.23 61.06 -5.96
N ARG A 856 -10.95 61.23 -6.29
CA ARG A 856 -10.16 60.18 -6.87
C ARG A 856 -10.13 58.88 -6.07
N GLU A 857 -10.39 58.92 -4.74
CA GLU A 857 -10.58 57.71 -3.92
C GLU A 857 -11.79 56.90 -4.35
N LYS A 858 -12.91 57.57 -4.66
CA LYS A 858 -14.10 56.87 -5.11
C LYS A 858 -13.79 56.02 -6.34
N GLU A 859 -13.06 56.62 -7.29
CA GLU A 859 -12.57 55.90 -8.46
C GLU A 859 -11.53 54.90 -7.94
N MET A 860 -10.38 55.29 -7.38
CA MET A 860 -9.37 54.41 -6.77
C MET A 860 -9.74 53.56 -5.55
N ALA A 861 -11.02 53.38 -5.27
CA ALA A 861 -11.51 52.25 -4.50
C ALA A 861 -11.88 51.21 -5.54
N SER A 862 -12.74 51.55 -6.51
CA SER A 862 -13.20 50.58 -7.49
C SER A 862 -12.09 50.11 -8.44
N MET A 863 -11.20 51.04 -8.71
CA MET A 863 -10.05 50.78 -9.54
C MET A 863 -9.04 49.98 -8.71
N LYS A 864 -8.92 50.26 -7.40
CA LYS A 864 -8.07 49.52 -6.47
C LYS A 864 -8.42 48.04 -6.47
N GLU A 865 -9.71 47.71 -6.39
CA GLU A 865 -10.12 46.31 -6.51
C GLU A 865 -9.75 45.64 -7.82
N GLU A 866 -10.02 46.31 -8.94
CA GLU A 866 -9.46 45.98 -10.25
C GLU A 866 -7.94 45.99 -10.27
N PHE A 867 -7.26 46.79 -9.44
CA PHE A 867 -5.80 46.86 -9.47
C PHE A 867 -5.11 45.60 -9.01
N THR A 868 -5.63 45.02 -7.92
CA THR A 868 -5.20 43.70 -7.50
C THR A 868 -5.78 42.64 -8.41
N ARG A 869 -7.05 42.74 -8.83
CA ARG A 869 -7.64 41.81 -9.81
C ARG A 869 -6.86 41.77 -11.12
N LEU A 870 -6.13 42.84 -11.45
CA LEU A 870 -5.22 42.84 -12.58
C LEU A 870 -3.83 42.33 -12.24
N LYS A 871 -3.15 42.89 -11.22
CA LYS A 871 -1.88 42.36 -10.73
C LYS A 871 -1.86 40.85 -10.48
N GLU A 872 -2.68 40.36 -9.55
CA GLU A 872 -2.66 38.96 -9.14
C GLU A 872 -2.79 37.96 -10.28
N ALA A 873 -3.77 38.17 -11.16
CA ALA A 873 -4.08 37.24 -12.24
C ALA A 873 -2.98 37.12 -13.31
N LEU A 874 -2.35 38.28 -13.55
CA LEU A 874 -1.13 38.36 -14.33
C LEU A 874 0.01 37.54 -13.71
N GLU A 875 0.52 37.90 -12.53
CA GLU A 875 1.65 37.26 -11.86
C GLU A 875 1.49 35.74 -11.81
N LYS A 876 0.31 35.31 -11.32
CA LYS A 876 -0.03 33.90 -11.24
C LYS A 876 -0.06 33.14 -12.57
N SER A 877 -0.09 33.80 -13.74
CA SER A 877 -0.20 33.10 -15.02
C SER A 877 1.11 32.51 -15.59
N GLU A 878 2.31 32.93 -15.18
CA GLU A 878 3.60 32.40 -15.65
C GLU A 878 3.92 30.94 -15.31
N ALA A 879 3.65 30.64 -14.03
CA ALA A 879 4.18 29.45 -13.36
C ALA A 879 3.62 28.10 -13.80
N ARG A 880 2.36 28.12 -14.26
CA ARG A 880 1.76 26.93 -14.85
C ARG A 880 2.40 26.65 -16.21
N ARG A 881 2.66 27.73 -16.94
CA ARG A 881 3.04 27.66 -18.35
C ARG A 881 4.39 26.96 -18.44
N LYS A 882 5.35 27.56 -17.73
CA LYS A 882 6.73 27.10 -17.79
C LYS A 882 6.88 25.62 -17.44
N GLU A 883 6.06 25.18 -16.49
CA GLU A 883 5.96 23.79 -16.09
C GLU A 883 5.30 22.79 -17.04
N LEU A 884 4.19 23.16 -17.70
CA LEU A 884 3.52 22.27 -18.65
C LEU A 884 4.48 21.73 -19.70
N GLU A 885 5.25 22.70 -20.20
CA GLU A 885 6.39 22.48 -21.08
C GLU A 885 7.29 21.32 -20.68
N GLU A 886 7.71 21.26 -19.41
CA GLU A 886 8.74 20.31 -19.00
C GLU A 886 8.16 18.92 -18.79
N LYS A 887 6.99 18.89 -18.15
CA LYS A 887 6.31 17.63 -17.85
C LYS A 887 5.99 16.80 -19.10
N MET A 888 5.64 17.51 -20.19
CA MET A 888 5.58 16.93 -21.53
C MET A 888 6.85 16.20 -21.95
N VAL A 889 8.05 16.70 -21.62
CA VAL A 889 9.28 15.95 -21.92
C VAL A 889 9.34 14.68 -21.07
N SER A 890 8.85 14.73 -19.83
CA SER A 890 8.74 13.51 -19.04
C SER A 890 7.75 12.49 -19.61
N LEU A 891 6.62 12.95 -20.16
CA LEU A 891 5.69 12.11 -20.92
C LEU A 891 6.30 11.62 -22.22
N LEU A 892 7.26 12.34 -22.79
CA LEU A 892 8.09 11.81 -23.87
C LEU A 892 9.00 10.67 -23.41
N GLN A 893 9.50 10.64 -22.17
CA GLN A 893 10.36 9.55 -21.71
C GLN A 893 9.58 8.25 -21.66
N GLU A 894 8.40 8.34 -21.04
CA GLU A 894 7.43 7.26 -21.02
C GLU A 894 6.92 6.87 -22.39
N LYS A 895 6.73 7.86 -23.27
CA LYS A 895 6.26 7.63 -24.63
C LYS A 895 7.10 6.65 -25.45
N ASN A 896 8.42 6.78 -25.39
CA ASN A 896 9.29 5.86 -26.12
C ASN A 896 9.17 4.47 -25.53
N ASP A 897 9.28 4.39 -24.20
CA ASP A 897 9.23 3.14 -23.46
C ASP A 897 7.94 2.35 -23.66
N LEU A 898 6.82 3.05 -23.76
CA LEU A 898 5.57 2.41 -24.15
C LEU A 898 5.61 1.78 -25.53
N GLN A 899 6.19 2.46 -26.53
CA GLN A 899 6.38 1.83 -27.84
C GLN A 899 7.40 0.71 -27.80
N LEU A 900 8.39 0.82 -26.91
CA LEU A 900 9.34 -0.26 -26.68
C LEU A 900 8.61 -1.47 -26.13
N GLN A 901 7.63 -1.27 -25.24
CA GLN A 901 6.83 -2.39 -24.74
C GLN A 901 5.86 -2.89 -25.81
N VAL A 902 5.22 -1.99 -26.56
CA VAL A 902 4.45 -2.36 -27.76
C VAL A 902 5.24 -3.26 -28.72
N GLN A 903 6.49 -2.88 -29.00
CA GLN A 903 7.40 -3.68 -29.80
C GLN A 903 7.57 -5.05 -29.19
N ALA A 904 7.83 -5.08 -27.88
CA ALA A 904 8.02 -6.32 -27.16
C ALA A 904 6.78 -7.19 -27.08
N GLU A 905 5.60 -6.63 -26.83
CA GLU A 905 4.40 -7.43 -26.61
C GLU A 905 3.91 -8.05 -27.91
N GLN A 906 4.02 -7.28 -29.01
CA GLN A 906 3.93 -7.80 -30.36
C GLN A 906 4.98 -8.86 -30.72
N ASP A 907 6.21 -8.78 -30.17
CA ASP A 907 7.13 -9.91 -30.27
C ASP A 907 6.54 -11.08 -29.52
N ASN A 908 6.29 -10.96 -28.20
CA ASN A 908 5.82 -12.05 -27.35
C ASN A 908 4.61 -12.76 -27.93
N LEU A 909 3.61 -12.00 -28.36
CA LEU A 909 2.43 -12.46 -29.08
C LEU A 909 2.86 -13.35 -30.23
N ALA A 910 3.61 -12.81 -31.19
CA ALA A 910 4.16 -13.57 -32.32
C ALA A 910 4.92 -14.83 -31.90
N ASP A 911 5.88 -14.75 -30.94
CA ASP A 911 6.42 -15.92 -30.26
C ASP A 911 5.37 -16.97 -29.92
N ALA A 912 4.29 -16.50 -29.27
CA ALA A 912 3.20 -17.37 -28.88
C ALA A 912 2.40 -17.86 -30.08
N GLU A 913 2.04 -17.02 -31.05
CA GLU A 913 1.38 -17.43 -32.28
C GLU A 913 2.19 -18.48 -33.01
N GLU A 914 3.44 -18.25 -33.38
CA GLU A 914 4.29 -19.28 -33.99
C GLU A 914 4.36 -20.62 -33.25
N ARG A 915 4.32 -20.56 -31.92
CA ARG A 915 4.29 -21.75 -31.07
C ARG A 915 2.92 -22.43 -31.13
N CYS A 916 1.86 -21.62 -31.14
CA CYS A 916 0.51 -22.12 -31.34
C CYS A 916 0.27 -22.62 -32.75
N ASP A 917 0.53 -21.86 -33.81
CA ASP A 917 0.62 -22.33 -35.18
C ASP A 917 1.32 -23.66 -35.41
N GLN A 918 2.45 -23.84 -34.71
CA GLN A 918 3.13 -25.12 -34.63
C GLN A 918 2.30 -26.22 -33.95
N LEU A 919 1.78 -26.00 -32.75
CA LEU A 919 0.97 -26.97 -32.03
C LEU A 919 -0.36 -27.36 -32.67
N ILE A 920 -1.07 -26.40 -33.28
CA ILE A 920 -2.20 -26.67 -34.18
C ILE A 920 -1.79 -27.61 -35.32
N LYS A 921 -0.72 -27.30 -36.05
CA LYS A 921 -0.35 -28.14 -37.20
C LYS A 921 0.21 -29.50 -36.79
N ASN A 922 0.90 -29.53 -35.66
CA ASN A 922 1.38 -30.76 -35.05
C ASN A 922 0.25 -31.61 -34.49
N LYS A 923 -0.83 -31.00 -33.98
CA LYS A 923 -2.04 -31.70 -33.57
C LYS A 923 -2.58 -32.49 -34.75
N ILE A 924 -2.71 -31.79 -35.88
CA ILE A 924 -3.19 -32.39 -37.13
C ILE A 924 -2.37 -33.63 -37.49
N GLN A 925 -1.06 -33.46 -37.67
CA GLN A 925 -0.16 -34.58 -37.95
C GLN A 925 -0.24 -35.67 -36.88
N LEU A 926 -0.30 -35.28 -35.61
CA LEU A 926 -0.38 -36.27 -34.55
C LEU A 926 -1.67 -37.06 -34.56
N GLU A 927 -2.79 -36.49 -35.02
CA GLU A 927 -4.02 -37.22 -35.20
C GLU A 927 -3.92 -38.16 -36.39
N ALA A 928 -3.16 -37.82 -37.44
CA ALA A 928 -2.98 -38.76 -38.54
C ALA A 928 -2.19 -40.00 -38.12
N LYS A 929 -1.20 -39.72 -37.27
CA LYS A 929 -0.37 -40.74 -36.66
C LYS A 929 -1.22 -41.59 -35.72
N VAL A 930 -2.09 -40.92 -34.98
CA VAL A 930 -3.12 -41.58 -34.20
C VAL A 930 -3.98 -42.48 -35.08
N LYS A 931 -4.41 -41.98 -36.25
CA LYS A 931 -5.35 -42.71 -37.08
C LYS A 931 -4.80 -43.99 -37.68
N GLU A 932 -3.73 -43.99 -38.48
CA GLU A 932 -3.28 -45.22 -39.11
C GLU A 932 -2.86 -46.31 -38.13
N MET A 933 -2.54 -45.92 -36.89
CA MET A 933 -2.28 -46.92 -35.86
C MET A 933 -3.55 -47.56 -35.33
N ASN A 934 -4.61 -46.76 -35.10
CA ASN A 934 -5.91 -47.30 -34.70
C ASN A 934 -6.37 -48.29 -35.77
N GLU A 935 -6.32 -47.80 -37.02
CA GLU A 935 -6.65 -48.59 -38.19
C GLU A 935 -5.85 -49.88 -38.29
N ARG A 936 -4.52 -49.81 -38.31
CA ARG A 936 -3.73 -51.02 -38.38
C ARG A 936 -3.98 -51.97 -37.22
N LEU A 937 -4.25 -51.44 -36.02
CA LEU A 937 -4.67 -52.28 -34.90
C LEU A 937 -5.88 -53.13 -35.26
N GLU A 938 -6.93 -52.50 -35.83
CA GLU A 938 -8.06 -53.26 -36.34
C GLU A 938 -7.71 -54.38 -37.33
N ASP A 939 -6.76 -54.22 -38.26
CA ASP A 939 -6.35 -55.32 -39.13
C ASP A 939 -5.75 -56.46 -38.33
N GLU A 940 -4.80 -56.07 -37.48
CA GLU A 940 -4.04 -56.99 -36.66
C GLU A 940 -4.87 -57.80 -35.68
N GLU A 941 -5.67 -57.09 -34.89
CA GLU A 941 -6.61 -57.64 -33.92
C GLU A 941 -7.60 -58.62 -34.55
N GLU A 942 -8.00 -58.41 -35.81
CA GLU A 942 -8.84 -59.37 -36.48
C GLU A 942 -8.07 -60.58 -36.98
N MET A 943 -6.84 -60.45 -37.45
CA MET A 943 -5.99 -61.61 -37.72
C MET A 943 -5.84 -62.50 -36.49
N ASN A 944 -5.58 -61.83 -35.37
CA ASN A 944 -5.49 -62.46 -34.06
C ASN A 944 -6.82 -63.03 -33.58
N ALA A 945 -7.93 -62.34 -33.82
CA ALA A 945 -9.24 -62.91 -33.53
C ALA A 945 -9.46 -64.22 -34.29
N GLU A 946 -9.11 -64.23 -35.59
CA GLU A 946 -9.18 -65.44 -36.38
C GLU A 946 -8.36 -66.60 -35.84
N LEU A 947 -7.11 -66.33 -35.45
CA LEU A 947 -6.20 -67.36 -34.98
C LEU A 947 -6.68 -68.07 -33.73
N THR A 948 -7.34 -67.34 -32.83
CA THR A 948 -7.97 -67.98 -31.69
C THR A 948 -9.26 -68.73 -32.04
N ALA A 949 -10.07 -68.31 -33.01
CA ALA A 949 -11.24 -69.08 -33.43
C ALA A 949 -10.88 -70.38 -34.18
N LYS A 950 -9.86 -70.22 -35.03
CA LYS A 950 -9.19 -71.35 -35.67
C LYS A 950 -8.57 -72.25 -34.61
N LYS A 951 -7.98 -71.68 -33.56
CA LYS A 951 -7.44 -72.48 -32.46
C LYS A 951 -8.51 -73.29 -31.74
N ARG A 952 -9.68 -72.70 -31.46
CA ARG A 952 -10.78 -73.38 -30.78
C ARG A 952 -11.20 -74.68 -31.43
N LYS A 953 -11.55 -74.57 -32.71
CA LYS A 953 -12.06 -75.71 -33.47
C LYS A 953 -11.00 -76.82 -33.54
N LEU A 954 -9.73 -76.45 -33.59
CA LEU A 954 -8.66 -77.43 -33.59
C LEU A 954 -8.42 -78.12 -32.25
N GLU A 955 -8.63 -77.39 -31.14
CA GLU A 955 -8.64 -78.01 -29.81
C GLU A 955 -9.76 -79.04 -29.76
N ASP A 956 -10.96 -78.61 -30.14
CA ASP A 956 -12.13 -79.48 -30.24
C ASP A 956 -11.96 -80.70 -31.14
N GLU A 957 -11.33 -80.50 -32.30
CA GLU A 957 -11.11 -81.60 -33.22
C GLU A 957 -10.12 -82.61 -32.64
N CYS A 958 -9.01 -82.11 -32.08
CA CYS A 958 -8.06 -82.94 -31.34
C CYS A 958 -8.71 -83.80 -30.28
N SER A 959 -9.65 -83.18 -29.55
CA SER A 959 -10.47 -83.82 -28.52
C SER A 959 -11.10 -85.09 -29.04
N GLU A 960 -11.87 -84.96 -30.13
CA GLU A 960 -12.64 -86.10 -30.60
C GLU A 960 -11.72 -87.14 -31.22
N LEU A 961 -10.66 -86.72 -31.93
CA LEU A 961 -9.68 -87.66 -32.48
C LEU A 961 -8.95 -88.51 -31.44
N LYS A 962 -8.47 -87.83 -30.38
CA LYS A 962 -8.00 -88.48 -29.17
C LYS A 962 -9.04 -89.41 -28.56
N ARG A 963 -10.34 -89.09 -28.62
CA ARG A 963 -11.35 -90.03 -28.15
C ARG A 963 -11.37 -91.30 -28.97
N ASP A 964 -11.50 -91.14 -30.30
CA ASP A 964 -11.63 -92.27 -31.22
C ASP A 964 -10.57 -93.35 -30.98
N ILE A 965 -9.34 -92.88 -30.72
CA ILE A 965 -8.24 -93.74 -30.28
C ILE A 965 -8.53 -94.40 -28.93
N ASP A 966 -8.62 -93.65 -27.84
CA ASP A 966 -8.71 -94.20 -26.49
C ASP A 966 -9.92 -95.08 -26.23
N ASP A 967 -11.01 -94.88 -26.98
CA ASP A 967 -12.10 -95.86 -27.00
C ASP A 967 -11.59 -97.14 -27.65
N LEU A 968 -11.06 -96.99 -28.88
CA LEU A 968 -10.68 -98.13 -29.71
C LEU A 968 -9.58 -98.98 -29.09
N GLU A 969 -8.57 -98.37 -28.46
CA GLU A 969 -7.54 -99.14 -27.78
C GLU A 969 -8.04 -99.97 -26.60
N LEU A 970 -9.23 -99.73 -26.06
CA LEU A 970 -9.79 -100.55 -24.99
C LEU A 970 -10.33 -101.91 -25.46
N THR A 971 -9.65 -102.55 -26.41
CA THR A 971 -9.89 -103.94 -26.79
C THR A 971 -8.54 -104.58 -27.17
N LEU A 972 -7.44 -103.83 -27.11
CA LEU A 972 -6.14 -104.30 -27.60
C LEU A 972 -5.19 -104.68 -26.46
N ALA B 2 56.05 12.03 -21.00
CA ALA B 2 54.84 12.20 -21.76
C ALA B 2 53.83 13.13 -21.10
N GLN B 3 53.40 12.96 -19.84
CA GLN B 3 52.28 13.74 -19.30
C GLN B 3 52.67 14.25 -17.93
N LYS B 4 51.77 15.04 -17.32
CA LYS B 4 51.81 15.33 -15.90
C LYS B 4 51.95 14.02 -15.12
N PRO B 5 53.02 13.84 -14.32
CA PRO B 5 53.18 12.71 -13.40
C PRO B 5 52.15 12.77 -12.28
N LEU B 6 52.00 11.69 -11.50
CA LEU B 6 50.78 11.46 -10.75
C LEU B 6 50.90 11.52 -9.23
N SER B 7 49.76 11.70 -8.56
CA SER B 7 49.65 11.66 -7.10
C SER B 7 49.45 10.23 -6.63
N ASP B 8 49.21 9.97 -5.34
CA ASP B 8 48.78 8.66 -4.85
C ASP B 8 47.46 8.18 -5.42
N ASP B 9 46.48 9.09 -5.52
CA ASP B 9 45.21 8.81 -6.16
C ASP B 9 45.31 8.73 -7.69
N GLU B 10 45.84 9.74 -8.39
CA GLU B 10 46.12 9.71 -9.82
C GLU B 10 46.92 8.49 -10.24
N LYS B 11 47.95 8.10 -9.48
CA LYS B 11 48.73 6.90 -9.74
C LYS B 11 47.93 5.63 -9.94
N PHE B 12 46.77 5.57 -9.29
CA PHE B 12 45.83 4.50 -9.50
C PHE B 12 44.82 4.83 -10.59
N LEU B 13 44.62 6.08 -10.97
CA LEU B 13 43.78 6.49 -12.10
C LEU B 13 44.43 6.11 -13.42
N PHE B 14 45.54 6.78 -13.76
CA PHE B 14 46.26 6.64 -15.03
C PHE B 14 47.48 5.78 -14.71
N VAL B 15 47.98 5.01 -15.68
CA VAL B 15 49.35 4.54 -15.54
C VAL B 15 50.34 5.68 -15.55
N ASP B 16 51.35 5.49 -14.70
CA ASP B 16 52.63 6.18 -14.80
C ASP B 16 53.24 6.33 -16.21
N LYS B 17 52.64 7.23 -16.97
CA LYS B 17 52.92 7.39 -18.40
C LYS B 17 54.36 7.76 -18.73
N ASN B 18 55.07 8.40 -17.78
CA ASN B 18 56.44 8.83 -18.03
C ASN B 18 57.48 7.71 -18.00
N PHE B 19 57.53 7.05 -19.15
CA PHE B 19 58.50 5.98 -19.41
C PHE B 19 59.84 6.61 -19.78
N VAL B 20 60.94 5.84 -19.89
CA VAL B 20 62.29 6.39 -19.99
C VAL B 20 63.12 5.63 -21.05
N ASN B 21 64.37 6.01 -21.35
CA ASN B 21 65.15 5.44 -22.44
C ASN B 21 66.62 5.22 -22.07
N ASN B 22 67.28 4.13 -22.49
CA ASN B 22 68.67 3.90 -22.07
C ASN B 22 69.54 3.24 -23.14
N PRO B 23 70.80 3.68 -23.29
CA PRO B 23 71.76 3.15 -24.25
C PRO B 23 72.00 1.65 -24.18
N LEU B 24 72.05 1.04 -22.99
CA LEU B 24 72.41 -0.37 -22.83
C LEU B 24 71.44 -1.29 -23.55
N ALA B 25 70.13 -1.14 -23.35
CA ALA B 25 69.13 -1.93 -24.07
C ALA B 25 69.09 -1.67 -25.57
N GLN B 26 69.59 -0.50 -25.95
CA GLN B 26 69.69 -0.07 -27.33
C GLN B 26 71.05 -0.46 -27.94
N ALA B 27 72.04 -0.80 -27.12
CA ALA B 27 73.31 -1.31 -27.61
C ALA B 27 73.22 -2.82 -27.82
N ASP B 28 72.57 -3.45 -26.83
CA ASP B 28 72.25 -4.86 -26.78
C ASP B 28 71.43 -5.32 -27.99
N TRP B 29 70.76 -4.40 -28.71
CA TRP B 29 70.02 -4.72 -29.93
C TRP B 29 70.79 -5.59 -30.93
N SER B 30 72.12 -5.45 -30.91
CA SER B 30 73.04 -6.23 -31.74
C SER B 30 72.77 -7.73 -31.67
N ALA B 31 72.28 -8.21 -30.52
CA ALA B 31 71.79 -9.58 -30.36
C ALA B 31 70.35 -9.69 -30.86
N LYS B 32 70.20 -9.49 -32.17
CA LYS B 32 68.92 -9.54 -32.89
C LYS B 32 68.25 -10.92 -32.86
N LYS B 33 69.05 -11.91 -32.47
CA LYS B 33 68.54 -13.26 -32.26
C LYS B 33 67.87 -13.47 -30.92
N LEU B 34 67.71 -12.38 -30.15
CA LEU B 34 66.89 -12.40 -28.97
C LEU B 34 65.45 -12.68 -29.33
N VAL B 35 64.91 -13.72 -28.71
CA VAL B 35 63.55 -14.18 -28.90
C VAL B 35 63.02 -14.52 -27.53
N TRP B 36 61.70 -14.44 -27.35
CA TRP B 36 61.07 -14.93 -26.14
C TRP B 36 60.83 -16.45 -26.20
N VAL B 37 61.03 -17.09 -25.06
CA VAL B 37 60.97 -18.54 -24.92
C VAL B 37 60.09 -19.03 -23.77
N PRO B 38 59.28 -20.09 -24.02
CA PRO B 38 58.34 -20.68 -23.07
C PRO B 38 58.85 -20.99 -21.66
N SER B 39 58.04 -20.67 -20.66
CA SER B 39 58.43 -20.87 -19.27
C SER B 39 57.21 -21.07 -18.39
N GLU B 40 57.27 -21.99 -17.42
CA GLU B 40 56.24 -22.10 -16.40
C GLU B 40 56.31 -20.94 -15.44
N LYS B 41 57.53 -20.57 -15.06
CA LYS B 41 57.77 -19.67 -13.93
C LYS B 41 57.63 -18.22 -14.33
N HIS B 42 58.02 -17.86 -15.55
CA HIS B 42 57.95 -16.47 -15.99
C HIS B 42 56.84 -16.23 -17.00
N GLY B 43 56.11 -17.27 -17.39
CA GLY B 43 55.37 -17.24 -18.63
C GLY B 43 56.36 -17.34 -19.78
N PHE B 44 57.17 -16.29 -19.98
CA PHE B 44 58.20 -16.28 -21.01
C PHE B 44 59.40 -15.48 -20.53
N GLU B 45 60.58 -15.85 -21.06
CA GLU B 45 61.82 -15.12 -20.81
C GLU B 45 62.56 -14.88 -22.12
N ALA B 46 63.60 -14.05 -22.15
CA ALA B 46 64.38 -13.80 -23.35
C ALA B 46 65.58 -14.72 -23.47
N ALA B 47 65.65 -15.42 -24.60
CA ALA B 47 66.81 -16.21 -24.97
C ALA B 47 67.34 -15.81 -26.35
N SER B 48 68.34 -16.46 -26.95
CA SER B 48 68.83 -16.10 -28.28
C SER B 48 69.04 -17.32 -29.19
N ILE B 49 68.69 -17.13 -30.46
CA ILE B 49 68.89 -18.12 -31.53
C ILE B 49 70.38 -18.37 -31.73
N LYS B 50 70.89 -19.58 -31.50
CA LYS B 50 72.29 -19.86 -31.78
C LYS B 50 72.57 -20.62 -33.06
N GLU B 51 71.69 -21.53 -33.49
CA GLU B 51 71.90 -22.33 -34.68
C GLU B 51 70.58 -22.81 -35.27
N GLU B 52 70.28 -22.13 -36.38
CA GLU B 52 68.98 -22.18 -37.02
C GLU B 52 68.67 -23.43 -37.84
N LYS B 53 68.01 -24.45 -37.27
CA LYS B 53 67.66 -25.65 -38.03
C LYS B 53 66.34 -25.47 -38.78
N GLY B 54 65.94 -24.22 -39.05
CA GLY B 54 64.72 -23.91 -39.77
C GLY B 54 63.51 -23.99 -38.84
N ASP B 55 63.15 -25.23 -38.55
CA ASP B 55 62.02 -25.46 -37.70
C ASP B 55 62.48 -25.66 -36.27
N GLU B 56 63.62 -26.31 -35.98
CA GLU B 56 64.33 -26.04 -34.74
C GLU B 56 65.30 -24.88 -34.89
N VAL B 57 65.76 -24.37 -33.75
CA VAL B 57 66.95 -23.56 -33.63
C VAL B 57 67.62 -24.01 -32.34
N THR B 58 68.93 -24.25 -32.23
CA THR B 58 69.56 -24.35 -30.92
C THR B 58 69.47 -22.91 -30.44
N VAL B 59 68.51 -22.67 -29.54
CA VAL B 59 68.34 -21.40 -28.87
C VAL B 59 69.13 -21.53 -27.56
N GLU B 60 69.58 -20.45 -26.94
CA GLU B 60 70.29 -20.54 -25.68
C GLU B 60 69.76 -19.41 -24.83
N LEU B 61 69.45 -19.67 -23.56
CA LEU B 61 68.93 -18.65 -22.67
C LEU B 61 70.02 -17.63 -22.38
N GLN B 62 69.68 -16.34 -22.27
CA GLN B 62 70.67 -15.39 -21.82
C GLN B 62 70.48 -15.13 -20.33
N GLU B 63 69.68 -15.98 -19.67
CA GLU B 63 69.62 -16.07 -18.23
C GLU B 63 70.51 -17.25 -17.83
N ASN B 64 70.00 -18.47 -17.65
CA ASN B 64 70.77 -19.63 -17.22
C ASN B 64 71.85 -20.08 -18.21
N GLY B 65 71.93 -19.49 -19.41
CA GLY B 65 72.85 -19.94 -20.43
C GLY B 65 72.41 -21.29 -20.96
N LYS B 66 71.15 -21.68 -20.79
CA LYS B 66 70.75 -23.00 -21.17
C LYS B 66 70.41 -23.00 -22.64
N LYS B 67 71.33 -23.66 -23.35
CA LYS B 67 71.07 -24.18 -24.68
C LYS B 67 69.87 -25.10 -24.68
N VAL B 68 68.79 -24.65 -25.29
CA VAL B 68 67.62 -25.47 -25.48
C VAL B 68 67.33 -25.37 -26.96
N THR B 69 67.55 -26.47 -27.69
CA THR B 69 67.12 -26.57 -29.08
C THR B 69 65.61 -26.48 -29.05
N LEU B 70 65.11 -25.40 -29.65
CA LEU B 70 63.70 -25.04 -29.66
C LEU B 70 63.25 -24.54 -31.02
N SER B 71 61.99 -24.86 -31.26
CA SER B 71 61.34 -24.63 -32.53
C SER B 71 60.93 -23.20 -32.82
N LYS B 72 60.92 -22.86 -34.12
CA LYS B 72 60.69 -21.51 -34.61
C LYS B 72 59.31 -21.00 -34.19
N ASP B 73 58.36 -21.92 -34.26
CA ASP B 73 57.00 -21.74 -33.80
C ASP B 73 56.84 -21.56 -32.28
N ASP B 74 57.80 -22.07 -31.48
CA ASP B 74 57.83 -21.77 -30.05
C ASP B 74 58.37 -20.37 -29.81
N ILE B 75 59.43 -20.06 -30.57
CA ILE B 75 60.23 -18.89 -30.26
C ILE B 75 59.56 -17.62 -30.74
N GLN B 76 59.23 -16.86 -29.72
CA GLN B 76 58.36 -15.71 -29.84
C GLN B 76 59.11 -14.39 -29.83
N LYS B 77 59.75 -14.06 -30.95
CA LYS B 77 60.33 -12.75 -31.25
C LYS B 77 60.12 -11.54 -30.32
N MET B 78 61.24 -11.08 -29.75
CA MET B 78 61.24 -10.27 -28.53
C MET B 78 60.62 -8.88 -28.61
N ASN B 79 60.14 -8.31 -27.49
CA ASN B 79 59.62 -6.96 -27.50
C ASN B 79 60.39 -6.08 -26.51
N PRO B 80 61.18 -5.11 -26.99
CA PRO B 80 61.95 -4.19 -26.15
C PRO B 80 61.12 -3.31 -25.22
N PRO B 81 61.61 -2.91 -24.03
CA PRO B 81 60.87 -2.13 -23.02
C PRO B 81 60.15 -0.86 -23.46
N LYS B 82 60.46 -0.39 -24.68
CA LYS B 82 59.90 0.82 -25.29
C LYS B 82 58.38 1.00 -25.19
N PHE B 83 57.61 -0.05 -24.94
CA PHE B 83 56.15 0.02 -24.94
C PHE B 83 55.60 -0.31 -23.56
N SER B 84 56.49 -0.25 -22.54
CA SER B 84 56.20 -0.76 -21.20
C SER B 84 54.93 -0.25 -20.54
N LYS B 85 54.01 -1.20 -20.33
CA LYS B 85 52.92 -1.11 -19.37
C LYS B 85 52.13 0.19 -19.55
N VAL B 86 51.66 0.29 -20.78
CA VAL B 86 51.16 1.56 -21.29
C VAL B 86 49.68 1.80 -20.98
N GLU B 87 49.14 2.92 -21.45
CA GLU B 87 47.77 3.32 -21.15
C GLU B 87 46.70 2.52 -21.83
N ASP B 88 47.01 2.14 -23.06
CA ASP B 88 46.12 1.26 -23.75
C ASP B 88 46.84 -0.07 -23.92
N MET B 89 46.06 -1.11 -24.19
CA MET B 89 46.58 -2.40 -24.60
C MET B 89 46.97 -2.48 -26.08
N ALA B 90 46.93 -1.33 -26.75
CA ALA B 90 47.40 -1.12 -28.12
C ALA B 90 48.89 -1.11 -28.44
N GLU B 91 49.66 -0.15 -27.89
CA GLU B 91 50.96 0.26 -28.41
C GLU B 91 52.13 -0.72 -28.41
N LEU B 92 51.91 -1.99 -28.05
CA LEU B 92 52.97 -3.00 -28.01
C LEU B 92 53.22 -3.50 -29.43
N THR B 93 54.41 -3.29 -30.03
CA THR B 93 54.60 -3.67 -31.43
C THR B 93 54.36 -5.14 -31.71
N CYS B 94 55.05 -6.02 -30.99
CA CYS B 94 54.73 -7.42 -31.07
C CYS B 94 53.49 -7.74 -30.26
N LEU B 95 52.39 -7.75 -31.01
CA LEU B 95 51.15 -8.33 -30.50
C LEU B 95 51.33 -9.84 -30.54
N ASN B 96 51.67 -10.37 -29.35
CA ASN B 96 52.22 -11.71 -29.20
C ASN B 96 51.82 -12.30 -27.84
N GLU B 97 52.01 -13.61 -27.54
CA GLU B 97 51.53 -14.17 -26.27
C GLU B 97 52.34 -13.67 -25.08
N ALA B 98 53.66 -13.75 -25.19
CA ALA B 98 54.61 -13.20 -24.23
C ALA B 98 54.39 -11.79 -23.67
N SER B 99 53.73 -10.96 -24.50
CA SER B 99 53.57 -9.53 -24.36
C SER B 99 52.14 -9.03 -24.09
N VAL B 100 51.08 -9.56 -24.72
CA VAL B 100 49.70 -9.26 -24.29
C VAL B 100 49.52 -9.55 -22.80
N LEU B 101 49.89 -10.80 -22.45
CA LEU B 101 50.01 -11.27 -21.07
C LEU B 101 50.75 -10.25 -20.22
N HIS B 102 51.99 -9.95 -20.66
CA HIS B 102 52.86 -8.96 -20.03
C HIS B 102 52.14 -7.66 -19.75
N ASN B 103 51.38 -7.06 -20.68
CA ASN B 103 50.66 -5.84 -20.32
C ASN B 103 49.44 -5.93 -19.40
N LEU B 104 48.81 -7.07 -19.08
CA LEU B 104 47.72 -7.03 -18.11
C LEU B 104 47.98 -7.60 -16.72
N ARG B 105 48.85 -8.63 -16.74
CA ARG B 105 49.45 -9.32 -15.59
C ARG B 105 49.98 -8.34 -14.54
N GLU B 106 50.73 -7.42 -15.12
CA GLU B 106 51.46 -6.39 -14.39
C GLU B 106 50.61 -5.14 -14.17
N ARG B 107 49.39 -5.07 -14.71
CA ARG B 107 48.66 -3.82 -14.70
C ARG B 107 47.72 -3.67 -13.51
N TYR B 108 46.89 -4.68 -13.24
CA TYR B 108 46.30 -4.88 -11.92
C TYR B 108 47.33 -4.70 -10.81
N PHE B 109 48.41 -5.49 -10.88
CA PHE B 109 49.48 -5.42 -9.88
C PHE B 109 50.13 -4.06 -9.73
N SER B 110 50.16 -3.26 -10.81
CA SER B 110 50.55 -1.87 -10.67
C SER B 110 49.49 -0.93 -10.09
N GLY B 111 48.39 -1.49 -9.56
CA GLY B 111 47.32 -0.75 -8.90
C GLY B 111 46.18 -0.42 -9.86
N LEU B 112 46.47 -0.60 -11.15
CA LEU B 112 45.77 0.05 -12.22
C LEU B 112 44.84 -0.93 -12.90
N ILE B 113 43.71 -1.05 -12.21
CA ILE B 113 42.88 -2.21 -12.42
C ILE B 113 42.20 -2.07 -13.77
N TYR B 114 41.53 -0.93 -14.03
CA TYR B 114 40.65 -0.79 -15.18
C TYR B 114 41.56 -0.49 -16.33
N THR B 115 41.62 -1.26 -17.39
CA THR B 115 42.64 -1.10 -18.39
C THR B 115 42.01 -0.89 -19.75
N TYR B 116 42.28 0.33 -20.20
CA TYR B 116 41.93 0.73 -21.53
C TYR B 116 42.56 -0.17 -22.55
N SER B 117 41.62 -0.80 -23.19
CA SER B 117 41.93 -1.68 -24.28
C SER B 117 41.17 -1.05 -25.46
N GLY B 118 41.16 0.27 -25.46
CA GLY B 118 40.18 1.06 -26.16
C GLY B 118 39.24 1.69 -25.15
N LEU B 119 37.95 1.73 -25.45
CA LEU B 119 36.98 2.26 -24.48
C LEU B 119 36.83 1.31 -23.31
N PHE B 120 36.44 0.07 -23.58
CA PHE B 120 36.25 -0.95 -22.57
C PHE B 120 37.52 -1.09 -21.77
N CYS B 121 37.28 -1.06 -20.47
CA CYS B 121 38.39 -1.08 -19.54
C CYS B 121 38.43 -2.40 -18.83
N VAL B 122 39.44 -3.22 -19.17
CA VAL B 122 39.74 -4.47 -18.49
C VAL B 122 40.17 -4.28 -17.04
N VAL B 123 39.37 -4.81 -16.14
CA VAL B 123 39.37 -4.47 -14.72
C VAL B 123 39.77 -5.72 -13.99
N ILE B 124 40.56 -5.69 -12.92
CA ILE B 124 40.82 -6.89 -12.15
C ILE B 124 40.46 -6.52 -10.72
N ASN B 125 39.38 -7.13 -10.20
CA ASN B 125 38.82 -6.74 -8.92
C ASN B 125 39.82 -6.94 -7.81
N PRO B 126 40.31 -5.86 -7.19
CA PRO B 126 41.30 -5.91 -6.13
C PRO B 126 40.79 -6.41 -4.79
N TYR B 127 39.48 -6.26 -4.52
CA TYR B 127 38.91 -6.37 -3.18
C TYR B 127 39.66 -5.43 -2.23
N LYS B 128 39.59 -4.11 -2.48
CA LYS B 128 40.38 -3.14 -1.75
C LYS B 128 39.75 -1.75 -1.88
N GLN B 129 39.99 -0.89 -0.89
CA GLN B 129 39.58 0.51 -0.99
C GLN B 129 40.59 1.22 -1.90
N LEU B 130 40.36 1.08 -3.20
CA LEU B 130 41.10 1.86 -4.19
C LEU B 130 40.89 3.36 -3.97
N PRO B 131 41.90 4.22 -3.85
CA PRO B 131 41.75 5.66 -3.56
C PRO B 131 41.12 6.53 -4.63
N ILE B 132 40.76 5.93 -5.77
CA ILE B 132 40.37 6.67 -6.96
C ILE B 132 38.91 7.10 -6.95
N TYR B 133 38.34 7.27 -5.76
CA TYR B 133 36.95 7.62 -5.59
C TYR B 133 37.10 8.56 -4.45
N SER B 134 36.94 9.84 -4.76
CA SER B 134 36.96 10.89 -3.75
C SER B 134 36.47 12.13 -4.46
N GLU B 135 36.08 13.19 -3.76
CA GLU B 135 35.73 14.44 -4.44
C GLU B 135 36.91 15.11 -5.11
N LYS B 136 38.14 14.66 -4.87
CA LYS B 136 39.23 15.07 -5.74
C LYS B 136 38.88 14.41 -7.08
N ILE B 137 38.70 13.09 -7.04
CA ILE B 137 38.42 12.32 -8.24
C ILE B 137 37.00 12.57 -8.75
N ILE B 138 36.15 13.32 -8.06
CA ILE B 138 34.92 13.82 -8.63
C ILE B 138 35.14 15.20 -9.23
N ASP B 139 35.56 16.20 -8.45
CA ASP B 139 35.63 17.58 -8.91
C ASP B 139 36.71 17.85 -9.93
N MET B 140 37.68 16.94 -9.95
CA MET B 140 38.57 16.77 -11.08
C MET B 140 37.84 16.03 -12.17
N TYR B 141 37.21 14.87 -11.92
CA TYR B 141 36.42 14.25 -12.99
C TYR B 141 35.11 14.99 -13.31
N LYS B 142 34.87 16.21 -12.83
CA LYS B 142 33.51 16.75 -12.81
C LYS B 142 33.16 17.32 -14.15
N GLY B 143 32.57 16.42 -14.93
CA GLY B 143 32.09 16.76 -16.26
C GLY B 143 33.30 16.92 -17.18
N LYS B 144 34.39 16.22 -16.88
CA LYS B 144 35.64 16.71 -17.40
C LYS B 144 36.10 15.99 -18.66
N LYS B 145 37.18 16.56 -19.15
CA LYS B 145 37.68 16.33 -20.47
C LYS B 145 38.50 15.04 -20.31
N ARG B 146 38.28 13.95 -21.05
CA ARG B 146 39.04 12.73 -20.79
C ARG B 146 40.41 12.65 -21.45
N HIS B 147 41.29 13.51 -20.91
CA HIS B 147 42.75 13.45 -21.09
C HIS B 147 43.44 13.21 -19.75
N GLU B 148 42.80 13.90 -18.84
CA GLU B 148 43.10 13.95 -17.44
C GLU B 148 42.04 13.12 -16.77
N MET B 149 40.90 12.82 -17.40
CA MET B 149 40.00 11.84 -16.83
C MET B 149 40.12 10.46 -17.50
N PRO B 150 41.04 9.60 -17.02
CA PRO B 150 41.56 8.39 -17.67
C PRO B 150 41.02 7.00 -17.26
N PRO B 151 41.35 5.84 -17.86
CA PRO B 151 40.81 4.51 -17.57
C PRO B 151 40.36 4.05 -16.17
N HIS B 152 39.04 4.08 -16.07
CA HIS B 152 38.37 4.01 -14.79
C HIS B 152 36.92 3.75 -15.15
N ILE B 153 36.15 3.23 -14.21
CA ILE B 153 34.71 3.14 -14.38
C ILE B 153 34.08 4.54 -14.49
N TYR B 154 34.55 5.47 -13.66
CA TYR B 154 34.40 6.90 -13.89
C TYR B 154 34.72 7.41 -15.30
N ALA B 155 35.89 7.09 -15.86
CA ALA B 155 36.30 7.68 -17.14
C ALA B 155 35.31 7.43 -18.26
N ILE B 156 34.98 6.14 -18.41
CA ILE B 156 33.88 5.74 -19.27
C ILE B 156 32.61 6.43 -18.76
N ALA B 157 32.21 6.40 -17.48
CA ALA B 157 31.02 7.14 -17.06
C ALA B 157 30.90 8.64 -17.37
N ASP B 158 31.97 9.44 -17.50
CA ASP B 158 31.88 10.80 -18.06
C ASP B 158 31.92 10.86 -19.57
N THR B 159 32.41 9.79 -20.20
CA THR B 159 32.32 9.61 -21.64
C THR B 159 30.87 9.38 -22.00
N ALA B 160 30.26 8.50 -21.23
CA ALA B 160 28.83 8.26 -21.27
C ALA B 160 28.10 9.55 -20.96
N TYR B 161 28.36 10.18 -19.80
CA TYR B 161 27.66 11.39 -19.41
C TYR B 161 27.78 12.55 -20.40
N ARG B 162 28.95 12.71 -21.02
CA ARG B 162 29.05 13.69 -22.07
C ARG B 162 28.37 13.25 -23.35
N SER B 163 28.79 12.14 -23.97
CA SER B 163 28.23 11.72 -25.25
C SER B 163 26.74 11.66 -25.31
N MET B 164 26.11 10.91 -24.40
CA MET B 164 24.66 10.73 -24.33
C MET B 164 23.89 12.02 -24.59
N LEU B 165 24.36 13.03 -23.86
CA LEU B 165 23.68 14.31 -23.84
C LEU B 165 23.90 15.10 -25.11
N GLN B 166 25.01 14.82 -25.79
CA GLN B 166 25.29 15.35 -27.11
C GLN B 166 24.51 14.54 -28.16
N ASP B 167 24.89 13.26 -28.34
CA ASP B 167 24.40 12.35 -29.36
C ASP B 167 22.96 11.92 -29.28
N ARG B 168 22.45 11.86 -28.05
CA ARG B 168 21.12 11.33 -27.75
C ARG B 168 20.99 9.88 -28.21
N GLU B 169 21.91 9.09 -27.65
CA GLU B 169 21.86 7.65 -27.75
C GLU B 169 22.10 7.22 -26.31
N ASP B 170 21.19 6.41 -25.76
CA ASP B 170 21.26 5.99 -24.37
C ASP B 170 22.35 5.03 -23.94
N GLN B 171 22.73 5.05 -22.68
CA GLN B 171 24.00 4.44 -22.30
C GLN B 171 23.87 3.38 -21.22
N SER B 172 24.64 2.31 -21.46
CA SER B 172 24.78 1.20 -20.55
C SER B 172 26.23 0.97 -20.12
N ILE B 173 26.47 0.53 -18.88
CA ILE B 173 27.79 0.29 -18.34
C ILE B 173 27.66 -1.08 -17.71
N LEU B 174 28.48 -2.03 -18.18
CA LEU B 174 28.19 -3.43 -17.97
C LEU B 174 29.45 -4.10 -17.49
N CYS B 175 29.51 -4.63 -16.27
CA CYS B 175 30.70 -5.32 -15.85
C CYS B 175 30.61 -6.76 -16.32
N THR B 176 31.77 -7.40 -16.32
CA THR B 176 31.90 -8.77 -16.79
C THR B 176 32.60 -9.60 -15.73
N GLY B 177 32.84 -10.87 -16.06
CA GLY B 177 33.76 -11.67 -15.27
C GLY B 177 33.23 -12.19 -13.93
N GLU B 178 34.04 -13.12 -13.42
CA GLU B 178 33.60 -14.09 -12.45
C GLU B 178 33.32 -13.70 -11.01
N SER B 179 33.16 -14.68 -10.13
CA SER B 179 32.61 -14.46 -8.81
C SER B 179 33.42 -13.54 -7.92
N GLY B 180 32.71 -12.52 -7.45
CA GLY B 180 33.33 -11.47 -6.67
C GLY B 180 34.31 -10.68 -7.50
N ALA B 181 34.06 -10.57 -8.80
CA ALA B 181 34.84 -9.67 -9.64
C ALA B 181 34.40 -8.22 -9.67
N GLY B 182 33.66 -7.72 -8.66
CA GLY B 182 33.51 -6.28 -8.47
C GLY B 182 32.71 -5.59 -9.55
N LYS B 183 31.62 -6.28 -9.85
CA LYS B 183 30.51 -5.71 -10.59
C LYS B 183 29.76 -4.80 -9.60
N THR B 184 29.28 -5.52 -8.57
CA THR B 184 28.94 -5.03 -7.24
C THR B 184 29.55 -3.73 -6.77
N GLU B 185 30.86 -3.54 -6.97
CA GLU B 185 31.49 -2.25 -6.68
C GLU B 185 31.59 -1.26 -7.82
N ASN B 186 32.12 -1.68 -8.99
CA ASN B 186 32.30 -0.78 -10.14
C ASN B 186 31.01 -0.11 -10.63
N THR B 187 29.89 -0.77 -10.33
CA THR B 187 28.56 -0.18 -10.30
C THR B 187 28.41 0.97 -9.30
N LYS B 188 28.65 0.69 -8.01
CA LYS B 188 28.54 1.69 -6.95
C LYS B 188 29.53 2.83 -7.08
N LYS B 189 30.52 2.65 -7.95
CA LYS B 189 31.38 3.73 -8.37
C LYS B 189 30.66 4.59 -9.37
N VAL B 190 30.01 4.02 -10.40
CA VAL B 190 29.19 4.80 -11.33
C VAL B 190 28.17 5.58 -10.52
N ILE B 191 27.63 4.92 -9.49
CA ILE B 191 26.85 5.60 -8.46
C ILE B 191 27.66 6.71 -7.78
N GLN B 192 28.84 6.45 -7.20
CA GLN B 192 29.67 7.50 -6.60
C GLN B 192 30.14 8.59 -7.56
N TYR B 193 30.10 8.31 -8.87
CA TYR B 193 30.56 9.24 -9.87
C TYR B 193 29.46 10.25 -10.03
N LEU B 194 28.31 9.85 -10.57
CA LEU B 194 27.28 10.81 -10.92
C LEU B 194 26.68 11.55 -9.73
N ALA B 195 26.68 10.94 -8.53
CA ALA B 195 26.19 11.53 -7.29
C ALA B 195 26.76 12.92 -6.95
N VAL B 196 27.99 13.15 -7.37
CA VAL B 196 28.48 14.53 -7.34
C VAL B 196 28.99 15.00 -8.70
N VAL B 197 28.94 14.14 -9.73
CA VAL B 197 29.23 14.57 -11.10
C VAL B 197 28.05 15.18 -11.85
N ALA B 198 26.97 14.48 -12.25
CA ALA B 198 25.92 15.02 -13.11
C ALA B 198 24.92 15.98 -12.47
N SER B 199 24.95 15.91 -11.15
CA SER B 199 23.93 16.49 -10.31
C SER B 199 24.15 17.95 -9.93
N SER B 200 23.19 18.56 -9.23
CA SER B 200 23.19 20.00 -9.07
C SER B 200 24.00 20.38 -7.85
N HIS B 201 24.95 21.30 -8.10
CA HIS B 201 25.83 21.69 -7.03
C HIS B 201 25.06 22.55 -6.04
N LYS B 202 24.94 22.00 -4.84
CA LYS B 202 24.29 22.68 -3.73
C LYS B 202 25.10 23.90 -3.33
N GLY B 203 24.90 24.95 -4.13
CA GLY B 203 25.81 26.08 -4.16
C GLY B 203 27.03 25.62 -4.95
N LYS B 204 28.19 25.64 -4.28
CA LYS B 204 29.43 24.99 -4.71
C LYS B 204 29.97 25.43 -6.07
N GLN B 211 36.02 15.63 -0.43
CA GLN B 211 37.44 15.71 -0.18
C GLN B 211 37.81 14.57 0.75
N GLY B 212 38.62 13.67 0.19
CA GLY B 212 38.49 12.27 0.54
C GLY B 212 37.05 11.86 0.20
N PRO B 213 36.30 11.20 1.08
CA PRO B 213 34.84 11.07 0.98
C PRO B 213 34.04 12.22 1.60
N SER B 214 34.69 13.12 2.36
CA SER B 214 33.95 14.15 3.08
C SER B 214 33.59 15.34 2.21
N PHE B 215 32.28 15.49 1.93
CA PHE B 215 31.73 16.60 1.13
C PHE B 215 30.20 16.65 1.22
N SER B 216 29.59 17.78 0.86
CA SER B 216 28.14 17.90 0.83
C SER B 216 27.59 17.41 -0.50
N TYR B 217 27.04 16.20 -0.49
CA TYR B 217 26.40 15.63 -1.68
C TYR B 217 25.04 16.31 -1.86
N GLY B 218 24.37 16.23 -3.01
CA GLY B 218 23.04 16.78 -3.16
C GLY B 218 22.03 15.92 -2.41
N GLU B 219 20.76 16.32 -2.33
CA GLU B 219 19.78 15.56 -1.58
C GLU B 219 19.52 14.14 -2.10
N LEU B 220 19.07 14.04 -3.35
CA LEU B 220 18.77 12.78 -3.99
C LEU B 220 20.07 12.01 -4.22
N GLU B 221 21.15 12.69 -4.45
CA GLU B 221 22.42 12.13 -4.85
C GLU B 221 23.04 11.43 -3.64
N LYS B 222 22.75 11.97 -2.46
CA LYS B 222 22.99 11.31 -1.18
C LYS B 222 22.22 9.99 -1.11
N GLN B 223 20.91 10.04 -1.45
CA GLN B 223 20.04 8.88 -1.55
C GLN B 223 20.48 7.91 -2.63
N LEU B 224 21.13 8.38 -3.70
CA LEU B 224 21.70 7.51 -4.71
C LEU B 224 22.79 6.62 -4.10
N LEU B 225 23.56 7.15 -3.16
CA LEU B 225 24.59 6.35 -2.50
C LEU B 225 23.88 5.42 -1.53
N GLN B 226 22.98 6.02 -0.73
CA GLN B 226 22.22 5.39 0.34
C GLN B 226 21.15 4.40 -0.09
N ALA B 227 20.81 4.38 -1.38
CA ALA B 227 19.98 3.35 -1.95
C ALA B 227 20.62 1.98 -1.75
N ASN B 228 21.92 1.95 -2.06
CA ASN B 228 22.58 0.66 -2.15
C ASN B 228 22.79 0.00 -0.78
N PRO B 229 23.32 0.60 0.32
CA PRO B 229 23.39 -0.03 1.64
C PRO B 229 22.06 -0.50 2.23
N ILE B 230 20.93 0.11 1.86
CA ILE B 230 19.62 -0.45 2.18
C ILE B 230 19.43 -1.80 1.50
N LEU B 231 19.66 -1.87 0.18
CA LEU B 231 19.58 -3.11 -0.58
C LEU B 231 20.56 -4.19 -0.12
N GLU B 232 21.78 -3.76 0.25
CA GLU B 232 22.84 -4.59 0.82
C GLU B 232 22.65 -5.05 2.27
N ALA B 233 21.68 -4.46 2.97
CA ALA B 233 21.07 -5.14 4.09
C ALA B 233 20.05 -6.15 3.56
N PHE B 234 19.08 -5.70 2.77
CA PHE B 234 17.96 -6.55 2.43
C PHE B 234 18.17 -7.34 1.14
N GLY B 235 19.19 -8.21 1.09
CA GLY B 235 19.51 -8.91 -0.15
C GLY B 235 20.97 -9.26 -0.36
N ASN B 236 21.82 -8.96 0.61
CA ASN B 236 23.24 -9.25 0.47
C ASN B 236 23.74 -10.16 1.57
N ALA B 237 24.55 -11.14 1.21
CA ALA B 237 24.84 -12.29 2.04
C ALA B 237 26.26 -12.76 1.76
N LYS B 238 26.99 -13.12 2.81
CA LYS B 238 28.28 -13.80 2.61
C LYS B 238 28.18 -15.12 1.82
N THR B 239 29.22 -15.49 1.09
CA THR B 239 29.35 -16.81 0.52
C THR B 239 30.73 -17.32 0.91
N VAL B 240 31.14 -18.52 0.49
CA VAL B 240 32.54 -18.94 0.57
C VAL B 240 33.48 -18.05 -0.23
N LYS B 241 32.98 -17.52 -1.36
CA LYS B 241 33.78 -16.64 -2.19
C LYS B 241 33.73 -15.22 -1.68
N ASN B 242 32.57 -14.62 -1.59
CA ASN B 242 32.48 -13.22 -1.22
C ASN B 242 31.56 -13.02 -0.03
N ASP B 243 32.21 -12.36 0.92
CA ASP B 243 31.66 -12.15 2.25
C ASP B 243 30.63 -11.04 2.34
N ASN B 244 30.79 -10.07 1.43
CA ASN B 244 29.67 -9.21 1.02
C ASN B 244 29.23 -9.64 -0.38
N SER B 245 28.68 -10.85 -0.55
CA SER B 245 28.10 -11.21 -1.84
C SER B 245 26.71 -10.61 -1.91
N SER B 246 26.36 -10.35 -3.16
CA SER B 246 25.05 -9.84 -3.52
C SER B 246 24.12 -10.95 -3.86
N ARG B 247 23.15 -11.20 -2.98
CA ARG B 247 22.25 -12.34 -3.17
C ARG B 247 21.00 -12.02 -3.98
N PHE B 248 21.21 -11.00 -4.78
CA PHE B 248 20.37 -10.59 -5.86
C PHE B 248 21.39 -9.93 -6.76
N GLY B 249 21.12 -10.21 -8.03
CA GLY B 249 21.70 -9.51 -9.14
C GLY B 249 20.66 -8.55 -9.65
N LYS B 250 21.14 -7.47 -10.27
CA LYS B 250 20.35 -6.29 -10.52
C LYS B 250 20.87 -5.57 -11.75
N PHE B 251 19.98 -4.81 -12.39
CA PHE B 251 20.34 -3.82 -13.40
C PHE B 251 20.22 -2.45 -12.73
N ILE B 252 21.01 -1.43 -13.09
CA ILE B 252 20.90 -0.09 -12.51
C ILE B 252 20.63 0.84 -13.69
N ARG B 253 20.01 2.00 -13.45
CA ARG B 253 19.78 3.03 -14.46
C ARG B 253 19.90 4.41 -13.82
N ILE B 254 20.52 5.38 -14.51
CA ILE B 254 20.67 6.74 -14.00
C ILE B 254 20.06 7.69 -15.03
N ASN B 255 18.78 7.98 -14.83
CA ASN B 255 18.02 8.76 -15.79
C ASN B 255 18.37 10.24 -15.68
N PHE B 256 18.89 10.79 -16.78
CA PHE B 256 19.22 12.19 -16.95
C PHE B 256 18.15 12.96 -17.71
N ASP B 257 17.89 14.20 -17.28
CA ASP B 257 16.77 15.00 -17.78
C ASP B 257 16.81 15.53 -19.23
N VAL B 258 16.48 16.80 -19.47
CA VAL B 258 16.62 17.49 -20.74
C VAL B 258 17.97 18.20 -20.70
N THR B 259 18.18 19.09 -19.71
CA THR B 259 19.48 19.71 -19.45
C THR B 259 20.59 18.80 -18.95
N GLY B 260 20.27 17.70 -18.23
CA GLY B 260 21.20 16.58 -18.15
C GLY B 260 21.47 15.98 -16.77
N TYR B 261 20.94 16.58 -15.72
CA TYR B 261 21.16 16.16 -14.35
C TYR B 261 20.46 14.83 -14.05
N ILE B 262 20.90 14.18 -12.97
CA ILE B 262 20.31 12.94 -12.48
C ILE B 262 18.90 13.24 -12.05
N VAL B 263 17.94 12.73 -12.81
CA VAL B 263 16.57 12.69 -12.35
C VAL B 263 16.26 11.32 -11.75
N GLY B 264 16.72 10.23 -12.37
CA GLY B 264 16.28 8.91 -11.97
C GLY B 264 17.42 7.94 -11.69
N ALA B 265 17.07 6.94 -10.89
CA ALA B 265 18.00 5.90 -10.49
C ALA B 265 17.23 4.60 -10.30
N ASN B 266 17.24 3.80 -11.36
CA ASN B 266 16.39 2.62 -11.40
C ASN B 266 17.18 1.32 -11.35
N ILE B 267 17.16 0.69 -10.17
CA ILE B 267 17.79 -0.59 -9.87
C ILE B 267 16.76 -1.73 -9.91
N GLU B 268 16.93 -2.75 -10.75
CA GLU B 268 15.92 -3.78 -10.95
C GLU B 268 16.39 -5.22 -10.69
N THR B 269 15.68 -5.92 -9.80
CA THR B 269 16.03 -7.25 -9.36
C THR B 269 15.26 -8.31 -10.14
N TYR B 270 16.11 -9.30 -10.42
CA TYR B 270 15.74 -10.50 -11.12
C TYR B 270 15.62 -11.58 -10.06
N LEU B 271 16.73 -12.24 -9.74
CA LEU B 271 16.67 -13.45 -8.94
C LEU B 271 17.25 -13.22 -7.57
N LEU B 272 16.39 -13.30 -6.56
CA LEU B 272 16.90 -13.31 -5.20
C LEU B 272 17.36 -14.73 -4.92
N GLU B 273 18.61 -14.94 -4.51
CA GLU B 273 19.05 -16.27 -4.09
C GLU B 273 18.57 -16.47 -2.65
N LYS B 274 17.28 -16.79 -2.66
CA LYS B 274 16.54 -17.05 -1.44
C LYS B 274 16.90 -18.37 -0.78
N SER B 275 17.26 -19.36 -1.61
CA SER B 275 17.50 -20.73 -1.18
C SER B 275 18.30 -20.85 0.12
N ARG B 276 19.34 -20.02 0.30
CA ARG B 276 20.13 -20.03 1.53
C ARG B 276 19.44 -19.69 2.85
N ALA B 277 18.39 -18.87 2.80
CA ALA B 277 17.78 -18.21 3.97
C ALA B 277 17.43 -19.06 5.18
N ILE B 278 17.29 -20.35 4.88
CA ILE B 278 17.14 -21.42 5.86
C ILE B 278 18.48 -22.03 6.23
N ARG B 279 19.25 -22.51 5.26
CA ARG B 279 20.42 -23.33 5.48
C ARG B 279 21.44 -22.99 4.40
N GLN B 280 22.47 -22.29 4.89
CA GLN B 280 23.64 -21.89 4.12
C GLN B 280 24.67 -23.00 4.31
N ALA B 281 25.47 -23.36 3.29
CA ALA B 281 26.53 -24.36 3.42
C ALA B 281 27.71 -23.99 4.34
N LYS B 282 28.75 -24.84 4.42
CA LYS B 282 29.86 -24.59 5.32
C LYS B 282 30.68 -23.40 4.87
N ASP B 283 30.75 -22.46 5.82
CA ASP B 283 31.42 -21.16 5.72
C ASP B 283 30.79 -20.16 4.78
N GLU B 284 29.49 -19.98 5.01
CA GLU B 284 28.68 -19.08 4.20
C GLU B 284 27.73 -18.29 5.10
N ARG B 285 27.33 -17.05 4.79
CA ARG B 285 26.31 -16.38 5.57
C ARG B 285 25.12 -15.97 4.73
N THR B 286 23.98 -16.05 5.42
CA THR B 286 22.76 -15.42 4.98
C THR B 286 22.90 -13.91 4.89
N PHE B 287 21.83 -13.32 4.37
CA PHE B 287 21.59 -11.89 4.33
C PHE B 287 21.97 -11.14 5.61
N HIS B 288 22.85 -10.17 5.42
CA HIS B 288 23.51 -9.29 6.40
C HIS B 288 22.63 -8.79 7.53
N ILE B 289 21.49 -8.22 7.14
CA ILE B 289 20.61 -7.50 8.07
C ILE B 289 20.25 -8.28 9.32
N PHE B 290 20.08 -9.60 9.15
CA PHE B 290 19.83 -10.52 10.25
C PHE B 290 20.85 -10.34 11.36
N TYR B 291 22.12 -10.47 10.95
CA TYR B 291 23.25 -10.45 11.86
C TYR B 291 23.36 -9.06 12.51
N TYR B 292 23.03 -8.03 11.72
CA TYR B 292 22.96 -6.65 12.19
C TYR B 292 21.94 -6.44 13.32
N LEU B 293 20.71 -6.90 13.08
CA LEU B 293 19.55 -6.66 13.92
C LEU B 293 19.70 -7.19 15.33
N ILE B 294 20.33 -8.37 15.40
CA ILE B 294 20.69 -9.00 16.67
C ILE B 294 21.79 -8.21 17.39
N ALA B 295 22.75 -7.64 16.64
CA ALA B 295 23.84 -6.89 17.26
C ALA B 295 23.50 -5.46 17.67
N GLY B 296 23.15 -4.54 16.74
CA GLY B 296 22.87 -3.15 17.05
C GLY B 296 21.47 -2.88 17.60
N ALA B 297 20.87 -3.88 18.23
CA ALA B 297 19.59 -3.68 18.87
C ALA B 297 19.68 -2.72 20.05
N SER B 298 18.78 -1.75 20.05
CA SER B 298 18.55 -0.91 21.21
C SER B 298 17.57 -1.65 22.10
N GLU B 299 17.74 -1.58 23.43
CA GLU B 299 16.93 -2.35 24.38
C GLU B 299 15.41 -2.32 24.26
N GLN B 300 14.85 -1.20 23.79
CA GLN B 300 13.43 -1.12 23.52
C GLN B 300 13.17 -2.08 22.35
N MET B 301 13.59 -1.84 21.11
CA MET B 301 13.28 -2.75 20.01
C MET B 301 14.01 -4.10 19.99
N ARG B 302 14.95 -4.28 20.93
CA ARG B 302 15.53 -5.57 21.22
C ARG B 302 14.47 -6.47 21.84
N ASN B 303 13.61 -5.93 22.71
CA ASN B 303 12.52 -6.75 23.19
C ASN B 303 11.23 -6.59 22.37
N ASP B 304 11.08 -5.51 21.60
CA ASP B 304 9.96 -5.36 20.66
C ASP B 304 10.04 -6.20 19.38
N LEU B 305 11.15 -6.07 18.63
CA LEU B 305 11.37 -6.84 17.42
C LEU B 305 11.97 -8.20 17.77
N LEU B 306 11.93 -8.52 19.08
CA LEU B 306 11.97 -9.87 19.62
C LEU B 306 13.29 -10.60 19.43
N LEU B 307 14.30 -10.00 20.04
CA LEU B 307 15.67 -10.44 19.89
C LEU B 307 16.25 -11.17 21.09
N GLU B 308 16.46 -12.44 20.76
CA GLU B 308 17.35 -13.33 21.50
C GLU B 308 18.72 -13.21 20.86
N GLY B 309 19.79 -13.79 21.42
CA GLY B 309 21.14 -13.54 20.93
C GLY B 309 21.57 -14.41 19.75
N PHE B 310 22.84 -14.22 19.38
CA PHE B 310 23.44 -15.01 18.32
C PHE B 310 23.42 -16.50 18.63
N ASN B 311 23.05 -17.25 17.58
CA ASN B 311 22.78 -18.69 17.61
C ASN B 311 21.53 -19.05 18.38
N ASN B 312 20.53 -18.19 18.49
CA ASN B 312 19.25 -18.65 19.02
C ASN B 312 18.24 -18.90 17.92
N TYR B 313 18.82 -18.86 16.72
CA TYR B 313 18.19 -19.06 15.43
C TYR B 313 19.05 -20.19 14.87
N THR B 314 18.35 -21.21 14.42
CA THR B 314 18.91 -22.46 13.89
C THR B 314 19.25 -22.37 12.40
N PHE B 315 18.51 -21.45 11.76
CA PHE B 315 18.62 -21.12 10.34
C PHE B 315 19.75 -20.14 9.98
N LEU B 316 20.46 -19.75 11.03
CA LEU B 316 21.74 -19.08 10.96
C LEU B 316 22.74 -20.14 11.39
N SER B 317 23.40 -20.63 10.35
CA SER B 317 24.36 -21.71 10.47
C SER B 317 25.76 -21.14 10.62
N ASN B 318 26.72 -22.03 10.83
CA ASN B 318 28.14 -21.73 11.05
C ASN B 318 28.29 -20.76 12.23
N GLY B 319 27.38 -20.95 13.18
CA GLY B 319 27.14 -20.03 14.29
C GLY B 319 26.77 -18.63 13.83
N HIS B 320 27.81 -17.83 14.04
CA HIS B 320 27.89 -16.45 13.61
C HIS B 320 29.28 -16.50 12.99
N VAL B 321 29.35 -16.33 11.67
CA VAL B 321 30.65 -16.20 11.01
C VAL B 321 30.96 -14.71 11.03
N PRO B 322 32.12 -14.23 11.49
CA PRO B 322 32.52 -12.84 11.35
C PRO B 322 32.89 -12.47 9.92
N ILE B 323 32.84 -11.18 9.63
CA ILE B 323 33.30 -10.67 8.36
C ILE B 323 34.60 -9.90 8.59
N PRO B 324 35.55 -9.90 7.66
CA PRO B 324 36.73 -9.04 7.72
C PRO B 324 36.33 -7.58 7.57
N ALA B 325 36.96 -6.72 8.37
CA ALA B 325 36.99 -5.27 8.18
C ALA B 325 35.64 -4.54 8.06
N GLN B 326 34.60 -5.25 8.49
CA GLN B 326 33.26 -4.74 8.60
C GLN B 326 32.82 -5.45 9.87
N GLN B 327 32.12 -4.71 10.73
CA GLN B 327 31.62 -5.24 11.99
C GLN B 327 30.13 -4.98 12.00
N ASP B 328 29.37 -6.08 11.92
CA ASP B 328 27.93 -6.05 11.70
C ASP B 328 27.14 -5.15 12.67
N ASP B 329 27.69 -5.08 13.87
CA ASP B 329 27.28 -4.28 15.01
C ASP B 329 26.93 -2.86 14.60
N GLU B 330 27.91 -2.13 14.05
CA GLU B 330 27.74 -0.74 13.69
C GLU B 330 27.06 -0.54 12.36
N MET B 331 27.27 -1.52 11.47
CA MET B 331 26.68 -1.59 10.15
C MET B 331 25.16 -1.61 10.21
N PHE B 332 24.62 -2.20 11.28
CA PHE B 332 23.21 -2.01 11.62
C PHE B 332 22.86 -0.53 11.73
N GLN B 333 23.53 0.18 12.66
CA GLN B 333 23.24 1.59 12.94
C GLN B 333 23.33 2.43 11.67
N GLU B 334 24.41 2.24 10.90
CA GLU B 334 24.58 2.86 9.60
C GLU B 334 23.36 2.73 8.70
N THR B 335 22.96 1.51 8.32
CA THR B 335 21.86 1.30 7.38
C THR B 335 20.53 1.95 7.77
N LEU B 336 20.31 2.00 9.09
CA LEU B 336 19.19 2.73 9.68
C LEU B 336 19.22 4.23 9.41
N GLU B 337 20.41 4.83 9.46
CA GLU B 337 20.58 6.22 9.06
C GLU B 337 20.17 6.33 7.58
N ALA B 338 20.81 5.49 6.75
CA ALA B 338 20.65 5.50 5.30
C ALA B 338 19.19 5.43 4.86
N MET B 339 18.41 4.69 5.65
CA MET B 339 16.96 4.69 5.52
C MET B 339 16.36 6.09 5.66
N THR B 340 16.68 6.79 6.75
CA THR B 340 16.17 8.13 7.00
C THR B 340 16.60 9.12 5.91
N ILE B 341 17.75 8.89 5.24
CA ILE B 341 18.21 9.75 4.16
C ILE B 341 17.41 9.55 2.88
N MET B 342 17.06 8.29 2.59
CA MET B 342 16.18 7.94 1.49
C MET B 342 14.72 8.29 1.75
N GLY B 343 14.39 8.37 3.04
CA GLY B 343 13.05 8.74 3.48
C GLY B 343 12.24 7.50 3.82
N PHE B 344 12.88 6.51 4.44
CA PHE B 344 12.13 5.41 5.00
C PHE B 344 11.58 5.87 6.34
N THR B 345 10.27 5.77 6.40
CA THR B 345 9.44 6.34 7.44
C THR B 345 9.72 5.87 8.86
N GLU B 346 9.53 6.90 9.69
CA GLU B 346 9.52 6.86 11.14
C GLU B 346 9.07 5.57 11.83
N GLU B 347 8.06 4.89 11.29
CA GLU B 347 7.72 3.53 11.69
C GLU B 347 8.25 2.41 10.78
N GLU B 348 8.17 2.64 9.47
CA GLU B 348 8.56 1.70 8.40
C GLU B 348 9.91 1.01 8.58
N GLN B 349 10.90 1.77 9.04
CA GLN B 349 12.22 1.23 9.38
C GLN B 349 12.12 0.02 10.30
N THR B 350 11.30 0.11 11.35
CA THR B 350 11.16 -0.99 12.30
C THR B 350 10.33 -2.12 11.70
N SER B 351 9.50 -1.78 10.70
CA SER B 351 8.69 -2.79 10.07
C SER B 351 9.51 -3.69 9.16
N ILE B 352 10.44 -3.12 8.39
CA ILE B 352 11.35 -3.89 7.54
C ILE B 352 12.18 -4.79 8.43
N LEU B 353 12.68 -4.19 9.52
CA LEU B 353 13.45 -4.94 10.50
C LEU B 353 12.65 -6.09 11.12
N ARG B 354 11.35 -5.91 11.38
CA ARG B 354 10.54 -7.02 11.89
C ARG B 354 10.39 -8.17 10.90
N VAL B 355 10.05 -7.94 9.62
CA VAL B 355 9.81 -9.00 8.66
C VAL B 355 11.01 -9.95 8.57
N VAL B 356 12.18 -9.29 8.51
CA VAL B 356 13.49 -9.89 8.65
C VAL B 356 13.52 -10.83 9.86
N SER B 357 13.27 -10.25 11.05
CA SER B 357 13.32 -10.99 12.30
C SER B 357 12.29 -12.12 12.45
N SER B 358 11.04 -12.01 12.00
CA SER B 358 10.20 -13.19 11.86
C SER B 358 10.78 -14.29 10.96
N VAL B 359 11.48 -13.95 9.85
CA VAL B 359 12.22 -14.93 9.06
C VAL B 359 13.32 -15.57 9.91
N LEU B 360 14.17 -14.74 10.55
CA LEU B 360 15.09 -15.19 11.60
C LEU B 360 14.41 -16.12 12.59
N GLN B 361 13.17 -15.80 12.97
CA GLN B 361 12.48 -16.62 13.93
C GLN B 361 12.03 -17.98 13.41
N LEU B 362 11.35 -18.19 12.28
CA LEU B 362 10.72 -19.48 11.96
C LEU B 362 11.36 -20.82 12.29
N GLY B 363 12.70 -20.91 12.31
CA GLY B 363 13.43 -22.15 12.52
C GLY B 363 13.54 -22.62 13.97
N ASN B 364 12.72 -22.10 14.86
CA ASN B 364 12.60 -22.70 16.17
C ASN B 364 11.46 -23.72 16.12
N ILE B 365 10.69 -23.69 15.02
CA ILE B 365 9.58 -24.61 14.81
C ILE B 365 10.10 -26.02 14.52
N VAL B 366 10.44 -26.78 15.56
CA VAL B 366 10.94 -28.15 15.42
C VAL B 366 9.89 -29.25 15.49
N PHE B 367 9.84 -30.11 14.47
CA PHE B 367 8.93 -31.24 14.48
C PHE B 367 9.57 -32.56 14.87
N LYS B 368 9.16 -33.01 16.06
CA LYS B 368 9.57 -34.29 16.60
C LYS B 368 8.60 -35.37 16.18
N LYS B 369 9.16 -36.42 15.58
CA LYS B 369 8.43 -37.62 15.22
C LYS B 369 7.61 -38.19 16.38
N GLU B 370 6.39 -37.67 16.45
CA GLU B 370 5.35 -38.26 17.25
C GLU B 370 4.89 -39.48 16.43
N ARG B 371 5.24 -40.62 17.03
CA ARG B 371 5.26 -41.90 16.33
C ARG B 371 4.14 -42.87 16.73
N ASN B 372 2.95 -42.28 16.68
CA ASN B 372 1.67 -42.98 16.88
C ASN B 372 0.52 -42.35 16.08
N THR B 373 0.84 -41.34 15.27
CA THR B 373 0.22 -41.21 13.98
C THR B 373 1.30 -41.41 12.93
N ASP B 374 2.44 -40.77 13.24
CA ASP B 374 3.47 -40.36 12.31
C ASP B 374 3.22 -39.01 11.63
N GLN B 375 2.06 -38.48 11.96
CA GLN B 375 1.55 -37.25 11.42
C GLN B 375 1.69 -36.19 12.52
N ALA B 376 2.96 -35.94 12.86
CA ALA B 376 3.41 -35.28 14.08
C ALA B 376 3.50 -33.76 14.08
N SER B 377 3.34 -33.15 15.27
CA SER B 377 3.17 -31.71 15.38
C SER B 377 4.16 -31.00 16.29
N MET B 378 3.94 -29.77 16.78
CA MET B 378 5.01 -28.84 17.06
C MET B 378 5.03 -28.37 18.52
N PRO B 379 6.03 -28.71 19.36
CA PRO B 379 6.15 -28.31 20.77
C PRO B 379 6.14 -26.84 21.26
N ASP B 380 7.19 -26.08 20.96
CA ASP B 380 7.25 -24.66 21.30
C ASP B 380 6.26 -23.81 20.52
N ASN B 381 5.89 -22.70 21.18
CA ASN B 381 5.13 -21.66 20.51
C ASN B 381 5.81 -20.37 20.21
N THR B 382 6.86 -19.91 20.92
CA THR B 382 7.63 -18.70 20.58
C THR B 382 8.30 -18.85 19.24
N ALA B 383 8.57 -20.11 18.93
CA ALA B 383 8.90 -20.53 17.58
C ALA B 383 7.94 -19.91 16.57
N ALA B 384 6.63 -20.22 16.61
CA ALA B 384 5.62 -19.44 15.91
C ALA B 384 5.26 -18.05 16.44
N GLN B 385 5.39 -17.76 17.73
CA GLN B 385 4.83 -16.56 18.35
C GLN B 385 5.57 -15.33 17.87
N LYS B 386 6.88 -15.35 18.06
CA LYS B 386 7.72 -14.22 17.75
C LYS B 386 7.79 -13.96 16.25
N VAL B 387 7.71 -15.07 15.50
CA VAL B 387 7.27 -15.07 14.10
C VAL B 387 5.97 -14.29 13.94
N CYS B 388 4.83 -14.69 14.52
CA CYS B 388 3.51 -14.15 14.18
C CYS B 388 3.07 -12.87 14.86
N HIS B 389 3.86 -12.34 15.79
CA HIS B 389 3.67 -10.98 16.29
C HIS B 389 4.41 -10.01 15.36
N LEU B 390 5.40 -10.50 14.62
CA LEU B 390 6.02 -9.72 13.57
C LEU B 390 5.34 -9.97 12.22
N MET B 391 4.63 -11.10 12.11
CA MET B 391 3.65 -11.32 11.04
C MET B 391 2.29 -10.64 11.21
N GLY B 392 1.60 -10.87 12.35
CA GLY B 392 0.21 -10.46 12.51
C GLY B 392 -0.74 -11.06 11.47
N ILE B 393 -0.61 -12.38 11.25
CA ILE B 393 -1.52 -13.08 10.35
C ILE B 393 -2.64 -13.67 11.19
N ASN B 394 -3.12 -14.92 11.13
CA ASN B 394 -3.77 -15.44 12.32
C ASN B 394 -3.23 -16.69 12.93
N VAL B 395 -2.85 -16.26 14.13
CA VAL B 395 -2.12 -17.00 15.13
C VAL B 395 -2.67 -18.40 15.31
N THR B 396 -4.00 -18.50 15.50
CA THR B 396 -4.74 -19.76 15.52
C THR B 396 -4.42 -20.66 14.32
N ASP B 397 -4.65 -19.95 13.23
CA ASP B 397 -4.78 -20.50 11.91
C ASP B 397 -3.44 -20.71 11.22
N PHE B 398 -2.33 -20.16 11.71
CA PHE B 398 -1.00 -20.36 11.12
C PHE B 398 -0.65 -21.83 11.30
N THR B 399 -0.70 -22.24 12.55
CA THR B 399 -0.31 -23.57 12.98
C THR B 399 -1.40 -24.54 12.58
N ARG B 400 -2.67 -24.17 12.81
CA ARG B 400 -3.76 -24.99 12.31
C ARG B 400 -3.78 -25.19 10.80
N SER B 401 -3.19 -24.27 10.03
CA SER B 401 -2.82 -24.57 8.66
C SER B 401 -1.58 -25.43 8.51
N ILE B 402 -0.55 -25.10 9.31
CA ILE B 402 0.76 -25.73 9.28
C ILE B 402 0.80 -27.16 9.79
N LEU B 403 -0.33 -27.57 10.39
CA LEU B 403 -0.60 -28.90 10.86
C LEU B 403 -1.81 -29.49 10.16
N THR B 404 -2.96 -28.80 10.05
CA THR B 404 -4.07 -29.34 9.28
C THR B 404 -4.47 -28.43 8.13
N PRO B 405 -3.98 -28.78 6.93
CA PRO B 405 -4.44 -28.16 5.71
C PRO B 405 -5.88 -28.59 5.43
N ARG B 406 -6.78 -27.68 5.79
CA ARG B 406 -8.15 -27.61 5.27
C ARG B 406 -8.06 -27.25 3.77
N ILE B 407 -7.29 -28.02 2.98
CA ILE B 407 -6.89 -27.71 1.61
C ILE B 407 -7.88 -28.03 0.49
N LYS B 408 -7.46 -28.67 -0.62
CA LYS B 408 -8.21 -28.74 -1.86
C LYS B 408 -7.68 -29.92 -2.66
N VAL B 409 -8.55 -30.92 -2.86
CA VAL B 409 -8.28 -32.02 -3.78
C VAL B 409 -9.50 -32.01 -4.69
N GLY B 410 -9.28 -31.92 -5.99
CA GLY B 410 -10.37 -31.64 -6.91
C GLY B 410 -10.69 -30.14 -6.85
N ARG B 411 -11.84 -29.76 -6.29
CA ARG B 411 -12.28 -28.37 -6.33
C ARG B 411 -13.21 -27.99 -5.18
N ASP B 412 -12.80 -28.49 -4.01
CA ASP B 412 -13.56 -28.44 -2.77
C ASP B 412 -12.68 -28.44 -1.51
N VAL B 413 -13.23 -28.54 -0.29
CA VAL B 413 -12.38 -28.48 0.90
C VAL B 413 -11.98 -29.86 1.40
N VAL B 414 -10.68 -30.14 1.51
CA VAL B 414 -10.17 -31.41 2.03
C VAL B 414 -9.23 -31.20 3.22
N GLN B 415 -9.55 -31.93 4.28
CA GLN B 415 -8.80 -31.93 5.51
C GLN B 415 -7.71 -33.00 5.49
N LYS B 416 -6.50 -32.70 5.99
CA LYS B 416 -5.59 -33.76 6.39
C LYS B 416 -4.72 -33.22 7.50
N ALA B 417 -4.38 -34.10 8.42
CA ALA B 417 -3.27 -33.83 9.33
C ALA B 417 -1.99 -33.98 8.51
N GLN B 418 -0.97 -33.18 8.75
CA GLN B 418 0.32 -33.35 8.10
C GLN B 418 1.26 -34.22 8.88
N THR B 419 2.19 -34.89 8.19
CA THR B 419 3.13 -35.81 8.84
C THR B 419 4.19 -34.99 9.55
N LYS B 420 5.12 -35.51 10.38
CA LYS B 420 6.27 -34.69 10.80
C LYS B 420 6.95 -34.00 9.61
N GLU B 421 7.28 -34.88 8.67
CA GLU B 421 7.94 -34.59 7.40
C GLU B 421 7.23 -33.49 6.60
N GLN B 422 5.93 -33.67 6.32
CA GLN B 422 5.12 -32.66 5.62
C GLN B 422 5.03 -31.31 6.29
N ALA B 423 5.03 -31.34 7.63
CA ALA B 423 4.97 -30.12 8.41
C ALA B 423 6.28 -29.32 8.41
N ASP B 424 7.43 -29.98 8.63
CA ASP B 424 8.73 -29.34 8.51
C ASP B 424 8.98 -28.62 7.19
N PHE B 425 8.77 -29.33 6.08
CA PHE B 425 9.22 -28.85 4.78
C PHE B 425 8.45 -27.60 4.34
N ALA B 426 7.13 -27.65 4.51
CA ALA B 426 6.24 -26.53 4.24
C ALA B 426 6.57 -25.31 5.08
N ILE B 427 6.68 -25.43 6.42
CA ILE B 427 7.05 -24.30 7.27
C ILE B 427 8.38 -23.67 6.86
N GLU B 428 9.33 -24.53 6.43
CA GLU B 428 10.62 -24.08 5.92
C GLU B 428 10.47 -23.15 4.73
N ALA B 429 9.66 -23.60 3.77
CA ALA B 429 9.32 -22.76 2.61
C ALA B 429 8.75 -21.43 3.06
N LEU B 430 7.85 -21.44 4.06
CA LEU B 430 7.27 -20.21 4.59
C LEU B 430 8.30 -19.23 5.14
N ALA B 431 9.31 -19.78 5.84
CA ALA B 431 10.35 -18.98 6.47
C ALA B 431 11.13 -18.08 5.51
N LYS B 432 11.51 -18.76 4.41
CA LYS B 432 12.36 -18.19 3.36
C LYS B 432 11.56 -17.29 2.43
N ALA B 433 10.36 -17.78 2.10
CA ALA B 433 9.47 -17.11 1.16
C ALA B 433 9.04 -15.75 1.67
N LYS B 434 8.91 -15.60 3.01
CA LYS B 434 8.61 -14.31 3.59
C LYS B 434 9.74 -13.31 3.34
N PHE B 435 11.01 -13.73 3.40
CA PHE B 435 12.10 -12.82 3.08
C PHE B 435 12.07 -12.41 1.60
N GLU B 436 11.69 -13.30 0.68
CA GLU B 436 11.57 -12.93 -0.73
C GLU B 436 10.46 -11.91 -0.96
N ARG B 437 9.28 -12.18 -0.37
CA ARG B 437 8.16 -11.25 -0.46
C ARG B 437 8.58 -9.86 0.03
N LEU B 438 9.32 -9.88 1.15
CA LEU B 438 9.95 -8.66 1.67
C LEU B 438 10.83 -7.92 0.67
N PHE B 439 11.73 -8.60 -0.05
CA PHE B 439 12.63 -7.89 -0.93
C PHE B 439 11.91 -7.21 -2.10
N ARG B 440 10.91 -7.91 -2.66
CA ARG B 440 10.10 -7.35 -3.74
C ARG B 440 9.35 -6.09 -3.31
N TRP B 441 8.91 -6.04 -2.06
CA TRP B 441 8.47 -4.77 -1.48
C TRP B 441 9.60 -3.75 -1.46
N ILE B 442 10.70 -4.10 -0.79
CA ILE B 442 11.81 -3.19 -0.53
C ILE B 442 12.44 -2.55 -1.76
N LEU B 443 12.97 -3.29 -2.73
CA LEU B 443 13.55 -2.69 -3.95
C LEU B 443 12.64 -1.74 -4.73
N THR B 444 11.33 -1.92 -4.64
CA THR B 444 10.42 -0.97 -5.23
C THR B 444 10.15 0.23 -4.33
N ARG B 445 10.30 0.16 -3.00
CA ARG B 445 10.31 1.36 -2.16
C ARG B 445 11.61 2.15 -2.26
N VAL B 446 12.71 1.49 -2.63
CA VAL B 446 13.98 2.13 -2.93
C VAL B 446 13.85 2.98 -4.19
N ASN B 447 13.53 2.32 -5.32
CA ASN B 447 13.30 2.99 -6.60
C ASN B 447 12.21 4.05 -6.57
N LYS B 448 11.20 3.84 -5.73
CA LYS B 448 10.20 4.84 -5.40
C LYS B 448 10.82 6.17 -5.00
N ALA B 449 11.92 6.17 -4.24
CA ALA B 449 12.61 7.40 -3.91
C ALA B 449 13.62 7.82 -4.96
N LEU B 450 14.09 6.92 -5.81
CA LEU B 450 15.18 7.21 -6.73
C LEU B 450 14.78 7.64 -8.13
N ASP B 451 13.51 7.41 -8.42
CA ASP B 451 12.93 7.65 -9.74
C ASP B 451 11.58 8.33 -9.55
N ALA B 458 15.36 12.68 -20.19
CA ALA B 458 15.41 12.22 -21.55
C ALA B 458 16.42 11.10 -21.69
N SER B 459 17.61 11.22 -21.12
CA SER B 459 18.48 10.07 -21.14
C SER B 459 18.52 9.33 -19.81
N PHE B 460 19.27 8.23 -19.91
CA PHE B 460 19.57 7.31 -18.85
C PHE B 460 20.88 6.59 -19.10
N LEU B 461 21.42 6.15 -17.96
CA LEU B 461 22.60 5.31 -17.90
C LEU B 461 22.35 3.97 -17.19
N GLY B 462 22.09 2.90 -17.94
CA GLY B 462 21.98 1.56 -17.39
C GLY B 462 23.31 0.96 -16.95
N ILE B 463 23.42 0.28 -15.79
CA ILE B 463 24.68 -0.28 -15.30
C ILE B 463 24.43 -1.74 -14.93
N LEU B 464 25.28 -2.77 -14.94
CA LEU B 464 24.84 -4.13 -14.60
C LEU B 464 25.50 -4.91 -13.47
N ASP B 465 25.07 -4.74 -12.21
CA ASP B 465 25.54 -5.65 -11.17
C ASP B 465 24.82 -6.98 -11.10
N ILE B 466 25.54 -7.80 -11.87
CA ILE B 466 25.37 -9.24 -11.83
C ILE B 466 25.95 -9.88 -10.57
N ALA B 467 25.01 -10.43 -9.77
CA ALA B 467 25.32 -11.50 -8.83
C ALA B 467 25.75 -12.62 -9.73
N GLY B 468 27.07 -12.79 -9.67
CA GLY B 468 27.77 -13.22 -10.86
C GLY B 468 28.96 -14.15 -10.70
N PHE B 469 29.27 -14.48 -11.96
CA PHE B 469 29.89 -15.70 -12.44
C PHE B 469 30.40 -16.64 -11.37
N GLU B 470 29.31 -17.30 -10.98
CA GLU B 470 29.19 -18.15 -9.82
C GLU B 470 29.36 -19.62 -10.10
N ILE B 471 30.64 -19.91 -10.02
CA ILE B 471 31.08 -21.28 -9.94
C ILE B 471 31.40 -21.59 -8.49
N PHE B 472 30.41 -22.10 -7.78
CA PHE B 472 30.66 -22.82 -6.53
C PHE B 472 30.71 -24.33 -6.87
N GLU B 473 30.65 -25.23 -5.90
CA GLU B 473 30.45 -26.65 -6.15
C GLU B 473 29.01 -26.96 -6.49
N ILE B 474 28.15 -26.69 -5.51
CA ILE B 474 26.72 -27.00 -5.60
C ILE B 474 26.06 -25.86 -6.37
N ASN B 475 26.05 -26.01 -7.68
CA ASN B 475 25.43 -24.98 -8.49
C ASN B 475 24.04 -25.34 -8.93
N SER B 476 23.09 -24.79 -8.19
CA SER B 476 21.69 -24.98 -8.46
C SER B 476 21.15 -24.01 -9.50
N PHE B 477 19.80 -23.92 -9.60
CA PHE B 477 19.12 -23.18 -10.65
C PHE B 477 19.52 -21.72 -10.61
N GLU B 478 19.46 -21.23 -9.37
CA GLU B 478 19.95 -19.92 -8.96
C GLU B 478 21.27 -19.61 -9.65
N GLN B 479 22.24 -20.53 -9.55
CA GLN B 479 23.54 -20.28 -10.16
C GLN B 479 23.56 -20.40 -11.67
N LEU B 480 22.68 -21.19 -12.31
CA LEU B 480 22.63 -21.37 -13.75
C LEU B 480 22.27 -20.10 -14.51
N CYS B 481 21.09 -19.59 -14.18
CA CYS B 481 20.51 -18.45 -14.87
C CYS B 481 21.20 -17.13 -14.57
N ILE B 482 21.95 -17.14 -13.45
CA ILE B 482 23.06 -16.23 -13.23
C ILE B 482 24.14 -16.37 -14.32
N ASN B 483 24.82 -17.52 -14.35
CA ASN B 483 25.87 -17.73 -15.33
C ASN B 483 25.38 -17.71 -16.77
N TYR B 484 24.07 -17.71 -16.98
CA TYR B 484 23.38 -17.41 -18.24
C TYR B 484 23.53 -15.95 -18.62
N THR B 485 23.23 -14.98 -17.73
CA THR B 485 23.30 -13.56 -18.10
C THR B 485 24.74 -13.08 -18.14
N ASN B 486 25.51 -13.69 -17.23
CA ASN B 486 26.95 -13.79 -17.37
C ASN B 486 27.44 -14.31 -18.72
N GLU B 487 26.95 -15.45 -19.23
CA GLU B 487 27.30 -15.95 -20.56
C GLU B 487 26.96 -14.88 -21.59
N LYS B 488 25.69 -14.47 -21.65
CA LYS B 488 25.23 -13.32 -22.42
C LYS B 488 26.09 -12.07 -22.37
N LEU B 489 26.68 -11.77 -21.21
CA LEU B 489 27.52 -10.60 -21.00
C LEU B 489 28.91 -10.68 -21.62
N GLN B 490 29.57 -11.85 -21.73
CA GLN B 490 30.72 -11.94 -22.61
C GLN B 490 30.18 -11.66 -24.00
N GLN B 491 29.14 -12.41 -24.40
CA GLN B 491 28.47 -12.16 -25.67
C GLN B 491 27.88 -10.75 -25.81
N LEU B 492 27.72 -9.96 -24.76
CA LEU B 492 27.39 -8.56 -24.89
C LEU B 492 28.68 -7.85 -25.26
N PHE B 493 29.85 -8.09 -24.63
CA PHE B 493 31.11 -7.48 -25.06
C PHE B 493 31.38 -7.72 -26.54
N ASN B 494 31.17 -8.98 -26.91
CA ASN B 494 31.48 -9.46 -28.25
C ASN B 494 30.48 -8.82 -29.20
N HIS B 495 29.22 -8.79 -28.80
CA HIS B 495 28.25 -8.07 -29.61
C HIS B 495 28.39 -6.56 -29.49
N THR B 496 29.11 -5.98 -28.53
CA THR B 496 29.28 -4.54 -28.38
C THR B 496 30.64 -4.13 -28.86
N MET B 497 31.73 -4.17 -28.07
CA MET B 497 33.02 -3.58 -28.44
C MET B 497 33.56 -3.95 -29.79
N PHE B 498 33.20 -5.18 -30.21
CA PHE B 498 33.34 -5.54 -31.60
C PHE B 498 32.12 -4.89 -32.26
N ILE B 499 30.99 -5.60 -32.31
CA ILE B 499 29.87 -5.24 -33.19
C ILE B 499 29.10 -3.92 -32.93
N LEU B 500 28.45 -3.74 -31.77
CA LEU B 500 27.59 -2.60 -31.47
C LEU B 500 28.38 -1.35 -31.13
N GLU B 501 29.65 -1.50 -30.79
CA GLU B 501 30.51 -0.37 -30.54
C GLU B 501 30.88 0.09 -31.93
N GLN B 502 31.23 -0.82 -32.84
CA GLN B 502 31.29 -0.48 -34.25
C GLN B 502 29.97 -0.02 -34.87
N GLU B 503 28.82 -0.41 -34.32
CA GLU B 503 27.48 -0.05 -34.79
C GLU B 503 27.02 1.24 -34.13
N GLU B 504 27.64 1.67 -33.02
CA GLU B 504 27.55 3.03 -32.50
C GLU B 504 28.46 3.90 -33.38
N TYR B 505 29.60 3.34 -33.76
CA TYR B 505 30.44 3.96 -34.81
C TYR B 505 29.75 4.02 -36.17
N GLN B 506 28.95 2.99 -36.51
CA GLN B 506 28.15 2.90 -37.73
C GLN B 506 26.80 3.58 -37.70
N ARG B 507 26.18 3.78 -36.53
CA ARG B 507 25.06 4.70 -36.35
C ARG B 507 25.46 6.13 -36.71
N GLU B 508 26.77 6.32 -36.68
CA GLU B 508 27.42 7.52 -37.13
C GLU B 508 27.99 7.55 -38.54
N GLY B 509 28.62 6.44 -38.94
CA GLY B 509 29.43 6.44 -40.15
C GLY B 509 30.81 7.01 -39.86
N ILE B 510 31.32 6.80 -38.64
CA ILE B 510 32.70 7.15 -38.37
C ILE B 510 33.53 6.13 -39.10
N GLU B 511 34.70 6.56 -39.59
CA GLU B 511 35.67 5.68 -40.23
C GLU B 511 35.90 4.46 -39.35
N TRP B 512 35.19 3.40 -39.70
CA TRP B 512 35.34 2.18 -38.98
C TRP B 512 35.25 0.99 -39.91
N ASN B 513 36.41 0.32 -39.94
CA ASN B 513 36.49 -0.98 -40.55
C ASN B 513 35.98 -2.02 -39.56
N PHE B 514 34.94 -2.73 -39.95
CA PHE B 514 34.39 -3.80 -39.12
C PHE B 514 35.42 -4.89 -38.91
N ILE B 515 35.69 -5.28 -37.66
CA ILE B 515 36.61 -6.39 -37.39
C ILE B 515 36.00 -7.43 -36.46
N ASP B 516 35.90 -8.66 -36.95
CA ASP B 516 35.35 -9.74 -36.16
C ASP B 516 36.46 -10.77 -36.03
N PHE B 517 36.40 -11.51 -34.92
CA PHE B 517 37.52 -12.28 -34.39
C PHE B 517 37.19 -13.74 -34.10
N GLY B 518 35.98 -14.21 -34.40
CA GLY B 518 35.61 -15.62 -34.17
C GLY B 518 35.12 -15.86 -32.76
N LEU B 519 34.38 -14.85 -32.28
CA LEU B 519 33.92 -14.84 -30.92
C LEU B 519 32.44 -14.49 -30.89
N ASP B 520 31.66 -15.47 -31.36
CA ASP B 520 30.22 -15.46 -31.17
C ASP B 520 29.86 -16.65 -30.31
N LEU B 521 29.13 -16.31 -29.26
CA LEU B 521 28.83 -17.30 -28.25
C LEU B 521 27.39 -17.73 -28.25
N GLN B 522 26.59 -17.18 -29.19
CA GLN B 522 25.14 -17.39 -29.19
C GLN B 522 24.70 -18.84 -29.07
N PRO B 523 25.28 -19.87 -29.71
CA PRO B 523 24.99 -21.27 -29.43
C PRO B 523 24.99 -21.72 -27.97
N CYS B 524 25.90 -21.24 -27.10
CA CYS B 524 25.87 -21.56 -25.68
C CYS B 524 24.73 -20.83 -24.98
N ILE B 525 24.30 -19.71 -25.52
CA ILE B 525 23.14 -19.02 -24.97
C ILE B 525 21.88 -19.75 -25.44
N GLU B 526 21.69 -19.98 -26.74
CA GLU B 526 20.56 -20.69 -27.31
C GLU B 526 20.37 -22.07 -26.70
N LEU B 527 21.49 -22.66 -26.22
CA LEU B 527 21.46 -23.84 -25.37
C LEU B 527 20.74 -23.59 -24.05
N ILE B 528 21.00 -22.48 -23.36
CA ILE B 528 20.33 -22.22 -22.10
C ILE B 528 18.94 -21.55 -22.22
N GLU B 529 18.70 -20.81 -23.31
CA GLU B 529 17.62 -19.84 -23.42
C GLU B 529 16.27 -20.13 -24.09
N ARG B 530 16.44 -20.82 -25.22
CA ARG B 530 15.50 -20.90 -26.33
C ARG B 530 14.32 -21.84 -26.13
N PRO B 531 13.05 -21.39 -26.16
CA PRO B 531 11.87 -22.21 -25.88
C PRO B 531 11.52 -23.40 -26.79
N THR B 532 11.14 -23.19 -28.04
CA THR B 532 10.77 -24.27 -28.94
C THR B 532 11.93 -24.64 -29.87
N ASN B 533 11.71 -25.28 -31.03
CA ASN B 533 12.75 -26.05 -31.74
C ASN B 533 13.22 -27.16 -30.77
N PRO B 534 14.47 -27.64 -30.64
CA PRO B 534 14.94 -28.30 -29.42
C PRO B 534 15.17 -27.33 -28.25
N PRO B 535 14.38 -27.43 -27.18
CA PRO B 535 14.43 -26.55 -26.02
C PRO B 535 15.74 -26.39 -25.25
N GLY B 536 15.77 -25.19 -24.66
CA GLY B 536 16.86 -24.77 -23.80
C GLY B 536 16.64 -25.08 -22.33
N VAL B 537 17.75 -25.03 -21.57
CA VAL B 537 17.80 -25.48 -20.18
C VAL B 537 16.66 -24.95 -19.31
N LEU B 538 16.48 -23.63 -19.34
CA LEU B 538 15.34 -22.99 -18.69
C LEU B 538 14.00 -23.55 -19.20
N ALA B 539 13.79 -23.43 -20.52
CA ALA B 539 12.53 -23.84 -21.18
C ALA B 539 12.06 -25.25 -20.87
N LEU B 540 12.93 -26.25 -21.05
CA LEU B 540 12.67 -27.64 -20.67
C LEU B 540 12.20 -27.84 -19.23
N LEU B 541 12.64 -26.93 -18.36
CA LEU B 541 12.20 -26.88 -16.97
C LEU B 541 10.92 -26.06 -16.84
N ASP B 542 10.72 -24.99 -17.61
CA ASP B 542 9.44 -24.29 -17.62
C ASP B 542 8.32 -25.21 -18.12
N GLU B 543 8.68 -26.21 -18.93
CA GLU B 543 7.85 -27.36 -19.28
C GLU B 543 7.79 -28.35 -18.11
N GLU B 544 8.88 -29.07 -17.74
CA GLU B 544 8.90 -30.06 -16.65
C GLU B 544 8.54 -29.59 -15.24
N CYS B 545 8.31 -28.30 -15.05
CA CYS B 545 7.65 -27.79 -13.87
C CYS B 545 6.25 -28.41 -13.76
N TRP B 546 5.54 -28.53 -14.87
CA TRP B 546 4.12 -28.89 -14.84
C TRP B 546 3.73 -30.36 -14.87
N PHE B 547 4.69 -31.28 -14.85
CA PHE B 547 4.40 -32.67 -15.11
C PHE B 547 4.77 -33.53 -13.90
N PRO B 548 3.94 -34.51 -13.47
CA PRO B 548 4.26 -35.41 -12.36
C PRO B 548 5.32 -36.47 -12.63
N LYS B 549 5.31 -37.13 -13.79
CA LYS B 549 6.28 -38.19 -14.05
C LYS B 549 7.56 -37.63 -14.67
N ALA B 550 7.92 -36.45 -14.17
CA ALA B 550 8.99 -35.62 -14.68
C ALA B 550 9.83 -35.32 -13.46
N THR B 551 11.14 -35.27 -13.63
CA THR B 551 12.03 -35.42 -12.49
C THR B 551 13.28 -34.65 -12.83
N ASP B 552 13.95 -34.04 -11.85
CA ASP B 552 15.26 -33.40 -12.05
C ASP B 552 16.25 -34.29 -12.83
N THR B 553 16.22 -35.59 -12.54
CA THR B 553 16.83 -36.60 -13.40
C THR B 553 16.33 -36.45 -14.83
N SER B 554 15.04 -36.68 -15.13
CA SER B 554 14.55 -36.51 -16.49
C SER B 554 14.74 -35.09 -17.02
N PHE B 555 15.02 -34.08 -16.18
CA PHE B 555 15.31 -32.76 -16.69
C PHE B 555 16.63 -32.87 -17.44
N VAL B 556 17.67 -33.40 -16.79
CA VAL B 556 18.94 -33.57 -17.48
C VAL B 556 18.81 -34.61 -18.59
N GLU B 557 18.03 -35.69 -18.41
CA GLU B 557 17.78 -36.63 -19.48
C GLU B 557 17.11 -35.97 -20.68
N LYS B 558 16.12 -35.08 -20.47
CA LYS B 558 15.51 -34.35 -21.56
C LYS B 558 16.48 -33.39 -22.21
N LEU B 559 17.48 -32.91 -21.46
CA LEU B 559 18.55 -32.09 -22.00
C LEU B 559 19.59 -32.88 -22.81
N ILE B 560 19.93 -34.11 -22.39
CA ILE B 560 20.81 -34.99 -23.16
C ILE B 560 20.11 -35.37 -24.47
N GLN B 561 18.79 -35.55 -24.34
CA GLN B 561 17.88 -35.80 -25.43
C GLN B 561 17.79 -34.68 -26.48
N GLU B 562 17.46 -33.46 -26.04
CA GLU B 562 17.34 -32.37 -26.99
C GLU B 562 18.70 -31.89 -27.48
N GLN B 563 19.68 -31.70 -26.59
CA GLN B 563 20.96 -31.16 -27.04
C GLN B 563 21.89 -32.13 -27.75
N GLY B 564 22.42 -33.11 -26.99
CA GLY B 564 23.54 -33.96 -27.39
C GLY B 564 24.67 -33.25 -28.14
N ASN B 565 24.63 -33.51 -29.45
CA ASN B 565 25.60 -33.08 -30.46
C ASN B 565 26.03 -31.60 -30.56
N HIS B 566 25.43 -30.73 -29.77
CA HIS B 566 25.61 -29.29 -29.85
C HIS B 566 27.00 -28.87 -29.36
N ALA B 567 27.89 -28.31 -30.21
CA ALA B 567 29.25 -27.88 -29.82
C ALA B 567 29.47 -26.69 -28.86
N LYS B 568 28.67 -26.70 -27.78
CA LYS B 568 28.72 -25.78 -26.65
C LYS B 568 28.17 -26.40 -25.36
N PHE B 569 27.86 -27.70 -25.42
CA PHE B 569 27.27 -28.44 -24.33
C PHE B 569 28.21 -29.61 -24.02
N GLN B 570 28.41 -29.95 -22.74
CA GLN B 570 29.12 -31.15 -22.37
C GLN B 570 28.45 -31.85 -21.19
N LYS B 571 27.73 -32.94 -21.47
CA LYS B 571 27.24 -33.86 -20.44
C LYS B 571 28.29 -34.19 -19.39
N SER B 572 27.83 -34.44 -18.17
CA SER B 572 28.64 -34.74 -17.00
C SER B 572 29.69 -35.84 -17.09
N LYS B 573 30.45 -35.95 -16.00
CA LYS B 573 31.44 -36.99 -15.80
C LYS B 573 30.67 -38.13 -15.10
N GLN B 574 29.93 -38.92 -15.88
CA GLN B 574 29.24 -40.13 -15.43
C GLN B 574 28.12 -40.04 -14.40
N LEU B 575 27.93 -38.89 -13.75
CA LEU B 575 26.90 -38.71 -12.76
C LEU B 575 25.50 -38.55 -13.34
N LYS B 576 24.95 -39.68 -13.76
CA LYS B 576 23.52 -39.79 -14.05
C LYS B 576 22.76 -39.79 -12.73
N ASP B 577 23.24 -40.71 -11.88
CA ASP B 577 22.88 -40.89 -10.49
C ASP B 577 22.67 -39.62 -9.65
N LYS B 578 23.52 -38.62 -9.86
CA LYS B 578 23.32 -37.28 -9.34
C LYS B 578 22.73 -36.26 -10.34
N THR B 579 22.91 -36.48 -11.65
CA THR B 579 22.42 -35.61 -12.73
C THR B 579 22.80 -34.14 -12.72
N GLU B 580 23.90 -33.91 -13.42
CA GLU B 580 24.57 -32.63 -13.51
C GLU B 580 25.06 -32.51 -14.94
N PHE B 581 25.38 -31.32 -15.43
CA PHE B 581 25.76 -31.15 -16.81
C PHE B 581 26.72 -29.98 -16.85
N CYS B 582 27.64 -30.03 -17.79
CA CYS B 582 28.60 -28.97 -17.93
C CYS B 582 28.23 -28.31 -19.25
N ILE B 583 28.30 -26.99 -19.33
CA ILE B 583 28.14 -26.32 -20.60
C ILE B 583 29.36 -25.43 -20.76
N LEU B 584 29.70 -25.10 -21.99
CA LEU B 584 30.98 -24.50 -22.24
C LEU B 584 30.83 -22.99 -22.21
N HIS B 585 30.70 -22.53 -20.97
CA HIS B 585 30.78 -21.12 -20.70
C HIS B 585 32.21 -20.71 -20.86
N TYR B 586 32.42 -19.51 -21.41
CA TYR B 586 33.72 -19.04 -21.87
C TYR B 586 34.85 -19.16 -20.85
N ALA B 587 34.52 -18.65 -19.67
CA ALA B 587 35.42 -18.62 -18.54
C ALA B 587 35.20 -19.88 -17.72
N GLY B 588 35.48 -21.00 -18.40
CA GLY B 588 35.43 -22.27 -17.75
C GLY B 588 34.11 -23.00 -17.91
N LYS B 589 34.35 -24.28 -18.14
CA LYS B 589 33.33 -25.30 -18.03
C LYS B 589 32.79 -25.26 -16.59
N VAL B 590 31.47 -25.03 -16.46
CA VAL B 590 30.84 -25.00 -15.13
C VAL B 590 29.99 -26.26 -14.89
N THR B 591 30.02 -26.86 -13.69
CA THR B 591 29.10 -27.94 -13.36
C THR B 591 27.86 -27.34 -12.68
N TYR B 592 26.67 -27.65 -13.17
CA TYR B 592 25.44 -27.28 -12.46
C TYR B 592 24.92 -28.58 -11.88
N ASN B 593 24.29 -28.73 -10.71
CA ASN B 593 23.63 -29.99 -10.39
C ASN B 593 22.12 -29.78 -10.37
N ALA B 594 21.32 -30.73 -10.89
CA ALA B 594 19.92 -30.50 -11.16
C ALA B 594 18.90 -30.94 -10.11
N SER B 595 19.24 -31.80 -9.15
CA SER B 595 18.35 -32.11 -8.03
C SER B 595 17.74 -30.89 -7.32
N ALA B 596 16.39 -30.89 -7.24
CA ALA B 596 15.50 -29.89 -6.62
C ALA B 596 15.13 -28.67 -7.47
N TRP B 597 15.60 -28.63 -8.72
CA TRP B 597 15.37 -27.51 -9.63
C TRP B 597 13.91 -27.35 -10.00
N LEU B 598 13.19 -28.48 -10.14
CA LEU B 598 11.77 -28.43 -10.48
C LEU B 598 10.98 -27.53 -9.53
N THR B 599 11.04 -27.86 -8.24
CA THR B 599 10.38 -27.12 -7.20
C THR B 599 11.04 -25.77 -6.93
N LYS B 600 12.30 -25.58 -7.33
CA LYS B 600 12.83 -24.24 -7.41
C LYS B 600 12.18 -23.41 -8.51
N ASN B 601 11.99 -23.86 -9.76
CA ASN B 601 11.32 -23.05 -10.78
C ASN B 601 9.79 -23.07 -10.58
N MET B 602 9.29 -23.88 -9.63
CA MET B 602 7.88 -23.91 -9.24
C MET B 602 7.47 -23.16 -7.97
N ASP B 603 8.18 -23.28 -6.84
CA ASP B 603 7.80 -22.71 -5.53
C ASP B 603 6.43 -23.09 -4.94
N PRO B 604 6.24 -24.29 -4.36
CA PRO B 604 5.01 -24.69 -3.65
C PRO B 604 4.99 -24.49 -2.12
N LEU B 605 3.81 -24.26 -1.52
CA LEU B 605 3.73 -23.95 -0.09
C LEU B 605 2.37 -24.36 0.44
N ASN B 606 2.17 -24.51 1.77
CA ASN B 606 0.84 -24.75 2.33
C ASN B 606 -0.07 -23.57 2.02
N ASP B 607 -0.93 -23.67 1.00
CA ASP B 607 -1.76 -22.54 0.59
C ASP B 607 -2.66 -21.93 1.68
N ASN B 608 -3.08 -22.79 2.60
CA ASN B 608 -3.79 -22.38 3.83
C ASN B 608 -3.16 -21.30 4.70
N VAL B 609 -1.93 -21.52 5.21
CA VAL B 609 -1.28 -20.50 6.05
C VAL B 609 -1.10 -19.21 5.27
N THR B 610 -0.78 -19.41 3.99
CA THR B 610 -0.53 -18.39 2.99
C THR B 610 -1.71 -17.45 2.77
N SER B 611 -2.91 -17.99 2.54
CA SER B 611 -4.14 -17.20 2.39
C SER B 611 -4.52 -16.39 3.63
N LEU B 612 -4.04 -16.88 4.77
CA LEU B 612 -4.08 -16.12 6.00
C LEU B 612 -2.96 -15.07 6.12
N LEU B 613 -1.78 -15.33 5.56
CA LEU B 613 -0.75 -14.31 5.41
C LEU B 613 -1.21 -13.20 4.49
N ASN B 614 -2.08 -13.60 3.55
CA ASN B 614 -2.73 -12.67 2.64
C ASN B 614 -3.66 -11.78 3.45
N GLN B 615 -4.48 -12.34 4.32
CA GLN B 615 -5.39 -11.55 5.13
C GLN B 615 -4.75 -11.04 6.42
N SER B 616 -3.53 -10.48 6.32
CA SER B 616 -2.80 -10.08 7.52
C SER B 616 -3.10 -8.65 7.95
N SER B 617 -2.60 -8.34 9.13
CA SER B 617 -2.75 -7.05 9.74
C SER B 617 -1.80 -6.02 9.15
N ASP B 618 -0.52 -6.40 9.11
CA ASP B 618 0.54 -5.47 8.80
C ASP B 618 0.51 -5.10 7.32
N LYS B 619 0.67 -3.79 7.09
CA LYS B 619 0.85 -3.25 5.75
C LYS B 619 1.92 -4.00 4.96
N PHE B 620 3.10 -4.21 5.54
CA PHE B 620 4.12 -5.02 4.91
C PHE B 620 3.57 -6.39 4.59
N VAL B 621 3.21 -7.25 5.54
CA VAL B 621 2.81 -8.63 5.26
C VAL B 621 1.65 -8.75 4.26
N ALA B 622 0.66 -7.86 4.40
CA ALA B 622 -0.45 -7.74 3.48
C ALA B 622 -0.06 -7.22 2.11
N ASP B 623 0.97 -6.39 1.96
CA ASP B 623 1.48 -6.07 0.62
C ASP B 623 2.32 -7.17 0.02
N LEU B 624 3.21 -7.69 0.87
CA LEU B 624 4.11 -8.79 0.57
C LEU B 624 3.36 -10.04 0.17
N TRP B 625 2.21 -10.35 0.75
CA TRP B 625 1.57 -11.63 0.50
C TRP B 625 0.27 -11.58 -0.29
N LYS B 626 -0.15 -10.38 -0.71
CA LYS B 626 -1.38 -10.24 -1.50
C LYS B 626 -1.44 -11.05 -2.79
N ASP B 627 -0.24 -11.38 -3.27
CA ASP B 627 0.04 -12.35 -4.31
C ASP B 627 -0.11 -13.83 -3.89
N VAL B 628 -1.30 -14.19 -3.39
CA VAL B 628 -1.57 -15.57 -3.00
C VAL B 628 -1.87 -16.52 -4.15
N ASP B 629 -2.60 -16.07 -5.17
CA ASP B 629 -3.00 -16.82 -6.35
C ASP B 629 -2.01 -17.82 -6.93
N ARG B 630 -0.72 -17.51 -6.83
CA ARG B 630 0.32 -18.29 -7.46
C ARG B 630 0.66 -19.61 -6.73
N ILE B 631 0.25 -19.82 -5.48
CA ILE B 631 0.67 -20.99 -4.69
C ILE B 631 -0.12 -22.25 -5.07
N VAL B 632 0.49 -23.45 -5.14
CA VAL B 632 -0.13 -24.59 -5.80
C VAL B 632 -0.49 -25.61 -4.74
N GLY B 633 -1.70 -26.17 -4.75
CA GLY B 633 -2.11 -27.14 -3.77
C GLY B 633 -2.88 -28.28 -4.45
N LEU B 634 -2.36 -29.49 -4.22
CA LEU B 634 -3.03 -30.74 -4.52
C LEU B 634 -2.24 -31.83 -3.80
N PHE B 656 0.97 -22.60 -11.70
CA PHE B 656 0.69 -21.27 -12.21
C PHE B 656 1.91 -20.92 -13.04
N ARG B 657 1.90 -19.90 -13.92
CA ARG B 657 3.07 -19.46 -14.69
C ARG B 657 4.34 -19.32 -13.82
N THR B 658 5.37 -20.04 -14.29
CA THR B 658 6.65 -20.26 -13.62
C THR B 658 7.45 -19.04 -13.18
N VAL B 659 8.47 -19.31 -12.37
CA VAL B 659 9.42 -18.28 -11.96
C VAL B 659 10.24 -17.89 -13.18
N GLY B 660 11.01 -18.85 -13.72
CA GLY B 660 11.85 -18.66 -14.91
C GLY B 660 11.21 -18.08 -16.17
N GLN B 661 10.00 -18.51 -16.55
CA GLN B 661 9.38 -17.86 -17.70
C GLN B 661 9.01 -16.43 -17.34
N LEU B 662 8.51 -16.13 -16.14
CA LEU B 662 8.33 -14.73 -15.73
C LEU B 662 9.66 -13.98 -15.67
N TYR B 663 10.73 -14.67 -15.27
CA TYR B 663 12.10 -14.18 -15.40
C TYR B 663 12.38 -13.91 -16.87
N LYS B 664 11.93 -14.67 -17.87
CA LYS B 664 12.11 -14.26 -19.28
C LYS B 664 11.26 -13.04 -19.63
N GLU B 665 10.02 -13.02 -19.14
CA GLU B 665 9.21 -11.80 -19.17
C GLU B 665 9.82 -10.63 -18.40
N GLN B 666 10.95 -10.83 -17.72
CA GLN B 666 11.83 -9.74 -17.28
C GLN B 666 13.21 -9.76 -17.97
N LEU B 667 13.71 -10.89 -18.49
CA LEU B 667 15.04 -10.99 -19.06
C LEU B 667 15.18 -10.10 -20.28
N THR B 668 14.09 -10.09 -21.03
CA THR B 668 13.96 -9.31 -22.25
C THR B 668 13.83 -7.84 -21.93
N LYS B 669 13.39 -7.49 -20.71
CA LYS B 669 13.38 -6.14 -20.19
C LYS B 669 14.77 -5.71 -19.70
N LEU B 670 15.57 -6.67 -19.19
CA LEU B 670 16.98 -6.41 -18.91
C LEU B 670 17.79 -6.14 -20.19
N MET B 671 17.64 -7.05 -21.12
CA MET B 671 18.65 -7.26 -22.13
C MET B 671 18.23 -6.79 -23.52
N THR B 672 16.98 -6.41 -23.80
CA THR B 672 16.68 -5.68 -25.04
C THR B 672 16.99 -4.17 -24.91
N THR B 673 16.82 -3.65 -23.69
CA THR B 673 17.12 -2.25 -23.39
C THR B 673 18.60 -1.95 -23.60
N LEU B 674 19.38 -2.92 -23.12
CA LEU B 674 20.80 -3.04 -23.41
C LEU B 674 21.25 -3.01 -24.87
N ARG B 675 20.42 -3.42 -25.84
CA ARG B 675 20.77 -3.27 -27.25
C ARG B 675 20.20 -1.99 -27.83
N ASN B 676 19.41 -1.25 -27.04
CA ASN B 676 19.04 0.12 -27.36
C ASN B 676 20.07 1.09 -26.79
N THR B 677 20.68 0.69 -25.68
CA THR B 677 21.72 1.45 -25.02
C THR B 677 23.12 1.20 -25.56
N ASN B 678 23.85 2.23 -26.01
CA ASN B 678 25.30 2.20 -26.20
C ASN B 678 26.06 1.70 -24.98
N PRO B 679 26.87 0.65 -25.15
CA PRO B 679 27.69 0.04 -24.11
C PRO B 679 28.92 0.82 -23.66
N ASN B 680 29.26 0.63 -22.38
CA ASN B 680 30.53 1.00 -21.78
C ASN B 680 30.94 -0.17 -20.88
N PHE B 681 32.19 -0.62 -20.94
CA PHE B 681 32.54 -1.89 -20.32
C PHE B 681 33.56 -1.91 -19.21
N VAL B 682 33.31 -2.89 -18.35
CA VAL B 682 34.10 -3.05 -17.13
C VAL B 682 34.52 -4.51 -17.13
N ARG B 683 35.77 -4.80 -17.48
CA ARG B 683 36.14 -6.14 -17.88
C ARG B 683 36.84 -6.99 -16.86
N CYS B 684 36.01 -7.49 -15.94
CA CYS B 684 36.47 -7.72 -14.57
C CYS B 684 37.13 -9.07 -14.36
N ILE B 685 38.39 -9.11 -13.97
CA ILE B 685 39.18 -10.32 -13.87
C ILE B 685 39.22 -10.57 -12.37
N ILE B 686 39.47 -11.84 -12.07
CA ILE B 686 39.69 -12.30 -10.72
C ILE B 686 41.16 -12.70 -10.63
N PRO B 687 41.89 -12.13 -9.68
CA PRO B 687 43.30 -12.43 -9.50
C PRO B 687 43.57 -13.73 -8.73
N ASN B 688 42.63 -14.09 -7.86
CA ASN B 688 42.77 -15.28 -7.06
C ASN B 688 41.41 -15.91 -6.92
N HIS B 689 41.37 -17.25 -6.87
CA HIS B 689 40.15 -17.90 -6.41
C HIS B 689 40.09 -18.09 -4.90
N GLU B 690 40.64 -17.16 -4.11
CA GLU B 690 40.70 -17.34 -2.66
C GLU B 690 40.12 -16.13 -1.88
N LYS B 691 39.32 -15.29 -2.55
CA LYS B 691 38.58 -14.16 -1.96
C LYS B 691 39.39 -12.90 -1.66
N ARG B 692 40.71 -12.97 -1.85
CA ARG B 692 41.65 -12.25 -1.02
C ARG B 692 41.95 -10.85 -1.51
N ALA B 693 42.43 -10.01 -0.60
CA ALA B 693 43.06 -8.76 -0.99
C ALA B 693 44.45 -9.02 -1.58
N GLY B 694 44.69 -8.44 -2.75
CA GLY B 694 46.03 -8.34 -3.32
C GLY B 694 46.51 -9.57 -4.09
N LYS B 695 46.02 -10.78 -3.79
CA LYS B 695 46.54 -12.00 -4.40
C LYS B 695 46.16 -12.17 -5.86
N LEU B 696 47.17 -11.98 -6.71
CA LEU B 696 47.10 -12.40 -8.11
C LEU B 696 47.78 -13.75 -8.33
N ASP B 697 47.34 -14.50 -9.35
CA ASP B 697 48.06 -15.67 -9.84
C ASP B 697 48.40 -15.50 -11.31
N ALA B 698 49.62 -15.88 -11.66
CA ALA B 698 50.19 -15.60 -12.97
C ALA B 698 49.54 -16.37 -14.11
N HIS B 699 49.01 -17.54 -13.78
CA HIS B 699 48.31 -18.36 -14.74
C HIS B 699 46.80 -18.14 -14.68
N LEU B 700 46.31 -17.78 -13.48
CA LEU B 700 44.90 -17.53 -13.27
C LEU B 700 44.45 -16.29 -14.03
N VAL B 701 45.20 -15.18 -13.96
CA VAL B 701 44.89 -14.00 -14.75
C VAL B 701 45.00 -14.28 -16.25
N LEU B 702 46.12 -14.94 -16.62
CA LEU B 702 46.45 -15.27 -18.01
C LEU B 702 45.33 -16.06 -18.66
N GLU B 703 44.74 -16.99 -17.90
CA GLU B 703 43.55 -17.70 -18.35
C GLU B 703 42.46 -16.70 -18.69
N GLN B 704 42.11 -15.82 -17.76
CA GLN B 704 41.04 -14.86 -17.98
C GLN B 704 41.35 -13.78 -19.00
N LEU B 705 42.63 -13.60 -19.29
CA LEU B 705 43.04 -12.76 -20.40
C LEU B 705 42.70 -13.42 -21.73
N ARG B 706 42.48 -14.74 -21.74
CA ARG B 706 42.03 -15.45 -22.92
C ARG B 706 40.54 -15.67 -22.91
N CYS B 707 39.99 -15.98 -21.73
CA CYS B 707 38.57 -16.26 -21.55
C CYS B 707 37.75 -14.99 -21.74
N ASN B 708 38.17 -13.87 -21.15
CA ASN B 708 37.52 -12.60 -21.44
C ASN B 708 37.80 -12.04 -22.83
N GLY B 709 38.69 -12.69 -23.60
CA GLY B 709 39.05 -12.30 -24.95
C GLY B 709 39.82 -10.99 -24.97
N VAL B 710 41.07 -10.98 -24.51
CA VAL B 710 41.85 -9.75 -24.49
C VAL B 710 42.64 -9.50 -25.78
N LEU B 711 43.16 -10.52 -26.48
CA LEU B 711 44.10 -10.34 -27.58
C LEU B 711 43.40 -9.61 -28.74
N GLU B 712 42.16 -10.08 -28.89
CA GLU B 712 41.20 -9.77 -29.92
C GLU B 712 40.47 -8.50 -29.54
N GLY B 713 40.03 -8.42 -28.28
CA GLY B 713 39.45 -7.20 -27.71
C GLY B 713 40.36 -5.99 -27.83
N ILE B 714 41.67 -6.20 -27.73
CA ILE B 714 42.67 -5.26 -28.21
C ILE B 714 42.40 -4.96 -29.68
N ARG B 715 42.59 -5.89 -30.62
CA ARG B 715 42.54 -5.56 -32.05
C ARG B 715 41.28 -4.98 -32.68
N ILE B 716 40.28 -4.73 -31.84
CA ILE B 716 39.28 -3.73 -32.16
C ILE B 716 39.63 -2.41 -31.47
N CYS B 717 39.37 -2.24 -30.16
CA CYS B 717 39.39 -0.92 -29.57
C CYS B 717 40.76 -0.31 -29.33
N ARG B 718 41.83 -1.09 -29.56
CA ARG B 718 43.19 -0.58 -29.71
C ARG B 718 43.24 0.45 -30.83
N GLN B 719 42.40 0.27 -31.86
CA GLN B 719 42.30 1.20 -32.97
C GLN B 719 41.29 2.32 -32.65
N GLY B 720 40.66 2.29 -31.48
CA GLY B 720 39.29 2.77 -31.30
C GLY B 720 39.16 3.89 -30.27
N PHE B 721 37.95 4.42 -30.03
CA PHE B 721 37.88 5.71 -29.35
C PHE B 721 37.21 5.65 -28.00
N PRO B 722 37.88 6.01 -26.90
CA PRO B 722 37.23 6.21 -25.60
C PRO B 722 36.20 7.34 -25.62
N ASN B 723 36.64 8.58 -25.81
CA ASN B 723 35.78 9.76 -25.86
C ASN B 723 34.89 9.75 -27.08
N ARG B 724 33.64 10.05 -26.84
CA ARG B 724 32.74 10.52 -27.88
C ARG B 724 32.18 11.83 -27.35
N ILE B 725 31.63 12.70 -28.20
CA ILE B 725 31.09 14.01 -27.83
C ILE B 725 30.65 14.58 -29.18
N VAL B 726 29.49 15.20 -29.42
CA VAL B 726 29.02 15.46 -30.78
C VAL B 726 29.78 16.53 -31.55
N PHE B 727 30.35 16.04 -32.63
CA PHE B 727 31.10 16.78 -33.64
C PHE B 727 30.46 18.01 -34.22
N GLN B 728 29.17 18.04 -34.60
CA GLN B 728 28.68 19.26 -35.22
C GLN B 728 28.72 20.40 -34.21
N GLU B 729 28.21 20.22 -33.00
CA GLU B 729 28.64 21.02 -31.86
C GLU B 729 30.16 21.21 -31.77
N PHE B 730 31.03 20.20 -31.69
CA PHE B 730 32.48 20.39 -31.80
C PHE B 730 33.01 21.22 -32.98
N ARG B 731 32.33 21.32 -34.14
CA ARG B 731 32.73 22.22 -35.24
C ARG B 731 32.31 23.62 -34.83
N GLN B 732 31.06 23.60 -34.39
CA GLN B 732 30.37 24.81 -34.10
C GLN B 732 30.77 25.04 -32.64
N ARG B 733 32.05 25.35 -32.42
CA ARG B 733 32.70 25.35 -31.10
C ARG B 733 34.14 25.59 -31.45
N TYR B 734 34.82 24.62 -32.08
CA TYR B 734 36.24 24.76 -32.40
C TYR B 734 36.52 25.86 -33.42
N GLU B 735 35.47 26.23 -34.17
CA GLU B 735 35.46 27.27 -35.19
C GLU B 735 36.67 28.15 -35.47
N ILE B 736 37.03 28.82 -34.39
CA ILE B 736 37.88 29.95 -34.55
C ILE B 736 39.32 29.73 -34.09
N LEU B 737 39.64 28.49 -33.66
CA LEU B 737 41.02 28.01 -33.57
C LEU B 737 41.84 28.37 -34.79
N ALA B 738 41.08 28.41 -35.90
CA ALA B 738 41.45 28.99 -37.17
C ALA B 738 40.50 30.09 -37.66
N ALA B 739 40.44 31.21 -36.94
CA ALA B 739 39.94 32.49 -37.47
C ALA B 739 40.48 32.92 -38.83
N ASN B 740 41.71 32.44 -39.05
CA ASN B 740 42.39 32.60 -40.33
C ASN B 740 41.88 31.67 -41.42
N ALA B 741 41.47 30.44 -41.10
CA ALA B 741 41.19 29.49 -42.15
C ALA B 741 39.81 29.74 -42.74
N ILE B 742 38.80 29.90 -41.88
CA ILE B 742 37.42 30.09 -42.30
C ILE B 742 37.19 31.59 -42.48
N PRO B 743 36.69 32.02 -43.65
CA PRO B 743 35.97 33.27 -43.81
C PRO B 743 34.71 33.14 -44.69
N LYS B 744 34.18 34.26 -45.20
CA LYS B 744 33.16 34.28 -46.26
C LYS B 744 31.76 33.81 -45.86
N GLY B 745 31.40 34.27 -44.65
CA GLY B 745 30.02 34.27 -44.18
C GLY B 745 29.68 33.00 -43.42
N PHE B 746 29.32 31.98 -44.18
CA PHE B 746 28.88 30.70 -43.66
C PHE B 746 29.70 29.64 -44.38
N MET B 747 29.61 28.38 -43.97
CA MET B 747 30.56 27.38 -44.42
C MET B 747 30.02 26.06 -43.91
N ASP B 748 30.01 25.01 -44.76
CA ASP B 748 29.68 23.65 -44.30
C ASP B 748 30.28 23.29 -42.94
N GLY B 749 29.52 22.50 -42.18
CA GLY B 749 29.86 22.27 -40.80
C GLY B 749 31.11 21.42 -40.71
N LYS B 750 30.82 20.14 -40.93
CA LYS B 750 31.79 19.07 -41.05
C LYS B 750 33.19 19.45 -41.51
N GLN B 751 33.24 20.03 -42.72
CA GLN B 751 34.49 20.41 -43.37
C GLN B 751 35.25 21.48 -42.61
N ALA B 752 34.57 22.59 -42.33
CA ALA B 752 35.17 23.70 -41.58
C ALA B 752 35.75 23.27 -40.24
N CYS B 753 35.13 22.24 -39.65
CA CYS B 753 35.72 21.61 -38.48
C CYS B 753 37.12 21.04 -38.71
N ILE B 754 37.40 20.42 -39.86
CA ILE B 754 38.75 19.99 -40.16
C ILE B 754 39.67 21.21 -40.23
N LEU B 755 39.16 22.32 -40.77
CA LEU B 755 39.93 23.56 -40.84
C LEU B 755 40.24 24.12 -39.45
N MET B 756 39.27 24.23 -38.54
CA MET B 756 39.55 24.67 -37.18
C MET B 756 40.41 23.67 -36.40
N ILE B 757 40.21 22.38 -36.59
CA ILE B 757 40.90 21.32 -35.85
C ILE B 757 42.38 21.21 -36.20
N LYS B 758 42.71 21.26 -37.49
CA LYS B 758 44.10 21.31 -37.89
C LYS B 758 44.90 22.45 -37.30
N ALA B 759 44.27 23.62 -37.20
CA ALA B 759 44.94 24.79 -36.65
C ALA B 759 45.32 24.75 -35.17
N LEU B 760 45.10 23.65 -34.46
CA LEU B 760 45.70 23.47 -33.13
C LEU B 760 46.27 22.05 -33.10
N GLU B 761 47.00 21.67 -34.15
CA GLU B 761 47.62 20.37 -34.28
C GLU B 761 46.71 19.15 -34.36
N LEU B 762 45.79 18.89 -33.40
CA LEU B 762 44.77 17.84 -33.40
C LEU B 762 45.01 16.70 -34.37
N ASP B 763 45.87 15.80 -33.92
CA ASP B 763 46.50 14.85 -34.83
C ASP B 763 45.49 13.90 -35.45
N PRO B 764 45.56 13.69 -36.79
CA PRO B 764 44.74 12.77 -37.56
C PRO B 764 44.28 11.48 -36.91
N ASN B 765 45.08 10.78 -36.10
CA ASN B 765 44.65 9.50 -35.56
C ASN B 765 43.80 9.62 -34.30
N LEU B 766 43.56 10.82 -33.77
CA LEU B 766 43.05 10.90 -32.40
C LEU B 766 41.62 11.39 -32.17
N TYR B 767 41.10 12.12 -33.17
CA TYR B 767 39.72 12.61 -33.24
C TYR B 767 38.93 11.85 -34.30
N ARG B 768 37.64 11.59 -34.15
CA ARG B 768 36.92 10.84 -35.16
C ARG B 768 35.52 11.35 -35.45
N ILE B 769 35.33 11.47 -36.76
CA ILE B 769 34.22 12.18 -37.37
C ILE B 769 33.18 11.15 -37.76
N GLY B 770 31.92 11.31 -37.36
CA GLY B 770 30.82 10.60 -38.01
C GLY B 770 29.96 11.58 -38.76
N GLN B 771 28.64 11.36 -38.75
CA GLN B 771 27.71 12.38 -39.16
C GLN B 771 27.71 13.55 -38.18
N SER B 772 27.20 13.22 -36.99
CA SER B 772 27.09 14.15 -35.88
C SER B 772 28.15 14.00 -34.80
N LYS B 773 28.60 12.81 -34.38
CA LYS B 773 29.47 12.63 -33.23
C LYS B 773 30.96 12.76 -33.56
N ILE B 774 31.75 13.28 -32.62
CA ILE B 774 33.19 13.27 -32.74
C ILE B 774 33.69 12.40 -31.60
N PHE B 775 34.74 11.64 -31.85
CA PHE B 775 35.21 10.62 -30.95
C PHE B 775 36.68 10.87 -30.69
N PHE B 776 37.18 10.69 -29.49
CA PHE B 776 38.58 10.88 -29.25
C PHE B 776 39.16 9.78 -28.39
N ARG B 777 40.43 9.59 -28.71
CA ARG B 777 41.33 8.66 -28.05
C ARG B 777 41.61 9.09 -26.62
N THR B 778 42.22 8.26 -25.76
CA THR B 778 42.80 8.68 -24.49
C THR B 778 43.66 9.94 -24.62
N GLY B 779 43.73 10.84 -23.63
CA GLY B 779 44.71 11.92 -23.67
C GLY B 779 44.42 13.08 -24.64
N VAL B 780 43.79 12.89 -25.79
CA VAL B 780 43.76 13.94 -26.80
C VAL B 780 42.63 14.95 -26.67
N LEU B 781 41.36 14.49 -26.64
CA LEU B 781 40.12 15.31 -26.75
C LEU B 781 40.16 16.69 -26.11
N ALA B 782 40.68 16.42 -24.94
CA ALA B 782 40.36 17.06 -23.73
C ALA B 782 41.48 17.98 -23.36
N HIS B 783 42.75 17.58 -23.58
CA HIS B 783 43.80 18.56 -23.49
C HIS B 783 43.75 19.45 -24.70
N LEU B 784 43.27 18.97 -25.85
CA LEU B 784 43.00 19.89 -26.92
C LEU B 784 41.69 20.63 -26.74
N GLU B 785 40.70 20.19 -25.94
CA GLU B 785 39.56 21.03 -25.58
C GLU B 785 40.08 22.13 -24.68
N GLU B 786 40.85 21.74 -23.67
CA GLU B 786 41.52 22.66 -22.77
C GLU B 786 42.42 23.66 -23.51
N GLU B 787 43.42 23.14 -24.21
CA GLU B 787 44.17 23.95 -25.14
C GLU B 787 43.38 24.56 -26.28
N ARG B 788 42.17 24.10 -26.62
CA ARG B 788 41.29 24.87 -27.48
C ARG B 788 40.78 26.04 -26.68
N ASP B 789 40.61 25.99 -25.36
CA ASP B 789 40.29 27.18 -24.56
C ASP B 789 41.41 28.20 -24.64
N LEU B 790 42.64 27.68 -24.56
CA LEU B 790 43.83 28.45 -24.89
C LEU B 790 43.88 28.95 -26.33
N LYS B 791 43.49 28.21 -27.38
CA LYS B 791 43.50 28.71 -28.74
C LYS B 791 42.17 29.22 -29.28
N ILE B 792 41.08 29.24 -28.50
CA ILE B 792 39.86 29.99 -28.80
C ILE B 792 39.49 30.79 -27.56
N THR B 793 40.50 31.39 -26.95
CA THR B 793 40.88 32.77 -27.27
C THR B 793 40.21 33.49 -28.44
N ASP B 794 40.93 33.82 -29.52
CA ASP B 794 40.52 34.81 -30.53
C ASP B 794 39.03 35.10 -30.66
N VAL B 795 38.20 34.42 -31.44
CA VAL B 795 36.77 34.74 -31.35
C VAL B 795 35.98 34.04 -30.24
N ILE B 796 36.08 32.78 -29.78
CA ILE B 796 35.10 32.28 -28.80
C ILE B 796 35.30 32.73 -27.34
N ILE B 797 36.53 32.99 -26.90
CA ILE B 797 36.76 33.94 -25.83
C ILE B 797 36.21 35.31 -26.22
N ALA B 798 36.49 35.96 -27.36
CA ALA B 798 35.80 37.22 -27.69
C ALA B 798 34.30 37.06 -27.90
N PHE B 799 33.76 35.83 -27.88
CA PHE B 799 32.31 35.63 -27.83
C PHE B 799 31.92 35.79 -26.38
N GLN B 800 32.41 34.88 -25.51
CA GLN B 800 32.18 34.93 -24.08
C GLN B 800 32.38 36.34 -23.49
N ALA B 801 33.36 37.09 -24.01
CA ALA B 801 33.59 38.49 -23.68
C ALA B 801 32.44 39.47 -23.90
N GLN B 802 31.81 39.32 -25.07
CA GLN B 802 30.65 40.12 -25.44
C GLN B 802 29.52 39.83 -24.47
N CYS B 803 29.34 38.55 -24.13
CA CYS B 803 28.41 38.12 -23.09
C CYS B 803 28.65 38.82 -21.76
N ARG B 804 29.86 38.67 -21.24
CA ARG B 804 30.31 39.31 -20.00
C ARG B 804 30.02 40.79 -20.02
N GLY B 805 30.33 41.40 -21.17
CA GLY B 805 30.01 42.79 -21.45
C GLY B 805 28.56 43.08 -21.17
N TYR B 806 27.72 42.57 -22.08
CA TYR B 806 26.25 42.65 -22.09
C TYR B 806 25.62 42.46 -20.71
N LEU B 807 26.15 41.49 -19.97
CA LEU B 807 25.77 41.22 -18.59
C LEU B 807 26.29 42.21 -17.56
N ALA B 808 27.57 42.65 -17.63
CA ALA B 808 28.16 43.48 -16.58
C ALA B 808 27.52 44.85 -16.56
N ARG B 809 27.09 45.28 -17.77
CA ARG B 809 26.26 46.47 -17.98
C ARG B 809 25.13 46.53 -16.96
N LYS B 810 24.51 45.37 -16.78
CA LYS B 810 23.33 45.24 -15.94
C LYS B 810 23.76 44.88 -14.51
N ALA B 811 24.84 44.10 -14.38
CA ALA B 811 25.18 43.45 -13.12
C ALA B 811 26.30 44.02 -12.24
N PHE B 812 26.96 45.12 -12.62
CA PHE B 812 28.08 45.68 -11.86
C PHE B 812 27.86 45.99 -10.37
N ALA B 813 26.79 46.71 -10.02
CA ALA B 813 26.35 46.94 -8.64
C ALA B 813 27.38 46.93 -7.52
N LYS B 814 27.59 45.77 -6.86
CA LYS B 814 28.12 45.71 -5.50
C LYS B 814 29.00 46.81 -4.92
N ARG B 815 30.14 47.29 -5.44
CA ARG B 815 30.90 48.37 -4.81
C ARG B 815 30.59 49.78 -5.30
N GLN B 816 29.64 50.00 -6.22
CA GLN B 816 29.34 51.33 -6.77
C GLN B 816 28.68 52.34 -5.82
N GLN B 817 29.40 52.63 -4.73
CA GLN B 817 28.77 53.17 -3.54
C GLN B 817 29.63 53.79 -2.44
N GLN B 818 30.21 52.96 -1.58
CA GLN B 818 30.33 53.21 -0.14
C GLN B 818 30.96 54.49 0.38
N LEU B 819 31.79 55.05 -0.51
CA LEU B 819 32.87 55.98 -0.23
C LEU B 819 32.55 57.02 0.84
N THR B 820 31.87 58.08 0.44
CA THR B 820 31.55 59.18 1.35
C THR B 820 30.55 58.79 2.43
N ALA B 821 29.77 57.71 2.22
CA ALA B 821 28.83 57.22 3.22
C ALA B 821 29.56 56.52 4.38
N MET B 822 30.71 55.91 4.05
CA MET B 822 31.64 55.37 5.05
C MET B 822 32.22 56.50 5.89
N LYS B 823 32.58 57.58 5.19
CA LYS B 823 32.99 58.82 5.84
C LYS B 823 31.83 59.44 6.62
N VAL B 824 30.59 59.22 6.17
CA VAL B 824 29.41 59.60 6.95
C VAL B 824 29.29 58.74 8.20
N ILE B 825 29.62 57.44 8.20
CA ILE B 825 29.70 56.62 9.43
C ILE B 825 30.60 57.30 10.48
N GLN B 826 31.66 57.93 9.97
CA GLN B 826 32.54 58.73 10.80
C GLN B 826 31.89 60.02 11.28
N ARG B 827 31.15 60.76 10.42
CA ARG B 827 30.30 61.86 10.89
C ARG B 827 29.40 61.41 12.04
N ASN B 828 28.79 60.24 11.79
CA ASN B 828 27.85 59.64 12.70
C ASN B 828 28.58 59.35 13.98
N CYS B 829 29.71 58.65 13.89
CA CYS B 829 30.47 58.16 15.03
C CYS B 829 30.99 59.24 15.92
N ALA B 830 31.58 60.32 15.40
CA ALA B 830 31.94 61.48 16.21
C ALA B 830 30.77 62.08 16.99
N ALA B 831 29.58 61.89 16.42
CA ALA B 831 28.36 62.19 17.10
C ALA B 831 27.65 60.94 17.66
N TYR B 832 28.10 59.67 17.63
CA TYR B 832 27.32 58.51 18.10
C TYR B 832 26.71 58.67 19.49
N LEU B 833 27.53 59.18 20.40
CA LEU B 833 27.11 59.60 21.74
C LEU B 833 25.73 60.30 21.73
N LYS B 834 25.51 61.04 20.65
CA LYS B 834 24.25 61.66 20.31
C LYS B 834 23.65 61.03 19.02
N LEU B 835 23.57 59.71 18.80
CA LEU B 835 22.94 59.19 17.58
C LEU B 835 21.63 58.50 17.93
N ARG B 836 21.62 57.30 18.56
CA ARG B 836 20.44 56.82 19.28
C ARG B 836 20.08 57.86 20.34
N ASN B 837 19.24 58.77 19.89
CA ASN B 837 19.05 60.11 20.45
C ASN B 837 18.40 60.93 19.33
N TRP B 838 17.35 60.42 18.67
CA TRP B 838 16.94 61.05 17.43
C TRP B 838 15.50 61.47 17.22
N GLN B 839 15.51 62.80 17.06
CA GLN B 839 14.40 63.65 16.66
C GLN B 839 13.17 63.18 15.91
N TRP B 840 13.31 62.83 14.62
CA TRP B 840 12.17 62.48 13.79
C TRP B 840 12.15 60.97 13.61
N TRP B 841 11.72 60.21 14.62
CA TRP B 841 11.96 58.77 14.64
C TRP B 841 10.74 58.08 14.06
N ARG B 842 9.73 57.86 14.89
CA ARG B 842 8.68 56.93 14.59
C ARG B 842 7.29 57.51 14.34
N LEU B 843 6.97 58.78 14.63
CA LEU B 843 5.59 59.30 14.63
C LEU B 843 4.86 59.51 13.29
N PHE B 844 5.10 58.65 12.29
CA PHE B 844 4.28 58.66 11.09
C PHE B 844 3.37 57.42 11.02
N THR B 845 3.78 56.29 11.60
CA THR B 845 3.38 55.01 11.05
C THR B 845 2.44 54.05 11.79
N LYS B 846 1.97 54.28 13.03
CA LYS B 846 1.02 53.35 13.64
C LYS B 846 -0.42 53.62 13.19
N VAL B 847 -0.94 54.84 13.29
CA VAL B 847 -2.08 55.21 12.46
C VAL B 847 -1.50 55.56 11.09
N LYS B 848 -1.21 54.47 10.35
CA LYS B 848 -0.90 54.50 8.93
C LYS B 848 -1.33 53.18 8.26
N PRO B 849 -1.86 52.15 8.94
CA PRO B 849 -2.85 51.26 8.34
C PRO B 849 -4.21 51.92 8.12
N LEU B 850 -4.65 52.76 9.06
CA LEU B 850 -6.04 53.23 9.07
C LEU B 850 -6.48 54.25 8.02
N LEU B 851 -5.61 54.57 7.06
CA LEU B 851 -5.81 55.72 6.20
C LEU B 851 -5.74 55.36 4.74
N GLN B 852 -6.60 56.01 3.97
CA GLN B 852 -6.57 55.90 2.53
C GLN B 852 -6.35 57.30 1.98
N SER B 853 -5.41 57.32 1.01
CA SER B 853 -5.05 58.42 0.15
C SER B 853 -3.54 58.50 -0.04
N ALA B 854 -2.81 57.70 0.76
CA ALA B 854 -1.50 57.10 0.47
C ALA B 854 -0.48 57.73 -0.48
N GLU B 855 0.21 57.03 -1.41
CA GLU B 855 1.20 57.66 -2.30
C GLU B 855 0.53 58.45 -3.43
N ARG B 856 -0.48 57.75 -3.97
CA ARG B 856 -1.69 58.25 -4.60
C ARG B 856 -1.82 59.39 -5.60
N GLU B 857 -1.05 60.46 -5.46
CA GLU B 857 -0.98 61.43 -6.54
C GLU B 857 0.15 61.09 -7.51
N LYS B 858 1.25 60.59 -6.93
CA LYS B 858 2.21 59.78 -7.67
C LYS B 858 1.51 58.60 -8.35
N GLU B 859 0.62 57.91 -7.61
CA GLU B 859 -0.30 56.95 -8.20
C GLU B 859 -1.17 57.58 -9.27
N MET B 860 -2.14 58.48 -9.03
CA MET B 860 -3.20 58.86 -9.97
C MET B 860 -2.88 58.89 -11.45
N ALA B 861 -1.87 59.66 -11.85
CA ALA B 861 -1.44 59.72 -13.26
C ALA B 861 -0.95 58.35 -13.72
N SER B 862 0.02 57.85 -12.95
CA SER B 862 0.66 56.59 -13.26
C SER B 862 -0.24 55.41 -12.92
N MET B 863 -1.37 55.62 -12.22
CA MET B 863 -2.28 54.53 -11.95
C MET B 863 -3.07 54.30 -13.21
N LYS B 864 -3.44 55.38 -13.90
CA LYS B 864 -4.14 55.24 -15.17
C LYS B 864 -3.27 54.50 -16.17
N GLU B 865 -2.00 54.89 -16.27
CA GLU B 865 -1.02 54.13 -17.04
C GLU B 865 -0.91 52.67 -16.58
N GLU B 866 -0.87 52.44 -15.27
CA GLU B 866 -0.82 51.07 -14.75
C GLU B 866 -2.04 50.21 -15.08
N PHE B 867 -3.22 50.82 -15.13
CA PHE B 867 -4.48 50.11 -15.34
C PHE B 867 -4.53 49.41 -16.70
N THR B 868 -4.10 50.15 -17.74
CA THR B 868 -4.17 49.64 -19.10
C THR B 868 -3.15 48.53 -19.32
N ARG B 869 -1.90 48.84 -18.96
CA ARG B 869 -0.78 47.90 -19.03
C ARG B 869 -1.09 46.54 -18.40
N LEU B 870 -1.55 46.57 -17.14
CA LEU B 870 -1.93 45.36 -16.41
C LEU B 870 -2.94 44.50 -17.16
N LYS B 871 -3.88 45.15 -17.85
CA LYS B 871 -4.81 44.42 -18.72
C LYS B 871 -4.07 43.72 -19.85
N GLU B 872 -3.31 44.45 -20.68
CA GLU B 872 -2.57 43.88 -21.81
C GLU B 872 -1.69 42.66 -21.51
N ALA B 873 -1.01 42.72 -20.37
CA ALA B 873 -0.05 41.69 -20.00
C ALA B 873 -0.66 40.36 -19.55
N LEU B 874 -1.81 40.48 -18.89
CA LEU B 874 -2.62 39.34 -18.49
C LEU B 874 -3.18 38.63 -19.72
N GLU B 875 -3.71 39.43 -20.65
CA GLU B 875 -4.27 38.97 -21.91
C GLU B 875 -3.41 37.95 -22.64
N LYS B 876 -2.21 38.34 -23.12
CA LYS B 876 -1.33 37.39 -23.77
C LYS B 876 -0.70 36.32 -22.88
N SER B 877 -1.09 36.20 -21.60
CA SER B 877 -0.70 35.03 -20.84
C SER B 877 -1.81 34.03 -20.58
N GLU B 878 -2.91 34.38 -19.90
CA GLU B 878 -3.84 33.37 -19.39
C GLU B 878 -4.48 32.48 -20.44
N ALA B 879 -4.49 32.99 -21.68
CA ALA B 879 -4.93 32.29 -22.87
C ALA B 879 -3.82 31.50 -23.56
N ARG B 880 -2.57 31.99 -23.51
CA ARG B 880 -1.41 31.27 -24.05
C ARG B 880 -1.20 29.98 -23.28
N ARG B 881 -1.39 30.09 -21.98
CA ARG B 881 -1.30 28.96 -21.08
C ARG B 881 -2.27 27.84 -21.48
N LYS B 882 -3.50 28.21 -21.83
CA LYS B 882 -4.53 27.23 -22.10
C LYS B 882 -4.31 26.51 -23.42
N GLU B 883 -3.70 27.19 -24.41
CA GLU B 883 -3.25 26.54 -25.64
C GLU B 883 -2.29 25.40 -25.30
N LEU B 884 -1.25 25.69 -24.49
CA LEU B 884 -0.35 24.66 -23.99
C LEU B 884 -1.04 23.61 -23.11
N GLU B 885 -2.14 23.96 -22.43
CA GLU B 885 -2.91 22.97 -21.69
C GLU B 885 -3.62 21.97 -22.59
N GLU B 886 -4.24 22.46 -23.66
CA GLU B 886 -4.86 21.62 -24.68
C GLU B 886 -3.83 20.65 -25.26
N LYS B 887 -2.66 21.22 -25.59
CA LYS B 887 -1.51 20.44 -26.03
C LYS B 887 -1.02 19.37 -25.05
N MET B 888 -1.10 19.62 -23.74
CA MET B 888 -0.74 18.61 -22.76
C MET B 888 -1.65 17.39 -22.84
N VAL B 889 -2.95 17.67 -22.84
CA VAL B 889 -4.00 16.66 -22.90
C VAL B 889 -3.84 15.78 -24.15
N SER B 890 -3.44 16.40 -25.27
CA SER B 890 -3.08 15.67 -26.48
C SER B 890 -2.01 14.60 -26.21
N LEU B 891 -0.87 15.03 -25.65
CA LEU B 891 0.24 14.11 -25.41
C LEU B 891 -0.18 13.05 -24.40
N LEU B 892 -0.92 13.42 -23.35
CA LEU B 892 -1.62 12.46 -22.50
C LEU B 892 -2.49 11.47 -23.27
N GLN B 893 -3.29 11.88 -24.26
CA GLN B 893 -4.07 10.96 -25.10
C GLN B 893 -3.15 10.01 -25.86
N GLU B 894 -2.05 10.58 -26.39
CA GLU B 894 -1.05 9.84 -27.16
C GLU B 894 -0.40 8.79 -26.28
N LYS B 895 0.00 9.15 -25.05
CA LYS B 895 0.41 8.17 -24.05
C LYS B 895 -0.65 7.08 -23.91
N ASN B 896 -1.92 7.48 -23.82
CA ASN B 896 -3.02 6.54 -23.79
C ASN B 896 -3.29 5.72 -25.03
N ASP B 897 -3.07 6.09 -26.31
CA ASP B 897 -3.25 5.11 -27.38
C ASP B 897 -2.17 4.02 -27.34
N LEU B 898 -0.95 4.43 -27.02
CA LEU B 898 0.14 3.50 -26.77
C LEU B 898 -0.10 2.57 -25.58
N GLN B 899 -0.50 3.13 -24.44
CA GLN B 899 -0.82 2.33 -23.28
C GLN B 899 -2.13 1.57 -23.49
N LEU B 900 -3.08 2.03 -24.31
CA LEU B 900 -4.17 1.17 -24.75
C LEU B 900 -3.74 0.02 -25.64
N GLN B 901 -2.81 0.24 -26.58
CA GLN B 901 -2.29 -0.82 -27.43
C GLN B 901 -1.50 -1.84 -26.62
N VAL B 902 -0.67 -1.39 -25.67
CA VAL B 902 -0.12 -2.26 -24.61
C VAL B 902 -1.22 -3.11 -23.97
N GLN B 903 -2.31 -2.49 -23.51
CA GLN B 903 -3.39 -3.28 -22.92
C GLN B 903 -4.17 -4.12 -23.93
N ALA B 904 -4.12 -3.75 -25.21
CA ALA B 904 -4.60 -4.63 -26.25
C ALA B 904 -3.63 -5.80 -26.38
N GLU B 905 -2.31 -5.56 -26.44
CA GLU B 905 -1.37 -6.61 -26.74
C GLU B 905 -1.16 -7.62 -25.64
N GLN B 906 -1.35 -7.28 -24.37
CA GLN B 906 -1.28 -8.30 -23.32
C GLN B 906 -2.50 -9.21 -23.21
N ASP B 907 -3.66 -8.68 -23.60
CA ASP B 907 -4.85 -9.50 -23.78
C ASP B 907 -4.88 -10.30 -25.07
N ASN B 908 -4.25 -9.75 -26.10
CA ASN B 908 -4.07 -10.47 -27.37
C ASN B 908 -3.27 -11.74 -27.10
N LEU B 909 -2.17 -11.46 -26.39
CA LEU B 909 -1.29 -12.44 -25.80
C LEU B 909 -1.96 -13.29 -24.74
N ALA B 910 -2.98 -12.88 -23.97
CA ALA B 910 -3.71 -13.79 -23.10
C ALA B 910 -4.31 -14.98 -23.84
N ASP B 911 -5.06 -14.70 -24.93
CA ASP B 911 -5.67 -15.73 -25.76
C ASP B 911 -4.59 -16.56 -26.42
N ALA B 912 -3.45 -15.94 -26.78
CA ALA B 912 -2.32 -16.65 -27.34
C ALA B 912 -1.66 -17.63 -26.38
N GLU B 913 -1.26 -17.16 -25.19
CA GLU B 913 -0.59 -18.00 -24.20
C GLU B 913 -1.45 -19.19 -23.82
N GLU B 914 -2.73 -18.87 -23.51
CA GLU B 914 -3.76 -19.85 -23.22
C GLU B 914 -3.82 -20.96 -24.26
N ARG B 915 -4.01 -20.61 -25.54
CA ARG B 915 -4.03 -21.58 -26.62
C ARG B 915 -2.87 -22.57 -26.65
N CYS B 916 -1.63 -22.06 -26.50
CA CYS B 916 -0.46 -22.92 -26.39
C CYS B 916 -0.59 -23.89 -25.24
N ASP B 917 -0.71 -23.41 -23.99
CA ASP B 917 -0.77 -24.30 -22.84
C ASP B 917 -1.93 -25.30 -22.92
N GLN B 918 -3.01 -24.87 -23.57
CA GLN B 918 -4.05 -25.80 -24.01
C GLN B 918 -3.52 -26.86 -24.97
N LEU B 919 -2.93 -26.47 -26.11
CA LEU B 919 -2.44 -27.38 -27.12
C LEU B 919 -1.25 -28.22 -26.67
N ILE B 920 -0.57 -27.82 -25.59
CA ILE B 920 0.42 -28.61 -24.88
C ILE B 920 -0.30 -29.75 -24.16
N LYS B 921 -1.34 -29.51 -23.35
CA LYS B 921 -2.07 -30.59 -22.68
C LYS B 921 -2.68 -31.55 -23.71
N ASN B 922 -3.28 -30.90 -24.72
CA ASN B 922 -3.78 -31.54 -25.92
C ASN B 922 -2.71 -32.45 -26.54
N LYS B 923 -1.50 -31.93 -26.74
CA LYS B 923 -0.38 -32.69 -27.27
C LYS B 923 0.01 -33.86 -26.38
N ILE B 924 0.07 -33.70 -25.05
CA ILE B 924 0.47 -34.77 -24.14
C ILE B 924 -0.33 -36.06 -24.36
N GLN B 925 -1.67 -35.95 -24.44
CA GLN B 925 -2.50 -37.10 -24.76
C GLN B 925 -2.21 -37.68 -26.14
N LEU B 926 -1.89 -36.81 -27.11
CA LEU B 926 -1.68 -37.23 -28.49
C LEU B 926 -0.37 -37.96 -28.72
N GLU B 927 0.70 -37.52 -28.04
CA GLU B 927 1.99 -38.19 -28.07
C GLU B 927 1.87 -39.53 -27.35
N ALA B 928 1.16 -39.52 -26.21
CA ALA B 928 0.90 -40.74 -25.45
C ALA B 928 0.15 -41.80 -26.24
N LYS B 929 -1.03 -41.46 -26.79
CA LYS B 929 -1.86 -42.45 -27.48
C LYS B 929 -1.12 -42.99 -28.70
N VAL B 930 -0.35 -42.12 -29.35
CA VAL B 930 0.65 -42.55 -30.32
C VAL B 930 1.55 -43.66 -29.81
N LYS B 931 2.26 -43.51 -28.67
CA LYS B 931 3.23 -44.52 -28.24
C LYS B 931 2.51 -45.80 -27.83
N GLU B 932 1.43 -45.61 -27.07
CA GLU B 932 0.57 -46.69 -26.63
C GLU B 932 0.11 -47.56 -27.80
N MET B 933 -0.38 -46.95 -28.88
CA MET B 933 -0.75 -47.72 -30.07
C MET B 933 0.41 -48.34 -30.83
N ASN B 934 1.59 -47.70 -30.81
CA ASN B 934 2.84 -48.31 -31.31
C ASN B 934 3.07 -49.67 -30.64
N GLU B 935 3.07 -49.66 -29.30
CA GLU B 935 3.38 -50.84 -28.49
C GLU B 935 2.43 -52.00 -28.82
N ARG B 936 1.13 -51.69 -28.72
CA ARG B 936 0.05 -52.62 -29.04
C ARG B 936 0.22 -53.23 -30.43
N LEU B 937 0.68 -52.43 -31.39
CA LEU B 937 0.95 -52.94 -32.72
C LEU B 937 2.02 -54.02 -32.74
N GLU B 938 3.19 -53.74 -32.15
CA GLU B 938 4.25 -54.72 -31.98
C GLU B 938 3.75 -55.98 -31.24
N ASP B 939 2.95 -55.78 -30.19
CA ASP B 939 2.33 -56.90 -29.49
C ASP B 939 1.35 -57.70 -30.34
N GLU B 940 0.47 -57.09 -31.15
CA GLU B 940 -0.46 -57.79 -32.02
C GLU B 940 0.24 -58.52 -33.15
N GLU B 941 1.22 -57.87 -33.76
CA GLU B 941 2.10 -58.50 -34.74
C GLU B 941 2.78 -59.77 -34.23
N GLU B 942 3.18 -59.75 -32.94
CA GLU B 942 3.82 -60.92 -32.35
C GLU B 942 2.77 -61.92 -31.86
N MET B 943 1.67 -61.49 -31.24
CA MET B 943 0.52 -62.35 -30.94
C MET B 943 0.08 -63.18 -32.15
N ASN B 944 0.07 -62.58 -33.34
CA ASN B 944 -0.09 -63.34 -34.58
C ASN B 944 0.88 -64.50 -34.70
N ALA B 945 2.17 -64.25 -34.49
CA ALA B 945 3.16 -65.32 -34.54
C ALA B 945 2.96 -66.37 -33.45
N GLU B 946 2.58 -65.93 -32.24
CA GLU B 946 2.50 -66.82 -31.08
C GLU B 946 1.34 -67.80 -31.20
N LEU B 947 0.14 -67.25 -31.37
CA LEU B 947 -1.09 -68.04 -31.46
C LEU B 947 -1.09 -69.01 -32.63
N THR B 948 -0.43 -68.64 -33.73
CA THR B 948 -0.18 -69.55 -34.85
C THR B 948 0.78 -70.71 -34.53
N ALA B 949 1.70 -70.54 -33.55
CA ALA B 949 2.55 -71.65 -33.13
C ALA B 949 1.78 -72.59 -32.23
N LYS B 950 0.81 -72.02 -31.51
CA LYS B 950 -0.12 -72.81 -30.73
C LYS B 950 -1.06 -73.59 -31.65
N LYS B 951 -1.72 -72.87 -32.56
CA LYS B 951 -2.53 -73.45 -33.63
C LYS B 951 -1.78 -74.55 -34.36
N ARG B 952 -0.59 -74.27 -34.87
CA ARG B 952 0.20 -75.26 -35.58
C ARG B 952 0.41 -76.54 -34.81
N LYS B 953 0.78 -76.47 -33.53
CA LYS B 953 0.95 -77.65 -32.68
C LYS B 953 -0.32 -78.52 -32.63
N LEU B 954 -1.48 -77.87 -32.71
CA LEU B 954 -2.75 -78.58 -32.79
C LEU B 954 -3.00 -79.12 -34.19
N GLU B 955 -2.57 -78.41 -35.24
CA GLU B 955 -2.70 -78.91 -36.60
C GLU B 955 -1.88 -80.18 -36.78
N ASP B 956 -0.62 -80.12 -36.36
CA ASP B 956 0.30 -81.25 -36.32
C ASP B 956 -0.34 -82.43 -35.59
N GLU B 957 -0.86 -82.17 -34.38
CA GLU B 957 -1.47 -83.22 -33.56
C GLU B 957 -2.68 -83.83 -34.27
N CYS B 958 -3.69 -83.02 -34.57
CA CYS B 958 -4.80 -83.41 -35.44
C CYS B 958 -4.44 -84.11 -36.76
N SER B 959 -3.23 -83.97 -37.31
CA SER B 959 -2.82 -84.76 -38.46
C SER B 959 -2.41 -86.17 -38.02
N GLU B 960 -1.60 -86.19 -36.95
CA GLU B 960 -0.97 -87.41 -36.48
C GLU B 960 -1.97 -88.37 -35.87
N LEU B 961 -2.78 -87.86 -34.94
CA LEU B 961 -3.90 -88.57 -34.32
C LEU B 961 -4.82 -89.23 -35.34
N LYS B 962 -5.09 -88.53 -36.44
CA LYS B 962 -5.82 -89.14 -37.56
C LYS B 962 -5.11 -90.32 -38.18
N ARG B 963 -3.80 -90.22 -38.42
CA ARG B 963 -3.04 -91.34 -38.98
C ARG B 963 -2.99 -92.50 -38.01
N ASP B 964 -2.82 -92.24 -36.72
CA ASP B 964 -2.87 -93.27 -35.69
C ASP B 964 -4.25 -93.89 -35.56
N ILE B 965 -5.35 -93.14 -35.72
CA ILE B 965 -6.68 -93.74 -35.84
C ILE B 965 -6.70 -94.69 -37.04
N ASP B 966 -6.33 -94.16 -38.21
CA ASP B 966 -6.36 -94.90 -39.46
C ASP B 966 -5.48 -96.14 -39.50
N ASP B 967 -4.16 -96.05 -39.38
CA ASP B 967 -3.25 -97.18 -39.43
C ASP B 967 -3.54 -98.31 -38.45
N LEU B 968 -4.05 -97.97 -37.26
CA LEU B 968 -4.52 -98.98 -36.33
C LEU B 968 -5.62 -99.83 -36.98
N GLU B 969 -6.63 -99.15 -37.53
CA GLU B 969 -7.70 -99.83 -38.25
C GLU B 969 -7.20 -100.50 -39.51
N LEU B 970 -6.20 -99.91 -40.17
CA LEU B 970 -5.58 -100.50 -41.34
C LEU B 970 -4.81 -101.76 -41.03
N THR B 971 -4.38 -102.00 -39.78
CA THR B 971 -3.98 -103.35 -39.41
C THR B 971 -5.12 -104.21 -38.88
N LEU B 972 -6.15 -103.61 -38.24
CA LEU B 972 -7.27 -104.36 -37.72
C LEU B 972 -8.20 -104.95 -38.77
N ALA B 973 -8.43 -104.24 -39.88
CA ALA B 973 -9.44 -104.60 -40.88
C ALA B 973 -9.37 -105.97 -41.54
N LYS B 974 -10.56 -106.45 -41.93
CA LYS B 974 -10.71 -107.64 -42.74
C LYS B 974 -11.79 -107.33 -43.77
N PHE C 4 -5.25 27.23 43.54
CA PHE C 4 -4.71 27.87 42.35
C PHE C 4 -4.21 29.25 42.72
N SER C 5 -3.38 29.87 41.87
CA SER C 5 -2.85 31.19 42.10
C SER C 5 -3.93 32.24 41.84
N GLU C 6 -3.95 33.39 42.53
CA GLU C 6 -5.01 34.37 42.31
C GLU C 6 -4.91 35.02 40.93
N GLU C 7 -3.70 34.99 40.36
CA GLU C 7 -3.42 35.18 38.94
C GLU C 7 -4.38 34.37 38.07
N GLN C 8 -4.13 33.07 37.84
CA GLN C 8 -5.03 32.30 36.99
C GLN C 8 -6.43 32.21 37.55
N THR C 9 -6.65 32.19 38.87
CA THR C 9 -8.00 32.10 39.41
C THR C 9 -8.79 33.33 38.97
N ALA C 10 -8.16 34.51 38.82
CA ALA C 10 -8.85 35.66 38.26
C ALA C 10 -9.37 35.32 36.86
N GLU C 11 -8.52 34.68 36.06
CA GLU C 11 -8.90 34.33 34.69
C GLU C 11 -9.99 33.27 34.66
N PHE C 12 -9.88 32.28 35.56
CA PHE C 12 -10.85 31.20 35.69
C PHE C 12 -12.25 31.71 36.01
N LYS C 13 -12.26 32.76 36.84
CA LYS C 13 -13.48 33.48 37.20
C LYS C 13 -14.09 34.12 35.96
N GLU C 14 -13.27 34.83 35.17
CA GLU C 14 -13.74 35.53 33.99
C GLU C 14 -14.44 34.63 32.98
N ALA C 15 -13.81 33.50 32.64
CA ALA C 15 -14.40 32.52 31.76
C ALA C 15 -15.72 31.96 32.29
N PHE C 16 -15.83 31.76 33.61
CA PHE C 16 -17.09 31.38 34.24
C PHE C 16 -18.14 32.47 34.05
N GLN C 17 -17.74 33.73 34.25
CA GLN C 17 -18.66 34.86 34.15
C GLN C 17 -19.12 35.04 32.70
N LEU C 18 -18.24 34.77 31.73
CA LEU C 18 -18.56 34.82 30.31
C LEU C 18 -19.44 33.64 29.84
N PHE C 19 -19.56 32.61 30.69
CA PHE C 19 -20.56 31.58 30.46
C PHE C 19 -22.00 31.93 30.81
N ASP C 20 -22.21 33.02 31.57
CA ASP C 20 -23.57 33.42 31.97
C ASP C 20 -24.46 33.75 30.78
N ARG C 21 -25.74 33.57 31.10
CA ARG C 21 -26.80 33.82 30.16
C ARG C 21 -27.36 35.22 30.33
N THR C 22 -27.56 35.70 31.57
CA THR C 22 -28.23 36.97 31.78
C THR C 22 -27.33 38.03 32.41
N GLY C 23 -26.49 37.57 33.35
CA GLY C 23 -25.86 38.44 34.31
C GLY C 23 -26.15 37.98 35.73
N ASP C 24 -27.21 37.18 35.96
CA ASP C 24 -27.67 36.77 37.29
C ASP C 24 -26.69 35.99 38.17
N GLY C 25 -25.49 35.71 37.65
CA GLY C 25 -24.43 35.10 38.43
C GLY C 25 -24.58 33.60 38.45
N LYS C 26 -25.51 33.02 37.69
CA LYS C 26 -25.80 31.62 37.90
C LYS C 26 -25.73 30.68 36.71
N ILE C 27 -24.58 30.04 36.54
CA ILE C 27 -24.37 29.04 35.51
C ILE C 27 -24.88 27.71 36.07
N LEU C 28 -25.72 27.01 35.31
CA LEU C 28 -26.38 25.79 35.74
C LEU C 28 -25.50 24.53 35.78
N TYR C 29 -26.06 23.53 36.48
CA TYR C 29 -25.47 22.20 36.54
C TYR C 29 -25.21 21.54 35.21
N SER C 30 -25.98 21.95 34.19
CA SER C 30 -25.63 21.71 32.80
C SER C 30 -24.27 22.25 32.33
N GLN C 31 -24.17 23.57 32.17
CA GLN C 31 -23.03 24.32 31.61
C GLN C 31 -21.73 24.19 32.38
N CYS C 32 -21.86 23.84 33.66
CA CYS C 32 -20.75 23.44 34.52
C CYS C 32 -19.67 22.64 33.82
N GLY C 33 -20.13 21.71 32.97
CA GLY C 33 -19.23 20.81 32.26
C GLY C 33 -18.34 21.55 31.26
N ASP C 34 -18.91 22.58 30.65
CA ASP C 34 -18.19 23.38 29.67
C ASP C 34 -17.24 24.35 30.34
N VAL C 35 -17.63 24.84 31.51
CA VAL C 35 -16.77 25.73 32.26
C VAL C 35 -15.55 24.93 32.71
N MET C 36 -15.75 23.75 33.32
CA MET C 36 -14.63 22.85 33.64
C MET C 36 -13.70 22.61 32.47
N ARG C 37 -14.28 22.28 31.31
CA ARG C 37 -13.51 22.18 30.09
C ARG C 37 -12.67 23.39 29.72
N ALA C 38 -13.37 24.49 29.45
CA ALA C 38 -12.82 25.74 28.96
C ALA C 38 -11.71 26.32 29.80
N LEU C 39 -11.71 26.06 31.11
CA LEU C 39 -10.62 26.50 31.96
C LEU C 39 -9.35 25.72 31.67
N GLY C 40 -9.48 24.42 31.38
CA GLY C 40 -8.34 23.59 31.05
C GLY C 40 -8.63 22.09 31.11
N GLN C 41 -9.83 21.70 31.50
CA GLN C 41 -10.14 20.30 31.74
C GLN C 41 -10.77 19.59 30.55
N ASN C 42 -10.77 18.27 30.63
CA ASN C 42 -11.53 17.43 29.71
C ASN C 42 -12.13 16.35 30.61
N PRO C 43 -13.14 16.65 31.45
CA PRO C 43 -13.67 15.71 32.41
C PRO C 43 -14.43 14.57 31.74
N THR C 44 -14.41 13.41 32.37
CA THR C 44 -15.43 12.42 32.04
C THR C 44 -16.74 13.03 32.51
N ASN C 45 -17.83 12.88 31.75
CA ASN C 45 -19.10 13.48 32.15
C ASN C 45 -19.52 12.95 33.52
N ALA C 46 -19.05 11.72 33.81
CA ALA C 46 -18.99 11.20 35.17
C ALA C 46 -18.20 12.04 36.18
N GLU C 47 -16.98 12.53 35.90
CA GLU C 47 -16.20 13.36 36.84
C GLU C 47 -16.97 14.58 37.35
N VAL C 48 -17.63 15.20 36.36
CA VAL C 48 -18.60 16.26 36.60
C VAL C 48 -19.73 15.74 37.50
N MET C 49 -20.50 14.73 37.07
CA MET C 49 -21.64 14.20 37.81
C MET C 49 -21.38 13.88 39.29
N LYS C 50 -20.16 13.38 39.53
CA LYS C 50 -19.59 13.16 40.86
C LYS C 50 -19.69 14.40 41.75
N VAL C 51 -19.10 15.53 41.31
CA VAL C 51 -19.10 16.73 42.14
C VAL C 51 -20.41 17.50 42.03
N LEU C 52 -21.19 17.26 40.97
CA LEU C 52 -22.55 17.79 40.87
C LEU C 52 -23.48 17.26 41.95
N GLY C 53 -23.35 15.98 42.33
CA GLY C 53 -24.21 15.40 43.36
C GLY C 53 -25.36 14.59 42.78
N ASN C 54 -25.03 13.93 41.67
CA ASN C 54 -25.93 12.99 40.96
C ASN C 54 -27.37 13.42 40.64
N PRO C 55 -27.64 14.52 39.92
CA PRO C 55 -28.98 14.96 39.50
C PRO C 55 -29.47 14.30 38.22
N LYS C 56 -30.78 14.36 38.00
CA LYS C 56 -31.38 13.88 36.76
C LYS C 56 -31.61 15.10 35.87
N SER C 57 -32.22 14.98 34.68
CA SER C 57 -32.31 16.09 33.74
C SER C 57 -33.04 17.31 34.28
N ASP C 58 -34.12 17.05 35.01
CA ASP C 58 -34.90 18.08 35.71
C ASP C 58 -34.06 19.01 36.59
N GLU C 59 -33.64 18.64 37.79
CA GLU C 59 -32.77 19.50 38.57
C GLU C 59 -31.37 19.70 37.96
N MET C 60 -30.89 18.91 36.99
CA MET C 60 -29.69 19.26 36.24
C MET C 60 -29.91 20.53 35.46
N ASN C 61 -31.11 20.71 34.91
CA ASN C 61 -31.43 21.92 34.19
C ASN C 61 -31.83 23.02 35.19
N LEU C 62 -32.56 22.69 36.24
CA LEU C 62 -33.06 23.66 37.21
C LEU C 62 -32.06 24.20 38.25
N LYS C 63 -31.15 23.37 38.76
CA LYS C 63 -30.22 23.81 39.77
C LYS C 63 -29.13 24.69 39.19
N THR C 64 -28.84 25.71 39.99
CA THR C 64 -27.89 26.72 39.62
C THR C 64 -26.56 26.50 40.31
N LEU C 65 -25.49 26.99 39.68
CA LEU C 65 -24.22 27.20 40.36
C LEU C 65 -23.76 28.66 40.30
N LYS C 66 -22.95 29.02 41.31
CA LYS C 66 -22.15 30.22 41.37
C LYS C 66 -20.68 29.78 41.44
N PHE C 67 -19.75 30.73 41.30
CA PHE C 67 -18.33 30.42 41.26
C PHE C 67 -17.80 29.79 42.55
N GLU C 68 -18.12 30.25 43.76
CA GLU C 68 -17.68 29.57 44.96
C GLU C 68 -18.35 28.23 45.26
N GLN C 69 -19.31 27.86 44.41
CA GLN C 69 -19.86 26.52 44.39
C GLN C 69 -19.12 25.70 43.34
N PHE C 70 -18.64 26.37 42.29
CA PHE C 70 -17.86 25.76 41.22
C PHE C 70 -16.37 25.52 41.51
N LEU C 71 -15.66 26.49 42.10
CA LEU C 71 -14.22 26.40 42.30
C LEU C 71 -13.78 25.18 43.12
N PRO C 72 -14.42 24.73 44.22
CA PRO C 72 -14.13 23.44 44.83
C PRO C 72 -14.30 22.26 43.87
N MET C 73 -15.21 22.34 42.90
CA MET C 73 -15.41 21.27 41.91
C MET C 73 -14.21 21.23 40.98
N MET C 74 -13.90 22.37 40.34
CA MET C 74 -12.79 22.46 39.41
C MET C 74 -11.46 22.04 40.04
N GLN C 75 -11.24 22.53 41.28
CA GLN C 75 -10.15 22.09 42.13
C GLN C 75 -10.15 20.60 42.43
N THR C 76 -11.30 20.00 42.79
CA THR C 76 -11.35 18.58 43.11
C THR C 76 -10.92 17.65 41.98
N ILE C 77 -11.39 17.90 40.76
CA ILE C 77 -10.86 17.23 39.58
C ILE C 77 -9.39 17.58 39.32
N ALA C 78 -9.10 18.80 38.81
CA ALA C 78 -7.81 19.23 38.28
C ALA C 78 -6.50 18.48 38.55
N LYS C 79 -6.09 18.37 39.82
CA LYS C 79 -4.99 17.50 40.22
C LYS C 79 -5.37 16.02 40.11
N ASN C 80 -5.65 15.67 38.85
CA ASN C 80 -6.53 14.58 38.53
C ASN C 80 -5.78 13.28 38.27
N LYS C 81 -6.50 12.23 38.67
CA LYS C 81 -5.97 10.87 38.77
C LYS C 81 -5.05 10.39 37.66
N ASP C 82 -5.53 10.15 36.44
CA ASP C 82 -4.76 9.47 35.40
C ASP C 82 -5.22 10.13 34.12
N GLN C 83 -4.34 10.49 33.17
CA GLN C 83 -4.68 11.31 32.02
C GLN C 83 -4.23 10.50 30.81
N GLY C 84 -5.17 10.29 29.90
CA GLY C 84 -5.07 9.21 28.95
C GLY C 84 -4.08 9.52 27.85
N CYS C 85 -3.03 8.69 27.75
CA CYS C 85 -1.97 8.92 26.79
C CYS C 85 -2.35 8.60 25.36
N PHE C 86 -1.51 9.05 24.41
CA PHE C 86 -1.63 8.67 23.02
C PHE C 86 -1.74 7.15 22.85
N GLU C 87 -0.95 6.40 23.62
CA GLU C 87 -0.80 4.97 23.42
C GLU C 87 -2.07 4.18 23.74
N ASP C 88 -2.72 4.52 24.87
CA ASP C 88 -4.00 3.92 25.23
C ASP C 88 -5.10 4.21 24.22
N TYR C 89 -5.11 5.47 23.78
CA TYR C 89 -6.14 5.94 22.89
C TYR C 89 -6.14 5.34 21.51
N VAL C 90 -4.99 5.29 20.82
CA VAL C 90 -4.87 4.57 19.57
C VAL C 90 -5.35 3.15 19.66
N GLU C 91 -4.90 2.35 20.63
CA GLU C 91 -5.39 0.99 20.83
C GLU C 91 -6.90 0.99 21.09
N GLY C 92 -7.36 1.99 21.84
CA GLY C 92 -8.77 2.26 22.00
C GLY C 92 -9.48 2.38 20.67
N LEU C 93 -9.01 3.16 19.69
CA LEU C 93 -9.65 3.17 18.39
C LEU C 93 -9.32 1.98 17.49
N ARG C 94 -8.16 1.35 17.74
CA ARG C 94 -7.62 0.22 16.99
C ARG C 94 -8.49 -1.01 17.02
N VAL C 95 -9.25 -1.10 18.11
CA VAL C 95 -10.28 -2.10 18.34
C VAL C 95 -11.05 -2.63 17.13
N PHE C 96 -11.48 -1.78 16.17
CA PHE C 96 -12.29 -2.21 15.03
C PHE C 96 -11.56 -2.48 13.72
N ASP C 97 -10.22 -2.40 13.76
CA ASP C 97 -9.40 -2.65 12.62
C ASP C 97 -9.45 -4.17 12.51
N LYS C 98 -10.38 -4.57 11.65
CA LYS C 98 -10.67 -5.95 11.32
C LYS C 98 -9.44 -6.85 11.18
N GLU C 99 -8.30 -6.28 10.79
CA GLU C 99 -7.06 -7.01 10.77
C GLU C 99 -6.03 -6.43 11.72
N GLY C 100 -5.74 -5.13 11.63
CA GLY C 100 -4.63 -4.52 12.36
C GLY C 100 -4.02 -3.32 11.64
N ASN C 101 -4.31 -3.24 10.33
CA ASN C 101 -3.93 -2.20 9.37
C ASN C 101 -3.47 -0.80 9.77
N GLY C 102 -3.90 -0.21 10.89
CA GLY C 102 -3.70 1.20 11.18
C GLY C 102 -4.83 2.08 10.66
N THR C 103 -5.92 1.53 10.11
CA THR C 103 -6.92 2.27 9.34
C THR C 103 -8.30 1.72 9.63
N VAL C 104 -9.35 2.57 9.67
CA VAL C 104 -10.73 2.12 9.72
C VAL C 104 -11.60 3.02 8.83
N MET C 105 -12.62 2.45 8.21
CA MET C 105 -13.68 3.18 7.52
C MET C 105 -14.45 4.20 8.37
N GLY C 106 -14.50 5.41 7.81
CA GLY C 106 -15.04 6.59 8.47
C GLY C 106 -16.51 6.50 8.87
N ALA C 107 -17.22 5.51 8.34
CA ALA C 107 -18.58 5.16 8.75
C ALA C 107 -18.69 4.44 10.09
N GLU C 108 -17.83 3.44 10.35
CA GLU C 108 -17.80 2.75 11.62
C GLU C 108 -17.39 3.70 12.73
N ILE C 109 -16.27 4.37 12.46
CA ILE C 109 -15.71 5.44 13.30
C ILE C 109 -16.69 6.56 13.61
N ARG C 110 -17.43 7.11 12.62
CA ARG C 110 -18.52 8.03 12.92
C ARG C 110 -19.56 7.44 13.84
N HIS C 111 -19.84 6.14 13.66
CA HIS C 111 -20.84 5.43 14.44
C HIS C 111 -20.43 5.06 15.87
N VAL C 112 -19.26 4.47 16.09
CA VAL C 112 -18.85 3.94 17.38
C VAL C 112 -18.88 5.06 18.40
N LEU C 113 -18.33 6.22 18.02
CA LEU C 113 -18.45 7.40 18.87
C LEU C 113 -19.90 7.84 19.09
N VAL C 114 -20.86 7.54 18.21
CA VAL C 114 -22.29 7.76 18.42
C VAL C 114 -22.96 6.53 19.06
N THR C 115 -22.27 5.45 19.47
CA THR C 115 -22.90 4.37 20.23
C THR C 115 -22.23 3.86 21.51
N LEU C 116 -20.92 4.06 21.66
CA LEU C 116 -20.16 3.52 22.79
C LEU C 116 -19.68 4.60 23.76
N GLY C 117 -19.35 4.23 25.00
CA GLY C 117 -18.94 5.16 26.05
C GLY C 117 -19.79 6.41 26.27
N GLU C 118 -19.15 7.58 26.30
CA GLU C 118 -19.85 8.84 26.53
C GLU C 118 -20.36 9.32 25.18
N LYS C 119 -21.39 8.62 24.67
CA LYS C 119 -21.95 8.79 23.32
C LYS C 119 -22.06 10.18 22.72
N MET C 120 -21.75 10.25 21.43
CA MET C 120 -21.74 11.53 20.74
C MET C 120 -22.95 11.66 19.84
N THR C 121 -23.30 12.90 19.51
CA THR C 121 -24.20 13.16 18.41
C THR C 121 -23.38 13.20 17.12
N GLU C 122 -24.07 13.16 16.00
CA GLU C 122 -23.51 13.38 14.68
C GLU C 122 -22.74 14.70 14.60
N GLU C 123 -23.34 15.77 15.11
CA GLU C 123 -22.67 17.06 15.26
C GLU C 123 -21.34 16.96 16.00
N GLU C 124 -21.34 16.28 17.15
CA GLU C 124 -20.11 16.07 17.90
C GLU C 124 -19.08 15.28 17.11
N VAL C 125 -19.53 14.21 16.45
CA VAL C 125 -18.62 13.49 15.58
C VAL C 125 -18.17 14.18 14.30
N GLU C 126 -18.98 14.86 13.48
CA GLU C 126 -18.58 15.22 12.13
C GLU C 126 -17.47 16.26 12.14
N GLN C 127 -17.68 17.28 13.00
CA GLN C 127 -16.69 18.33 13.22
C GLN C 127 -15.38 17.73 13.68
N LEU C 128 -15.44 16.76 14.60
CA LEU C 128 -14.26 16.07 15.10
C LEU C 128 -13.56 15.28 14.00
N VAL C 129 -14.29 14.39 13.32
CA VAL C 129 -13.69 13.46 12.36
C VAL C 129 -13.46 13.96 10.95
N ALA C 130 -14.41 14.63 10.28
CA ALA C 130 -14.33 14.99 8.86
C ALA C 130 -13.02 15.57 8.36
N GLY C 131 -12.68 15.21 7.12
CA GLY C 131 -11.45 15.66 6.48
C GLY C 131 -10.22 14.91 6.97
N HIS C 132 -10.45 13.87 7.77
CA HIS C 132 -9.41 13.01 8.30
C HIS C 132 -9.62 11.57 7.85
N GLU C 133 -10.68 11.26 7.08
CA GLU C 133 -10.61 10.16 6.13
C GLU C 133 -9.79 10.49 4.89
N ASP C 134 -9.28 9.46 4.20
CA ASP C 134 -8.49 9.62 2.99
C ASP C 134 -9.37 9.44 1.75
N SER C 135 -8.72 9.37 0.59
CA SER C 135 -9.33 9.02 -0.68
C SER C 135 -9.90 7.62 -0.84
N ASN C 136 -9.94 6.80 0.21
CA ASN C 136 -10.68 5.54 0.23
C ASN C 136 -11.78 5.52 1.29
N GLY C 137 -11.92 6.63 2.03
CA GLY C 137 -12.92 6.71 3.09
C GLY C 137 -12.45 5.99 4.35
N CYS C 138 -11.14 5.76 4.47
CA CYS C 138 -10.61 5.27 5.72
C CYS C 138 -10.18 6.47 6.54
N ILE C 139 -10.59 6.54 7.79
CA ILE C 139 -9.91 7.42 8.72
C ILE C 139 -8.74 6.58 9.24
N ASN C 140 -7.54 7.14 9.19
CA ASN C 140 -6.43 6.53 9.95
C ASN C 140 -6.68 6.96 11.37
N TYR C 141 -6.72 6.06 12.36
CA TYR C 141 -6.94 6.55 13.72
C TYR C 141 -5.79 7.29 14.40
N GLU C 142 -4.53 6.89 14.10
CA GLU C 142 -3.36 7.37 14.82
C GLU C 142 -3.28 8.91 14.91
N GLU C 143 -3.46 9.57 13.76
CA GLU C 143 -3.52 11.02 13.74
C GLU C 143 -4.77 11.63 14.36
N LEU C 144 -5.91 10.91 14.32
CA LEU C 144 -7.15 11.41 14.90
C LEU C 144 -7.00 11.52 16.42
N VAL C 145 -6.27 10.54 16.96
CA VAL C 145 -5.91 10.54 18.36
C VAL C 145 -5.01 11.73 18.70
N ARG C 146 -3.89 11.91 17.99
CA ARG C 146 -3.04 13.08 18.16
C ARG C 146 -3.75 14.42 18.03
N MET C 147 -4.71 14.47 17.11
CA MET C 147 -5.54 15.65 16.89
C MET C 147 -6.34 16.06 18.15
N VAL C 148 -7.00 15.10 18.81
CA VAL C 148 -7.72 15.42 20.02
C VAL C 148 -6.76 15.76 21.15
N LEU C 149 -5.52 15.24 21.14
CA LEU C 149 -4.54 15.64 22.14
C LEU C 149 -4.13 17.11 22.02
N SER C 150 -3.45 17.47 20.93
CA SER C 150 -2.92 18.81 20.74
C SER C 150 -3.96 19.78 20.16
N GLY C 151 -4.99 20.07 20.97
CA GLY C 151 -6.17 20.79 20.51
C GLY C 151 -6.76 21.81 21.49
N PHE D 4 40.01 59.95 -24.76
CA PHE D 4 38.61 60.11 -24.45
C PHE D 4 38.38 61.59 -24.14
N SER D 5 37.18 62.10 -24.42
CA SER D 5 36.84 63.48 -24.11
C SER D 5 36.62 63.63 -22.62
N GLU D 6 36.79 64.85 -22.10
CA GLU D 6 36.68 65.10 -20.67
C GLU D 6 35.30 64.79 -20.10
N GLU D 7 34.32 65.08 -20.98
CA GLU D 7 32.92 64.75 -20.84
C GLU D 7 32.76 63.28 -20.45
N GLN D 8 32.94 62.35 -21.39
CA GLN D 8 32.79 60.92 -21.11
C GLN D 8 33.75 60.45 -20.02
N THR D 9 34.98 61.00 -19.99
CA THR D 9 35.93 60.72 -18.92
C THR D 9 35.40 61.17 -17.57
N ALA D 10 34.60 62.24 -17.47
CA ALA D 10 33.98 62.63 -16.21
C ALA D 10 32.99 61.55 -15.79
N GLU D 11 32.20 61.04 -16.76
CA GLU D 11 31.33 59.91 -16.47
C GLU D 11 32.11 58.68 -16.01
N PHE D 12 33.28 58.47 -16.61
CA PHE D 12 34.20 57.41 -16.18
C PHE D 12 34.78 57.73 -14.80
N LYS D 13 35.03 59.01 -14.48
CA LYS D 13 35.56 59.42 -13.19
C LYS D 13 34.59 59.01 -12.09
N GLU D 14 33.30 59.23 -12.34
CA GLU D 14 32.23 58.71 -11.49
C GLU D 14 32.14 57.19 -11.43
N ALA D 15 32.13 56.51 -12.57
CA ALA D 15 32.13 55.04 -12.61
C ALA D 15 33.34 54.39 -11.95
N PHE D 16 34.39 55.21 -11.83
CA PHE D 16 35.49 54.89 -10.95
C PHE D 16 35.05 55.19 -9.53
N GLN D 17 34.75 56.46 -9.23
CA GLN D 17 34.58 57.02 -7.89
C GLN D 17 33.64 56.27 -6.97
N LEU D 18 32.53 55.85 -7.59
CA LEU D 18 31.57 54.99 -6.95
C LEU D 18 32.20 53.74 -6.35
N PHE D 19 33.05 53.02 -7.09
CA PHE D 19 33.46 51.66 -6.77
C PHE D 19 34.60 51.46 -5.76
N ASP D 20 34.60 52.17 -4.61
CA ASP D 20 35.82 52.31 -3.79
C ASP D 20 35.89 51.35 -2.59
N ARG D 21 36.98 51.32 -1.81
CA ARG D 21 37.06 50.51 -0.58
C ARG D 21 37.37 51.39 0.63
N THR D 22 38.62 51.69 0.97
CA THR D 22 38.97 52.48 2.15
C THR D 22 38.65 53.97 2.06
N GLY D 23 38.14 54.42 0.91
CA GLY D 23 37.68 55.79 0.75
C GLY D 23 38.68 56.70 0.08
N ASP D 24 39.77 56.16 -0.47
CA ASP D 24 40.85 56.92 -1.06
C ASP D 24 41.23 56.42 -2.46
N GLY D 25 40.32 56.61 -3.42
CA GLY D 25 40.64 56.60 -4.84
C GLY D 25 41.27 55.28 -5.26
N LYS D 26 40.60 54.20 -4.87
CA LYS D 26 41.18 52.87 -4.87
C LYS D 26 40.15 51.84 -5.33
N ILE D 27 40.36 51.23 -6.50
CA ILE D 27 39.37 50.31 -7.06
C ILE D 27 40.03 48.93 -7.07
N LEU D 28 39.33 47.84 -6.76
CA LEU D 28 39.93 46.52 -6.81
C LEU D 28 40.11 46.05 -8.25
N TYR D 29 41.25 45.40 -8.53
CA TYR D 29 41.56 44.82 -9.85
C TYR D 29 40.39 44.15 -10.51
N SER D 30 39.78 43.19 -9.78
CA SER D 30 38.47 42.62 -10.10
C SER D 30 37.48 43.50 -10.85
N GLN D 31 37.19 44.70 -10.34
CA GLN D 31 36.24 45.63 -10.93
C GLN D 31 36.65 46.25 -12.28
N CYS D 32 37.93 46.19 -12.65
CA CYS D 32 38.44 46.91 -13.81
C CYS D 32 37.67 46.67 -15.11
N GLY D 33 37.58 45.41 -15.52
CA GLY D 33 36.97 45.03 -16.79
C GLY D 33 35.48 45.32 -16.84
N ASP D 34 34.79 44.92 -15.76
CA ASP D 34 33.36 45.22 -15.60
C ASP D 34 32.97 46.69 -15.69
N VAL D 35 33.70 47.57 -15.01
CA VAL D 35 33.46 49.01 -15.16
C VAL D 35 33.74 49.36 -16.62
N MET D 36 34.92 48.98 -17.12
CA MET D 36 35.26 49.13 -18.54
C MET D 36 34.19 48.63 -19.50
N ARG D 37 33.51 47.52 -19.17
CA ARG D 37 32.54 46.90 -20.04
C ARG D 37 31.37 47.83 -20.17
N ALA D 38 30.87 48.36 -19.06
CA ALA D 38 29.84 49.38 -19.11
C ALA D 38 30.28 50.62 -19.90
N LEU D 39 31.56 50.94 -19.85
CA LEU D 39 32.11 52.08 -20.58
C LEU D 39 32.44 51.78 -22.05
N GLY D 40 31.51 51.10 -22.73
CA GLY D 40 31.52 50.97 -24.19
C GLY D 40 32.62 50.07 -24.71
N GLN D 41 32.78 48.90 -24.07
CA GLN D 41 33.98 48.08 -24.25
C GLN D 41 33.57 46.68 -23.86
N ASN D 42 34.22 45.59 -24.24
CA ASN D 42 33.84 44.25 -23.78
C ASN D 42 35.10 43.46 -23.44
N PRO D 43 36.13 44.09 -22.84
CA PRO D 43 37.52 43.60 -22.85
C PRO D 43 37.61 42.21 -22.26
N THR D 44 38.18 41.25 -23.00
CA THR D 44 38.22 39.89 -22.51
C THR D 44 39.08 39.83 -21.25
N ASN D 45 38.82 38.83 -20.42
CA ASN D 45 39.52 38.64 -19.16
C ASN D 45 40.99 38.45 -19.50
N ALA D 46 41.25 37.74 -20.61
CA ALA D 46 42.59 37.59 -21.17
C ALA D 46 43.20 38.93 -21.58
N GLU D 47 42.46 39.80 -22.30
CA GLU D 47 42.90 41.16 -22.63
C GLU D 47 43.27 41.93 -21.36
N VAL D 48 42.38 41.96 -20.36
CA VAL D 48 42.61 42.69 -19.11
C VAL D 48 43.80 42.15 -18.32
N MET D 49 43.85 40.82 -18.17
CA MET D 49 44.92 40.09 -17.49
C MET D 49 46.32 40.44 -17.99
N LYS D 50 46.42 40.70 -19.30
CA LYS D 50 47.61 41.27 -19.91
C LYS D 50 47.95 42.59 -19.22
N VAL D 51 47.00 43.52 -19.21
CA VAL D 51 47.23 44.89 -18.74
C VAL D 51 47.06 45.01 -17.21
N LEU D 52 46.76 43.90 -16.53
CA LEU D 52 46.88 43.80 -15.09
C LEU D 52 48.13 43.08 -14.61
N GLY D 53 48.74 42.16 -15.38
CA GLY D 53 50.00 41.53 -14.98
C GLY D 53 49.86 40.15 -14.34
N ASN D 54 48.93 39.37 -14.89
CA ASN D 54 48.62 38.00 -14.46
C ASN D 54 48.44 37.70 -12.97
N PRO D 55 47.47 38.24 -12.23
CA PRO D 55 47.19 37.79 -10.88
C PRO D 55 46.48 36.45 -10.92
N LYS D 56 46.57 35.70 -9.83
CA LYS D 56 45.71 34.53 -9.60
C LYS D 56 44.51 35.05 -8.80
N SER D 57 43.60 34.21 -8.29
CA SER D 57 42.38 34.69 -7.64
C SER D 57 42.62 35.51 -6.38
N ASP D 58 43.59 35.06 -5.58
CA ASP D 58 44.03 35.76 -4.38
C ASP D 58 44.41 37.21 -4.62
N GLU D 59 45.57 37.56 -5.16
CA GLU D 59 45.87 38.94 -5.49
C GLU D 59 45.01 39.51 -6.62
N MET D 60 44.21 38.76 -7.41
CA MET D 60 43.16 39.37 -8.22
C MET D 60 42.09 40.01 -7.36
N ASN D 61 41.74 39.34 -6.25
CA ASN D 61 40.77 39.88 -5.34
C ASN D 61 41.37 40.95 -4.44
N LEU D 62 42.65 40.79 -4.10
CA LEU D 62 43.36 41.70 -3.22
C LEU D 62 44.01 42.94 -3.81
N LYS D 63 44.56 42.93 -5.02
CA LYS D 63 45.37 44.05 -5.51
C LYS D 63 44.51 45.22 -5.94
N THR D 64 45.07 46.41 -5.76
CA THR D 64 44.33 47.62 -6.02
C THR D 64 44.78 48.41 -7.25
N LEU D 65 43.77 48.90 -7.95
CA LEU D 65 43.91 50.00 -8.89
C LEU D 65 43.71 51.36 -8.22
N LYS D 66 44.06 52.42 -8.96
CA LYS D 66 43.82 53.84 -8.66
C LYS D 66 43.53 54.49 -10.00
N PHE D 67 43.01 55.72 -10.12
CA PHE D 67 42.53 56.26 -11.40
C PHE D 67 43.51 56.37 -12.58
N GLU D 68 44.69 56.99 -12.44
CA GLU D 68 45.72 56.80 -13.44
C GLU D 68 46.55 55.52 -13.29
N GLN D 69 45.83 54.44 -12.99
CA GLN D 69 46.17 53.12 -13.46
C GLN D 69 44.94 52.65 -14.25
N PHE D 70 43.74 52.88 -13.73
CA PHE D 70 42.49 52.49 -14.40
C PHE D 70 42.26 53.13 -15.78
N LEU D 71 42.22 54.46 -15.83
CA LEU D 71 41.94 55.18 -17.05
C LEU D 71 42.97 54.85 -18.14
N PRO D 72 44.31 54.78 -17.95
CA PRO D 72 45.21 54.23 -18.96
C PRO D 72 44.87 52.82 -19.42
N MET D 73 44.51 51.90 -18.50
CA MET D 73 44.08 50.56 -18.86
C MET D 73 42.89 50.57 -19.80
N MET D 74 41.82 51.28 -19.41
CA MET D 74 40.65 51.56 -20.24
C MET D 74 41.02 51.88 -21.69
N GLN D 75 41.91 52.87 -21.80
CA GLN D 75 42.45 53.33 -23.09
C GLN D 75 43.28 52.27 -23.80
N THR D 76 44.17 51.61 -23.05
CA THR D 76 45.11 50.66 -23.61
C THR D 76 44.45 49.40 -24.14
N ILE D 77 43.18 49.14 -23.79
CA ILE D 77 42.35 48.20 -24.50
C ILE D 77 41.48 48.94 -25.51
N ALA D 78 40.66 49.92 -25.10
CA ALA D 78 39.76 50.69 -25.96
C ALA D 78 40.09 51.04 -27.40
N LYS D 79 41.27 51.61 -27.68
CA LYS D 79 41.75 51.65 -29.06
C LYS D 79 42.11 50.21 -29.40
N ASN D 80 41.33 49.53 -30.23
CA ASN D 80 41.39 48.07 -30.20
C ASN D 80 41.70 47.45 -31.55
N LYS D 81 42.00 46.16 -31.52
CA LYS D 81 42.47 45.41 -32.66
C LYS D 81 41.29 44.66 -33.28
N ASP D 82 41.24 43.32 -33.20
CA ASP D 82 40.06 42.53 -33.53
C ASP D 82 38.98 42.75 -32.49
N GLN D 83 37.78 43.11 -32.95
CA GLN D 83 36.55 43.15 -32.16
C GLN D 83 35.49 42.92 -33.22
N GLY D 84 34.48 42.08 -32.99
CA GLY D 84 33.76 41.49 -34.11
C GLY D 84 32.54 42.23 -34.62
N CYS D 85 32.04 41.73 -35.74
CA CYS D 85 30.82 42.19 -36.38
C CYS D 85 29.87 41.04 -36.69
N PHE D 86 28.72 41.32 -37.32
CA PHE D 86 27.64 40.35 -37.55
C PHE D 86 28.07 39.10 -38.33
N GLU D 87 28.83 39.36 -39.38
CA GLU D 87 29.34 38.32 -40.24
C GLU D 87 30.29 37.37 -39.47
N ASP D 88 31.21 37.94 -38.67
CA ASP D 88 32.06 37.13 -37.79
C ASP D 88 31.23 36.32 -36.80
N TYR D 89 30.24 36.95 -36.18
CA TYR D 89 29.46 36.30 -35.14
C TYR D 89 28.32 35.41 -35.57
N VAL D 90 27.86 35.44 -36.82
CA VAL D 90 26.93 34.44 -37.32
C VAL D 90 27.62 33.12 -37.55
N GLU D 91 28.90 33.15 -37.96
CA GLU D 91 29.67 31.93 -38.10
C GLU D 91 30.03 31.49 -36.68
N GLY D 92 30.64 32.41 -35.92
CA GLY D 92 30.95 32.23 -34.52
C GLY D 92 29.75 32.00 -33.60
N LEU D 93 28.51 32.13 -34.09
CA LEU D 93 27.33 31.61 -33.41
C LEU D 93 26.49 30.57 -34.15
N ARG D 94 26.85 30.28 -35.40
CA ARG D 94 26.40 29.07 -36.08
C ARG D 94 27.00 27.93 -35.26
N VAL D 95 28.10 28.23 -34.56
CA VAL D 95 28.53 27.61 -33.31
C VAL D 95 27.57 26.85 -32.39
N PHE D 96 26.32 26.51 -32.69
CA PHE D 96 25.62 25.39 -32.03
C PHE D 96 24.64 24.78 -33.03
N ASP D 97 25.00 24.67 -34.31
CA ASP D 97 24.02 24.27 -35.33
C ASP D 97 23.51 22.84 -35.43
N LYS D 98 24.01 21.96 -34.56
CA LYS D 98 23.75 20.51 -34.49
C LYS D 98 23.71 19.69 -35.77
N GLU D 99 22.88 19.97 -36.78
CA GLU D 99 23.07 19.43 -38.12
C GLU D 99 23.66 20.47 -39.04
N GLY D 100 23.21 21.71 -38.86
CA GLY D 100 23.50 22.82 -39.75
C GLY D 100 22.31 23.77 -39.87
N ASN D 101 21.50 23.85 -38.81
CA ASN D 101 20.07 24.12 -38.97
C ASN D 101 19.53 25.54 -39.00
N GLY D 102 20.37 26.57 -38.81
CA GLY D 102 19.86 27.94 -38.74
C GLY D 102 19.24 28.26 -37.38
N THR D 103 19.45 27.35 -36.44
CA THR D 103 18.89 27.36 -35.10
C THR D 103 19.90 26.55 -34.27
N VAL D 104 20.02 26.78 -32.95
CA VAL D 104 21.14 26.36 -32.13
C VAL D 104 20.84 25.48 -30.89
N MET D 105 21.75 24.59 -30.48
CA MET D 105 21.58 23.70 -29.32
C MET D 105 21.52 24.19 -27.87
N GLY D 106 20.32 24.02 -27.29
CA GLY D 106 19.95 24.51 -25.96
C GLY D 106 20.88 24.16 -24.81
N ALA D 107 21.04 22.89 -24.46
CA ALA D 107 22.04 22.52 -23.45
C ALA D 107 23.46 22.94 -23.82
N GLU D 108 23.81 22.83 -25.10
CA GLU D 108 25.18 22.99 -25.56
C GLU D 108 25.68 24.43 -25.51
N ILE D 109 24.79 25.39 -25.79
CA ILE D 109 25.07 26.82 -25.67
C ILE D 109 25.37 27.18 -24.22
N ARG D 110 24.71 26.46 -23.32
CA ARG D 110 24.99 26.58 -21.90
C ARG D 110 26.36 25.94 -21.68
N HIS D 111 26.58 24.72 -22.20
CA HIS D 111 27.83 24.04 -21.91
C HIS D 111 29.08 24.74 -22.40
N VAL D 112 29.23 25.10 -23.69
CA VAL D 112 30.31 25.96 -24.20
C VAL D 112 30.65 27.11 -23.28
N LEU D 113 29.60 27.77 -22.80
CA LEU D 113 29.78 28.84 -21.86
C LEU D 113 30.39 28.33 -20.55
N VAL D 114 30.08 27.15 -20.01
CA VAL D 114 30.86 26.57 -18.90
C VAL D 114 32.24 26.03 -19.35
N THR D 115 32.32 25.45 -20.55
CA THR D 115 33.42 24.55 -20.91
C THR D 115 34.63 25.19 -21.58
N LEU D 116 34.39 26.30 -22.26
CA LEU D 116 35.38 27.08 -22.98
C LEU D 116 36.03 28.24 -22.23
N GLY D 117 37.28 28.51 -22.66
CA GLY D 117 38.19 29.56 -22.19
C GLY D 117 37.87 30.32 -20.92
N GLU D 118 36.83 31.13 -21.10
CA GLU D 118 36.45 32.14 -20.14
C GLU D 118 35.19 31.60 -19.51
N LYS D 119 35.44 30.60 -18.66
CA LYS D 119 34.40 29.78 -18.07
C LYS D 119 33.36 30.57 -17.33
N MET D 120 32.17 30.55 -17.91
CA MET D 120 31.02 31.19 -17.32
C MET D 120 30.49 30.30 -16.22
N THR D 121 29.94 30.95 -15.20
CA THR D 121 29.13 30.22 -14.25
C THR D 121 27.83 29.92 -14.98
N GLU D 122 27.27 28.74 -14.79
CA GLU D 122 25.84 28.50 -14.71
C GLU D 122 24.96 29.77 -14.75
N GLU D 123 25.12 30.70 -13.81
CA GLU D 123 24.45 32.01 -13.84
C GLU D 123 24.67 32.78 -15.15
N GLU D 124 25.95 32.97 -15.51
CA GLU D 124 26.32 33.73 -16.69
C GLU D 124 25.79 33.06 -17.96
N VAL D 125 25.93 31.72 -18.00
CA VAL D 125 25.47 30.92 -19.12
C VAL D 125 23.97 31.11 -19.30
N GLU D 126 23.18 30.85 -18.25
CA GLU D 126 21.73 30.83 -18.40
C GLU D 126 21.17 32.16 -18.85
N GLN D 127 21.68 33.23 -18.25
CA GLN D 127 21.26 34.59 -18.61
C GLN D 127 21.43 34.97 -20.07
N LEU D 128 22.53 34.56 -20.71
CA LEU D 128 22.78 34.95 -22.09
C LEU D 128 21.84 34.19 -23.03
N VAL D 129 21.55 32.96 -22.61
CA VAL D 129 20.85 32.03 -23.48
C VAL D 129 19.33 32.08 -23.36
N ALA D 130 18.82 31.93 -22.12
CA ALA D 130 17.41 31.72 -21.84
C ALA D 130 16.34 32.41 -22.68
N GLY D 131 15.42 31.59 -23.22
CA GLY D 131 14.24 32.10 -23.90
C GLY D 131 14.50 32.62 -25.31
N HIS D 132 15.61 32.17 -25.87
CA HIS D 132 15.94 32.42 -27.26
C HIS D 132 15.91 31.10 -28.05
N GLU D 133 15.69 30.03 -27.30
CA GLU D 133 15.24 28.75 -27.82
C GLU D 133 13.72 28.64 -27.97
N ASP D 134 13.31 27.58 -28.69
CA ASP D 134 11.92 27.17 -28.82
C ASP D 134 11.54 25.93 -28.00
N SER D 135 10.44 25.22 -28.35
CA SER D 135 9.93 24.06 -27.65
C SER D 135 10.88 22.87 -27.58
N ASN D 136 11.64 22.71 -28.66
CA ASN D 136 12.64 21.66 -28.77
C ASN D 136 13.98 22.18 -28.30
N GLY D 137 14.11 23.50 -28.12
CA GLY D 137 15.32 24.08 -27.62
C GLY D 137 16.31 24.35 -28.74
N CYS D 138 15.75 24.89 -29.84
CA CYS D 138 16.56 25.35 -30.94
C CYS D 138 16.63 26.87 -30.89
N ILE D 139 17.80 27.51 -30.81
CA ILE D 139 17.89 28.99 -30.77
C ILE D 139 18.15 29.64 -32.14
N ASN D 140 17.36 30.52 -32.76
CA ASN D 140 17.83 31.17 -34.00
C ASN D 140 19.00 32.09 -33.69
N TYR D 141 20.17 31.54 -34.06
CA TYR D 141 21.41 32.23 -33.83
C TYR D 141 21.46 33.52 -34.61
N GLU D 142 21.01 33.57 -35.88
CA GLU D 142 21.03 34.77 -36.72
C GLU D 142 20.57 36.01 -35.98
N GLU D 143 19.60 35.77 -35.09
CA GLU D 143 19.24 36.73 -34.07
C GLU D 143 19.99 36.76 -32.75
N LEU D 144 20.27 35.60 -32.13
CA LEU D 144 21.13 35.52 -30.95
C LEU D 144 22.44 36.32 -31.10
N VAL D 145 22.91 36.41 -32.35
CA VAL D 145 24.08 37.18 -32.75
C VAL D 145 23.87 38.66 -32.49
N ARG D 146 22.77 39.22 -32.99
CA ARG D 146 22.55 40.66 -32.91
C ARG D 146 22.27 41.09 -31.47
N MET D 147 21.59 40.18 -30.76
CA MET D 147 21.40 40.31 -29.32
C MET D 147 22.73 40.47 -28.58
N VAL D 148 23.69 39.57 -28.81
CA VAL D 148 24.99 39.75 -28.18
C VAL D 148 25.70 40.98 -28.70
N LEU D 149 25.62 41.26 -30.01
CA LEU D 149 26.36 42.38 -30.60
C LEU D 149 25.89 43.81 -30.38
N SER D 150 24.68 43.98 -29.84
CA SER D 150 24.12 45.29 -29.53
C SER D 150 23.21 45.21 -28.29
N GLY D 151 23.67 45.78 -27.16
CA GLY D 151 22.87 45.85 -25.94
C GLY D 151 23.65 45.79 -24.60
N MET E 1 23.89 81.74 27.88
CA MET E 1 24.16 81.37 26.51
C MET E 1 23.77 79.90 26.52
N GLY E 2 23.22 79.32 25.46
CA GLY E 2 22.41 78.14 25.63
C GLY E 2 21.03 78.53 26.11
N ASP E 3 20.63 79.79 25.91
CA ASP E 3 19.45 80.34 26.58
C ASP E 3 18.46 80.92 25.58
N ASP E 4 18.96 81.51 24.49
CA ASP E 4 18.14 82.21 23.50
C ASP E 4 17.11 81.38 22.76
N GLU E 5 17.48 80.12 22.55
CA GLU E 5 16.55 79.05 22.22
C GLU E 5 15.38 78.99 23.19
N LYS E 6 15.68 79.01 24.49
CA LYS E 6 14.70 78.78 25.53
C LYS E 6 13.87 80.03 25.73
N LYS E 7 14.36 81.22 25.39
CA LYS E 7 13.57 82.44 25.42
C LYS E 7 12.33 82.29 24.53
N GLU E 8 12.64 81.76 23.35
CA GLU E 8 11.70 81.65 22.24
C GLU E 8 10.55 80.66 22.42
N LYS E 9 10.71 79.68 23.32
CA LYS E 9 9.76 78.58 23.52
C LYS E 9 8.33 78.97 23.94
N LYS E 10 8.11 80.27 24.23
CA LYS E 10 6.81 80.74 24.67
C LYS E 10 5.82 81.30 23.64
N LYS E 11 6.14 81.43 22.33
CA LYS E 11 5.13 81.93 21.39
C LYS E 11 4.16 80.87 20.85
N LYS E 12 4.38 79.58 21.17
CA LYS E 12 3.40 78.52 20.91
C LYS E 12 1.96 78.88 21.28
N SER E 13 1.88 79.37 22.51
CA SER E 13 0.64 79.85 23.10
C SER E 13 -0.05 80.92 22.26
N LYS E 14 0.74 81.87 21.75
CA LYS E 14 0.23 83.16 21.28
C LYS E 14 -0.68 83.03 20.06
N LYS E 15 -0.56 81.91 19.35
CA LYS E 15 -1.72 81.44 18.59
C LYS E 15 -2.25 80.00 18.72
N LYS E 16 -1.89 79.06 19.61
CA LYS E 16 -2.78 77.91 19.71
C LYS E 16 -3.73 77.95 20.86
N ALA E 17 -3.69 76.95 21.74
CA ALA E 17 -4.87 76.57 22.49
C ALA E 17 -5.03 77.50 23.66
N GLU E 18 -3.88 77.79 24.24
CA GLU E 18 -3.71 78.37 25.54
C GLU E 18 -4.47 79.67 25.73
N GLU E 19 -4.58 80.47 24.66
CA GLU E 19 -5.25 81.77 24.73
C GLU E 19 -6.78 81.69 24.84
N GLU E 20 -7.24 80.43 24.77
CA GLU E 20 -8.48 80.03 25.41
C GLU E 20 -8.16 79.09 26.57
N GLY E 21 -7.49 77.99 26.24
CA GLY E 21 -7.40 76.81 27.06
C GLY E 21 -5.98 76.50 27.53
N GLY E 22 -5.57 77.28 28.53
CA GLY E 22 -4.68 76.76 29.56
C GLY E 22 -5.11 75.40 30.11
N ASP E 23 -6.43 75.09 30.03
CA ASP E 23 -6.95 73.73 29.99
C ASP E 23 -6.11 72.73 29.20
N ALA E 24 -5.82 72.98 27.92
CA ALA E 24 -5.00 72.07 27.11
C ALA E 24 -3.55 72.52 27.26
N PRO E 25 -2.75 71.87 28.12
CA PRO E 25 -1.53 72.41 28.67
C PRO E 25 -0.32 72.68 27.77
N ALA E 26 0.23 73.89 27.93
CA ALA E 26 1.66 74.06 27.73
C ALA E 26 2.38 73.19 28.75
N ALA E 27 3.29 72.34 28.27
CA ALA E 27 3.95 71.35 29.11
C ALA E 27 5.41 71.76 29.27
N PRO E 28 5.85 72.24 30.45
CA PRO E 28 7.19 72.77 30.68
C PRO E 28 8.34 71.81 30.42
N PRO E 29 9.25 72.15 29.49
CA PRO E 29 10.43 71.37 29.17
C PRO E 29 11.76 72.07 29.45
N ALA E 30 12.72 72.01 28.53
CA ALA E 30 13.88 72.90 28.43
C ALA E 30 14.80 73.20 29.62
N PRO E 31 15.21 72.25 30.51
CA PRO E 31 16.07 72.54 31.66
C PRO E 31 17.43 72.99 31.14
N LYS E 32 17.91 74.14 31.63
CA LYS E 32 18.99 74.90 30.99
C LYS E 32 20.16 74.16 30.34
N PRO E 33 20.84 73.17 30.97
CA PRO E 33 21.81 72.30 30.30
C PRO E 33 21.09 71.42 29.27
N PRO E 34 21.10 71.87 28.01
CA PRO E 34 20.16 71.47 26.97
C PRO E 34 20.35 70.07 26.38
N SER E 35 21.18 69.28 27.08
CA SER E 35 21.28 67.84 26.92
C SER E 35 20.01 67.17 27.45
N GLN E 36 19.49 67.79 28.50
CA GLN E 36 18.34 67.33 29.25
C GLN E 36 17.00 67.14 28.55
N LYS E 37 16.59 67.96 27.59
CA LYS E 37 15.18 67.97 27.17
C LYS E 37 14.77 66.82 26.22
N ARG E 38 15.62 65.78 26.15
CA ARG E 38 15.45 64.56 25.36
C ARG E 38 14.62 63.52 26.11
N ARG E 39 14.08 63.94 27.26
CA ARG E 39 13.22 63.08 28.05
C ARG E 39 11.75 63.38 27.80
N ALA E 40 11.50 64.49 27.09
CA ALA E 40 10.15 65.00 26.93
C ALA E 40 9.55 64.61 25.58
N GLN E 41 9.08 63.36 25.54
CA GLN E 41 8.41 62.81 24.38
C GLN E 41 6.97 62.40 24.66
N ARG E 42 6.14 62.46 23.62
CA ARG E 42 4.75 62.01 23.69
C ARG E 42 4.55 60.64 23.03
N SER E 43 5.07 59.58 23.63
CA SER E 43 5.17 58.29 22.99
C SER E 43 3.94 57.38 22.79
N GLY E 44 3.23 57.44 21.64
CA GLY E 44 2.29 56.34 21.31
C GLY E 44 0.97 56.67 20.63
N SER E 45 0.95 57.45 19.55
CA SER E 45 -0.25 58.09 19.06
C SER E 45 -1.13 57.15 18.20
N ASN E 46 -1.85 56.16 18.76
CA ASN E 46 -2.72 55.25 18.00
C ASN E 46 -3.94 54.74 18.75
N VAL E 47 -5.05 54.72 18.00
CA VAL E 47 -6.32 54.11 18.44
C VAL E 47 -7.14 53.91 17.16
N PHE E 48 -8.46 53.63 17.17
CA PHE E 48 -9.28 53.71 15.96
C PHE E 48 -9.36 55.13 15.39
N ALA E 49 -9.83 55.29 14.15
CA ALA E 49 -9.65 56.53 13.41
C ALA E 49 -10.15 57.81 14.12
N MET E 50 -9.17 58.41 14.81
CA MET E 50 -9.40 59.64 15.57
C MET E 50 -9.74 60.72 14.57
N PHE E 51 -8.80 61.23 13.77
CA PHE E 51 -9.29 61.92 12.59
C PHE E 51 -9.79 60.84 11.63
N THR E 52 -11.10 60.67 11.62
CA THR E 52 -11.70 59.90 10.54
C THR E 52 -11.91 60.78 9.32
N GLN E 53 -11.53 60.17 8.20
CA GLN E 53 -11.18 60.87 6.96
C GLN E 53 -12.37 61.43 6.19
N HIS E 54 -13.54 61.04 6.67
CA HIS E 54 -14.79 61.65 6.27
C HIS E 54 -15.49 61.99 7.57
N GLN E 55 -15.00 63.10 8.12
CA GLN E 55 -15.53 63.79 9.29
C GLN E 55 -14.65 64.96 9.71
N VAL E 56 -13.45 64.75 10.26
CA VAL E 56 -12.73 65.83 10.92
C VAL E 56 -12.07 66.80 9.94
N GLN E 57 -12.00 66.37 8.65
CA GLN E 57 -11.64 67.24 7.52
C GLN E 57 -12.50 68.50 7.53
N GLU E 58 -13.76 68.04 7.49
CA GLU E 58 -14.93 68.84 7.24
C GLU E 58 -15.20 69.77 8.39
N PHE E 59 -15.06 69.25 9.61
CA PHE E 59 -15.28 70.02 10.82
C PHE E 59 -14.48 71.31 10.89
N LYS E 60 -13.16 71.11 10.70
CA LYS E 60 -12.17 72.19 10.71
C LYS E 60 -12.38 73.18 9.58
N GLU E 61 -12.71 72.62 8.42
CA GLU E 61 -12.95 73.42 7.24
C GLU E 61 -14.37 74.03 7.19
N ALA E 62 -15.21 73.48 8.06
CA ALA E 62 -16.46 74.09 8.47
C ALA E 62 -16.17 75.12 9.54
N PHE E 63 -14.93 75.43 9.91
CA PHE E 63 -14.67 76.74 10.49
C PHE E 63 -14.79 77.71 9.32
N GLN E 64 -14.27 77.37 8.14
CA GLN E 64 -14.37 78.28 7.00
C GLN E 64 -15.77 78.25 6.41
N LEU E 65 -16.52 77.19 6.71
CA LEU E 65 -17.97 77.25 6.57
C LEU E 65 -18.72 77.89 7.74
N ILE E 66 -18.41 77.71 9.04
CA ILE E 66 -19.31 78.19 10.10
C ILE E 66 -19.02 79.62 10.55
N ASP E 67 -17.79 80.12 10.35
CA ASP E 67 -17.53 81.54 10.54
C ASP E 67 -18.19 82.25 9.37
N GLN E 68 -19.42 82.74 9.61
CA GLN E 68 -20.15 83.47 8.57
C GLN E 68 -19.69 84.90 8.43
N ASP E 69 -19.55 85.69 9.50
CA ASP E 69 -19.24 87.10 9.29
C ASP E 69 -17.76 87.34 9.05
N LYS E 70 -16.98 86.24 9.12
CA LYS E 70 -15.59 86.16 8.68
C LYS E 70 -14.73 87.07 9.53
N ASP E 71 -14.92 86.87 10.84
CA ASP E 71 -14.16 87.61 11.83
C ASP E 71 -12.97 86.77 12.25
N GLY E 72 -13.19 85.48 12.55
CA GLY E 72 -12.11 84.65 13.07
C GLY E 72 -12.45 83.94 14.37
N PHE E 73 -13.64 84.27 14.90
CA PHE E 73 -14.28 83.61 16.02
C PHE E 73 -15.62 83.04 15.53
N ILE E 74 -16.42 82.47 16.44
CA ILE E 74 -17.72 81.93 16.11
C ILE E 74 -18.61 82.48 17.21
N SER E 75 -19.51 83.28 16.66
CA SER E 75 -20.49 83.96 17.46
C SER E 75 -21.72 83.09 17.65
N LYS E 76 -22.66 83.61 18.45
CA LYS E 76 -23.98 83.02 18.51
C LYS E 76 -24.67 83.17 17.17
N ASN E 77 -24.47 84.34 16.56
CA ASN E 77 -24.98 84.60 15.24
C ASN E 77 -24.24 83.88 14.14
N ASP E 78 -23.00 83.41 14.34
CA ASP E 78 -22.40 82.57 13.32
C ASP E 78 -23.11 81.23 13.20
N ILE E 79 -23.26 80.49 14.30
CA ILE E 79 -23.78 79.12 14.22
C ILE E 79 -25.21 79.12 13.68
N ARG E 80 -25.99 80.07 14.17
CA ARG E 80 -27.34 80.29 13.73
C ARG E 80 -27.46 80.56 12.23
N ALA E 81 -27.05 81.70 11.69
CA ALA E 81 -27.38 82.04 10.32
C ALA E 81 -26.74 81.10 9.31
N THR E 82 -25.57 80.56 9.67
CA THR E 82 -24.98 79.43 8.97
C THR E 82 -25.76 78.11 9.03
N PHE E 83 -26.47 77.81 10.13
CA PHE E 83 -27.42 76.72 10.09
C PHE E 83 -28.65 77.08 9.28
N ASP E 84 -29.18 78.29 9.43
CA ASP E 84 -30.26 78.83 8.58
C ASP E 84 -29.89 78.76 7.10
N SER E 85 -28.62 78.99 6.76
CA SER E 85 -28.13 78.90 5.39
C SER E 85 -28.12 77.49 4.84
N LEU E 86 -28.31 76.51 5.73
CA LEU E 86 -28.49 75.12 5.34
C LEU E 86 -29.97 74.77 5.51
N GLY E 87 -30.42 74.79 6.75
CA GLY E 87 -31.82 74.70 7.11
C GLY E 87 -32.07 74.80 8.61
N ARG E 88 -32.09 73.65 9.31
CA ARG E 88 -32.73 73.54 10.62
C ARG E 88 -32.05 74.19 11.81
N LEU E 89 -32.65 75.34 12.11
CA LEU E 89 -32.21 76.21 13.18
C LEU E 89 -32.41 75.75 14.61
N CYS E 90 -31.40 75.96 15.44
CA CYS E 90 -31.55 75.78 16.88
C CYS E 90 -32.17 77.06 17.44
N THR E 91 -32.95 77.05 18.53
CA THR E 91 -33.29 78.30 19.22
C THR E 91 -32.05 78.90 19.88
N GLU E 92 -32.06 80.22 20.05
CA GLU E 92 -30.98 80.95 20.68
C GLU E 92 -30.48 80.37 22.00
N GLN E 93 -31.39 79.80 22.79
CA GLN E 93 -31.08 79.04 24.00
C GLN E 93 -30.29 77.76 23.71
N GLU E 94 -30.75 76.96 22.72
CA GLU E 94 -30.06 75.74 22.33
C GLU E 94 -28.66 76.05 21.82
N LEU E 95 -28.60 77.12 21.02
CA LEU E 95 -27.35 77.70 20.56
C LEU E 95 -26.50 78.19 21.71
N ASP E 96 -27.12 78.82 22.71
CA ASP E 96 -26.38 79.49 23.78
C ASP E 96 -25.59 78.45 24.58
N SER E 97 -26.33 77.39 24.92
CA SER E 97 -25.76 76.19 25.51
C SER E 97 -24.70 75.50 24.66
N MET E 98 -24.97 75.38 23.36
CA MET E 98 -23.98 74.80 22.46
C MET E 98 -22.73 75.66 22.29
N VAL E 99 -22.82 76.97 22.53
CA VAL E 99 -21.64 77.82 22.67
C VAL E 99 -20.98 77.65 24.04
N ALA E 100 -21.84 77.47 25.06
CA ALA E 100 -21.41 77.27 26.44
C ALA E 100 -20.89 75.88 26.78
N GLU E 101 -20.87 75.00 25.78
CA GLU E 101 -19.95 73.86 25.77
C GLU E 101 -18.48 74.29 25.69
N ALA E 102 -18.22 75.59 25.55
CA ALA E 102 -16.91 76.15 25.84
C ALA E 102 -17.10 77.42 26.66
N PRO E 103 -16.12 77.86 27.46
CA PRO E 103 -16.14 79.15 28.13
C PRO E 103 -15.97 80.33 27.17
N GLY E 104 -16.99 80.65 26.36
CA GLY E 104 -17.02 81.92 25.62
C GLY E 104 -16.41 81.92 24.22
N PRO E 105 -15.29 82.61 23.96
CA PRO E 105 -14.72 82.80 22.62
C PRO E 105 -14.33 81.59 21.77
N ILE E 106 -15.37 80.86 21.31
CA ILE E 106 -15.20 79.74 20.40
C ILE E 106 -14.72 80.30 19.08
N ASN E 107 -13.41 80.41 19.01
CA ASN E 107 -12.71 80.78 17.79
C ASN E 107 -12.16 79.53 17.11
N PHE E 108 -11.36 79.72 16.05
CA PHE E 108 -10.70 78.63 15.33
C PHE E 108 -10.05 77.57 16.20
N THR E 109 -9.39 77.95 17.30
CA THR E 109 -8.82 76.96 18.20
C THR E 109 -9.78 76.41 19.22
N MET E 110 -10.47 77.16 20.10
CA MET E 110 -11.50 76.65 21.03
C MET E 110 -12.53 75.67 20.46
N PHE E 111 -12.86 75.93 19.18
CA PHE E 111 -13.71 75.06 18.38
C PHE E 111 -13.15 73.65 18.33
N LEU E 112 -11.93 73.53 17.82
CA LEU E 112 -11.27 72.24 17.73
C LEU E 112 -10.72 71.73 19.05
N THR E 113 -10.51 72.62 20.03
CA THR E 113 -10.16 72.28 21.39
C THR E 113 -11.26 71.36 21.97
N ILE E 114 -12.54 71.70 21.86
CA ILE E 114 -13.59 70.79 22.30
C ILE E 114 -13.92 69.67 21.31
N PHE E 115 -13.75 69.96 20.01
CA PHE E 115 -14.00 68.96 18.99
C PHE E 115 -13.20 67.68 19.09
N GLY E 116 -11.87 67.73 19.18
CA GLY E 116 -11.02 66.54 19.22
C GLY E 116 -11.08 65.81 20.56
N ASP E 117 -10.85 66.56 21.64
CA ASP E 117 -10.92 66.05 23.01
C ASP E 117 -12.11 65.16 23.34
N ARG E 118 -13.31 65.53 22.85
CA ARG E 118 -14.47 64.66 22.96
C ARG E 118 -14.27 63.43 22.06
N ILE E 119 -13.68 62.36 22.59
CA ILE E 119 -13.49 61.14 21.81
C ILE E 119 -14.59 60.10 21.95
N ALA E 120 -15.64 60.37 22.73
CA ALA E 120 -16.59 59.35 23.12
C ALA E 120 -18.00 59.72 22.69
N GLY E 121 -18.80 58.68 22.42
CA GLY E 121 -20.19 58.84 22.05
C GLY E 121 -20.77 57.47 21.80
N THR E 122 -21.49 57.36 20.68
CA THR E 122 -21.95 56.11 20.07
C THR E 122 -20.85 55.10 19.74
N ASP E 123 -21.27 53.86 19.46
CA ASP E 123 -20.45 52.77 18.96
C ASP E 123 -20.04 52.96 17.48
N GLU E 124 -18.89 52.39 17.10
CA GLU E 124 -18.44 52.35 15.71
C GLU E 124 -19.30 51.43 14.83
N GLU E 125 -19.51 51.79 13.55
CA GLU E 125 -20.28 51.01 12.59
C GLU E 125 -19.81 49.56 12.50
N ASP E 126 -18.53 49.26 12.30
CA ASP E 126 -18.08 47.88 12.35
C ASP E 126 -18.37 47.09 13.63
N VAL E 127 -18.51 47.78 14.75
CA VAL E 127 -19.01 47.14 15.97
C VAL E 127 -20.51 46.89 15.80
N ILE E 128 -21.19 47.91 15.25
CA ILE E 128 -22.62 47.83 14.95
C ILE E 128 -22.89 46.75 13.92
N VAL E 129 -22.04 46.40 12.94
CA VAL E 129 -22.27 45.21 12.12
C VAL E 129 -22.17 43.97 13.02
N ASN E 130 -21.17 43.91 13.90
CA ASN E 130 -21.00 42.79 14.83
C ASN E 130 -22.22 42.55 15.69
N ALA E 131 -22.95 43.62 16.01
CA ALA E 131 -24.21 43.54 16.71
C ALA E 131 -25.13 42.38 16.31
N PHE E 132 -25.48 42.26 15.04
CA PHE E 132 -26.30 41.12 14.65
C PHE E 132 -25.46 40.12 13.86
N ASN E 133 -24.42 40.56 13.14
CA ASN E 133 -23.44 39.65 12.55
C ASN E 133 -22.78 38.66 13.50
N LEU E 134 -22.75 38.88 14.81
CA LEU E 134 -22.30 37.83 15.71
C LEU E 134 -23.40 36.86 16.18
N PHE E 135 -24.67 37.13 15.87
CA PHE E 135 -25.80 36.26 16.24
C PHE E 135 -26.09 35.14 15.22
N ASP E 136 -25.83 35.42 13.95
CA ASP E 136 -26.00 34.47 12.85
C ASP E 136 -25.14 33.22 13.05
N GLU E 137 -25.62 32.04 12.63
CA GLU E 137 -24.88 30.81 12.89
C GLU E 137 -23.99 30.44 11.71
N GLY E 138 -24.21 31.04 10.53
CA GLY E 138 -23.32 30.79 9.40
C GLY E 138 -22.94 32.09 8.72
N ASP E 139 -22.74 32.05 7.41
CA ASP E 139 -23.02 33.20 6.58
C ASP E 139 -24.50 33.04 6.21
N GLY E 140 -25.37 33.96 6.64
CA GLY E 140 -26.78 33.86 6.32
C GLY E 140 -27.55 35.19 6.41
N LYS E 141 -28.13 35.48 7.58
CA LYS E 141 -29.11 36.55 7.79
C LYS E 141 -29.48 36.56 9.28
N CYS E 142 -30.64 37.14 9.62
CA CYS E 142 -31.23 37.00 10.93
C CYS E 142 -32.74 36.84 10.83
N LYS E 143 -33.25 35.67 11.23
CA LYS E 143 -34.69 35.45 11.27
C LYS E 143 -35.35 36.49 12.17
N GLU E 144 -36.29 37.13 11.46
CA GLU E 144 -37.12 38.20 11.95
C GLU E 144 -37.79 37.90 13.29
N GLU E 145 -38.36 36.68 13.44
CA GLU E 145 -38.87 36.26 14.74
C GLU E 145 -37.88 36.48 15.87
N THR E 146 -36.60 36.24 15.60
CA THR E 146 -35.56 36.33 16.61
C THR E 146 -35.19 37.79 16.94
N LEU E 147 -35.44 38.72 16.02
CA LEU E 147 -35.07 40.11 16.25
C LEU E 147 -36.20 40.82 16.98
N LYS E 148 -37.44 40.44 16.63
CA LYS E 148 -38.62 40.87 17.36
C LYS E 148 -38.65 40.33 18.80
N ARG E 149 -38.51 39.00 18.94
CA ARG E 149 -38.55 38.38 20.26
C ARG E 149 -37.49 38.94 21.19
N SER E 150 -36.25 39.05 20.69
CA SER E 150 -35.16 39.64 21.45
C SER E 150 -35.37 41.07 21.87
N LEU E 151 -35.71 42.02 20.99
CA LEU E 151 -35.73 43.44 21.36
C LEU E 151 -36.69 43.79 22.50
N THR E 152 -37.75 42.99 22.53
CA THR E 152 -38.75 43.11 23.57
C THR E 152 -38.34 42.31 24.80
N THR E 153 -38.05 41.01 24.67
CA THR E 153 -37.83 40.17 25.84
C THR E 153 -36.48 40.36 26.52
N TRP E 154 -35.39 40.54 25.78
CA TRP E 154 -34.09 40.15 26.28
C TRP E 154 -33.25 41.32 26.79
N GLY E 155 -32.66 41.18 27.99
CA GLY E 155 -31.84 42.20 28.62
C GLY E 155 -32.64 43.48 28.83
N GLU E 156 -32.03 44.55 28.31
CA GLU E 156 -32.67 45.85 28.13
C GLU E 156 -33.77 45.75 27.08
N LYS E 157 -34.95 46.18 27.53
CA LYS E 157 -36.20 45.93 26.84
C LYS E 157 -36.80 47.20 26.27
N PHE E 158 -37.37 47.03 25.07
CA PHE E 158 -38.13 48.09 24.44
C PHE E 158 -39.60 48.04 24.83
N SER E 159 -40.34 49.10 24.49
CA SER E 159 -41.79 49.07 24.50
C SER E 159 -42.28 48.60 23.13
N GLN E 160 -43.59 48.39 22.96
CA GLN E 160 -44.16 48.06 21.66
C GLN E 160 -43.83 49.19 20.69
N ASP E 161 -44.15 50.42 21.16
CA ASP E 161 -43.86 51.67 20.48
C ASP E 161 -42.42 51.69 19.98
N GLU E 162 -41.49 51.37 20.87
CA GLU E 162 -40.08 51.34 20.51
C GLU E 162 -39.73 50.39 19.38
N VAL E 163 -40.40 49.22 19.32
CA VAL E 163 -40.14 48.25 18.26
C VAL E 163 -40.81 48.71 16.96
N ASP E 164 -42.10 49.08 16.95
CA ASP E 164 -42.85 49.48 15.76
C ASP E 164 -42.26 50.63 14.96
N GLN E 165 -41.72 51.64 15.68
CA GLN E 165 -40.95 52.73 15.07
C GLN E 165 -39.75 52.10 14.37
N ALA E 166 -39.00 51.27 15.10
CA ALA E 166 -37.83 50.63 14.53
C ALA E 166 -38.20 49.66 13.42
N LEU E 167 -39.43 49.13 13.45
CA LEU E 167 -39.93 48.16 12.50
C LEU E 167 -40.40 48.71 11.17
N SER E 168 -41.09 49.85 11.06
CA SER E 168 -41.34 50.46 9.76
C SER E 168 -40.05 50.88 9.07
N GLU E 169 -39.04 51.25 9.86
CA GLU E 169 -37.71 51.54 9.33
C GLU E 169 -36.89 50.28 9.01
N ALA E 170 -37.34 49.10 9.42
CA ALA E 170 -36.49 47.92 9.42
C ALA E 170 -36.62 47.13 8.13
N PRO E 171 -35.58 47.01 7.27
CA PRO E 171 -35.64 46.34 5.99
C PRO E 171 -35.84 44.82 6.01
N ILE E 172 -37.08 44.42 6.28
CA ILE E 172 -37.50 43.02 6.20
C ILE E 172 -37.52 42.52 4.74
N ASP E 173 -36.89 41.37 4.53
CA ASP E 173 -36.95 40.63 3.27
C ASP E 173 -36.83 39.14 3.60
N GLY E 174 -37.63 38.29 2.95
CA GLY E 174 -37.54 36.83 3.10
C GLY E 174 -37.61 36.35 4.54
N ASN E 175 -38.45 37.04 5.33
CA ASN E 175 -38.65 36.82 6.76
C ASN E 175 -37.33 36.97 7.52
N GLY E 176 -36.48 37.84 6.99
CA GLY E 176 -35.12 38.00 7.47
C GLY E 176 -34.69 39.44 7.32
N LEU E 177 -34.46 39.98 8.50
CA LEU E 177 -34.07 41.36 8.63
C LEU E 177 -32.56 41.38 8.51
N ILE E 178 -32.16 41.33 7.22
CA ILE E 178 -30.79 41.46 6.76
C ILE E 178 -30.17 42.73 7.32
N ASP E 179 -29.49 42.42 8.41
CA ASP E 179 -29.01 43.36 9.41
C ASP E 179 -27.98 44.38 8.94
N ILE E 180 -27.03 43.92 8.11
CA ILE E 180 -25.98 44.77 7.52
C ILE E 180 -26.50 46.08 6.91
N LYS E 181 -27.64 46.06 6.20
CA LYS E 181 -28.15 47.31 5.68
C LYS E 181 -28.73 48.25 6.72
N LYS E 182 -29.61 47.79 7.61
CA LYS E 182 -30.15 48.59 8.71
C LYS E 182 -29.08 49.32 9.54
N PHE E 183 -27.91 48.69 9.70
CA PHE E 183 -26.79 49.30 10.42
C PHE E 183 -26.22 50.52 9.70
N ALA E 184 -26.07 50.40 8.38
CA ALA E 184 -25.68 51.51 7.55
C ALA E 184 -26.80 52.55 7.47
N GLN E 185 -28.07 52.13 7.51
CA GLN E 185 -29.23 53.03 7.52
C GLN E 185 -29.20 53.96 8.73
N ILE E 186 -28.78 53.47 9.90
CA ILE E 186 -28.74 54.33 11.07
C ILE E 186 -27.51 55.25 11.10
N LEU E 187 -26.29 54.82 10.77
CA LEU E 187 -25.10 55.63 11.08
C LEU E 187 -23.98 55.81 10.05
N THR E 188 -24.20 56.07 8.75
CA THR E 188 -23.09 56.19 7.80
C THR E 188 -22.42 57.59 7.72
N LYS E 189 -22.31 58.31 6.59
CA LYS E 189 -21.95 59.74 6.57
C LYS E 189 -23.27 60.47 6.88
N GLY E 190 -23.66 60.47 8.17
CA GLY E 190 -25.03 60.77 8.58
C GLY E 190 -25.52 62.20 8.35
N ALA E 191 -26.57 62.62 9.07
CA ALA E 191 -27.22 63.88 8.74
C ALA E 191 -26.46 65.11 9.20
N LYS E 192 -26.62 66.25 8.53
CA LYS E 192 -26.26 67.54 9.08
C LYS E 192 -27.61 68.26 9.26
N GLU E 193 -27.96 69.09 10.23
CA GLU E 193 -27.11 69.85 11.12
C GLU E 193 -27.54 69.52 12.53
N GLU E 194 -26.52 69.32 13.37
CA GLU E 194 -26.59 69.24 14.82
C GLU E 194 -25.16 69.11 15.36
N GLY E 195 -24.26 70.09 15.15
CA GLY E 195 -23.08 70.22 16.00
C GLY E 195 -21.66 69.95 15.45
N ALA E 196 -20.76 70.92 15.25
CA ALA E 196 -20.99 72.30 15.66
C ALA E 196 -21.83 73.13 14.70
N MET F 1 16.40 91.26 -2.47
CA MET F 1 14.98 91.03 -2.57
C MET F 1 14.79 89.60 -3.02
N GLY F 2 13.65 88.93 -2.83
CA GLY F 2 13.63 87.48 -2.91
C GLY F 2 14.28 86.86 -1.66
N ASP F 3 15.24 87.58 -1.07
CA ASP F 3 15.45 87.66 0.37
C ASP F 3 14.21 87.91 1.21
N ASP F 4 13.05 88.20 0.60
CA ASP F 4 11.75 88.28 1.26
C ASP F 4 11.23 86.86 1.37
N GLU F 5 11.11 86.14 0.24
CA GLU F 5 11.06 84.68 0.20
C GLU F 5 12.10 84.07 1.15
N LYS F 6 13.32 84.60 1.18
CA LYS F 6 14.32 84.24 2.18
C LYS F 6 14.26 84.92 3.54
N LYS F 7 13.36 85.86 3.87
CA LYS F 7 13.11 86.29 5.24
C LYS F 7 12.01 85.43 5.81
N GLU F 8 10.97 85.18 5.02
CA GLU F 8 10.01 84.12 5.27
C GLU F 8 10.69 82.77 5.35
N LYS F 9 11.80 82.62 4.61
CA LYS F 9 12.73 81.53 4.80
C LYS F 9 14.08 81.95 5.41
N LYS F 10 14.17 82.97 6.23
CA LYS F 10 15.23 83.02 7.23
C LYS F 10 14.56 82.66 8.55
N LYS F 11 13.25 82.86 8.54
CA LYS F 11 12.35 81.87 9.08
C LYS F 11 12.56 80.45 8.49
N LYS F 12 11.76 80.03 7.51
CA LYS F 12 11.77 78.68 6.95
C LYS F 12 13.00 78.11 6.21
N SER F 13 14.21 78.71 6.22
CA SER F 13 15.46 78.10 5.72
C SER F 13 16.67 78.97 5.99
N LYS F 14 17.38 78.92 7.13
CA LYS F 14 17.07 78.18 8.36
C LYS F 14 16.23 76.91 8.66
N LYS F 15 14.99 76.59 8.24
CA LYS F 15 14.55 75.19 8.21
C LYS F 15 15.52 74.48 7.29
N LYS F 16 16.66 74.02 7.83
CA LYS F 16 17.89 73.68 7.15
C LYS F 16 18.67 74.98 6.95
N ALA F 17 19.73 75.28 7.72
CA ALA F 17 20.34 74.36 8.69
C ALA F 17 21.37 75.09 9.56
N GLU F 18 21.21 76.39 9.83
CA GLU F 18 22.37 77.24 10.01
C GLU F 18 23.24 77.02 11.25
N GLU F 19 22.74 76.49 12.36
CA GLU F 19 23.56 76.26 13.53
C GLU F 19 23.89 74.77 13.69
N GLU F 20 23.60 73.97 12.67
CA GLU F 20 23.67 72.52 12.76
C GLU F 20 24.94 71.86 13.30
N GLY F 21 26.12 72.45 13.09
CA GLY F 21 27.37 71.90 13.55
C GLY F 21 27.52 72.19 15.04
N GLY F 22 26.86 71.31 15.81
CA GLY F 22 26.74 71.42 17.24
C GLY F 22 27.96 70.94 18.02
N ASP F 23 27.88 69.77 18.67
CA ASP F 23 28.96 69.25 19.48
C ASP F 23 30.21 68.97 18.68
N ALA F 24 30.02 68.52 17.43
CA ALA F 24 31.07 68.60 16.43
C ALA F 24 30.93 70.03 15.88
N PRO F 25 31.79 70.98 16.30
CA PRO F 25 31.54 72.41 16.22
C PRO F 25 31.62 73.16 14.89
N ALA F 26 30.73 74.14 14.79
CA ALA F 26 30.78 75.22 13.80
C ALA F 26 31.22 74.88 12.37
N ALA F 27 30.41 74.00 11.76
CA ALA F 27 30.71 73.47 10.44
C ALA F 27 30.57 74.49 9.31
N PRO F 28 30.93 74.19 8.05
CA PRO F 28 30.42 74.93 6.90
C PRO F 28 29.00 74.44 6.57
N PRO F 29 27.95 75.09 7.14
CA PRO F 29 26.57 74.60 7.21
C PRO F 29 25.72 74.92 5.97
N ALA F 30 24.42 75.27 6.08
CA ALA F 30 23.64 75.64 4.91
C ALA F 30 23.97 77.06 4.46
N PRO F 31 24.19 77.35 3.16
CA PRO F 31 24.42 78.71 2.68
C PRO F 31 23.22 79.59 2.32
N LYS F 32 23.42 80.90 2.54
CA LYS F 32 22.54 81.96 2.06
C LYS F 32 22.38 82.12 0.53
N PRO F 33 23.35 81.85 -0.36
CA PRO F 33 23.14 81.79 -1.81
C PRO F 33 21.99 80.89 -2.27
N PRO F 34 20.92 81.45 -2.85
CA PRO F 34 19.69 80.74 -3.20
C PRO F 34 19.74 79.43 -3.98
N SER F 35 20.73 79.16 -4.85
CA SER F 35 20.77 77.91 -5.61
C SER F 35 20.94 76.68 -4.72
N GLN F 36 21.64 76.92 -3.62
CA GLN F 36 22.05 75.91 -2.66
C GLN F 36 20.92 75.33 -1.81
N LYS F 37 19.70 75.87 -1.95
CA LYS F 37 18.49 75.21 -1.46
C LYS F 37 18.45 73.77 -2.00
N ARG F 38 19.04 73.58 -3.19
CA ARG F 38 19.10 72.26 -3.80
C ARG F 38 20.41 71.52 -3.58
N ARG F 39 21.04 71.78 -2.43
CA ARG F 39 22.05 70.90 -1.86
C ARG F 39 21.55 70.44 -0.51
N ALA F 40 20.82 71.37 0.13
CA ALA F 40 19.85 70.95 1.15
C ALA F 40 18.95 69.82 0.62
N GLN F 41 18.51 69.92 -0.64
CA GLN F 41 18.05 68.72 -1.34
C GLN F 41 19.19 67.73 -1.57
N ARG F 42 19.30 66.86 -0.57
CA ARG F 42 19.95 65.58 -0.75
C ARG F 42 18.94 64.47 -0.61
N SER F 43 19.35 63.29 -1.06
CA SER F 43 18.57 62.07 -1.01
C SER F 43 18.06 61.72 0.37
N GLY F 44 17.06 60.83 0.40
CA GLY F 44 16.08 60.82 1.47
C GLY F 44 15.40 62.18 1.51
N SER F 45 14.39 62.32 0.63
CA SER F 45 13.44 63.44 0.57
C SER F 45 12.17 63.08 -0.23
N ASN F 46 10.98 62.88 0.35
CA ASN F 46 9.75 62.75 -0.42
C ASN F 46 8.79 63.83 0.03
N VAL F 47 8.22 64.59 -0.92
CA VAL F 47 7.23 65.59 -0.61
C VAL F 47 6.03 65.48 -1.56
N PHE F 48 4.93 65.05 -0.95
CA PHE F 48 3.65 64.81 -1.60
C PHE F 48 3.01 66.12 -2.05
N ALA F 49 2.26 66.06 -3.16
CA ALA F 49 1.67 67.24 -3.79
C ALA F 49 0.55 67.96 -3.03
N MET F 50 0.41 69.26 -3.28
CA MET F 50 -0.49 70.17 -2.57
C MET F 50 -1.94 69.77 -2.25
N PHE F 51 -2.84 69.59 -3.21
CA PHE F 51 -4.18 69.08 -2.93
C PHE F 51 -4.07 67.56 -2.94
N THR F 52 -3.36 67.09 -1.92
CA THR F 52 -2.91 65.72 -1.75
C THR F 52 -4.02 64.68 -1.74
N GLN F 53 -5.31 65.00 -1.64
CA GLN F 53 -6.31 64.18 -0.98
C GLN F 53 -5.98 63.44 0.35
N HIS F 54 -4.78 62.84 0.54
CA HIS F 54 -4.00 62.62 1.77
C HIS F 54 -2.92 61.54 1.89
N GLN F 55 -1.72 61.97 1.52
CA GLN F 55 -0.60 61.65 2.39
C GLN F 55 -0.20 62.91 3.15
N VAL F 56 -0.51 64.11 2.61
CA VAL F 56 -0.28 65.32 3.38
C VAL F 56 -1.32 65.51 4.48
N GLN F 57 -2.63 65.28 4.27
CA GLN F 57 -3.54 65.45 5.39
C GLN F 57 -3.31 64.48 6.53
N GLU F 58 -2.54 63.39 6.44
CA GLU F 58 -2.27 62.52 7.60
C GLU F 58 -1.63 63.30 8.77
N PHE F 59 -1.11 64.48 8.43
CA PHE F 59 -0.51 65.37 9.40
C PHE F 59 -1.59 66.14 10.15
N LYS F 60 -2.78 66.32 9.55
CA LYS F 60 -4.00 66.73 10.24
C LYS F 60 -4.50 65.62 11.16
N GLU F 61 -4.41 64.37 10.70
CA GLU F 61 -4.75 63.18 11.46
C GLU F 61 -4.00 62.95 12.77
N ALA F 62 -2.94 63.73 12.96
CA ALA F 62 -2.31 63.89 14.25
C ALA F 62 -2.24 65.33 14.75
N PHE F 63 -2.57 66.31 13.90
CA PHE F 63 -2.33 67.76 14.03
C PHE F 63 -2.44 68.36 15.43
N GLN F 64 -3.51 67.90 16.07
CA GLN F 64 -4.06 68.48 17.29
C GLN F 64 -3.01 68.66 18.38
N LEU F 65 -2.36 67.53 18.67
CA LEU F 65 -1.41 67.44 19.76
C LEU F 65 0.01 67.86 19.35
N ILE F 66 0.19 68.71 18.31
CA ILE F 66 1.53 69.13 17.91
C ILE F 66 1.67 70.67 17.86
N ASP F 67 0.76 71.22 17.06
CA ASP F 67 0.79 72.58 16.53
C ASP F 67 1.08 73.78 17.43
N GLN F 68 1.44 74.89 16.80
CA GLN F 68 1.45 76.19 17.45
C GLN F 68 0.35 77.12 17.03
N ASP F 69 0.14 77.33 15.74
CA ASP F 69 -0.27 78.67 15.39
C ASP F 69 -1.70 78.79 14.93
N LYS F 70 -2.56 78.08 15.64
CA LYS F 70 -3.70 77.41 15.06
C LYS F 70 -4.84 78.16 14.36
N ASP F 71 -4.46 79.07 13.49
CA ASP F 71 -4.85 79.01 12.09
C ASP F 71 -4.05 77.95 11.32
N GLY F 72 -2.96 77.43 11.92
CA GLY F 72 -2.64 76.00 11.82
C GLY F 72 -1.18 75.65 11.63
N PHE F 73 -0.28 76.02 12.57
CA PHE F 73 1.15 76.01 12.24
C PHE F 73 2.08 75.31 13.26
N ILE F 74 3.41 75.51 13.13
CA ILE F 74 4.43 75.26 14.13
C ILE F 74 5.53 76.26 13.73
N SER F 75 5.69 77.49 14.27
CA SER F 75 6.71 78.45 13.78
C SER F 75 8.19 78.25 14.10
N LYS F 76 9.12 79.26 14.02
CA LYS F 76 10.43 79.18 14.73
C LYS F 76 10.15 78.89 16.17
N ASN F 77 9.21 79.69 16.69
CA ASN F 77 8.84 79.69 18.10
C ASN F 77 8.04 78.43 18.40
N ASP F 78 7.96 77.49 17.45
CA ASP F 78 7.44 76.17 17.69
C ASP F 78 8.29 75.01 17.22
N ILE F 79 9.53 75.05 16.74
CA ILE F 79 10.47 73.97 17.06
C ILE F 79 11.49 74.55 18.02
N ARG F 80 11.72 75.87 17.91
CA ARG F 80 12.18 76.67 19.04
C ARG F 80 10.94 76.93 19.91
N ALA F 81 9.93 76.03 19.84
CA ALA F 81 9.28 75.35 20.97
C ALA F 81 9.09 73.84 20.72
N THR F 82 8.07 73.33 19.99
CA THR F 82 7.65 71.93 19.92
C THR F 82 8.63 70.77 20.04
N PHE F 83 9.84 70.71 19.51
CA PHE F 83 10.66 69.50 19.67
C PHE F 83 11.11 69.15 21.09
N ASP F 84 11.32 70.22 21.85
CA ASP F 84 11.46 70.16 23.30
C ASP F 84 10.18 69.65 23.98
N SER F 85 9.10 69.53 23.20
CA SER F 85 7.85 68.95 23.67
C SER F 85 7.32 67.83 22.75
N LEU F 86 8.10 67.27 21.80
CA LEU F 86 7.61 66.32 20.80
C LEU F 86 8.58 65.26 20.28
N GLY F 87 9.63 65.62 19.52
CA GLY F 87 10.73 64.75 19.12
C GLY F 87 12.02 65.23 19.78
N ARG F 88 13.22 65.45 19.21
CA ARG F 88 14.41 65.78 20.02
C ARG F 88 14.76 67.28 20.08
N LEU F 89 16.01 67.70 19.79
CA LEU F 89 16.71 68.63 20.65
C LEU F 89 17.95 69.36 20.15
N CYS F 90 18.51 70.12 21.10
CA CYS F 90 19.22 71.33 20.79
C CYS F 90 19.72 71.99 22.07
N THR F 91 21.02 72.23 21.92
CA THR F 91 21.84 73.18 22.68
C THR F 91 21.97 74.45 21.82
N GLU F 92 22.25 75.73 22.15
CA GLU F 92 22.63 76.76 21.14
C GLU F 92 23.65 76.34 20.07
N GLN F 93 24.42 75.36 20.53
CA GLN F 93 25.35 74.58 19.75
C GLN F 93 24.54 73.75 18.74
N GLU F 94 23.64 72.85 19.13
CA GLU F 94 22.83 72.04 18.20
C GLU F 94 21.49 72.73 17.89
N LEU F 95 21.46 74.07 17.95
CA LEU F 95 20.24 74.86 18.13
C LEU F 95 19.36 74.58 16.94
N ASP F 96 19.70 75.22 15.84
CA ASP F 96 19.02 74.97 14.60
C ASP F 96 19.86 73.93 13.88
N SER F 97 19.90 72.77 14.53
CA SER F 97 20.15 71.50 13.87
C SER F 97 18.75 70.94 13.77
N MET F 98 18.19 70.54 14.92
CA MET F 98 16.82 70.12 15.02
C MET F 98 15.97 71.36 14.90
N VAL F 99 16.28 72.51 15.52
CA VAL F 99 15.37 73.62 15.35
C VAL F 99 15.42 74.13 13.90
N ALA F 100 16.44 73.75 13.13
CA ALA F 100 16.44 73.85 11.68
C ALA F 100 15.45 72.95 10.95
N GLU F 101 14.52 72.26 11.59
CA GLU F 101 13.29 71.91 10.90
C GLU F 101 12.07 72.75 11.26
N ALA F 102 12.24 73.77 12.10
CA ALA F 102 11.42 74.97 12.00
C ALA F 102 12.00 76.23 12.61
N PRO F 103 12.81 77.03 11.91
CA PRO F 103 13.04 78.40 12.29
C PRO F 103 12.08 79.38 11.68
N GLY F 104 10.82 78.96 11.49
CA GLY F 104 9.83 79.71 10.75
C GLY F 104 8.66 78.84 10.32
N PRO F 105 7.44 79.38 10.19
CA PRO F 105 6.17 78.66 10.12
C PRO F 105 6.05 77.38 9.32
N ILE F 106 5.96 76.29 10.08
CA ILE F 106 5.42 75.05 9.58
C ILE F 106 3.93 75.33 9.53
N ASN F 107 3.45 75.92 8.44
CA ASN F 107 2.00 76.04 8.22
C ASN F 107 1.48 74.63 7.93
N PHE F 108 0.18 74.28 7.87
CA PHE F 108 -0.21 72.99 7.27
C PHE F 108 0.48 72.75 5.92
N THR F 109 0.47 73.82 5.12
CA THR F 109 1.31 74.01 3.94
C THR F 109 2.79 74.21 4.27
N MET F 110 3.32 73.20 4.97
CA MET F 110 4.68 73.09 5.52
C MET F 110 4.69 71.92 6.52
N PHE F 111 3.56 71.48 7.08
CA PHE F 111 3.40 70.16 7.67
C PHE F 111 3.65 69.10 6.60
N LEU F 112 3.06 69.44 5.44
CA LEU F 112 3.42 68.94 4.12
C LEU F 112 4.90 68.62 3.99
N THR F 113 5.74 69.62 4.22
CA THR F 113 7.17 69.40 4.18
C THR F 113 7.70 69.49 5.61
N ILE F 114 7.09 68.79 6.57
CA ILE F 114 7.80 68.45 7.80
C ILE F 114 7.68 66.97 8.07
N PHE F 115 6.57 66.35 7.72
CA PHE F 115 6.64 64.91 7.54
C PHE F 115 7.32 64.62 6.21
N GLY F 116 7.21 65.56 5.25
CA GLY F 116 8.23 65.72 4.21
C GLY F 116 9.60 65.82 4.86
N ASP F 117 9.97 66.86 5.61
CA ASP F 117 11.23 66.88 6.35
C ASP F 117 11.50 65.75 7.35
N ARG F 118 10.50 64.94 7.76
CA ARG F 118 10.71 63.72 8.53
C ARG F 118 11.34 62.71 7.61
N ILE F 119 10.78 62.57 6.40
CA ILE F 119 11.28 61.65 5.41
C ILE F 119 12.06 62.41 4.34
N ALA F 120 13.18 62.89 4.93
CA ALA F 120 14.06 63.91 4.35
C ALA F 120 15.12 64.38 5.34
N GLY F 121 14.84 65.42 6.15
CA GLY F 121 15.76 66.21 6.97
C GLY F 121 17.19 65.74 7.24
N THR F 122 17.40 65.13 8.41
CA THR F 122 18.72 64.62 8.80
C THR F 122 19.14 63.43 7.94
N ASP F 123 20.33 63.39 7.33
CA ASP F 123 20.81 62.33 6.42
C ASP F 123 20.08 60.97 6.27
N GLU F 124 18.92 60.98 5.62
CA GLU F 124 17.92 59.93 5.77
C GLU F 124 18.16 58.78 4.78
N GLU F 125 17.60 57.58 5.07
CA GLU F 125 18.01 56.29 4.52
C GLU F 125 19.11 56.18 3.47
N ASP F 126 19.06 56.85 2.32
CA ASP F 126 20.09 56.74 1.28
C ASP F 126 21.49 57.09 1.79
N VAL F 127 21.51 57.96 2.82
CA VAL F 127 22.72 58.21 3.56
C VAL F 127 22.80 57.24 4.74
N ILE F 128 22.11 57.51 5.88
CA ILE F 128 22.23 56.65 7.06
C ILE F 128 22.17 55.14 6.83
N VAL F 129 21.09 54.56 6.29
CA VAL F 129 21.04 53.11 6.12
C VAL F 129 22.20 52.60 5.26
N ASN F 130 22.52 53.37 4.23
CA ASN F 130 23.52 52.95 3.29
C ASN F 130 24.94 53.28 3.73
N ALA F 131 25.18 54.03 4.80
CA ALA F 131 26.52 54.21 5.35
C ALA F 131 27.28 52.90 5.53
N PHE F 132 26.63 51.91 6.13
CA PHE F 132 27.15 50.56 6.18
C PHE F 132 26.53 49.61 5.17
N ASN F 133 25.28 49.78 4.73
CA ASN F 133 24.69 48.91 3.72
C ASN F 133 25.49 48.96 2.41
N LEU F 134 26.36 49.95 2.22
CA LEU F 134 27.26 49.92 1.09
C LEU F 134 28.61 49.27 1.38
N PHE F 135 29.04 49.19 2.64
CA PHE F 135 30.26 48.46 3.01
C PHE F 135 29.93 46.97 2.88
N ASP F 136 28.70 46.68 3.31
CA ASP F 136 28.05 45.39 3.16
C ASP F 136 28.08 44.92 1.72
N GLU F 137 27.92 43.61 1.60
CA GLU F 137 28.01 42.89 0.36
C GLU F 137 26.68 42.61 -0.36
N GLY F 138 25.55 42.39 0.33
CA GLY F 138 24.38 41.77 -0.30
C GLY F 138 23.18 41.64 0.64
N ASP F 139 22.48 40.51 0.73
CA ASP F 139 21.44 40.32 1.74
C ASP F 139 22.08 40.03 3.10
N GLY F 140 22.83 41.04 3.57
CA GLY F 140 23.85 40.86 4.58
C GLY F 140 23.86 41.90 5.69
N LYS F 141 25.06 42.25 6.18
CA LYS F 141 25.32 42.79 7.50
C LYS F 141 26.85 42.94 7.60
N CYS F 142 27.38 43.54 8.68
CA CYS F 142 28.81 43.70 8.85
C CYS F 142 29.33 43.13 10.17
N LYS F 143 30.51 42.51 10.11
CA LYS F 143 31.10 41.82 11.25
C LYS F 143 31.58 42.74 12.38
N GLU F 144 31.15 42.33 13.58
CA GLU F 144 31.36 43.04 14.84
C GLU F 144 32.80 43.45 15.06
N GLU F 145 33.74 42.49 15.10
CA GLU F 145 35.17 42.76 15.27
C GLU F 145 35.78 43.69 14.23
N THR F 146 35.26 43.56 13.00
CA THR F 146 35.73 44.37 11.89
C THR F 146 35.19 45.78 12.07
N LEU F 147 34.01 45.93 12.68
CA LEU F 147 33.48 47.26 12.94
C LEU F 147 34.15 47.90 14.13
N LYS F 148 34.55 47.18 15.18
CA LYS F 148 35.48 47.67 16.18
C LYS F 148 36.78 48.13 15.52
N ARG F 149 37.40 47.30 14.67
CA ARG F 149 38.62 47.68 13.97
C ARG F 149 38.45 48.99 13.22
N SER F 150 37.30 49.20 12.55
CA SER F 150 36.98 50.48 11.92
C SER F 150 37.08 51.66 12.84
N LEU F 151 36.18 51.67 13.83
CA LEU F 151 35.78 52.85 14.57
C LEU F 151 36.98 53.52 15.23
N THR F 152 37.89 52.66 15.67
CA THR F 152 39.17 53.10 16.19
C THR F 152 40.20 53.26 15.08
N THR F 153 40.47 52.30 14.18
CA THR F 153 41.65 52.42 13.32
C THR F 153 41.44 53.15 11.99
N TRP F 154 40.20 53.57 11.64
CA TRP F 154 39.85 54.08 10.32
C TRP F 154 39.29 55.51 10.38
N GLY F 155 40.26 56.37 10.04
CA GLY F 155 40.03 57.79 9.81
C GLY F 155 40.39 58.63 11.02
N GLU F 156 39.48 59.55 11.38
CA GLU F 156 39.56 60.27 12.64
C GLU F 156 39.38 59.23 13.76
N LYS F 157 40.49 58.76 14.33
CA LYS F 157 40.47 57.70 15.32
C LYS F 157 39.74 58.08 16.60
N PHE F 158 38.82 57.24 17.07
CA PHE F 158 38.07 57.52 18.29
C PHE F 158 38.64 56.91 19.58
N SER F 159 38.15 57.33 20.75
CA SER F 159 38.71 56.87 22.03
C SER F 159 38.15 55.55 22.53
N GLN F 160 38.65 55.04 23.66
CA GLN F 160 38.06 53.91 24.34
C GLN F 160 36.63 54.28 24.75
N ASP F 161 36.52 55.46 25.39
CA ASP F 161 35.26 56.03 25.86
C ASP F 161 34.18 55.98 24.79
N GLU F 162 34.60 56.36 23.59
CA GLU F 162 33.68 56.36 22.47
C GLU F 162 33.31 54.94 22.06
N VAL F 163 34.24 53.99 22.08
CA VAL F 163 33.95 52.62 21.66
C VAL F 163 33.00 51.94 22.65
N ASP F 164 33.36 51.93 23.94
CA ASP F 164 32.58 51.32 25.02
C ASP F 164 31.12 51.76 25.07
N GLN F 165 30.90 53.08 24.96
CA GLN F 165 29.55 53.60 24.91
C GLN F 165 28.84 53.07 23.67
N ALA F 166 29.47 53.16 22.49
CA ALA F 166 28.91 52.60 21.27
C ALA F 166 29.09 51.09 21.12
N LEU F 167 29.57 50.39 22.15
CA LEU F 167 29.63 48.94 22.13
C LEU F 167 28.43 48.39 22.87
N SER F 168 28.20 48.82 24.12
CA SER F 168 27.06 48.32 24.88
C SER F 168 25.73 48.61 24.19
N GLU F 169 25.77 49.75 23.49
CA GLU F 169 24.74 50.17 22.56
C GLU F 169 24.61 49.45 21.22
N ALA F 170 25.68 48.88 20.65
CA ALA F 170 25.63 48.40 19.28
C ALA F 170 24.69 47.20 19.14
N PRO F 171 23.63 47.16 18.32
CA PRO F 171 22.82 45.97 18.12
C PRO F 171 23.57 44.83 17.45
N ILE F 172 24.33 44.14 18.31
CA ILE F 172 25.07 42.94 17.97
C ILE F 172 24.06 41.82 17.98
N ASP F 173 23.94 41.31 16.77
CA ASP F 173 22.86 40.45 16.38
C ASP F 173 23.51 39.45 15.43
N GLY F 174 23.94 38.35 16.04
CA GLY F 174 24.61 37.26 15.36
C GLY F 174 26.02 37.61 14.91
N ASN F 175 26.91 38.01 15.83
CA ASN F 175 28.31 38.30 15.52
C ASN F 175 28.50 39.45 14.54
N GLY F 176 27.51 40.32 14.48
CA GLY F 176 27.41 41.29 13.42
C GLY F 176 26.41 42.32 13.83
N LEU F 177 26.79 43.57 13.62
CA LEU F 177 26.02 44.70 14.07
C LEU F 177 24.92 44.98 13.05
N ILE F 178 23.65 45.06 13.45
CA ILE F 178 22.56 45.09 12.45
C ILE F 178 22.36 46.50 11.90
N ASP F 179 23.33 46.82 11.05
CA ASP F 179 23.60 48.19 10.63
C ASP F 179 22.39 48.88 10.06
N ILE F 180 21.76 48.29 9.03
CA ILE F 180 20.49 48.73 8.47
C ILE F 180 19.49 49.15 9.58
N LYS F 181 19.32 48.32 10.60
CA LYS F 181 18.51 48.71 11.72
C LYS F 181 19.18 49.61 12.74
N LYS F 182 20.51 49.71 12.94
CA LYS F 182 21.10 50.70 13.85
C LYS F 182 20.74 52.10 13.39
N PHE F 183 20.69 52.26 12.06
CA PHE F 183 20.19 53.49 11.47
C PHE F 183 18.67 53.55 11.44
N ALA F 184 17.99 52.67 10.67
CA ALA F 184 16.54 52.66 10.53
C ALA F 184 15.68 52.22 11.72
N GLN F 185 16.26 52.12 12.93
CA GLN F 185 15.52 52.24 14.18
C GLN F 185 14.64 53.48 14.08
N ILE F 186 15.21 54.54 13.50
CA ILE F 186 14.55 55.82 13.27
C ILE F 186 13.49 55.84 12.15
N LEU F 187 12.94 54.75 11.56
CA LEU F 187 12.11 54.90 10.34
C LEU F 187 10.78 54.17 10.07
N THR F 188 10.78 52.85 9.86
CA THR F 188 9.78 52.12 9.06
C THR F 188 8.24 52.36 9.08
N LYS F 189 7.40 51.42 9.55
CA LYS F 189 5.97 51.43 9.33
C LYS F 189 5.28 50.60 10.43
N GLY F 190 5.17 51.18 11.63
CA GLY F 190 4.46 50.52 12.73
C GLY F 190 4.54 51.26 14.06
N ALA F 191 4.81 52.56 14.05
CA ALA F 191 4.97 53.30 15.28
C ALA F 191 4.42 54.70 15.09
N LYS F 192 3.83 55.35 16.08
CA LYS F 192 3.46 56.76 15.97
C LYS F 192 3.78 57.43 17.31
N GLU F 193 5.03 57.19 17.75
CA GLU F 193 5.56 57.54 19.08
C GLU F 193 6.48 58.76 19.28
N GLU F 194 7.30 59.18 18.31
CA GLU F 194 8.29 60.23 18.51
C GLU F 194 8.70 60.77 17.15
N GLY F 195 8.65 62.10 17.05
CA GLY F 195 9.14 62.81 15.88
C GLY F 195 8.41 62.51 14.58
N ALA F 196 7.33 63.07 14.03
CA ALA F 196 6.61 64.30 14.37
C ALA F 196 7.13 65.49 15.16
#